data_7UQK
#
_entry.id   7UQK
#
_cell.length_a   1.00
_cell.length_b   1.00
_cell.length_c   1.00
_cell.angle_alpha   90.00
_cell.angle_beta   90.00
_cell.angle_gamma   90.00
#
_symmetry.space_group_name_H-M   'P 1'
#
loop_
_entity.id
_entity.type
_entity.pdbx_description
1 polymer 'ATPase histone chaperone YTA7'
2 non-polymer "ADENOSINE-5'-DIPHOSPHATE"
#
_entity_poly.entity_id   1
_entity_poly.type   'polypeptide(L)'
_entity_poly.pdbx_seq_one_letter_code
;HHHHHHHHHHTSGSMDYKDHDGDYKDHDIDYKDDDDKMARNLRNRRGSDVEDASNAKVGYETQIKDENGIIHTTTRSLRK
INYAEIEKVFDFLEDDQVMDKDETPVDVTSDEHHNNNQKGDDEDDDVDLVSPHENARTNEELTNERNLRKRKAHDPEEDD
ESFHEEDVDDDEEEEEADEFEDEYLDEDSKDNNRRRRAADRKFVVPDPDDDEEYDEDDEEGDRISHSASSKRLKRANSRR
TRSSRHPETPPPVRRALRSRTRHSRTSNEENDDENDNSRNEALTLADEIRELQEDSPIREKRFLRERTKPVNYKLPPPLT
ASNAEEFIDKNNNALSFHNPSPARRGRGGWNASQNSGPTRRLFPTGGPFGGNDVTTIFGKNTNFYNQVPSAFSDNNNNKL
ILDSDSSDDEILPLGVTPKTKKENTQKKKKKKPEIADLDPLGVDMNVNFDDIGGLDNYIDQLKEMVALPLLYPELYQNFN
ITPPRGVLFHGPPGTGKTLMARALAASCSSDERKITFFMRKGADILSKWVGEAERQLRLLFEEAKKHQPSIIFFDEIDGL
APVRSSKQEQIHASIVSTLLALMDGMDNRGQVIVIGATNRPDAVDPALRRPGRFDREFYFPLPDVKARFKILQIQTRKWS
SPLSTNFIDKLAFLTKGYGGADLRSLCTEAALISIQRSFPQIYRSNDKLLVDPSKIKVKVSDFMLALKKIVPSSARSTGS
SPQPLPELIKPLLADQLNNLKNKLDYMLNIKDTTFQRNTSLLQNFIDYEEYSGEEEEHDKYGGNEDTSSFRSYEFFESMA
ESQICKPRLLINGPKGNGQQYVGAAILNYLEEFNVQNLDLASLVSESSRTIEAAVVQSFMEAKKRQPSVVFIPNLDIWIN
TIPENVILVLSGLFRSLQSNEKILLLCLAENLDISEVKNGILSDFAFDKNIFQLHKPSKENITRYFSNLIELLKTKPSDI
PMKKRRVKPLPELQKVTSNAAPTNFDENGEPLSEKVVLRRKLKSFQHQDMRLKNVLKIKLSGLMDLFKNRYKRFRKPPID
DAFLVHLFEPETSNDPNWQPAYIKDENMILEVSTGRKFFNMDLDIVEERLWNGYYSEPKQFLKDIELIYRDANTIGDRER
VIKASEMFANAQMGIEEISTPDFIQECKATRQRDLERQELFLEDEEKRAAMELEAKEQSQENILQEPDLKDNKANEFGVA
AGNQLQAQLQTTINTASIVNNSEVPQPIDTNLYKKEIPAAIPSAVDKEKAVIPEDSGANEEYTTELIQATCTSEITTDDD
ERARKEPKENEDSLQTQVTEENFSKIDANTNNINHVKEIQSVNKPNSLHETVEKRERSPIPKEVVEPEQGKKSDKELILT
PEQIKKVSACLIEHCQNFTVSQLEDVHSSVAKIIWKSKSAWDKTGTVDEIIKFLSE
;
_entity_poly.pdbx_strand_id   A,B,C,D,E,F,G
#
loop_
_chem_comp.id
_chem_comp.type
_chem_comp.name
_chem_comp.formula
ADP non-polymer ADENOSINE-5'-DIPHOSPHATE 'C10 H15 N5 O10 P2'
#
# COMPACT_ATOMS: atom_id res chain seq x y z
N ASN A 446 -36.74 3.42 -27.11
CA ASN A 446 -35.38 2.91 -26.97
C ASN A 446 -34.42 3.60 -27.93
N VAL A 447 -33.23 3.03 -28.09
CA VAL A 447 -32.21 3.54 -29.00
C VAL A 447 -32.01 2.53 -30.12
N ASN A 448 -32.06 3.01 -31.35
CA ASN A 448 -31.71 2.19 -32.51
C ASN A 448 -30.50 2.81 -33.19
N PHE A 449 -30.15 2.26 -34.35
CA PHE A 449 -28.94 2.69 -35.05
C PHE A 449 -29.08 4.06 -35.71
N ASP A 450 -30.29 4.60 -35.80
CA ASP A 450 -30.51 5.91 -36.38
C ASP A 450 -30.39 7.03 -35.37
N ASP A 451 -29.99 6.73 -34.14
CA ASP A 451 -29.69 7.74 -33.14
C ASP A 451 -28.19 7.97 -32.98
N ILE A 452 -27.38 7.37 -33.85
CA ILE A 452 -25.93 7.44 -33.76
C ILE A 452 -25.42 8.27 -34.93
N GLY A 453 -24.71 9.35 -34.62
CA GLY A 453 -24.08 10.18 -35.62
C GLY A 453 -22.66 9.73 -35.89
N GLY A 454 -22.33 9.58 -37.17
CA GLY A 454 -21.07 8.97 -37.49
C GLY A 454 -21.10 7.48 -37.20
N LEU A 455 -19.90 6.91 -37.12
CA LEU A 455 -19.66 5.54 -36.65
C LEU A 455 -20.38 4.48 -37.48
N ASP A 456 -20.52 4.73 -38.78
CA ASP A 456 -21.22 3.78 -39.64
C ASP A 456 -20.36 2.56 -39.95
N ASN A 457 -19.04 2.76 -40.02
CA ASN A 457 -18.10 1.65 -40.14
C ASN A 457 -18.21 0.70 -38.97
N TYR A 458 -18.30 1.24 -37.76
CA TYR A 458 -18.42 0.41 -36.58
C TYR A 458 -19.80 -0.23 -36.48
N ILE A 459 -20.82 0.41 -37.05
CA ILE A 459 -22.15 -0.18 -37.08
C ILE A 459 -22.18 -1.37 -38.02
N ASP A 460 -21.51 -1.25 -39.17
CA ASP A 460 -21.40 -2.37 -40.10
C ASP A 460 -20.47 -3.46 -39.60
N GLN A 461 -19.50 -3.14 -38.76
CA GLN A 461 -18.58 -4.15 -38.25
C GLN A 461 -19.05 -4.80 -36.96
N LEU A 462 -19.97 -4.18 -36.23
CA LEU A 462 -20.54 -4.80 -35.04
C LEU A 462 -21.74 -5.67 -35.35
N LYS A 463 -22.28 -5.57 -36.56
CA LYS A 463 -23.41 -6.41 -36.95
C LYS A 463 -22.98 -7.81 -37.37
N GLU A 464 -21.69 -8.05 -37.58
CA GLU A 464 -21.20 -9.38 -37.89
C GLU A 464 -20.82 -10.17 -36.64
N MET A 465 -21.14 -9.65 -35.46
CA MET A 465 -20.90 -10.39 -34.22
C MET A 465 -22.05 -10.29 -33.23
N VAL A 466 -23.13 -9.61 -33.57
CA VAL A 466 -24.31 -9.56 -32.71
C VAL A 466 -25.55 -9.96 -33.50
N ALA A 467 -25.77 -9.31 -34.64
CA ALA A 467 -27.00 -9.51 -35.41
C ALA A 467 -26.90 -10.73 -36.33
N LEU A 468 -25.94 -10.73 -37.24
CA LEU A 468 -25.74 -11.81 -38.21
C LEU A 468 -25.39 -13.19 -37.65
N PRO A 469 -24.75 -13.34 -36.48
CA PRO A 469 -24.73 -14.69 -35.89
C PRO A 469 -26.10 -15.24 -35.52
N LEU A 470 -26.99 -14.40 -35.00
CA LEU A 470 -28.32 -14.88 -34.64
C LEU A 470 -29.21 -15.04 -35.86
N LEU A 471 -29.10 -14.12 -36.82
CA LEU A 471 -30.02 -14.12 -37.96
C LEU A 471 -29.64 -15.18 -38.97
N TYR A 472 -28.35 -15.37 -39.22
CA TYR A 472 -27.85 -16.28 -40.24
C TYR A 472 -26.93 -17.30 -39.56
N PRO A 473 -27.48 -18.33 -38.93
CA PRO A 473 -26.64 -19.32 -38.25
C PRO A 473 -26.14 -20.44 -39.14
N GLU A 474 -26.53 -20.47 -40.41
CA GLU A 474 -26.06 -21.48 -41.34
C GLU A 474 -24.93 -20.97 -42.23
N LEU A 475 -24.74 -19.66 -42.32
CA LEU A 475 -23.64 -19.08 -43.07
C LEU A 475 -22.41 -18.89 -42.21
N TYR A 476 -22.53 -19.07 -40.89
CA TYR A 476 -21.41 -19.07 -39.97
C TYR A 476 -21.00 -20.48 -39.56
N GLN A 477 -21.94 -21.41 -39.57
CA GLN A 477 -21.66 -22.82 -39.31
C GLN A 477 -21.01 -23.48 -40.53
N ASN A 478 -21.30 -22.97 -41.73
CA ASN A 478 -20.72 -23.51 -42.97
C ASN A 478 -19.21 -23.33 -43.00
N PHE A 479 -18.70 -22.24 -42.46
CA PHE A 479 -17.27 -21.97 -42.45
C PHE A 479 -16.58 -22.44 -41.17
N ASN A 480 -17.35 -23.03 -40.24
CA ASN A 480 -16.88 -23.47 -38.92
C ASN A 480 -16.20 -22.32 -38.17
N ILE A 481 -16.84 -21.16 -38.19
CA ILE A 481 -16.29 -19.97 -37.57
C ILE A 481 -17.19 -19.54 -36.42
N THR A 482 -16.61 -18.79 -35.52
CA THR A 482 -17.20 -18.16 -34.37
C THR A 482 -17.10 -16.65 -34.52
N PRO A 483 -18.13 -15.89 -34.13
CA PRO A 483 -17.98 -14.45 -34.08
C PRO A 483 -16.93 -14.03 -33.07
N PRO A 484 -16.31 -12.86 -33.27
CA PRO A 484 -15.17 -12.47 -32.40
C PRO A 484 -15.47 -12.36 -30.91
N ARG A 485 -16.66 -11.86 -30.54
CA ARG A 485 -17.19 -11.89 -29.18
C ARG A 485 -16.29 -11.14 -28.18
N GLY A 486 -16.24 -9.84 -28.38
CA GLY A 486 -15.62 -8.93 -27.44
C GLY A 486 -14.87 -7.80 -28.10
N VAL A 487 -15.25 -6.56 -27.76
CA VAL A 487 -14.74 -5.36 -28.40
C VAL A 487 -14.31 -4.39 -27.30
N LEU A 488 -13.24 -3.66 -27.56
CA LEU A 488 -12.80 -2.57 -26.68
C LEU A 488 -13.11 -1.25 -27.35
N PHE A 489 -14.13 -0.56 -26.85
CA PHE A 489 -14.42 0.81 -27.26
C PHE A 489 -13.47 1.73 -26.50
N HIS A 490 -12.82 2.64 -27.21
CA HIS A 490 -11.97 3.59 -26.51
C HIS A 490 -12.05 4.95 -27.15
N GLY A 491 -12.04 5.99 -26.31
CA GLY A 491 -12.09 7.35 -26.80
C GLY A 491 -12.41 8.36 -25.72
N PRO A 492 -12.52 9.63 -26.11
CA PRO A 492 -12.81 10.70 -25.14
C PRO A 492 -14.20 10.55 -24.54
N PRO A 493 -14.45 11.14 -23.37
CA PRO A 493 -15.76 10.98 -22.73
C PRO A 493 -16.85 11.75 -23.48
N GLY A 494 -17.96 11.07 -23.74
CA GLY A 494 -19.06 11.69 -24.45
C GLY A 494 -19.04 11.47 -25.93
N THR A 495 -18.45 10.38 -26.40
CA THR A 495 -18.32 10.11 -27.82
C THR A 495 -19.32 9.10 -28.35
N GLY A 496 -19.97 8.33 -27.47
CA GLY A 496 -21.02 7.44 -27.92
C GLY A 496 -20.76 5.97 -27.73
N LYS A 497 -20.00 5.61 -26.69
CA LYS A 497 -19.68 4.21 -26.46
C LYS A 497 -20.84 3.46 -25.81
N THR A 498 -21.41 4.03 -24.74
CA THR A 498 -22.59 3.44 -24.11
C THR A 498 -23.80 3.50 -25.04
N LEU A 499 -23.89 4.54 -25.87
CA LEU A 499 -24.96 4.62 -26.85
C LEU A 499 -24.83 3.53 -27.90
N MET A 500 -23.60 3.23 -28.31
CA MET A 500 -23.38 2.17 -29.28
C MET A 500 -23.69 0.81 -28.68
N ALA A 501 -23.33 0.60 -27.42
CA ALA A 501 -23.65 -0.67 -26.76
C ALA A 501 -25.15 -0.84 -26.58
N ARG A 502 -25.86 0.24 -26.21
CA ARG A 502 -27.30 0.14 -26.01
C ARG A 502 -28.04 -0.03 -27.34
N ALA A 503 -27.53 0.60 -28.41
CA ALA A 503 -28.13 0.42 -29.72
C ALA A 503 -27.89 -0.98 -30.24
N LEU A 504 -26.70 -1.53 -29.98
CA LEU A 504 -26.38 -2.88 -30.39
C LEU A 504 -27.19 -3.92 -29.63
N ALA A 505 -27.55 -3.60 -28.38
CA ALA A 505 -28.45 -4.48 -27.64
C ALA A 505 -29.87 -4.38 -28.16
N ALA A 506 -30.46 -3.18 -28.09
CA ALA A 506 -31.88 -2.99 -28.35
C ALA A 506 -32.18 -2.65 -29.81
N SER A 507 -31.31 -3.01 -30.74
CA SER A 507 -31.60 -2.78 -32.15
C SER A 507 -31.57 -4.04 -32.99
N CYS A 508 -30.71 -4.99 -32.66
CA CYS A 508 -30.54 -6.20 -33.46
C CYS A 508 -31.59 -7.23 -33.06
N SER A 509 -32.81 -7.02 -33.57
CA SER A 509 -33.93 -7.97 -33.56
C SER A 509 -34.34 -8.35 -32.14
N SER A 510 -34.83 -7.35 -31.41
CA SER A 510 -35.40 -7.58 -30.08
C SER A 510 -36.89 -7.91 -30.16
N ASP A 511 -37.22 -8.93 -30.96
CA ASP A 511 -38.60 -9.31 -31.23
C ASP A 511 -38.94 -10.71 -30.76
N GLU A 512 -38.16 -11.72 -31.15
CA GLU A 512 -38.34 -13.05 -30.56
C GLU A 512 -37.02 -13.56 -29.99
N ARG A 513 -35.90 -13.18 -30.61
CA ARG A 513 -34.58 -13.50 -30.10
C ARG A 513 -34.05 -12.27 -29.37
N LYS A 514 -34.57 -12.07 -28.16
CA LYS A 514 -34.27 -10.87 -27.39
C LYS A 514 -32.86 -10.96 -26.83
N ILE A 515 -32.09 -9.88 -27.01
CA ILE A 515 -30.74 -9.78 -26.49
C ILE A 515 -30.80 -9.00 -25.20
N THR A 516 -30.44 -9.64 -24.09
CA THR A 516 -30.39 -8.94 -22.82
C THR A 516 -29.11 -8.12 -22.73
N PHE A 517 -29.10 -7.20 -21.76
CA PHE A 517 -28.03 -6.22 -21.66
C PHE A 517 -27.70 -6.00 -20.19
N PHE A 518 -26.44 -6.21 -19.84
CA PHE A 518 -25.95 -6.06 -18.47
C PHE A 518 -24.94 -4.93 -18.45
N MET A 519 -25.29 -3.83 -17.78
CA MET A 519 -24.41 -2.67 -17.70
C MET A 519 -23.73 -2.65 -16.33
N ARG A 520 -22.42 -2.82 -16.33
CA ARG A 520 -21.62 -2.77 -15.11
C ARG A 520 -20.51 -1.76 -15.27
N LYS A 521 -20.15 -1.12 -14.16
CA LYS A 521 -19.00 -0.25 -14.10
C LYS A 521 -17.84 -1.00 -13.46
N GLY A 522 -16.62 -0.65 -13.87
CA GLY A 522 -15.45 -1.33 -13.34
C GLY A 522 -15.19 -1.04 -11.88
N ALA A 523 -15.55 0.17 -11.42
CA ALA A 523 -15.43 0.49 -10.01
C ALA A 523 -16.55 -0.12 -9.17
N ASP A 524 -17.64 -0.54 -9.81
CA ASP A 524 -18.75 -1.18 -9.10
C ASP A 524 -18.42 -2.60 -8.70
N ILE A 525 -17.66 -3.32 -9.54
CA ILE A 525 -17.40 -4.74 -9.31
C ILE A 525 -16.45 -4.92 -8.13
N LEU A 526 -15.36 -4.16 -8.11
CA LEU A 526 -14.42 -4.24 -7.00
C LEU A 526 -15.02 -3.54 -5.76
N SER A 527 -15.00 -4.24 -4.64
CA SER A 527 -15.52 -3.73 -3.39
C SER A 527 -14.40 -3.68 -2.36
N LYS A 528 -14.78 -3.32 -1.13
CA LYS A 528 -13.80 -3.16 -0.06
C LYS A 528 -13.37 -4.48 0.56
N TRP A 529 -13.99 -5.59 0.19
CA TRP A 529 -13.63 -6.87 0.75
C TRP A 529 -12.50 -7.50 -0.07
N VAL A 530 -12.22 -8.78 0.20
CA VAL A 530 -11.06 -9.46 -0.35
C VAL A 530 -11.42 -10.58 -1.30
N GLY A 531 -12.71 -10.84 -1.52
CA GLY A 531 -13.10 -11.87 -2.46
C GLY A 531 -14.38 -11.56 -3.20
N GLU A 532 -14.90 -10.34 -3.05
CA GLU A 532 -16.19 -10.01 -3.62
C GLU A 532 -16.13 -9.80 -5.13
N ALA A 533 -15.03 -9.27 -5.65
CA ALA A 533 -14.99 -8.86 -7.05
C ALA A 533 -14.95 -10.06 -7.98
N GLU A 534 -14.17 -11.09 -7.63
CA GLU A 534 -14.08 -12.28 -8.47
C GLU A 534 -15.38 -13.06 -8.47
N ARG A 535 -16.02 -13.18 -7.31
CA ARG A 535 -17.29 -13.87 -7.23
C ARG A 535 -18.38 -13.10 -7.94
N GLN A 536 -18.36 -11.77 -7.87
CA GLN A 536 -19.35 -10.97 -8.58
C GLN A 536 -19.16 -11.03 -10.09
N LEU A 537 -17.91 -11.12 -10.56
CA LEU A 537 -17.65 -11.35 -11.98
C LEU A 537 -18.16 -12.71 -12.41
N ARG A 538 -17.98 -13.73 -11.57
CA ARG A 538 -18.49 -15.06 -11.90
C ARG A 538 -20.00 -15.08 -11.93
N LEU A 539 -20.65 -14.36 -11.00
CA LEU A 539 -22.11 -14.29 -11.00
C LEU A 539 -22.64 -13.58 -12.23
N LEU A 540 -21.97 -12.50 -12.66
CA LEU A 540 -22.36 -11.79 -13.87
C LEU A 540 -22.20 -12.67 -15.10
N PHE A 541 -21.13 -13.47 -15.15
CA PHE A 541 -20.94 -14.29 -16.34
C PHE A 541 -21.86 -15.50 -16.37
N GLU A 542 -22.21 -16.08 -15.22
CA GLU A 542 -23.25 -17.11 -15.23
C GLU A 542 -24.62 -16.54 -15.57
N GLU A 543 -24.92 -15.33 -15.08
CA GLU A 543 -26.19 -14.68 -15.39
C GLU A 543 -26.29 -14.32 -16.87
N ALA A 544 -25.17 -13.99 -17.49
CA ALA A 544 -25.18 -13.75 -18.93
C ALA A 544 -25.13 -15.05 -19.72
N LYS A 545 -24.65 -16.13 -19.11
CA LYS A 545 -24.63 -17.41 -19.81
C LYS A 545 -26.00 -18.07 -19.84
N LYS A 546 -26.81 -17.88 -18.79
CA LYS A 546 -28.12 -18.51 -18.79
C LYS A 546 -29.11 -17.77 -19.68
N HIS A 547 -28.97 -16.46 -19.82
CA HIS A 547 -29.71 -15.67 -20.80
C HIS A 547 -28.77 -15.52 -21.99
N GLN A 548 -28.84 -16.49 -22.92
CA GLN A 548 -27.68 -16.83 -23.72
C GLN A 548 -27.27 -15.78 -24.76
N PRO A 549 -28.19 -15.19 -25.59
CA PRO A 549 -27.72 -14.05 -26.38
C PRO A 549 -27.63 -12.81 -25.51
N SER A 550 -26.42 -12.42 -25.13
CA SER A 550 -26.26 -11.38 -24.12
C SER A 550 -25.10 -10.46 -24.48
N ILE A 551 -25.17 -9.24 -23.95
CA ILE A 551 -24.13 -8.24 -24.12
C ILE A 551 -23.79 -7.71 -22.74
N ILE A 552 -22.61 -8.03 -22.24
CA ILE A 552 -22.07 -7.41 -21.03
C ILE A 552 -21.32 -6.16 -21.45
N PHE A 553 -21.54 -5.06 -20.74
CA PHE A 553 -20.89 -3.80 -21.02
C PHE A 553 -20.16 -3.33 -19.76
N PHE A 554 -18.84 -3.36 -19.80
CA PHE A 554 -18.01 -2.87 -18.71
C PHE A 554 -17.62 -1.42 -19.03
N ASP A 555 -18.30 -0.48 -18.40
CA ASP A 555 -17.98 0.93 -18.56
C ASP A 555 -16.83 1.29 -17.65
N GLU A 556 -15.83 1.98 -18.23
CA GLU A 556 -14.58 2.37 -17.56
C GLU A 556 -13.86 1.15 -16.98
N ILE A 557 -13.44 0.26 -17.88
CA ILE A 557 -12.80 -0.99 -17.49
C ILE A 557 -11.37 -0.80 -17.01
N ASP A 558 -10.81 0.40 -17.19
CA ASP A 558 -9.48 0.71 -16.67
C ASP A 558 -9.44 0.74 -15.15
N GLY A 559 -10.58 0.88 -14.49
CA GLY A 559 -10.65 0.78 -13.04
C GLY A 559 -10.70 -0.66 -12.58
N LEU A 560 -11.40 -1.52 -13.32
CA LEU A 560 -11.48 -2.93 -12.95
C LEU A 560 -10.17 -3.64 -13.21
N ALA A 561 -9.64 -3.52 -14.43
CA ALA A 561 -8.42 -4.20 -14.85
C ALA A 561 -7.44 -3.16 -15.35
N PRO A 562 -6.66 -2.54 -14.46
CA PRO A 562 -5.65 -1.59 -14.91
C PRO A 562 -4.38 -2.28 -15.34
N VAL A 563 -3.34 -1.51 -15.66
CA VAL A 563 -2.07 -2.07 -16.09
C VAL A 563 -1.25 -2.40 -14.85
N ARG A 564 -0.40 -3.42 -14.95
CA ARG A 564 0.40 -3.87 -13.82
C ARG A 564 1.71 -3.12 -13.72
N SER A 565 1.68 -1.97 -13.05
CA SER A 565 2.88 -1.18 -12.80
C SER A 565 2.96 -0.64 -11.38
N SER A 566 1.94 -0.89 -10.56
CA SER A 566 1.82 -0.37 -9.20
C SER A 566 0.86 -1.29 -8.45
N LYS A 567 0.30 -0.80 -7.34
CA LYS A 567 -0.86 -1.37 -6.66
C LYS A 567 -0.61 -2.78 -6.12
N GLN A 568 0.08 -2.86 -4.99
CA GLN A 568 0.25 -4.11 -4.25
C GLN A 568 -1.07 -4.42 -3.50
N GLU A 569 -1.01 -5.35 -2.53
CA GLU A 569 -2.10 -5.98 -1.78
C GLU A 569 -2.86 -6.98 -2.68
N GLN A 570 -2.34 -7.26 -3.88
CA GLN A 570 -2.44 -8.54 -4.59
C GLN A 570 -3.83 -8.82 -5.19
N ILE A 571 -4.83 -8.01 -4.86
CA ILE A 571 -6.19 -8.35 -5.26
C ILE A 571 -6.47 -8.05 -6.74
N HIS A 572 -5.75 -7.08 -7.33
CA HIS A 572 -6.02 -6.73 -8.72
C HIS A 572 -5.49 -7.80 -9.68
N ALA A 573 -4.44 -8.51 -9.28
CA ALA A 573 -3.98 -9.64 -10.09
C ALA A 573 -5.02 -10.76 -10.12
N SER A 574 -5.70 -10.98 -9.00
CA SER A 574 -6.75 -11.99 -8.95
C SER A 574 -7.97 -11.57 -9.77
N ILE A 575 -8.34 -10.29 -9.71
CA ILE A 575 -9.48 -9.81 -10.50
C ILE A 575 -9.15 -9.85 -12.00
N VAL A 576 -7.93 -9.49 -12.38
CA VAL A 576 -7.50 -9.55 -13.77
C VAL A 576 -7.46 -11.01 -14.26
N SER A 577 -7.01 -11.93 -13.40
CA SER A 577 -6.93 -13.32 -13.79
C SER A 577 -8.31 -13.96 -13.94
N THR A 578 -9.25 -13.62 -13.07
CA THR A 578 -10.59 -14.18 -13.23
C THR A 578 -11.32 -13.52 -14.41
N LEU A 579 -10.97 -12.27 -14.74
CA LEU A 579 -11.56 -11.65 -15.92
C LEU A 579 -11.00 -12.28 -17.19
N LEU A 580 -9.70 -12.58 -17.20
CA LEU A 580 -9.08 -13.20 -18.37
C LEU A 580 -9.56 -14.62 -18.57
N ALA A 581 -9.76 -15.36 -17.48
CA ALA A 581 -10.26 -16.72 -17.62
C ALA A 581 -11.76 -16.76 -17.89
N LEU A 582 -12.50 -15.69 -17.58
CA LEU A 582 -13.94 -15.75 -17.75
C LEU A 582 -14.37 -15.39 -19.18
N MET A 583 -13.72 -14.42 -19.81
CA MET A 583 -14.12 -14.07 -21.18
C MET A 583 -13.30 -14.83 -22.23
N ASP A 584 -13.22 -16.14 -22.07
CA ASP A 584 -12.63 -16.99 -23.08
C ASP A 584 -13.61 -17.08 -24.24
N GLY A 585 -13.32 -16.35 -25.33
CA GLY A 585 -14.18 -16.35 -26.48
C GLY A 585 -13.87 -17.41 -27.51
N MET A 586 -12.95 -18.32 -27.21
CA MET A 586 -12.55 -19.37 -28.14
C MET A 586 -12.66 -20.76 -27.52
N ASP A 587 -13.67 -20.96 -26.67
CA ASP A 587 -14.04 -22.31 -26.26
C ASP A 587 -15.54 -22.49 -26.19
N ASN A 588 -16.30 -21.58 -26.82
CA ASN A 588 -17.77 -21.58 -26.93
C ASN A 588 -18.42 -21.55 -25.54
N ARG A 589 -18.20 -20.44 -24.86
CA ARG A 589 -18.89 -20.17 -23.60
C ARG A 589 -20.37 -19.85 -23.79
N GLY A 590 -20.80 -19.52 -25.01
CA GLY A 590 -22.19 -19.23 -25.28
C GLY A 590 -22.37 -18.22 -26.39
N GLN A 591 -23.17 -17.20 -26.13
CA GLN A 591 -23.34 -16.05 -27.03
C GLN A 591 -23.29 -14.77 -26.22
N VAL A 592 -22.27 -14.68 -25.38
CA VAL A 592 -21.98 -13.48 -24.60
C VAL A 592 -21.02 -12.62 -25.38
N ILE A 593 -21.33 -11.34 -25.51
CA ILE A 593 -20.47 -10.36 -26.14
C ILE A 593 -20.02 -9.38 -25.07
N VAL A 594 -18.72 -9.30 -24.85
CA VAL A 594 -18.14 -8.43 -23.83
C VAL A 594 -17.67 -7.15 -24.52
N ILE A 595 -18.18 -6.02 -24.07
CA ILE A 595 -17.85 -4.71 -24.62
C ILE A 595 -17.29 -3.86 -23.50
N GLY A 596 -16.01 -3.49 -23.62
CA GLY A 596 -15.33 -2.73 -22.59
C GLY A 596 -15.00 -1.33 -23.07
N ALA A 597 -15.51 -0.33 -22.36
CA ALA A 597 -15.30 1.06 -22.73
C ALA A 597 -14.21 1.67 -21.88
N THR A 598 -13.37 2.49 -22.52
CA THR A 598 -12.28 3.15 -21.80
C THR A 598 -11.87 4.43 -22.53
N ASN A 599 -11.09 5.25 -21.82
CA ASN A 599 -10.64 6.52 -22.37
C ASN A 599 -9.49 6.29 -23.35
N ARG A 600 -8.38 5.74 -22.87
CA ARG A 600 -7.29 5.36 -23.75
C ARG A 600 -6.98 3.88 -23.53
N PRO A 601 -6.72 3.12 -24.61
CA PRO A 601 -6.61 1.66 -24.47
C PRO A 601 -5.34 1.18 -23.80
N ASP A 602 -4.36 2.05 -23.56
CA ASP A 602 -3.16 1.66 -22.83
C ASP A 602 -3.36 1.68 -21.31
N ALA A 603 -4.52 2.14 -20.84
CA ALA A 603 -4.89 2.02 -19.44
C ALA A 603 -5.54 0.69 -19.12
N VAL A 604 -5.70 -0.18 -20.11
CA VAL A 604 -6.25 -1.51 -19.95
C VAL A 604 -5.06 -2.47 -19.94
N ASP A 605 -5.19 -3.56 -19.18
CA ASP A 605 -4.14 -4.57 -19.09
C ASP A 605 -3.87 -5.18 -20.46
N PRO A 606 -2.60 -5.25 -20.89
CA PRO A 606 -2.30 -5.79 -22.24
C PRO A 606 -2.62 -7.26 -22.44
N ALA A 607 -2.90 -8.02 -21.38
CA ALA A 607 -3.34 -9.40 -21.57
C ALA A 607 -4.76 -9.50 -22.08
N LEU A 608 -5.57 -8.48 -21.86
CA LEU A 608 -6.94 -8.45 -22.36
C LEU A 608 -7.05 -7.99 -23.80
N ARG A 609 -6.01 -7.38 -24.35
CA ARG A 609 -6.02 -6.94 -25.73
C ARG A 609 -5.34 -7.98 -26.63
N ARG A 610 -5.96 -9.15 -26.67
CA ARG A 610 -5.46 -10.30 -27.40
C ARG A 610 -6.65 -11.02 -28.01
N PRO A 611 -6.42 -11.89 -28.99
CA PRO A 611 -7.51 -12.72 -29.51
C PRO A 611 -8.06 -13.68 -28.47
N GLY A 612 -9.37 -13.91 -28.53
CA GLY A 612 -10.09 -14.67 -27.53
C GLY A 612 -10.75 -13.78 -26.50
N ARG A 613 -9.99 -12.83 -25.97
CA ARG A 613 -10.47 -11.71 -25.19
C ARG A 613 -10.97 -10.63 -26.14
N PHE A 614 -10.91 -9.35 -25.72
CA PHE A 614 -11.16 -8.25 -26.64
C PHE A 614 -10.32 -8.36 -27.91
N ASP A 615 -11.00 -8.64 -29.03
CA ASP A 615 -10.31 -8.81 -30.30
C ASP A 615 -10.12 -7.49 -31.00
N ARG A 616 -11.21 -6.82 -31.29
CA ARG A 616 -11.21 -5.58 -32.04
C ARG A 616 -11.33 -4.40 -31.10
N GLU A 617 -10.60 -3.34 -31.41
CA GLU A 617 -10.64 -2.09 -30.66
C GLU A 617 -11.15 -1.00 -31.58
N PHE A 618 -12.16 -0.27 -31.13
CA PHE A 618 -12.80 0.76 -31.93
C PHE A 618 -12.53 2.11 -31.30
N TYR A 619 -11.94 3.01 -32.09
CA TYR A 619 -11.67 4.37 -31.65
C TYR A 619 -12.92 5.22 -31.91
N PHE A 620 -13.45 5.79 -30.85
CA PHE A 620 -14.66 6.61 -30.91
C PHE A 620 -14.22 8.07 -30.80
N PRO A 621 -14.08 8.79 -31.89
CA PRO A 621 -13.40 10.10 -31.85
C PRO A 621 -14.35 11.23 -31.48
N LEU A 622 -13.75 12.36 -31.13
CA LEU A 622 -14.49 13.61 -31.10
C LEU A 622 -14.94 13.92 -32.54
N PRO A 623 -16.23 14.17 -32.76
CA PRO A 623 -16.75 14.18 -34.12
C PRO A 623 -16.30 15.40 -34.93
N ASP A 624 -16.12 15.16 -36.23
CA ASP A 624 -15.76 16.22 -37.17
C ASP A 624 -17.03 16.97 -37.59
N VAL A 625 -16.92 17.80 -38.63
CA VAL A 625 -18.00 18.72 -38.97
C VAL A 625 -19.20 17.99 -39.55
N LYS A 626 -18.96 16.95 -40.34
CA LYS A 626 -20.08 16.17 -40.89
C LYS A 626 -20.77 15.36 -39.81
N ALA A 627 -19.99 14.76 -38.92
CA ALA A 627 -20.59 13.98 -37.84
C ALA A 627 -21.26 14.88 -36.82
N ARG A 628 -20.76 16.10 -36.62
CA ARG A 628 -21.46 17.03 -35.74
C ARG A 628 -22.74 17.54 -36.38
N PHE A 629 -22.76 17.67 -37.71
CA PHE A 629 -24.00 17.96 -38.42
C PHE A 629 -25.01 16.85 -38.22
N LYS A 630 -24.57 15.59 -38.32
CA LYS A 630 -25.48 14.45 -38.14
C LYS A 630 -25.97 14.35 -36.70
N ILE A 631 -25.10 14.65 -35.73
CA ILE A 631 -25.49 14.60 -34.32
C ILE A 631 -26.51 15.69 -34.01
N LEU A 632 -26.25 16.92 -34.47
CA LEU A 632 -27.18 18.01 -34.26
C LEU A 632 -28.49 17.81 -35.04
N GLN A 633 -28.48 17.05 -36.12
CA GLN A 633 -29.73 16.70 -36.76
C GLN A 633 -30.48 15.64 -35.98
N ILE A 634 -29.77 14.73 -35.32
CA ILE A 634 -30.41 13.71 -34.50
C ILE A 634 -31.04 14.34 -33.26
N GLN A 635 -30.36 15.29 -32.63
CA GLN A 635 -30.87 15.90 -31.41
C GLN A 635 -32.00 16.88 -31.68
N THR A 636 -32.05 17.48 -32.86
CA THR A 636 -33.09 18.44 -33.23
C THR A 636 -34.04 17.86 -34.27
N ARG A 637 -34.40 16.58 -34.11
CA ARG A 637 -35.33 15.91 -34.99
C ARG A 637 -36.72 15.75 -34.39
N LYS A 638 -36.81 15.56 -33.08
CA LYS A 638 -38.09 15.42 -32.40
C LYS A 638 -38.65 16.75 -31.91
N TRP A 639 -38.08 17.87 -32.35
CA TRP A 639 -38.61 19.17 -32.01
C TRP A 639 -39.89 19.44 -32.80
N SER A 640 -40.59 20.50 -32.42
CA SER A 640 -41.80 20.90 -33.14
C SER A 640 -41.53 21.92 -34.24
N SER A 641 -40.53 22.79 -34.05
CA SER A 641 -40.08 23.72 -35.08
C SER A 641 -38.62 23.40 -35.37
N PRO A 642 -38.36 22.46 -36.28
CA PRO A 642 -36.97 22.02 -36.50
C PRO A 642 -36.14 23.06 -37.23
N LEU A 643 -34.84 23.04 -36.95
CA LEU A 643 -33.92 24.01 -37.51
C LEU A 643 -33.66 23.70 -38.99
N SER A 644 -33.08 24.69 -39.67
CA SER A 644 -32.79 24.58 -41.09
C SER A 644 -31.49 23.82 -41.31
N THR A 645 -30.99 23.82 -42.54
CA THR A 645 -29.70 23.23 -42.87
C THR A 645 -28.55 24.21 -42.70
N ASN A 646 -28.76 25.47 -43.10
CA ASN A 646 -27.76 26.51 -42.89
C ASN A 646 -27.61 26.88 -41.42
N PHE A 647 -28.60 26.57 -40.59
CA PHE A 647 -28.47 26.77 -39.15
C PHE A 647 -27.54 25.72 -38.56
N ILE A 648 -27.79 24.45 -38.88
CA ILE A 648 -27.01 23.35 -38.32
C ILE A 648 -25.60 23.35 -38.89
N ASP A 649 -25.42 23.87 -40.11
CA ASP A 649 -24.07 24.00 -40.66
C ASP A 649 -23.25 25.01 -39.87
N LYS A 650 -23.84 26.15 -39.51
CA LYS A 650 -23.12 27.14 -38.72
C LYS A 650 -22.93 26.69 -37.28
N LEU A 651 -23.87 25.90 -36.75
CA LEU A 651 -23.68 25.33 -35.41
C LEU A 651 -22.57 24.29 -35.40
N ALA A 652 -22.45 23.51 -36.48
CA ALA A 652 -21.36 22.54 -36.57
C ALA A 652 -20.03 23.24 -36.78
N PHE A 653 -20.03 24.38 -37.46
CA PHE A 653 -18.78 25.13 -37.60
C PHE A 653 -18.38 25.81 -36.30
N LEU A 654 -19.36 26.26 -35.51
CA LEU A 654 -19.05 26.95 -34.26
C LEU A 654 -18.58 26.00 -33.18
N THR A 655 -19.21 24.82 -33.09
CA THR A 655 -18.92 23.87 -32.02
C THR A 655 -17.64 23.11 -32.35
N LYS A 656 -16.51 23.77 -32.15
CA LYS A 656 -15.21 23.14 -32.34
C LYS A 656 -14.75 22.52 -31.03
N GLY A 657 -14.26 21.28 -31.12
CA GLY A 657 -13.83 20.57 -29.92
C GLY A 657 -14.97 20.10 -29.05
N TYR A 658 -16.10 19.72 -29.65
CA TYR A 658 -17.25 19.23 -28.92
C TYR A 658 -17.41 17.73 -29.15
N GLY A 659 -18.09 17.08 -28.21
CA GLY A 659 -18.48 15.71 -28.34
C GLY A 659 -19.97 15.55 -28.51
N GLY A 660 -20.45 14.32 -28.34
CA GLY A 660 -21.86 14.06 -28.44
C GLY A 660 -22.64 14.58 -27.24
N ALA A 661 -22.11 14.36 -26.04
CA ALA A 661 -22.79 14.78 -24.82
C ALA A 661 -22.80 16.29 -24.69
N ASP A 662 -21.74 16.95 -25.14
CA ASP A 662 -21.69 18.40 -25.11
C ASP A 662 -22.66 19.02 -26.11
N LEU A 663 -22.85 18.38 -27.26
CA LEU A 663 -23.84 18.86 -28.21
C LEU A 663 -25.26 18.60 -27.72
N ARG A 664 -25.48 17.49 -26.98
CA ARG A 664 -26.77 17.24 -26.37
C ARG A 664 -27.09 18.28 -25.30
N SER A 665 -26.10 18.63 -24.47
CA SER A 665 -26.31 19.67 -23.46
C SER A 665 -26.47 21.04 -24.10
N LEU A 666 -25.83 21.27 -25.24
CA LEU A 666 -26.01 22.52 -25.98
C LEU A 666 -27.43 22.66 -26.48
N CYS A 667 -27.97 21.59 -27.07
CA CYS A 667 -29.34 21.64 -27.59
C CYS A 667 -30.36 21.77 -26.45
N THR A 668 -30.14 21.05 -25.36
CA THR A 668 -31.01 21.14 -24.19
C THR A 668 -30.99 22.54 -23.58
N GLU A 669 -29.81 23.15 -23.46
CA GLU A 669 -29.71 24.46 -22.86
C GLU A 669 -30.24 25.55 -23.79
N ALA A 670 -30.10 25.38 -25.10
CA ALA A 670 -30.69 26.35 -26.02
C ALA A 670 -32.22 26.28 -25.99
N ALA A 671 -32.78 25.08 -25.87
CA ALA A 671 -34.22 24.94 -25.70
C ALA A 671 -34.68 25.55 -24.39
N LEU A 672 -33.89 25.39 -23.33
CA LEU A 672 -34.24 25.97 -22.03
C LEU A 672 -34.17 27.48 -22.06
N ILE A 673 -33.19 28.05 -22.77
CA ILE A 673 -33.11 29.50 -22.93
C ILE A 673 -34.28 30.02 -23.77
N SER A 674 -34.76 29.23 -24.74
CA SER A 674 -35.92 29.67 -25.51
C SER A 674 -37.20 29.64 -24.70
N ILE A 675 -37.37 28.65 -23.83
CA ILE A 675 -38.51 28.70 -22.90
C ILE A 675 -38.34 29.85 -21.90
N GLN A 676 -37.10 30.14 -21.51
CA GLN A 676 -36.83 31.22 -20.57
C GLN A 676 -37.00 32.60 -21.18
N ARG A 677 -36.97 32.70 -22.51
CA ARG A 677 -37.05 33.98 -23.20
C ARG A 677 -38.41 34.24 -23.81
N SER A 678 -39.05 33.24 -24.41
CA SER A 678 -40.30 33.48 -25.12
C SER A 678 -41.45 33.71 -24.14
N PHE A 679 -41.46 32.98 -23.03
CA PHE A 679 -42.46 33.15 -21.98
C PHE A 679 -41.75 33.34 -20.64
N PRO A 680 -41.22 34.54 -20.37
CA PRO A 680 -40.50 34.77 -19.13
C PRO A 680 -41.40 35.08 -17.94
N GLN A 681 -42.71 35.18 -18.14
CA GLN A 681 -43.61 35.52 -17.06
C GLN A 681 -43.89 34.34 -16.14
N ILE A 682 -43.64 33.11 -16.60
CA ILE A 682 -43.96 31.92 -15.83
C ILE A 682 -42.97 31.65 -14.70
N TYR A 683 -41.90 32.43 -14.59
CA TYR A 683 -40.89 32.20 -13.58
C TYR A 683 -41.14 33.01 -12.31
N ARG A 684 -41.18 34.34 -12.43
CA ARG A 684 -41.29 35.19 -11.25
C ARG A 684 -42.69 35.16 -10.66
N SER A 685 -43.70 34.86 -11.47
CA SER A 685 -45.08 34.90 -11.01
C SER A 685 -45.36 33.65 -10.17
N ASN A 686 -45.82 33.86 -8.94
CA ASN A 686 -46.12 32.76 -8.02
C ASN A 686 -47.51 32.17 -8.25
N ASP A 687 -48.25 32.67 -9.24
CA ASP A 687 -49.63 32.25 -9.43
C ASP A 687 -49.70 30.91 -10.17
N LYS A 688 -50.91 30.52 -10.55
CA LYS A 688 -51.18 29.22 -11.14
C LYS A 688 -50.80 29.23 -12.63
N LEU A 689 -51.23 28.19 -13.36
CA LEU A 689 -50.85 27.95 -14.75
C LEU A 689 -51.29 29.06 -15.70
N LEU A 690 -50.32 29.83 -16.19
CA LEU A 690 -50.54 30.79 -17.26
C LEU A 690 -50.22 30.04 -18.56
N VAL A 691 -51.22 29.31 -19.06
CA VAL A 691 -50.98 28.34 -20.13
C VAL A 691 -50.70 29.08 -21.44
N ASP A 692 -49.83 28.49 -22.25
CA ASP A 692 -49.23 29.16 -23.38
C ASP A 692 -49.00 28.20 -24.54
N PRO A 693 -49.33 28.63 -25.77
CA PRO A 693 -49.15 27.75 -26.93
C PRO A 693 -47.70 27.70 -27.39
N SER A 694 -47.44 27.03 -28.51
CA SER A 694 -46.08 26.85 -29.00
C SER A 694 -45.87 27.71 -30.25
N LYS A 695 -45.55 28.97 -30.01
CA LYS A 695 -44.94 29.84 -31.01
C LYS A 695 -43.45 29.98 -30.77
N ILE A 696 -42.87 29.07 -29.98
CA ILE A 696 -41.47 29.12 -29.63
C ILE A 696 -40.60 28.71 -30.82
N LYS A 697 -39.49 29.42 -30.99
CA LYS A 697 -38.54 29.16 -32.07
C LYS A 697 -37.15 29.48 -31.55
N VAL A 698 -36.27 28.49 -31.56
CA VAL A 698 -34.93 28.63 -30.99
C VAL A 698 -34.04 29.27 -32.05
N LYS A 699 -33.80 30.58 -31.93
CA LYS A 699 -33.06 31.31 -32.94
C LYS A 699 -31.57 31.37 -32.56
N VAL A 700 -30.81 32.25 -33.21
CA VAL A 700 -29.36 32.28 -33.10
C VAL A 700 -28.92 32.77 -31.73
N SER A 701 -29.64 33.76 -31.18
CA SER A 701 -29.23 34.42 -29.95
C SER A 701 -29.38 33.55 -28.71
N ASP A 702 -29.96 32.36 -28.84
CA ASP A 702 -30.05 31.40 -27.75
C ASP A 702 -28.96 30.34 -27.83
N PHE A 703 -28.66 29.84 -29.03
CA PHE A 703 -27.51 28.96 -29.21
C PHE A 703 -26.21 29.69 -28.94
N MET A 704 -26.15 31.00 -29.22
CA MET A 704 -24.94 31.76 -28.95
C MET A 704 -24.72 31.98 -27.46
N LEU A 705 -25.78 31.92 -26.64
CA LEU A 705 -25.60 31.96 -25.19
C LEU A 705 -25.33 30.56 -24.63
N ALA A 706 -25.91 29.53 -25.24
CA ALA A 706 -25.62 28.17 -24.82
C ALA A 706 -24.19 27.78 -25.15
N LEU A 707 -23.61 28.37 -26.19
CA LEU A 707 -22.23 28.07 -26.57
C LEU A 707 -21.24 28.62 -25.55
N LYS A 708 -21.55 29.74 -24.90
CA LYS A 708 -20.68 30.24 -23.85
C LYS A 708 -21.07 29.73 -22.47
N LYS A 709 -22.26 29.14 -22.32
CA LYS A 709 -22.63 28.54 -21.05
C LYS A 709 -22.20 27.07 -20.95
N ILE A 710 -22.07 26.37 -22.08
CA ILE A 710 -21.62 24.98 -22.09
C ILE A 710 -20.13 24.97 -22.37
N VAL A 711 -19.37 24.36 -21.46
CA VAL A 711 -17.94 24.14 -21.67
C VAL A 711 -17.78 22.71 -22.19
N PRO A 712 -16.90 22.48 -23.16
CA PRO A 712 -16.71 21.12 -23.67
C PRO A 712 -15.77 20.32 -22.79
N SER A 713 -15.75 19.01 -23.04
CA SER A 713 -14.81 18.12 -22.38
C SER A 713 -13.44 18.10 -23.06
N SER A 714 -13.31 18.76 -24.20
CA SER A 714 -12.00 18.97 -24.82
C SER A 714 -11.36 20.28 -24.37
N ALA A 715 -12.00 20.99 -23.44
CA ALA A 715 -11.40 22.12 -22.76
C ALA A 715 -10.87 21.71 -21.39
N ARG A 716 -10.90 20.41 -21.08
CA ARG A 716 -10.33 19.85 -19.88
C ARG A 716 -9.01 19.14 -20.11
N SER A 717 -8.85 18.51 -21.28
CA SER A 717 -7.58 17.90 -21.63
C SER A 717 -6.55 18.97 -21.93
N THR A 718 -5.29 18.68 -21.58
CA THR A 718 -4.23 19.66 -21.70
C THR A 718 -3.72 19.73 -23.14
N GLY A 719 -2.72 20.58 -23.36
CA GLY A 719 -2.15 20.73 -24.67
C GLY A 719 -3.06 21.54 -25.59
N SER A 720 -2.78 21.41 -26.88
CA SER A 720 -3.53 22.13 -27.90
C SER A 720 -4.76 21.31 -28.29
N SER A 721 -5.95 21.83 -28.03
CA SER A 721 -7.16 21.22 -28.52
C SER A 721 -7.23 21.36 -30.03
N PRO A 722 -7.42 20.28 -30.78
CA PRO A 722 -7.41 20.35 -32.25
C PRO A 722 -8.62 21.12 -32.78
N GLN A 723 -8.34 22.27 -33.37
CA GLN A 723 -9.36 23.16 -33.90
C GLN A 723 -8.69 24.07 -34.92
N PRO A 724 -9.43 24.64 -35.87
CA PRO A 724 -8.82 25.52 -36.87
C PRO A 724 -8.35 26.83 -36.26
N LEU A 725 -7.70 27.63 -37.10
CA LEU A 725 -7.24 28.94 -36.68
C LEU A 725 -8.43 29.83 -36.37
N PRO A 726 -8.38 30.62 -35.30
CA PRO A 726 -9.45 31.58 -35.03
C PRO A 726 -9.52 32.65 -36.10
N GLU A 727 -10.70 33.25 -36.23
CA GLU A 727 -10.96 34.18 -37.31
C GLU A 727 -10.20 35.49 -37.18
N LEU A 728 -9.67 35.80 -36.00
CA LEU A 728 -8.85 37.00 -35.86
C LEU A 728 -7.45 36.79 -36.41
N ILE A 729 -6.74 35.76 -35.92
CA ILE A 729 -5.34 35.55 -36.27
C ILE A 729 -5.16 34.90 -37.63
N LYS A 730 -6.24 34.51 -38.30
CA LYS A 730 -6.14 33.80 -39.57
C LYS A 730 -5.42 34.59 -40.68
N PRO A 731 -5.65 35.90 -40.91
CA PRO A 731 -4.80 36.61 -41.87
C PRO A 731 -3.34 36.74 -41.45
N LEU A 732 -3.00 36.48 -40.18
CA LEU A 732 -1.60 36.43 -39.80
C LEU A 732 -0.96 35.07 -40.08
N LEU A 733 -1.75 34.01 -40.23
CA LEU A 733 -1.14 32.69 -40.20
C LEU A 733 -1.73 31.71 -41.23
N ALA A 734 -2.53 32.17 -42.17
CA ALA A 734 -3.07 31.24 -43.15
C ALA A 734 -2.02 30.87 -44.20
N ASP A 735 -1.28 31.87 -44.68
CA ASP A 735 -0.36 31.67 -45.80
C ASP A 735 0.80 30.77 -45.44
N GLN A 736 1.23 30.80 -44.18
CA GLN A 736 2.25 29.87 -43.72
C GLN A 736 1.68 28.54 -43.27
N LEU A 737 0.37 28.46 -43.01
CA LEU A 737 -0.21 27.18 -42.66
C LEU A 737 -0.36 26.30 -43.88
N ASN A 738 -0.80 26.90 -45.00
CA ASN A 738 -1.11 26.15 -46.21
C ASN A 738 0.11 25.45 -46.77
N ASN A 739 1.27 26.15 -46.75
CA ASN A 739 2.54 25.54 -47.15
C ASN A 739 2.82 24.30 -46.31
N LEU A 740 2.60 24.39 -44.99
CA LEU A 740 2.75 23.24 -44.11
C LEU A 740 1.81 22.12 -44.52
N LYS A 741 0.55 22.47 -44.84
CA LYS A 741 -0.40 21.48 -45.33
C LYS A 741 0.09 20.85 -46.61
N ASN A 742 0.67 21.67 -47.50
CA ASN A 742 1.23 21.15 -48.75
C ASN A 742 2.39 20.21 -48.46
N LYS A 743 3.23 20.57 -47.48
CA LYS A 743 4.29 19.68 -47.06
C LYS A 743 3.72 18.41 -46.46
N LEU A 744 2.66 18.55 -45.66
CA LEU A 744 2.01 17.39 -45.11
C LEU A 744 1.19 16.65 -46.15
N ASP A 745 0.86 17.30 -47.27
CA ASP A 745 0.24 16.56 -48.35
C ASP A 745 1.27 15.85 -49.20
N TYR A 746 2.54 16.22 -49.08
CA TYR A 746 3.56 15.59 -49.89
C TYR A 746 4.14 14.36 -49.20
N MET A 747 4.53 14.52 -47.93
CA MET A 747 5.23 13.47 -47.20
C MET A 747 4.30 12.45 -46.55
N LEU A 748 2.99 12.66 -46.60
CA LEU A 748 2.06 11.73 -46.00
C LEU A 748 1.04 11.14 -46.97
N ASN A 749 0.94 11.69 -48.19
CA ASN A 749 0.01 11.25 -49.24
C ASN A 749 -1.45 11.27 -48.76
N ILE A 750 -1.90 12.48 -48.42
CA ILE A 750 -3.27 12.65 -47.96
C ILE A 750 -4.22 12.84 -49.13
N LYS A 751 -3.78 13.48 -50.21
CA LYS A 751 -4.68 13.71 -51.33
C LYS A 751 -4.64 12.54 -52.34
N ASP A 752 -3.47 11.99 -52.62
CA ASP A 752 -3.36 10.89 -53.58
C ASP A 752 -3.36 9.54 -52.85
N THR A 753 -4.33 9.35 -51.97
CA THR A 753 -4.51 8.09 -51.25
C THR A 753 -5.52 7.18 -51.94
N THR A 754 -5.34 6.99 -53.25
CA THR A 754 -6.31 6.25 -54.05
C THR A 754 -6.28 4.74 -53.80
N PHE A 755 -5.26 4.24 -53.08
CA PHE A 755 -5.23 2.86 -52.64
C PHE A 755 -5.64 2.70 -51.19
N GLN A 756 -5.54 3.75 -50.38
CA GLN A 756 -5.94 3.74 -48.98
C GLN A 756 -7.05 4.78 -48.82
N ARG A 757 -8.28 4.36 -49.07
CA ARG A 757 -9.47 5.18 -48.94
C ARG A 757 -10.38 4.66 -47.84
N ASN A 758 -9.79 4.42 -46.66
CA ASN A 758 -10.36 3.53 -45.65
C ASN A 758 -11.66 4.04 -45.06
N THR A 759 -12.75 3.50 -45.55
CA THR A 759 -14.10 3.61 -45.03
C THR A 759 -14.57 2.19 -44.73
N SER A 760 -15.87 2.04 -44.49
CA SER A 760 -16.45 0.70 -44.39
C SER A 760 -16.29 -0.02 -45.73
N LEU A 761 -15.47 -1.08 -45.73
CA LEU A 761 -15.19 -1.82 -46.95
C LEU A 761 -16.40 -2.62 -47.44
N LEU A 762 -17.41 -2.80 -46.58
CA LEU A 762 -18.71 -3.28 -47.02
C LEU A 762 -19.29 -2.35 -48.08
N GLN A 763 -19.21 -1.03 -47.87
CA GLN A 763 -19.68 -0.08 -48.86
C GLN A 763 -18.85 -0.14 -50.14
N ASN A 764 -17.56 -0.45 -50.01
CA ASN A 764 -16.71 -0.67 -51.18
C ASN A 764 -17.17 -1.88 -51.98
N PHE A 765 -17.61 -2.93 -51.29
CA PHE A 765 -18.11 -4.10 -52.00
C PHE A 765 -19.51 -3.87 -52.56
N ILE A 766 -20.27 -2.95 -51.98
CA ILE A 766 -21.57 -2.59 -52.57
C ILE A 766 -21.37 -1.78 -53.84
N ASP A 767 -20.55 -0.72 -53.79
CA ASP A 767 -20.52 0.20 -54.91
C ASP A 767 -19.43 -0.08 -55.95
N TYR A 768 -18.42 -0.88 -55.63
CA TYR A 768 -17.46 -1.32 -56.63
C TYR A 768 -17.62 -2.80 -56.90
N GLU A 769 -16.73 -3.34 -57.73
CA GLU A 769 -16.71 -4.76 -58.08
C GLU A 769 -15.26 -5.15 -58.29
N GLU A 770 -15.00 -6.46 -58.30
CA GLU A 770 -13.64 -6.98 -58.23
C GLU A 770 -12.87 -6.71 -59.53
N TYR A 771 -11.60 -7.10 -59.52
CA TYR A 771 -10.50 -6.59 -60.36
C TYR A 771 -10.58 -5.08 -60.58
N SER A 788 0.67 -11.74 -64.13
CA SER A 788 -0.51 -12.53 -63.80
C SER A 788 -1.43 -11.78 -62.84
N SER A 789 -2.45 -12.48 -62.33
CA SER A 789 -3.36 -11.89 -61.36
C SER A 789 -2.77 -11.81 -59.96
N PHE A 790 -1.65 -12.49 -59.69
CA PHE A 790 -1.05 -12.44 -58.37
C PHE A 790 -0.23 -11.17 -58.18
N ARG A 791 0.59 -10.83 -59.19
CA ARG A 791 1.60 -9.78 -59.07
C ARG A 791 0.98 -8.41 -58.82
N SER A 792 -0.21 -8.18 -59.39
CA SER A 792 -0.90 -6.90 -59.27
C SER A 792 -1.35 -6.58 -57.85
N TYR A 793 -1.29 -7.52 -56.91
CA TYR A 793 -1.50 -7.17 -55.52
C TYR A 793 -0.20 -6.76 -54.83
N GLU A 794 0.77 -7.68 -54.76
CA GLU A 794 1.89 -7.42 -53.87
C GLU A 794 2.90 -6.46 -54.47
N PHE A 795 3.01 -6.38 -55.80
CA PHE A 795 3.91 -5.40 -56.40
C PHE A 795 3.41 -3.98 -56.17
N PHE A 796 2.12 -3.75 -56.43
CA PHE A 796 1.61 -2.41 -56.28
C PHE A 796 1.31 -2.04 -54.83
N GLU A 797 1.17 -3.03 -53.94
CA GLU A 797 1.13 -2.72 -52.52
C GLU A 797 2.53 -2.58 -51.94
N SER A 798 3.56 -3.06 -52.64
CA SER A 798 4.93 -2.78 -52.23
C SER A 798 5.39 -1.41 -52.72
N MET A 799 4.88 -0.96 -53.86
CA MET A 799 5.19 0.37 -54.35
C MET A 799 4.20 1.43 -53.88
N ALA A 800 3.08 1.04 -53.30
CA ALA A 800 2.14 2.01 -52.76
C ALA A 800 2.48 2.44 -51.34
N GLU A 801 3.00 1.52 -50.52
CA GLU A 801 3.52 1.89 -49.21
C GLU A 801 4.95 2.38 -49.26
N SER A 802 5.56 2.41 -50.43
CA SER A 802 6.93 2.89 -50.59
C SER A 802 7.02 4.39 -50.73
N GLN A 803 5.91 5.10 -50.59
CA GLN A 803 5.92 6.55 -50.68
C GLN A 803 6.23 7.21 -49.34
N ILE A 804 5.73 6.64 -48.24
CA ILE A 804 6.10 7.12 -46.90
C ILE A 804 7.49 6.60 -46.59
N CYS A 805 8.45 7.51 -46.41
CA CYS A 805 9.83 7.12 -46.14
C CYS A 805 10.24 7.34 -44.68
N LYS A 806 10.10 8.55 -44.17
CA LYS A 806 10.31 8.89 -42.77
C LYS A 806 9.61 10.21 -42.50
N PRO A 807 8.34 10.20 -42.15
CA PRO A 807 7.62 11.47 -41.98
C PRO A 807 8.04 12.22 -40.72
N ARG A 808 8.82 13.28 -40.93
CA ARG A 808 9.30 14.13 -39.87
C ARG A 808 8.96 15.57 -40.21
N LEU A 809 8.79 16.40 -39.18
CA LEU A 809 8.52 17.82 -39.36
C LEU A 809 8.87 18.55 -38.09
N LEU A 810 9.57 19.67 -38.23
CA LEU A 810 9.97 20.52 -37.10
C LEU A 810 9.58 21.95 -37.45
N ILE A 811 8.42 22.39 -36.97
CA ILE A 811 8.01 23.77 -37.12
C ILE A 811 8.76 24.60 -36.09
N ASN A 812 9.60 25.52 -36.56
CA ASN A 812 10.49 26.27 -35.67
C ASN A 812 10.45 27.74 -36.07
N GLY A 813 9.90 28.57 -35.21
CA GLY A 813 9.87 29.99 -35.42
C GLY A 813 10.35 30.75 -34.20
N PRO A 814 10.28 32.07 -34.23
CA PRO A 814 10.65 32.86 -33.06
C PRO A 814 9.60 32.74 -31.96
N LYS A 815 9.94 33.30 -30.80
CA LYS A 815 9.12 33.12 -29.61
C LYS A 815 7.83 33.91 -29.71
N GLY A 816 6.71 33.23 -29.49
CA GLY A 816 5.42 33.88 -29.54
C GLY A 816 4.83 34.02 -30.92
N ASN A 817 5.32 33.27 -31.90
CA ASN A 817 4.83 33.37 -33.27
C ASN A 817 3.72 32.37 -33.56
N GLY A 818 2.74 32.32 -32.66
CA GLY A 818 1.50 31.59 -32.88
C GLY A 818 1.64 30.10 -33.06
N GLN A 819 2.63 29.47 -32.43
CA GLN A 819 2.83 28.03 -32.59
C GLN A 819 1.74 27.21 -31.93
N GLN A 820 1.12 27.74 -30.87
CA GLN A 820 0.01 27.06 -30.22
C GLN A 820 -1.25 27.06 -31.10
N TYR A 821 -1.31 27.90 -32.11
CA TYR A 821 -2.39 27.87 -33.09
C TYR A 821 -2.05 26.98 -34.28
N VAL A 822 -0.78 26.99 -34.70
CA VAL A 822 -0.35 26.18 -35.83
C VAL A 822 -0.42 24.70 -35.48
N GLY A 823 -0.10 24.34 -34.24
CA GLY A 823 -0.20 22.95 -33.81
C GLY A 823 -1.63 22.46 -33.79
N ALA A 824 -2.55 23.27 -33.27
CA ALA A 824 -3.96 22.92 -33.25
C ALA A 824 -4.55 22.87 -34.66
N ALA A 825 -4.09 23.75 -35.56
CA ALA A 825 -4.61 23.73 -36.93
C ALA A 825 -4.10 22.54 -37.70
N ILE A 826 -2.85 22.13 -37.47
CA ILE A 826 -2.31 20.95 -38.13
C ILE A 826 -2.98 19.68 -37.60
N LEU A 827 -3.23 19.63 -36.29
CA LEU A 827 -3.95 18.48 -35.73
C LEU A 827 -5.41 18.45 -36.16
N ASN A 828 -6.00 19.61 -36.46
CA ASN A 828 -7.32 19.63 -37.07
C ASN A 828 -7.28 19.20 -38.53
N TYR A 829 -6.18 19.44 -39.22
CA TYR A 829 -6.04 18.95 -40.59
C TYR A 829 -5.88 17.44 -40.61
N LEU A 830 -5.21 16.87 -39.61
CA LEU A 830 -5.01 15.43 -39.52
C LEU A 830 -6.02 14.87 -38.51
N GLU A 831 -7.26 14.75 -38.97
CA GLU A 831 -8.32 14.17 -38.15
C GLU A 831 -8.37 12.66 -38.23
N GLU A 832 -7.95 12.08 -39.35
CA GLU A 832 -7.99 10.65 -39.55
C GLU A 832 -6.74 9.94 -39.03
N PHE A 833 -5.90 10.64 -38.29
CA PHE A 833 -4.69 10.08 -37.71
C PHE A 833 -4.92 9.79 -36.23
N ASN A 834 -3.99 9.02 -35.66
CA ASN A 834 -4.01 8.69 -34.24
C ASN A 834 -3.03 9.61 -33.53
N VAL A 835 -3.52 10.74 -33.04
CA VAL A 835 -2.66 11.73 -32.40
C VAL A 835 -2.31 11.23 -31.00
N GLN A 836 -1.01 11.05 -30.75
CA GLN A 836 -0.50 10.69 -29.44
C GLN A 836 0.34 11.86 -28.93
N ASN A 837 -0.13 12.51 -27.87
CA ASN A 837 0.46 13.75 -27.39
C ASN A 837 1.54 13.43 -26.36
N LEU A 838 2.78 13.79 -26.67
CA LEU A 838 3.89 13.68 -25.74
C LEU A 838 4.19 14.99 -25.03
N ASP A 839 3.15 15.78 -24.76
CA ASP A 839 3.27 17.02 -24.03
C ASP A 839 3.65 16.74 -22.58
N LEU A 840 4.21 17.75 -21.91
CA LEU A 840 4.66 17.64 -20.54
C LEU A 840 3.52 17.32 -19.59
N ALA A 841 2.42 18.08 -19.71
CA ALA A 841 1.28 17.90 -18.83
C ALA A 841 0.49 16.63 -19.16
N SER A 842 0.73 16.04 -20.33
CA SER A 842 0.09 14.77 -20.64
C SER A 842 0.85 13.59 -20.04
N LEU A 843 2.13 13.76 -19.71
CA LEU A 843 2.92 12.69 -19.12
C LEU A 843 3.03 12.82 -17.62
N VAL A 844 3.20 14.03 -17.08
CA VAL A 844 3.40 14.18 -15.64
C VAL A 844 2.09 14.21 -14.86
N SER A 845 0.94 14.13 -15.54
CA SER A 845 -0.33 14.18 -14.83
C SER A 845 -0.63 12.85 -14.14
N GLU A 846 -0.51 11.74 -14.86
CA GLU A 846 -0.75 10.43 -14.28
C GLU A 846 0.42 10.03 -13.41
N SER A 847 0.13 9.69 -12.15
CA SER A 847 1.14 9.21 -11.23
C SER A 847 1.29 7.69 -11.24
N SER A 848 0.41 6.98 -11.94
CA SER A 848 0.48 5.53 -12.00
C SER A 848 1.62 5.04 -12.90
N ARG A 849 2.07 5.87 -13.82
CA ARG A 849 3.14 5.50 -14.74
C ARG A 849 4.32 6.45 -14.59
N THR A 850 5.49 5.97 -15.02
CA THR A 850 6.68 6.77 -15.13
C THR A 850 6.62 7.54 -16.46
N ILE A 851 7.49 8.55 -16.60
CA ILE A 851 7.62 9.24 -17.89
C ILE A 851 8.11 8.29 -18.97
N GLU A 852 9.03 7.39 -18.59
CA GLU A 852 9.57 6.38 -19.50
C GLU A 852 8.47 5.49 -20.05
N ALA A 853 7.68 4.88 -19.16
CA ALA A 853 6.66 3.93 -19.57
C ALA A 853 5.51 4.62 -20.30
N ALA A 854 5.20 5.86 -19.94
CA ALA A 854 4.15 6.60 -20.63
C ALA A 854 4.56 6.95 -22.06
N VAL A 855 5.82 7.34 -22.25
CA VAL A 855 6.32 7.64 -23.59
C VAL A 855 6.35 6.38 -24.45
N VAL A 856 6.79 5.26 -23.87
CA VAL A 856 6.86 3.99 -24.61
C VAL A 856 5.46 3.49 -24.97
N GLN A 857 4.50 3.62 -24.05
CA GLN A 857 3.15 3.14 -24.33
C GLN A 857 2.43 4.04 -25.32
N SER A 858 2.71 5.36 -25.29
CA SER A 858 2.15 6.25 -26.31
C SER A 858 2.73 5.95 -27.69
N PHE A 859 4.03 5.65 -27.76
CA PHE A 859 4.63 5.26 -29.04
C PHE A 859 4.07 3.93 -29.52
N MET A 860 3.80 3.00 -28.61
CA MET A 860 3.29 1.71 -29.04
C MET A 860 1.85 1.79 -29.51
N GLU A 861 1.06 2.68 -28.90
CA GLU A 861 -0.28 2.92 -29.43
C GLU A 861 -0.22 3.69 -30.74
N ALA A 862 0.81 4.49 -30.96
CA ALA A 862 1.02 5.08 -32.27
C ALA A 862 1.47 4.06 -33.30
N LYS A 863 2.13 2.99 -32.88
CA LYS A 863 2.60 1.96 -33.79
C LYS A 863 1.54 0.94 -34.13
N LYS A 864 0.60 0.68 -33.22
CA LYS A 864 -0.46 -0.29 -33.51
C LYS A 864 -1.49 0.29 -34.48
N ARG A 865 -2.15 1.38 -34.11
CA ARG A 865 -2.98 2.13 -35.05
C ARG A 865 -2.06 2.92 -35.97
N GLN A 866 -1.96 2.50 -37.22
CA GLN A 866 -0.80 2.83 -38.04
C GLN A 866 -0.77 4.27 -38.57
N PRO A 867 -1.88 4.88 -39.10
CA PRO A 867 -1.79 6.32 -39.36
C PRO A 867 -1.82 7.10 -38.05
N SER A 868 -0.66 7.61 -37.63
CA SER A 868 -0.54 8.21 -36.31
C SER A 868 0.42 9.37 -36.36
N VAL A 869 0.28 10.27 -35.39
CA VAL A 869 1.10 11.46 -35.26
C VAL A 869 1.59 11.50 -33.82
N VAL A 870 2.90 11.40 -33.64
CA VAL A 870 3.52 11.67 -32.34
C VAL A 870 3.79 13.16 -32.28
N PHE A 871 3.06 13.85 -31.41
CA PHE A 871 3.02 15.31 -31.40
C PHE A 871 3.66 15.81 -30.12
N ILE A 872 4.74 16.58 -30.26
CA ILE A 872 5.43 17.15 -29.11
C ILE A 872 5.37 18.67 -29.19
N PRO A 873 4.38 19.31 -28.55
CA PRO A 873 4.40 20.77 -28.48
C PRO A 873 5.44 21.23 -27.48
N ASN A 874 6.01 22.41 -27.78
CA ASN A 874 7.04 23.08 -26.97
C ASN A 874 8.27 22.18 -26.79
N LEU A 875 8.94 21.92 -27.91
CA LEU A 875 10.09 21.04 -27.92
C LEU A 875 11.30 21.69 -27.24
N ASP A 876 11.39 23.02 -27.24
CA ASP A 876 12.51 23.69 -26.58
C ASP A 876 12.44 23.57 -25.07
N ILE A 877 11.25 23.40 -24.53
CA ILE A 877 11.09 23.06 -23.12
C ILE A 877 11.23 21.56 -22.92
N TRP A 878 10.74 20.79 -23.89
CA TRP A 878 10.72 19.33 -23.79
C TRP A 878 12.12 18.72 -23.87
N ILE A 879 13.10 19.47 -24.38
CA ILE A 879 14.47 18.99 -24.31
C ILE A 879 15.20 19.47 -23.06
N ASN A 880 14.49 20.12 -22.14
CA ASN A 880 15.10 20.58 -20.90
C ASN A 880 14.45 20.00 -19.65
N THR A 881 13.12 19.87 -19.62
CA THR A 881 12.45 19.31 -18.45
C THR A 881 12.05 17.86 -18.64
N ILE A 882 12.58 17.21 -19.65
CA ILE A 882 12.45 15.77 -19.87
C ILE A 882 13.85 15.18 -19.94
N PRO A 883 14.16 14.14 -19.15
CA PRO A 883 15.54 13.66 -19.07
C PRO A 883 16.00 13.01 -20.36
N GLU A 884 17.32 12.93 -20.50
CA GLU A 884 17.92 12.46 -21.76
C GLU A 884 17.73 10.97 -21.95
N ASN A 885 17.40 10.23 -20.88
CA ASN A 885 17.16 8.80 -20.99
C ASN A 885 15.95 8.50 -21.86
N VAL A 886 14.81 9.13 -21.56
CA VAL A 886 13.60 8.86 -22.32
C VAL A 886 13.64 9.52 -23.70
N ILE A 887 14.43 10.58 -23.88
CA ILE A 887 14.66 11.11 -25.23
C ILE A 887 15.44 10.11 -26.07
N LEU A 888 16.46 9.46 -25.49
CA LEU A 888 17.19 8.44 -26.23
C LEU A 888 16.36 7.18 -26.42
N VAL A 889 15.44 6.90 -25.50
CA VAL A 889 14.48 5.80 -25.67
C VAL A 889 13.57 6.07 -26.86
N LEU A 890 13.06 7.29 -26.98
CA LEU A 890 12.20 7.65 -28.10
C LEU A 890 12.98 7.65 -29.41
N SER A 891 14.25 8.04 -29.37
CA SER A 891 15.12 7.95 -30.53
C SER A 891 15.32 6.50 -30.98
N GLY A 892 15.56 5.60 -30.04
CA GLY A 892 15.72 4.20 -30.39
C GLY A 892 14.42 3.55 -30.82
N LEU A 893 13.28 4.06 -30.34
CA LEU A 893 12.00 3.54 -30.79
C LEU A 893 11.69 4.00 -32.21
N PHE A 894 12.04 5.24 -32.55
CA PHE A 894 11.83 5.72 -33.90
C PHE A 894 12.85 5.15 -34.87
N ARG A 895 14.03 4.76 -34.38
CA ARG A 895 15.04 4.16 -35.24
C ARG A 895 14.77 2.69 -35.55
N SER A 896 13.97 2.03 -34.73
CA SER A 896 13.59 0.63 -34.97
C SER A 896 12.35 0.50 -35.82
N LEU A 897 11.75 1.61 -36.24
CA LEU A 897 10.63 1.56 -37.16
C LEU A 897 11.12 1.24 -38.56
N GLN A 898 10.29 0.54 -39.32
CA GLN A 898 10.54 0.43 -40.75
C GLN A 898 10.27 1.77 -41.42
N SER A 899 10.82 1.94 -42.62
CA SER A 899 10.67 3.20 -43.34
C SER A 899 9.24 3.38 -43.83
N ASN A 900 8.56 2.28 -44.18
CA ASN A 900 7.22 2.37 -44.73
C ASN A 900 6.14 2.44 -43.66
N GLU A 901 6.47 2.89 -42.45
CA GLU A 901 5.51 3.02 -41.37
C GLU A 901 5.08 4.47 -41.24
N LYS A 902 3.78 4.68 -41.09
CA LYS A 902 3.18 6.01 -41.21
C LYS A 902 3.04 6.68 -39.85
N ILE A 903 4.16 6.83 -39.15
CA ILE A 903 4.19 7.52 -37.87
C ILE A 903 4.90 8.85 -38.09
N LEU A 904 4.11 9.92 -38.12
CA LEU A 904 4.67 11.25 -38.29
C LEU A 904 5.12 11.80 -36.94
N LEU A 905 6.33 12.32 -36.90
CA LEU A 905 6.87 12.97 -35.72
C LEU A 905 6.76 14.48 -35.93
N LEU A 906 5.72 15.07 -35.37
CA LEU A 906 5.48 16.50 -35.47
C LEU A 906 5.95 17.17 -34.18
N CYS A 907 6.90 18.08 -34.32
CA CYS A 907 7.41 18.84 -33.18
C CYS A 907 7.36 20.32 -33.51
N LEU A 908 6.91 21.11 -32.53
CA LEU A 908 6.80 22.55 -32.67
C LEU A 908 7.64 23.21 -31.59
N ALA A 909 8.62 24.00 -32.00
CA ALA A 909 9.59 24.58 -31.07
C ALA A 909 9.68 26.07 -31.30
N GLU A 910 9.95 26.79 -30.22
CA GLU A 910 10.09 28.24 -30.24
C GLU A 910 11.55 28.59 -29.97
N ASN A 911 12.21 29.16 -30.99
CA ASN A 911 13.59 29.65 -30.94
C ASN A 911 14.56 28.54 -30.58
N LEU A 912 14.43 27.40 -31.28
CA LEU A 912 15.34 26.29 -31.08
C LEU A 912 16.57 26.45 -31.96
N ASP A 913 17.73 26.15 -31.40
CA ASP A 913 18.96 26.19 -32.16
C ASP A 913 19.09 24.96 -33.04
N ILE A 914 19.64 25.15 -34.24
CA ILE A 914 19.81 24.05 -35.17
C ILE A 914 21.01 23.18 -34.78
N SER A 915 21.86 23.69 -33.88
CA SER A 915 23.00 22.91 -33.38
C SER A 915 22.52 21.75 -32.50
N GLU A 916 21.36 21.91 -31.86
CA GLU A 916 20.74 20.79 -31.16
C GLU A 916 20.09 19.80 -32.12
N VAL A 917 19.83 20.24 -33.36
CA VAL A 917 19.15 19.40 -34.33
C VAL A 917 20.14 18.54 -35.12
N LYS A 918 21.32 19.07 -35.43
CA LYS A 918 22.31 18.30 -36.16
C LYS A 918 23.42 17.72 -35.30
N ASN A 919 23.64 18.25 -34.10
CA ASN A 919 24.68 17.76 -33.21
C ASN A 919 24.21 17.40 -31.82
N GLY A 920 23.04 17.87 -31.39
CA GLY A 920 22.59 17.71 -30.02
C GLY A 920 21.84 16.41 -29.77
N ILE A 921 20.88 16.47 -28.86
CA ILE A 921 20.16 15.28 -28.44
C ILE A 921 19.13 14.84 -29.48
N LEU A 922 18.66 15.76 -30.31
CA LEU A 922 17.71 15.44 -31.37
C LEU A 922 18.40 15.12 -32.69
N SER A 923 19.69 14.77 -32.66
CA SER A 923 20.41 14.48 -33.89
C SER A 923 20.03 13.13 -34.49
N ASP A 924 19.50 12.22 -33.67
CA ASP A 924 19.11 10.89 -34.13
C ASP A 924 17.61 10.78 -34.38
N PHE A 925 16.99 11.88 -34.81
CA PHE A 925 15.58 11.91 -35.18
C PHE A 925 15.34 12.21 -36.64
N ALA A 926 16.40 12.54 -37.40
CA ALA A 926 16.37 12.86 -38.84
C ALA A 926 15.49 14.07 -39.14
N PHE A 927 15.75 15.15 -38.41
CA PHE A 927 15.22 16.47 -38.76
C PHE A 927 16.24 17.26 -39.58
N ASP A 928 16.77 16.67 -40.65
CA ASP A 928 17.85 17.33 -41.37
C ASP A 928 17.35 18.19 -42.53
N LYS A 929 16.35 17.72 -43.28
CA LYS A 929 15.77 18.48 -44.38
C LYS A 929 14.36 18.96 -44.08
N ASN A 930 13.72 18.41 -43.04
CA ASN A 930 12.31 18.64 -42.77
C ASN A 930 12.06 19.70 -41.71
N ILE A 931 12.88 20.74 -41.68
CA ILE A 931 12.69 21.87 -40.78
C ILE A 931 11.95 22.97 -41.53
N PHE A 932 10.74 23.26 -41.09
CA PHE A 932 9.95 24.37 -41.62
C PHE A 932 10.10 25.55 -40.68
N GLN A 933 10.28 26.74 -41.25
CA GLN A 933 10.54 27.95 -40.47
C GLN A 933 9.31 28.85 -40.53
N LEU A 934 8.60 28.94 -39.41
CA LEU A 934 7.57 29.97 -39.26
C LEU A 934 8.25 31.32 -39.14
N HIS A 935 7.94 32.24 -40.05
CA HIS A 935 8.48 33.57 -39.99
C HIS A 935 7.42 34.55 -39.50
N LYS A 936 7.87 35.74 -39.14
CA LYS A 936 6.97 36.79 -38.71
C LYS A 936 6.12 37.25 -39.89
N PRO A 937 4.86 37.62 -39.65
CA PRO A 937 3.96 37.94 -40.76
C PRO A 937 4.35 39.22 -41.49
N SER A 938 4.01 39.25 -42.77
CA SER A 938 4.41 40.32 -43.67
C SER A 938 3.56 41.56 -43.43
N LYS A 939 3.87 42.63 -44.17
CA LYS A 939 3.11 43.88 -44.04
C LYS A 939 1.72 43.76 -44.63
N GLU A 940 1.57 42.99 -45.72
CA GLU A 940 0.26 42.79 -46.31
C GLU A 940 -0.64 41.92 -45.44
N ASN A 941 -0.07 41.14 -44.53
CA ASN A 941 -0.85 40.36 -43.58
C ASN A 941 -1.22 41.17 -42.34
N ILE A 942 -0.32 42.04 -41.89
CA ILE A 942 -0.61 42.95 -40.78
C ILE A 942 -1.68 43.95 -41.20
N THR A 943 -1.66 44.37 -42.48
CA THR A 943 -2.66 45.31 -42.98
C THR A 943 -4.05 44.69 -43.02
N ARG A 944 -4.15 43.39 -43.26
CA ARG A 944 -5.44 42.72 -43.22
C ARG A 944 -5.84 42.31 -41.80
N TYR A 945 -4.86 42.08 -40.92
CA TYR A 945 -5.17 41.78 -39.53
C TYR A 945 -5.72 43.01 -38.82
N PHE A 946 -5.16 44.18 -39.09
CA PHE A 946 -5.67 45.44 -38.56
C PHE A 946 -6.73 46.03 -39.48
N SER A 947 -7.70 45.20 -39.85
CA SER A 947 -8.84 45.61 -40.66
C SER A 947 -10.11 44.98 -40.12
N ASN A 948 -10.14 44.75 -38.82
CA ASN A 948 -11.38 44.64 -38.05
C ASN A 948 -11.47 45.72 -36.99
N LEU A 949 -10.34 46.30 -36.59
CA LEU A 949 -10.36 47.48 -35.74
C LEU A 949 -10.90 48.69 -36.49
N ILE A 950 -10.55 48.81 -37.76
CA ILE A 950 -11.06 49.90 -38.58
C ILE A 950 -12.55 49.75 -38.81
N GLU A 951 -13.00 48.53 -39.09
CA GLU A 951 -14.42 48.22 -39.20
C GLU A 951 -15.13 48.14 -37.87
N LEU A 952 -14.42 48.29 -36.75
CA LEU A 952 -15.03 48.62 -35.48
C LEU A 952 -14.94 50.11 -35.17
N LEU A 953 -14.00 50.82 -35.78
CA LEU A 953 -13.96 52.27 -35.68
C LEU A 953 -15.04 52.94 -36.52
N LYS A 954 -15.54 52.25 -37.55
CA LYS A 954 -16.46 52.84 -38.50
C LYS A 954 -17.89 52.35 -38.34
N THR A 955 -18.19 51.59 -37.29
CA THR A 955 -19.57 51.21 -37.03
C THR A 955 -20.21 52.26 -36.12
N LYS A 956 -21.33 52.80 -36.57
CA LYS A 956 -22.05 53.80 -35.79
C LYS A 956 -22.74 53.12 -34.61
N PRO A 957 -22.95 53.84 -33.50
CA PRO A 957 -23.50 53.20 -32.29
C PRO A 957 -24.95 52.70 -32.39
N SER A 958 -25.62 52.85 -33.53
CA SER A 958 -26.93 52.25 -33.71
C SER A 958 -26.86 50.77 -34.09
N ASP A 959 -25.67 50.27 -34.44
CA ASP A 959 -25.49 48.87 -34.79
C ASP A 959 -24.80 48.06 -33.70
N ILE A 960 -24.17 48.71 -32.72
CA ILE A 960 -23.58 48.02 -31.59
C ILE A 960 -24.71 47.48 -30.73
N PRO A 961 -24.78 46.16 -30.53
CA PRO A 961 -25.93 45.57 -29.80
C PRO A 961 -25.87 45.83 -28.29
N MET A 962 -26.26 47.04 -27.92
CA MET A 962 -26.39 47.42 -26.52
C MET A 962 -27.74 46.95 -25.98
N LYS A 963 -27.99 47.28 -24.72
CA LYS A 963 -29.25 46.95 -24.06
C LYS A 963 -30.01 48.25 -23.79
N LYS A 964 -31.25 48.31 -24.28
CA LYS A 964 -32.13 49.41 -23.94
C LYS A 964 -33.38 48.86 -23.25
N ARG A 965 -33.76 49.51 -22.16
CA ARG A 965 -34.92 49.07 -21.39
C ARG A 965 -36.21 49.30 -22.16
N ARG A 966 -37.14 48.37 -22.00
CA ARG A 966 -38.45 48.50 -22.66
C ARG A 966 -39.29 49.56 -21.96
N VAL A 967 -39.93 50.41 -22.77
CA VAL A 967 -40.75 51.48 -22.19
C VAL A 967 -42.06 50.91 -21.65
N LYS A 968 -42.60 49.87 -22.29
CA LYS A 968 -43.80 49.21 -21.80
C LYS A 968 -43.42 47.96 -21.01
N PRO A 969 -44.17 47.59 -19.98
CA PRO A 969 -43.84 46.37 -19.21
C PRO A 969 -44.16 45.09 -19.98
N LEU A 970 -43.79 43.96 -19.42
CA LEU A 970 -44.05 42.68 -20.06
C LEU A 970 -45.53 42.34 -19.96
N PRO A 971 -46.20 42.02 -21.06
CA PRO A 971 -47.62 41.66 -21.01
C PRO A 971 -47.84 40.32 -20.31
N GLU A 972 -49.10 40.04 -20.00
CA GLU A 972 -49.49 38.89 -19.19
C GLU A 972 -50.66 38.18 -19.85
N LEU A 973 -50.65 36.85 -19.78
CA LEU A 973 -51.60 36.02 -20.50
C LEU A 973 -52.86 35.78 -19.66
N GLN A 974 -53.70 34.85 -20.11
CA GLN A 974 -54.99 34.62 -19.49
C GLN A 974 -54.89 33.56 -18.38
N LYS A 975 -55.86 33.60 -17.47
CA LYS A 975 -55.77 32.88 -16.19
C LYS A 975 -56.56 31.57 -16.25
N VAL A 976 -56.27 30.75 -17.25
CA VAL A 976 -56.73 29.36 -17.28
C VAL A 976 -55.54 28.45 -17.58
N LYS A 1355 -28.14 59.78 -37.69
CA LYS A 1355 -26.92 60.56 -37.73
C LYS A 1355 -25.82 59.82 -38.49
N GLU A 1356 -24.76 60.54 -38.83
CA GLU A 1356 -23.58 59.96 -39.46
C GLU A 1356 -22.37 60.24 -38.60
N LEU A 1357 -21.49 59.25 -38.46
CA LEU A 1357 -20.34 59.38 -37.59
C LEU A 1357 -19.27 60.24 -38.25
N ILE A 1358 -18.65 61.10 -37.45
CA ILE A 1358 -17.68 62.08 -37.94
C ILE A 1358 -16.32 61.39 -37.99
N LEU A 1359 -15.93 60.93 -39.17
CA LEU A 1359 -14.67 60.23 -39.35
C LEU A 1359 -14.23 60.42 -40.80
N THR A 1360 -13.26 61.30 -41.01
CA THR A 1360 -12.71 61.50 -42.34
C THR A 1360 -11.84 60.31 -42.73
N PRO A 1361 -11.73 60.01 -44.03
CA PRO A 1361 -10.81 58.94 -44.46
C PRO A 1361 -9.35 59.26 -44.25
N GLU A 1362 -8.98 60.53 -44.08
CA GLU A 1362 -7.60 60.87 -43.71
C GLU A 1362 -7.28 60.37 -42.32
N GLN A 1363 -8.26 60.43 -41.40
CA GLN A 1363 -8.06 59.90 -40.06
C GLN A 1363 -7.90 58.38 -40.07
N ILE A 1364 -8.68 57.69 -40.90
CA ILE A 1364 -8.59 56.25 -41.04
C ILE A 1364 -7.24 55.86 -41.64
N LYS A 1365 -6.79 56.61 -42.65
CA LYS A 1365 -5.50 56.35 -43.27
C LYS A 1365 -4.35 56.60 -42.30
N LYS A 1366 -4.48 57.63 -41.46
CA LYS A 1366 -3.40 57.93 -40.51
C LYS A 1366 -3.37 56.93 -39.37
N VAL A 1367 -4.54 56.43 -38.94
CA VAL A 1367 -4.61 55.37 -37.94
C VAL A 1367 -3.98 54.08 -38.47
N SER A 1368 -4.30 53.70 -39.70
CA SER A 1368 -3.73 52.50 -40.29
C SER A 1368 -2.23 52.64 -40.53
N ALA A 1369 -1.78 53.84 -40.92
CA ALA A 1369 -0.36 54.06 -41.17
C ALA A 1369 0.46 54.00 -39.89
N CYS A 1370 -0.01 54.63 -38.81
CA CYS A 1370 0.71 54.57 -37.55
C CYS A 1370 0.61 53.17 -36.92
N LEU A 1371 -0.51 52.48 -37.14
CA LEU A 1371 -0.69 51.14 -36.61
C LEU A 1371 0.17 50.11 -37.33
N ILE A 1372 0.52 50.34 -38.59
CA ILE A 1372 1.46 49.45 -39.27
C ILE A 1372 2.91 49.87 -39.01
N GLU A 1373 3.17 51.18 -38.89
CA GLU A 1373 4.52 51.66 -38.59
C GLU A 1373 4.98 51.26 -37.20
N HIS A 1374 4.05 51.14 -36.24
CA HIS A 1374 4.43 50.64 -34.92
C HIS A 1374 4.77 49.15 -34.98
N CYS A 1375 3.95 48.37 -35.70
CA CYS A 1375 4.14 46.91 -35.76
C CYS A 1375 5.10 46.57 -36.90
N GLN A 1376 6.35 46.94 -36.70
CA GLN A 1376 7.42 46.68 -37.67
C GLN A 1376 8.29 45.55 -37.12
N ASN A 1377 8.37 44.46 -37.88
CA ASN A 1377 9.09 43.23 -37.52
C ASN A 1377 8.60 42.68 -36.17
N PHE A 1378 7.29 42.55 -36.04
CA PHE A 1378 6.68 42.05 -34.82
C PHE A 1378 6.24 40.60 -35.02
N THR A 1379 5.99 39.94 -33.89
CA THR A 1379 5.48 38.57 -33.88
C THR A 1379 3.97 38.59 -33.70
N VAL A 1380 3.38 37.40 -33.63
CA VAL A 1380 1.93 37.28 -33.51
C VAL A 1380 1.46 37.69 -32.12
N SER A 1381 2.27 37.41 -31.09
CA SER A 1381 1.89 37.79 -29.73
C SER A 1381 1.94 39.30 -29.53
N GLN A 1382 2.95 39.95 -30.10
CA GLN A 1382 3.04 41.40 -30.00
C GLN A 1382 1.96 42.09 -30.83
N LEU A 1383 1.61 41.50 -31.98
CA LEU A 1383 0.51 42.02 -32.79
C LEU A 1383 -0.83 41.86 -32.08
N GLU A 1384 -1.02 40.76 -31.35
CA GLU A 1384 -2.24 40.59 -30.59
C GLU A 1384 -2.28 41.53 -29.39
N ASP A 1385 -1.12 41.86 -28.82
CA ASP A 1385 -1.07 42.86 -27.76
C ASP A 1385 -1.48 44.24 -28.26
N VAL A 1386 -0.97 44.63 -29.44
CA VAL A 1386 -1.35 45.91 -30.03
C VAL A 1386 -2.83 45.91 -30.43
N HIS A 1387 -3.32 44.78 -30.93
CA HIS A 1387 -4.73 44.64 -31.31
C HIS A 1387 -5.65 44.76 -30.10
N SER A 1388 -5.29 44.13 -28.99
CA SER A 1388 -6.09 44.22 -27.78
C SER A 1388 -6.06 45.63 -27.19
N SER A 1389 -4.88 46.26 -27.17
CA SER A 1389 -4.75 47.58 -26.59
C SER A 1389 -5.43 48.66 -27.43
N VAL A 1390 -5.59 48.42 -28.73
CA VAL A 1390 -6.35 49.34 -29.55
C VAL A 1390 -7.85 49.04 -29.48
N ALA A 1391 -8.23 47.76 -29.37
CA ALA A 1391 -9.64 47.40 -29.26
C ALA A 1391 -10.26 47.88 -27.96
N LYS A 1392 -9.47 47.96 -26.88
CA LYS A 1392 -10.00 48.54 -25.64
C LYS A 1392 -10.29 50.03 -25.80
N ILE A 1393 -9.43 50.74 -26.53
CA ILE A 1393 -9.64 52.17 -26.77
C ILE A 1393 -10.86 52.39 -27.66
N ILE A 1394 -11.05 51.51 -28.65
CA ILE A 1394 -12.19 51.66 -29.57
C ILE A 1394 -13.49 51.33 -28.86
N TRP A 1395 -13.53 50.20 -28.14
CA TRP A 1395 -14.75 49.76 -27.49
C TRP A 1395 -15.08 50.58 -26.25
N LYS A 1396 -14.11 51.30 -25.69
CA LYS A 1396 -14.41 52.23 -24.60
C LYS A 1396 -15.29 53.38 -25.08
N SER A 1397 -14.93 54.00 -26.19
CA SER A 1397 -15.74 55.04 -26.80
C SER A 1397 -16.57 54.46 -27.95
N LYS A 1398 -17.52 53.62 -27.57
CA LYS A 1398 -18.36 52.95 -28.56
C LYS A 1398 -19.73 53.62 -28.74
N SER A 1399 -20.10 54.54 -27.86
CA SER A 1399 -21.33 55.31 -28.01
C SER A 1399 -21.10 56.72 -28.50
N ALA A 1400 -19.84 57.12 -28.68
CA ALA A 1400 -19.53 58.43 -29.22
C ALA A 1400 -19.83 58.48 -30.70
N TRP A 1401 -20.23 59.66 -31.18
CA TRP A 1401 -20.50 59.87 -32.59
C TRP A 1401 -19.42 60.68 -33.29
N ASP A 1402 -18.51 61.29 -32.55
CA ASP A 1402 -17.35 61.99 -33.11
C ASP A 1402 -16.12 61.21 -32.66
N LYS A 1403 -15.47 60.52 -33.60
CA LYS A 1403 -14.36 59.64 -33.27
C LYS A 1403 -13.01 60.34 -33.33
N THR A 1404 -12.98 61.66 -33.16
CA THR A 1404 -11.70 62.37 -33.20
C THR A 1404 -10.89 62.11 -31.94
N GLY A 1405 -11.57 62.01 -30.79
CA GLY A 1405 -10.88 61.66 -29.56
C GLY A 1405 -10.35 60.24 -29.56
N THR A 1406 -11.11 59.31 -30.15
CA THR A 1406 -10.67 57.92 -30.22
C THR A 1406 -9.48 57.76 -31.16
N VAL A 1407 -9.52 58.44 -32.30
CA VAL A 1407 -8.40 58.42 -33.24
C VAL A 1407 -7.16 59.06 -32.62
N ASP A 1408 -7.34 60.17 -31.89
CA ASP A 1408 -6.22 60.82 -31.23
C ASP A 1408 -5.64 59.97 -30.11
N GLU A 1409 -6.49 59.24 -29.37
CA GLU A 1409 -5.99 58.35 -28.34
C GLU A 1409 -5.29 57.13 -28.93
N ILE A 1410 -5.74 56.66 -30.10
CA ILE A 1410 -5.07 55.54 -30.77
C ILE A 1410 -3.69 55.95 -31.23
N ILE A 1411 -3.56 57.14 -31.83
CA ILE A 1411 -2.25 57.62 -32.24
C ILE A 1411 -1.38 57.95 -31.04
N LYS A 1412 -1.98 58.39 -29.93
CA LYS A 1412 -1.22 58.69 -28.73
C LYS A 1412 -0.70 57.44 -28.05
N PHE A 1413 -1.43 56.32 -28.16
CA PHE A 1413 -0.91 55.08 -27.59
C PHE A 1413 0.22 54.51 -28.43
N LEU A 1414 0.09 54.55 -29.76
CA LEU A 1414 1.10 54.00 -30.65
C LEU A 1414 2.21 55.00 -30.97
N SER A 1415 2.79 55.60 -29.94
CA SER A 1415 3.86 56.56 -30.10
C SER A 1415 4.85 56.46 -28.96
N VAL B 443 -18.04 -25.45 -22.31
CA VAL B 443 -16.86 -25.22 -23.05
C VAL B 443 -16.07 -26.48 -22.97
N ASP B 444 -16.65 -27.59 -23.40
CA ASP B 444 -15.87 -28.85 -23.42
C ASP B 444 -16.21 -29.75 -24.57
N MET B 445 -15.95 -29.21 -25.70
CA MET B 445 -16.43 -29.77 -26.91
C MET B 445 -15.78 -30.94 -27.48
N ASN B 446 -16.24 -31.26 -28.65
CA ASN B 446 -15.65 -32.28 -29.39
C ASN B 446 -14.45 -31.70 -30.14
N VAL B 447 -13.30 -31.55 -29.46
CA VAL B 447 -12.05 -31.13 -30.07
C VAL B 447 -11.13 -32.22 -29.63
N ASN B 448 -10.43 -32.89 -30.50
CA ASN B 448 -9.60 -33.95 -30.05
C ASN B 448 -8.15 -33.69 -30.27
N PHE B 449 -7.41 -34.73 -30.57
CA PHE B 449 -5.97 -34.53 -30.76
C PHE B 449 -5.60 -34.27 -32.21
N ASP B 450 -6.50 -34.51 -33.16
CA ASP B 450 -6.28 -34.10 -34.53
C ASP B 450 -6.64 -32.64 -34.78
N ASP B 451 -7.18 -31.96 -33.76
CA ASP B 451 -7.46 -30.53 -33.85
C ASP B 451 -6.24 -29.70 -33.50
N ILE B 452 -5.36 -30.22 -32.65
CA ILE B 452 -4.13 -29.53 -32.27
C ILE B 452 -3.06 -29.83 -33.30
N GLY B 453 -2.28 -28.81 -33.64
CA GLY B 453 -1.21 -28.98 -34.60
C GLY B 453 0.11 -28.40 -34.14
N GLY B 454 1.15 -29.22 -34.14
CA GLY B 454 2.48 -28.75 -33.83
C GLY B 454 2.93 -28.96 -32.40
N LEU B 455 2.16 -29.69 -31.61
CA LEU B 455 2.53 -30.02 -30.25
C LEU B 455 2.55 -31.53 -30.06
N ASP B 456 3.13 -32.23 -31.03
CA ASP B 456 3.08 -33.69 -31.08
C ASP B 456 3.98 -34.36 -30.05
N ASN B 457 4.86 -33.62 -29.40
CA ASN B 457 5.70 -34.18 -28.36
C ASN B 457 5.00 -34.22 -27.00
N TYR B 458 4.19 -33.22 -26.69
CA TYR B 458 3.48 -33.21 -25.41
C TYR B 458 2.22 -34.08 -25.45
N ILE B 459 1.69 -34.36 -26.64
CA ILE B 459 0.58 -35.28 -26.79
C ILE B 459 1.00 -36.69 -26.37
N ASP B 460 2.23 -37.07 -26.71
CA ASP B 460 2.75 -38.38 -26.33
C ASP B 460 2.91 -38.50 -24.82
N GLN B 461 3.39 -37.43 -24.16
CA GLN B 461 3.56 -37.49 -22.72
C GLN B 461 2.22 -37.43 -21.99
N LEU B 462 1.24 -36.70 -22.53
CA LEU B 462 -0.07 -36.67 -21.90
C LEU B 462 -0.82 -37.98 -22.12
N LYS B 463 -0.55 -38.69 -23.21
CA LYS B 463 -1.04 -40.06 -23.34
C LYS B 463 -0.31 -40.99 -22.39
N GLU B 464 0.97 -40.70 -22.14
CA GLU B 464 1.81 -41.49 -21.26
C GLU B 464 1.37 -41.37 -19.80
N MET B 465 0.73 -40.27 -19.42
CA MET B 465 0.36 -40.08 -18.03
C MET B 465 -1.14 -40.02 -17.74
N VAL B 466 -2.01 -40.15 -18.75
CA VAL B 466 -3.45 -40.13 -18.54
C VAL B 466 -4.11 -41.40 -19.10
N ALA B 467 -3.86 -41.71 -20.37
CA ALA B 467 -4.54 -42.81 -21.02
C ALA B 467 -3.86 -44.14 -20.74
N LEU B 468 -2.56 -44.22 -20.91
CA LEU B 468 -1.79 -45.45 -20.76
C LEU B 468 -1.75 -46.07 -19.36
N PRO B 469 -1.85 -45.31 -18.25
CA PRO B 469 -2.09 -46.00 -16.97
C PRO B 469 -3.44 -46.69 -16.88
N LEU B 470 -4.47 -46.20 -17.56
CA LEU B 470 -5.78 -46.84 -17.48
C LEU B 470 -5.79 -48.16 -18.25
N LEU B 471 -5.18 -48.19 -19.43
CA LEU B 471 -5.19 -49.40 -20.23
C LEU B 471 -4.19 -50.42 -19.70
N TYR B 472 -3.00 -49.97 -19.29
CA TYR B 472 -1.92 -50.85 -18.86
C TYR B 472 -1.52 -50.50 -17.42
N PRO B 473 -2.21 -51.05 -16.43
CA PRO B 473 -1.76 -50.88 -15.05
C PRO B 473 -0.70 -51.90 -14.63
N GLU B 474 -0.45 -52.91 -15.45
CA GLU B 474 0.53 -53.93 -15.11
C GLU B 474 1.96 -53.49 -15.38
N LEU B 475 2.17 -52.52 -16.26
CA LEU B 475 3.51 -52.02 -16.53
C LEU B 475 3.93 -50.98 -15.50
N TYR B 476 2.98 -50.16 -15.06
CA TYR B 476 3.28 -49.17 -14.03
C TYR B 476 3.47 -49.81 -12.68
N GLN B 477 2.77 -50.91 -12.40
CA GLN B 477 2.96 -51.65 -11.16
C GLN B 477 4.11 -52.63 -11.24
N ASN B 478 4.71 -52.81 -12.41
CA ASN B 478 5.88 -53.68 -12.54
C ASN B 478 7.11 -53.06 -11.89
N PHE B 479 7.22 -51.73 -11.92
CA PHE B 479 8.35 -51.03 -11.34
C PHE B 479 8.03 -50.37 -10.02
N ASN B 480 6.80 -50.51 -9.53
CA ASN B 480 6.24 -49.79 -8.38
C ASN B 480 6.43 -48.28 -8.54
N ILE B 481 5.86 -47.76 -9.62
CA ILE B 481 5.87 -46.33 -9.90
C ILE B 481 4.44 -45.85 -10.05
N THR B 482 4.17 -44.70 -9.48
CA THR B 482 2.93 -44.01 -9.81
C THR B 482 3.12 -43.25 -11.11
N PRO B 483 2.07 -43.07 -11.90
CA PRO B 483 2.18 -42.21 -13.06
C PRO B 483 2.39 -40.77 -12.65
N PRO B 484 3.08 -39.98 -13.44
CA PRO B 484 3.18 -38.55 -13.18
C PRO B 484 1.80 -37.91 -13.34
N ARG B 485 1.46 -37.04 -12.39
CA ARG B 485 0.10 -36.49 -12.31
C ARG B 485 0.20 -35.01 -12.03
N GLY B 486 -0.15 -34.18 -13.00
CA GLY B 486 -0.17 -32.75 -12.81
C GLY B 486 0.86 -32.03 -13.65
N VAL B 487 0.42 -31.31 -14.68
CA VAL B 487 1.31 -30.58 -15.56
C VAL B 487 0.95 -29.10 -15.48
N LEU B 488 1.98 -28.25 -15.47
CA LEU B 488 1.81 -26.81 -15.58
C LEU B 488 2.10 -26.41 -17.02
N PHE B 489 1.05 -26.06 -17.77
CA PHE B 489 1.20 -25.53 -19.10
C PHE B 489 1.57 -24.05 -19.01
N HIS B 490 2.59 -23.64 -19.74
CA HIS B 490 2.96 -22.24 -19.74
C HIS B 490 3.53 -21.87 -21.10
N GLY B 491 3.26 -20.64 -21.52
CA GLY B 491 3.73 -20.15 -22.79
C GLY B 491 3.16 -18.78 -23.08
N PRO B 492 3.38 -18.28 -24.29
CA PRO B 492 2.75 -17.03 -24.71
C PRO B 492 1.25 -17.21 -24.84
N PRO B 493 0.48 -16.13 -24.73
CA PRO B 493 -0.97 -16.25 -24.84
C PRO B 493 -1.40 -16.49 -26.27
N GLY B 494 -2.30 -17.45 -26.46
CA GLY B 494 -2.76 -17.81 -27.79
C GLY B 494 -1.91 -18.91 -28.38
N THR B 495 -1.73 -19.99 -27.63
CA THR B 495 -0.81 -21.05 -28.02
C THR B 495 -1.41 -22.44 -27.98
N GLY B 496 -2.44 -22.68 -27.17
CA GLY B 496 -3.10 -23.97 -27.21
C GLY B 496 -3.17 -24.73 -25.90
N LYS B 497 -3.13 -24.01 -24.78
CA LYS B 497 -3.14 -24.67 -23.47
C LYS B 497 -4.53 -25.21 -23.14
N THR B 498 -5.55 -24.35 -23.21
CA THR B 498 -6.93 -24.78 -22.95
C THR B 498 -7.40 -25.77 -24.00
N LEU B 499 -6.95 -25.61 -25.24
CA LEU B 499 -7.26 -26.58 -26.29
C LEU B 499 -6.67 -27.94 -25.98
N MET B 500 -5.44 -27.96 -25.46
CA MET B 500 -4.80 -29.23 -25.10
C MET B 500 -5.49 -29.88 -23.91
N ALA B 501 -5.96 -29.07 -22.95
CA ALA B 501 -6.69 -29.64 -21.82
C ALA B 501 -8.02 -30.23 -22.24
N ARG B 502 -8.77 -29.52 -23.10
CA ARG B 502 -10.06 -30.04 -23.55
C ARG B 502 -9.89 -31.25 -24.46
N ALA B 503 -8.84 -31.27 -25.28
CA ALA B 503 -8.62 -32.42 -26.14
C ALA B 503 -8.09 -33.61 -25.37
N LEU B 504 -7.39 -33.37 -24.25
CA LEU B 504 -7.01 -34.47 -23.38
C LEU B 504 -8.22 -35.04 -22.66
N ALA B 505 -9.17 -34.18 -22.29
CA ALA B 505 -10.38 -34.65 -21.64
C ALA B 505 -11.28 -35.42 -22.60
N ALA B 506 -11.30 -35.03 -23.88
CA ALA B 506 -12.22 -35.66 -24.82
C ALA B 506 -11.60 -36.80 -25.61
N SER B 507 -10.27 -36.83 -25.76
CA SER B 507 -9.65 -37.79 -26.66
C SER B 507 -9.38 -39.11 -25.96
N CYS B 508 -9.00 -39.06 -24.69
CA CYS B 508 -8.76 -40.28 -23.92
C CYS B 508 -10.04 -40.90 -23.39
N SER B 509 -11.20 -40.27 -23.64
CA SER B 509 -12.50 -40.76 -23.18
C SER B 509 -13.33 -41.31 -24.33
N SER B 510 -12.71 -41.63 -25.47
CA SER B 510 -13.45 -42.20 -26.60
C SER B 510 -13.88 -43.64 -26.35
N ASP B 511 -13.24 -44.33 -25.41
CA ASP B 511 -13.62 -45.68 -25.05
C ASP B 511 -14.69 -45.59 -23.96
N GLU B 512 -15.07 -46.70 -23.36
CA GLU B 512 -16.02 -46.65 -22.24
C GLU B 512 -15.33 -46.53 -20.90
N ARG B 513 -14.34 -45.63 -20.84
CA ARG B 513 -13.57 -45.31 -19.64
C ARG B 513 -13.64 -43.79 -19.55
N LYS B 514 -14.69 -43.27 -18.93
CA LYS B 514 -14.99 -41.85 -19.00
C LYS B 514 -14.06 -41.06 -18.09
N ILE B 515 -13.70 -39.87 -18.54
CA ILE B 515 -12.86 -38.95 -17.79
C ILE B 515 -13.64 -37.65 -17.62
N THR B 516 -14.10 -37.41 -16.40
CA THR B 516 -14.79 -36.16 -16.10
C THR B 516 -13.80 -35.01 -16.13
N PHE B 517 -14.28 -33.84 -16.54
CA PHE B 517 -13.42 -32.67 -16.74
C PHE B 517 -13.93 -31.54 -15.86
N PHE B 518 -13.42 -31.47 -14.65
CA PHE B 518 -13.69 -30.32 -13.79
C PHE B 518 -12.78 -29.17 -14.20
N MET B 519 -13.36 -28.00 -14.40
CA MET B 519 -12.63 -26.84 -14.87
C MET B 519 -12.90 -25.66 -13.95
N ARG B 520 -11.85 -24.94 -13.57
CA ARG B 520 -11.96 -23.79 -12.70
C ARG B 520 -11.27 -22.61 -13.34
N LYS B 521 -11.99 -21.50 -13.46
CA LYS B 521 -11.38 -20.25 -13.89
C LYS B 521 -10.48 -19.71 -12.78
N GLY B 522 -9.67 -18.71 -13.14
CA GLY B 522 -8.58 -18.34 -12.26
C GLY B 522 -8.97 -17.52 -11.06
N ALA B 523 -9.02 -18.19 -9.91
CA ALA B 523 -9.48 -17.63 -8.63
C ALA B 523 -10.87 -17.03 -8.76
N ASP B 524 -11.81 -17.83 -9.27
CA ASP B 524 -13.23 -17.54 -9.13
C ASP B 524 -13.83 -18.18 -7.90
N ILE B 525 -13.01 -18.89 -7.12
CA ILE B 525 -13.50 -19.77 -6.07
C ILE B 525 -13.59 -19.10 -4.71
N LEU B 526 -13.04 -17.90 -4.56
CA LEU B 526 -12.97 -17.23 -3.26
C LEU B 526 -14.03 -16.15 -3.15
N SER B 527 -14.61 -16.03 -1.95
CA SER B 527 -15.71 -15.13 -1.64
C SER B 527 -15.27 -14.10 -0.60
N LYS B 528 -16.22 -13.26 -0.17
CA LYS B 528 -15.90 -12.16 0.74
C LYS B 528 -15.66 -12.61 2.16
N TRP B 529 -16.14 -13.79 2.54
CA TRP B 529 -15.87 -14.35 3.85
C TRP B 529 -14.62 -15.23 3.80
N VAL B 530 -14.27 -15.81 4.93
CA VAL B 530 -13.06 -16.64 4.99
C VAL B 530 -13.32 -18.09 4.62
N GLY B 531 -14.57 -18.48 4.43
CA GLY B 531 -14.92 -19.89 4.42
C GLY B 531 -14.86 -20.65 3.12
N GLU B 532 -15.58 -20.20 2.10
CA GLU B 532 -15.87 -21.02 0.93
C GLU B 532 -14.67 -21.21 0.02
N ALA B 533 -13.59 -20.43 0.20
CA ALA B 533 -12.44 -20.51 -0.68
C ALA B 533 -11.71 -21.84 -0.52
N GLU B 534 -11.56 -22.30 0.73
CA GLU B 534 -10.94 -23.59 0.98
C GLU B 534 -11.95 -24.72 0.90
N ARG B 535 -13.21 -24.44 1.28
CA ARG B 535 -14.22 -25.48 1.31
C ARG B 535 -14.62 -25.91 -0.09
N GLN B 536 -14.64 -24.98 -1.05
CA GLN B 536 -15.00 -25.36 -2.40
C GLN B 536 -13.89 -26.16 -3.08
N LEU B 537 -12.63 -25.87 -2.76
CA LEU B 537 -11.53 -26.70 -3.23
C LEU B 537 -11.57 -28.08 -2.61
N ARG B 538 -11.97 -28.15 -1.34
CA ARG B 538 -12.19 -29.43 -0.66
C ARG B 538 -13.23 -30.26 -1.38
N LEU B 539 -14.40 -29.66 -1.67
CA LEU B 539 -15.45 -30.40 -2.37
C LEU B 539 -15.07 -30.72 -3.80
N LEU B 540 -14.26 -29.87 -4.45
CA LEU B 540 -13.80 -30.15 -5.81
C LEU B 540 -12.89 -31.37 -5.84
N PHE B 541 -11.93 -31.42 -4.92
CA PHE B 541 -11.04 -32.58 -4.88
C PHE B 541 -11.75 -33.83 -4.39
N GLU B 542 -12.81 -33.67 -3.57
CA GLU B 542 -13.57 -34.85 -3.15
C GLU B 542 -14.42 -35.42 -4.29
N GLU B 543 -15.07 -34.55 -5.09
CA GLU B 543 -15.81 -35.06 -6.24
C GLU B 543 -14.88 -35.56 -7.33
N ALA B 544 -13.66 -35.04 -7.41
CA ALA B 544 -12.68 -35.62 -8.33
C ALA B 544 -12.17 -36.96 -7.83
N LYS B 545 -12.11 -37.13 -6.50
CA LYS B 545 -11.80 -38.43 -5.92
C LYS B 545 -12.91 -39.43 -6.19
N LYS B 546 -14.16 -38.97 -6.20
CA LYS B 546 -15.30 -39.87 -6.37
C LYS B 546 -15.35 -40.45 -7.77
N HIS B 547 -15.46 -39.60 -8.79
CA HIS B 547 -15.33 -40.04 -10.17
C HIS B 547 -13.85 -40.12 -10.47
N GLN B 548 -13.28 -41.32 -10.34
CA GLN B 548 -11.86 -41.51 -10.09
C GLN B 548 -10.96 -41.12 -11.28
N PRO B 549 -11.23 -41.52 -12.56
CA PRO B 549 -10.44 -40.91 -13.64
C PRO B 549 -10.96 -39.52 -13.96
N SER B 550 -10.24 -38.50 -13.52
CA SER B 550 -10.71 -37.13 -13.63
C SER B 550 -9.55 -36.21 -13.93
N ILE B 551 -9.87 -35.05 -14.50
CA ILE B 551 -8.92 -34.01 -14.83
C ILE B 551 -9.44 -32.71 -14.25
N ILE B 552 -8.73 -32.15 -13.27
CA ILE B 552 -9.00 -30.81 -12.78
C ILE B 552 -8.11 -29.85 -13.55
N PHE B 553 -8.71 -28.86 -14.21
CA PHE B 553 -7.97 -27.91 -15.03
C PHE B 553 -8.08 -26.52 -14.40
N PHE B 554 -6.98 -26.03 -13.85
CA PHE B 554 -6.92 -24.68 -13.31
C PHE B 554 -6.43 -23.75 -14.41
N ASP B 555 -7.35 -23.11 -15.12
CA ASP B 555 -6.96 -22.06 -16.05
C ASP B 555 -6.61 -20.81 -15.28
N GLU B 556 -5.50 -20.18 -15.66
CA GLU B 556 -4.94 -18.99 -15.02
C GLU B 556 -4.72 -19.19 -13.52
N ILE B 557 -3.84 -20.15 -13.21
CA ILE B 557 -3.56 -20.52 -11.83
C ILE B 557 -2.69 -19.49 -11.11
N ASP B 558 -2.14 -18.51 -11.83
CA ASP B 558 -1.34 -17.48 -11.21
C ASP B 558 -2.17 -16.47 -10.42
N GLY B 559 -3.49 -16.52 -10.52
CA GLY B 559 -4.35 -15.69 -9.70
C GLY B 559 -4.87 -16.46 -8.51
N LEU B 560 -4.91 -17.79 -8.62
CA LEU B 560 -5.39 -18.62 -7.50
C LEU B 560 -4.27 -18.86 -6.50
N ALA B 561 -3.05 -19.12 -6.96
CA ALA B 561 -1.91 -19.39 -6.10
C ALA B 561 -0.78 -18.41 -6.41
N PRO B 562 -0.84 -17.21 -5.86
CA PRO B 562 0.19 -16.21 -6.14
C PRO B 562 1.41 -16.36 -5.24
N VAL B 563 2.43 -15.57 -5.54
CA VAL B 563 3.67 -15.57 -4.77
C VAL B 563 3.42 -14.86 -3.45
N ARG B 564 4.04 -15.36 -2.39
CA ARG B 564 3.90 -14.78 -1.05
C ARG B 564 4.61 -13.44 -1.00
N SER B 565 3.84 -12.36 -0.93
CA SER B 565 4.36 -11.01 -0.98
C SER B 565 4.66 -10.52 0.43
N SER B 566 4.86 -9.21 0.57
CA SER B 566 5.15 -8.59 1.86
C SER B 566 3.89 -8.31 2.67
N LYS B 567 2.87 -7.73 2.04
CA LYS B 567 1.60 -7.46 2.69
C LYS B 567 0.48 -8.22 1.99
N GLN B 568 -0.67 -8.28 2.67
CA GLN B 568 -1.85 -9.05 2.26
C GLN B 568 -1.48 -10.53 2.09
N GLU B 569 -1.16 -11.14 3.24
CA GLU B 569 -0.72 -12.53 3.25
C GLU B 569 -1.88 -13.51 3.26
N GLN B 570 -2.94 -13.20 4.01
CA GLN B 570 -3.86 -14.23 4.52
C GLN B 570 -4.70 -14.84 3.41
N ILE B 571 -5.31 -14.00 2.57
CA ILE B 571 -6.40 -14.42 1.71
C ILE B 571 -5.94 -15.29 0.55
N HIS B 572 -4.63 -15.34 0.27
CA HIS B 572 -4.11 -16.27 -0.72
C HIS B 572 -3.28 -17.38 -0.11
N ALA B 573 -2.60 -17.13 1.01
CA ALA B 573 -1.82 -18.20 1.64
C ALA B 573 -2.72 -19.26 2.24
N SER B 574 -3.90 -18.88 2.72
CA SER B 574 -4.85 -19.87 3.22
C SER B 574 -5.46 -20.71 2.11
N ILE B 575 -5.33 -20.28 0.85
CA ILE B 575 -5.77 -21.07 -0.30
C ILE B 575 -4.62 -21.93 -0.83
N VAL B 576 -3.40 -21.38 -0.84
CA VAL B 576 -2.23 -22.14 -1.25
C VAL B 576 -1.97 -23.30 -0.30
N SER B 577 -2.22 -23.09 1.00
CA SER B 577 -2.00 -24.16 1.99
C SER B 577 -2.96 -25.33 1.79
N THR B 578 -4.24 -25.06 1.56
CA THR B 578 -5.17 -26.17 1.33
C THR B 578 -4.97 -26.79 -0.04
N LEU B 579 -4.47 -26.03 -1.02
CA LEU B 579 -4.18 -26.62 -2.33
C LEU B 579 -2.99 -27.56 -2.25
N LEU B 580 -1.93 -27.15 -1.55
CA LEU B 580 -0.75 -28.00 -1.39
C LEU B 580 -1.06 -29.22 -0.54
N ALA B 581 -1.90 -29.06 0.48
CA ALA B 581 -2.25 -30.20 1.31
C ALA B 581 -3.27 -31.12 0.65
N LEU B 582 -3.97 -30.65 -0.37
CA LEU B 582 -4.92 -31.52 -1.06
C LEU B 582 -4.32 -32.20 -2.29
N MET B 583 -3.30 -31.60 -2.90
CA MET B 583 -2.73 -32.20 -4.10
C MET B 583 -1.84 -33.39 -3.75
N ASP B 584 -0.94 -33.24 -2.80
CA ASP B 584 0.04 -34.26 -2.44
C ASP B 584 -0.05 -34.54 -0.94
N GLY B 585 -1.25 -34.80 -0.46
CA GLY B 585 -1.47 -35.10 0.94
C GLY B 585 -1.05 -36.52 1.28
N MET B 586 -1.42 -36.92 2.51
CA MET B 586 -1.04 -38.24 3.00
C MET B 586 -1.90 -39.33 2.39
N ASP B 587 -3.21 -39.12 2.32
CA ASP B 587 -4.08 -40.05 1.64
C ASP B 587 -3.85 -39.98 0.13
N ASN B 588 -4.10 -41.11 -0.54
CA ASN B 588 -3.91 -41.16 -1.98
C ASN B 588 -5.01 -40.36 -2.66
N ARG B 589 -4.60 -39.40 -3.50
CA ARG B 589 -5.54 -38.53 -4.19
C ARG B 589 -6.35 -39.30 -5.24
N GLY B 590 -5.80 -40.40 -5.74
CA GLY B 590 -6.46 -41.17 -6.77
C GLY B 590 -5.93 -40.82 -8.15
N GLN B 591 -6.76 -41.11 -9.15
CA GLN B 591 -6.39 -40.82 -10.54
C GLN B 591 -6.88 -39.44 -10.95
N VAL B 592 -6.56 -38.45 -10.15
CA VAL B 592 -6.91 -37.06 -10.43
C VAL B 592 -5.68 -36.39 -11.04
N ILE B 593 -5.76 -36.10 -12.33
CA ILE B 593 -4.69 -35.43 -13.07
C ILE B 593 -4.94 -33.93 -12.99
N VAL B 594 -4.06 -33.22 -12.33
CA VAL B 594 -4.21 -31.77 -12.13
C VAL B 594 -3.43 -31.06 -13.22
N ILE B 595 -4.11 -30.25 -14.01
CA ILE B 595 -3.49 -29.44 -15.04
C ILE B 595 -3.68 -27.99 -14.67
N GLY B 596 -2.60 -27.23 -14.69
CA GLY B 596 -2.69 -25.79 -14.52
C GLY B 596 -2.24 -25.12 -15.78
N ALA B 597 -2.64 -23.88 -16.01
CA ALA B 597 -2.25 -23.15 -17.21
C ALA B 597 -1.95 -21.72 -16.84
N THR B 598 -0.88 -21.16 -17.40
CA THR B 598 -0.48 -19.81 -17.07
C THR B 598 0.28 -19.19 -18.22
N ASN B 599 0.45 -17.87 -18.15
CA ASN B 599 1.27 -17.13 -19.09
C ASN B 599 2.74 -17.13 -18.67
N ARG B 600 3.01 -16.91 -17.38
CA ARG B 600 4.34 -17.04 -16.81
C ARG B 600 4.26 -17.96 -15.61
N PRO B 601 5.25 -18.85 -15.43
CA PRO B 601 5.20 -19.80 -14.32
C PRO B 601 5.77 -19.30 -13.01
N ASP B 602 6.48 -18.17 -13.02
CA ASP B 602 7.08 -17.65 -11.80
C ASP B 602 6.04 -17.03 -10.88
N ALA B 603 4.88 -16.66 -11.39
CA ALA B 603 3.81 -16.13 -10.56
C ALA B 603 3.09 -17.20 -9.75
N VAL B 604 3.29 -18.47 -10.10
CA VAL B 604 2.80 -19.57 -9.29
C VAL B 604 3.77 -19.78 -8.13
N ASP B 605 3.27 -20.31 -7.02
CA ASP B 605 4.12 -20.53 -5.86
C ASP B 605 5.12 -21.66 -6.13
N PRO B 606 6.35 -21.55 -5.63
CA PRO B 606 7.36 -22.58 -5.90
C PRO B 606 7.08 -23.89 -5.20
N ALA B 607 6.26 -23.90 -4.15
CA ALA B 607 5.88 -25.15 -3.51
C ALA B 607 4.93 -25.96 -4.36
N LEU B 608 4.21 -25.32 -5.28
CA LEU B 608 3.40 -26.06 -6.24
C LEU B 608 4.27 -26.69 -7.32
N ARG B 609 5.30 -25.97 -7.77
CA ARG B 609 6.23 -26.48 -8.78
C ARG B 609 7.16 -27.48 -8.11
N ARG B 610 6.66 -28.70 -7.94
CA ARG B 610 7.31 -29.73 -7.15
C ARG B 610 6.72 -31.05 -7.58
N PRO B 611 7.51 -32.13 -7.57
CA PRO B 611 6.95 -33.45 -7.92
C PRO B 611 5.88 -33.92 -6.96
N GLY B 612 4.89 -34.60 -7.53
CA GLY B 612 3.67 -34.95 -6.84
C GLY B 612 2.52 -34.01 -7.12
N ARG B 613 2.81 -32.75 -7.42
CA ARG B 613 1.77 -31.78 -7.77
C ARG B 613 1.90 -31.30 -9.22
N PHE B 614 3.03 -30.70 -9.58
CA PHE B 614 3.27 -30.10 -10.89
C PHE B 614 4.62 -30.55 -11.44
N ASP B 615 4.83 -31.88 -11.45
CA ASP B 615 6.14 -32.43 -11.76
C ASP B 615 6.57 -32.19 -13.20
N ARG B 616 5.63 -31.98 -14.11
CA ARG B 616 5.95 -31.67 -15.49
C ARG B 616 5.53 -30.24 -15.81
N GLU B 617 6.40 -29.53 -16.52
CA GLU B 617 6.14 -28.15 -16.91
C GLU B 617 6.35 -28.05 -18.41
N PHE B 618 5.28 -27.77 -19.14
CA PHE B 618 5.27 -27.84 -20.59
C PHE B 618 5.27 -26.43 -21.15
N TYR B 619 6.31 -26.09 -21.90
CA TYR B 619 6.37 -24.81 -22.59
C TYR B 619 5.72 -24.94 -23.94
N PHE B 620 4.62 -24.22 -24.14
CA PHE B 620 3.90 -24.22 -25.40
C PHE B 620 4.47 -23.09 -26.25
N PRO B 621 5.17 -23.38 -27.34
CA PRO B 621 5.82 -22.31 -28.10
C PRO B 621 4.95 -21.76 -29.20
N LEU B 622 5.19 -20.49 -29.52
CA LEU B 622 4.61 -19.87 -30.70
C LEU B 622 5.06 -20.64 -31.93
N PRO B 623 4.13 -21.09 -32.77
CA PRO B 623 4.44 -22.18 -33.71
C PRO B 623 5.31 -21.75 -34.87
N ASP B 624 6.12 -22.71 -35.34
CA ASP B 624 6.99 -22.50 -36.47
C ASP B 624 6.20 -22.65 -37.77
N VAL B 625 6.89 -22.69 -38.92
CA VAL B 625 6.19 -22.61 -40.19
C VAL B 625 5.46 -23.92 -40.52
N LYS B 626 5.95 -25.06 -40.04
CA LYS B 626 5.25 -26.31 -40.28
C LYS B 626 4.00 -26.42 -39.41
N ALA B 627 4.10 -25.98 -38.15
CA ALA B 627 2.95 -26.01 -37.28
C ALA B 627 1.93 -24.95 -37.67
N ARG B 628 2.39 -23.81 -38.20
CA ARG B 628 1.45 -22.81 -38.71
C ARG B 628 0.76 -23.31 -39.98
N PHE B 629 1.48 -24.06 -40.81
CA PHE B 629 0.88 -24.76 -41.95
C PHE B 629 -0.20 -25.72 -41.49
N LYS B 630 0.08 -26.50 -40.43
CA LYS B 630 -0.89 -27.48 -39.97
C LYS B 630 -2.09 -26.83 -39.30
N ILE B 631 -1.89 -25.72 -38.59
CA ILE B 631 -3.02 -25.01 -37.98
C ILE B 631 -3.90 -24.40 -39.06
N LEU B 632 -3.28 -23.80 -40.10
CA LEU B 632 -4.06 -23.25 -41.21
C LEU B 632 -4.77 -24.35 -42.00
N GLN B 633 -4.19 -25.54 -42.06
CA GLN B 633 -4.88 -26.66 -42.70
C GLN B 633 -6.03 -27.16 -41.84
N ILE B 634 -5.92 -27.04 -40.52
CA ILE B 634 -6.97 -27.52 -39.63
C ILE B 634 -8.16 -26.56 -39.61
N GLN B 635 -7.90 -25.25 -39.59
CA GLN B 635 -8.99 -24.29 -39.54
C GLN B 635 -9.73 -24.19 -40.87
N THR B 636 -9.06 -24.48 -41.98
CA THR B 636 -9.67 -24.47 -43.31
C THR B 636 -9.94 -25.88 -43.82
N ARG B 637 -10.37 -26.77 -42.94
CA ARG B 637 -10.63 -28.16 -43.28
C ARG B 637 -12.11 -28.43 -43.55
N LYS B 638 -13.00 -27.83 -42.76
CA LYS B 638 -14.43 -28.03 -42.90
C LYS B 638 -15.00 -27.34 -44.13
N TRP B 639 -14.27 -26.39 -44.72
CA TRP B 639 -14.76 -25.51 -45.76
C TRP B 639 -15.10 -26.26 -47.03
N SER B 640 -16.10 -25.73 -47.75
CA SER B 640 -16.65 -26.43 -48.90
C SER B 640 -15.74 -26.34 -50.12
N SER B 641 -15.11 -25.19 -50.34
CA SER B 641 -14.15 -25.01 -51.42
C SER B 641 -12.77 -24.81 -50.80
N PRO B 642 -12.00 -25.88 -50.62
CA PRO B 642 -10.74 -25.76 -49.87
C PRO B 642 -9.65 -25.08 -50.68
N LEU B 643 -8.71 -24.50 -49.95
CA LEU B 643 -7.60 -23.76 -50.54
C LEU B 643 -6.56 -24.73 -51.08
N SER B 644 -5.63 -24.18 -51.88
CA SER B 644 -4.56 -24.99 -52.41
C SER B 644 -3.47 -25.19 -51.36
N THR B 645 -2.52 -26.07 -51.66
CA THR B 645 -1.44 -26.34 -50.73
C THR B 645 -0.41 -25.21 -50.73
N ASN B 646 -0.06 -24.69 -51.91
CA ASN B 646 0.94 -23.64 -51.98
C ASN B 646 0.43 -22.31 -51.43
N PHE B 647 -0.89 -22.08 -51.47
CA PHE B 647 -1.42 -20.88 -50.85
C PHE B 647 -1.36 -20.96 -49.33
N ILE B 648 -1.58 -22.16 -48.76
CA ILE B 648 -1.42 -22.34 -47.32
C ILE B 648 0.05 -22.24 -46.94
N ASP B 649 0.95 -22.65 -47.84
CA ASP B 649 2.39 -22.48 -47.61
C ASP B 649 2.76 -21.00 -47.59
N LYS B 650 2.22 -20.22 -48.53
CA LYS B 650 2.53 -18.79 -48.58
C LYS B 650 1.89 -18.04 -47.42
N LEU B 651 0.72 -18.51 -46.96
CA LEU B 651 0.14 -17.97 -45.74
C LEU B 651 0.97 -18.33 -44.51
N ALA B 652 1.56 -19.52 -44.48
CA ALA B 652 2.41 -19.91 -43.36
C ALA B 652 3.69 -19.10 -43.32
N PHE B 653 4.19 -18.69 -44.50
CA PHE B 653 5.34 -17.79 -44.50
C PHE B 653 4.94 -16.36 -44.16
N LEU B 654 3.74 -15.93 -44.56
CA LEU B 654 3.31 -14.56 -44.31
C LEU B 654 2.86 -14.31 -42.88
N THR B 655 2.61 -15.36 -42.10
CA THR B 655 2.06 -15.23 -40.76
C THR B 655 3.12 -15.44 -39.68
N LYS B 656 4.33 -14.94 -39.90
CA LYS B 656 5.39 -15.08 -38.90
C LYS B 656 5.10 -14.24 -37.68
N GLY B 657 5.12 -14.87 -36.51
CA GLY B 657 4.76 -14.22 -35.26
C GLY B 657 3.35 -14.53 -34.79
N TYR B 658 2.53 -15.15 -35.63
CA TYR B 658 1.16 -15.47 -35.27
C TYR B 658 1.13 -16.69 -34.36
N GLY B 659 0.24 -16.66 -33.38
CA GLY B 659 -0.09 -17.82 -32.59
C GLY B 659 -1.18 -18.64 -33.24
N GLY B 660 -1.72 -19.58 -32.48
CA GLY B 660 -2.82 -20.38 -33.00
C GLY B 660 -4.12 -19.62 -33.01
N ALA B 661 -4.35 -18.83 -31.96
CA ALA B 661 -5.56 -18.02 -31.88
C ALA B 661 -5.56 -16.91 -32.93
N ASP B 662 -4.39 -16.37 -33.25
CA ASP B 662 -4.30 -15.39 -34.31
C ASP B 662 -4.57 -16.00 -35.68
N LEU B 663 -4.17 -17.26 -35.88
CA LEU B 663 -4.47 -17.93 -37.14
C LEU B 663 -5.96 -18.26 -37.25
N ARG B 664 -6.60 -18.61 -36.13
CA ARG B 664 -8.04 -18.81 -36.13
C ARG B 664 -8.79 -17.50 -36.40
N SER B 665 -8.32 -16.40 -35.82
CA SER B 665 -8.94 -15.10 -36.06
C SER B 665 -8.70 -14.65 -37.50
N LEU B 666 -7.57 -15.01 -38.09
CA LEU B 666 -7.29 -14.71 -39.48
C LEU B 666 -8.24 -15.45 -40.41
N CYS B 667 -8.45 -16.75 -40.16
CA CYS B 667 -9.35 -17.52 -40.99
C CYS B 667 -10.81 -17.09 -40.81
N THR B 668 -11.18 -16.70 -39.58
CA THR B 668 -12.53 -16.19 -39.33
C THR B 668 -12.76 -14.86 -40.04
N GLU B 669 -11.77 -13.95 -40.02
CA GLU B 669 -11.94 -12.67 -40.68
C GLU B 669 -11.89 -12.82 -42.20
N ALA B 670 -11.15 -13.81 -42.71
CA ALA B 670 -11.17 -14.09 -44.14
C ALA B 670 -12.53 -14.62 -44.57
N ALA B 671 -13.15 -15.48 -43.77
CA ALA B 671 -14.49 -15.96 -44.08
C ALA B 671 -15.52 -14.83 -43.99
N LEU B 672 -15.36 -13.92 -43.03
CA LEU B 672 -16.30 -12.81 -42.90
C LEU B 672 -16.17 -11.83 -44.04
N ILE B 673 -14.95 -11.58 -44.51
CA ILE B 673 -14.75 -10.72 -45.67
C ILE B 673 -15.27 -11.39 -46.93
N SER B 674 -15.20 -12.73 -47.00
CA SER B 674 -15.81 -13.43 -48.13
C SER B 674 -17.34 -13.34 -48.12
N ILE B 675 -17.94 -13.36 -46.93
CA ILE B 675 -19.39 -13.16 -46.83
C ILE B 675 -19.76 -11.73 -47.20
N GLN B 676 -18.94 -10.76 -46.78
CA GLN B 676 -19.17 -9.36 -47.16
C GLN B 676 -18.99 -9.13 -48.64
N ARG B 677 -18.12 -9.91 -49.28
CA ARG B 677 -17.85 -9.72 -50.70
C ARG B 677 -18.90 -10.39 -51.57
N SER B 678 -19.35 -11.59 -51.19
CA SER B 678 -20.35 -12.28 -51.99
C SER B 678 -21.74 -11.69 -51.78
N PHE B 679 -22.17 -11.54 -50.52
CA PHE B 679 -23.51 -11.09 -50.18
C PHE B 679 -23.44 -9.86 -49.27
N PRO B 680 -23.32 -8.66 -49.83
CA PRO B 680 -23.32 -7.46 -48.99
C PRO B 680 -24.70 -7.08 -48.48
N GLN B 681 -25.76 -7.49 -49.18
CA GLN B 681 -27.11 -6.98 -48.91
C GLN B 681 -27.68 -7.48 -47.59
N ILE B 682 -27.07 -8.50 -46.98
CA ILE B 682 -27.53 -8.94 -45.66
C ILE B 682 -27.11 -7.96 -44.58
N TYR B 683 -26.16 -7.07 -44.87
CA TYR B 683 -25.74 -6.07 -43.89
C TYR B 683 -26.64 -4.84 -43.88
N ARG B 684 -27.59 -4.75 -44.79
CA ARG B 684 -28.48 -3.59 -44.89
C ARG B 684 -29.91 -3.88 -44.48
N SER B 685 -30.42 -5.06 -44.80
CA SER B 685 -31.76 -5.43 -44.39
C SER B 685 -31.76 -5.86 -42.92
N ASN B 686 -32.93 -5.73 -42.30
CA ASN B 686 -33.15 -6.24 -40.96
C ASN B 686 -33.88 -7.57 -40.95
N ASP B 687 -34.38 -8.01 -42.09
CA ASP B 687 -35.04 -9.30 -42.23
C ASP B 687 -34.08 -10.29 -42.88
N LYS B 688 -34.29 -11.57 -42.59
CA LYS B 688 -33.39 -12.62 -43.06
C LYS B 688 -33.63 -12.87 -44.54
N LEU B 689 -32.73 -12.40 -45.38
CA LEU B 689 -32.81 -12.68 -46.80
C LEU B 689 -32.37 -14.11 -47.07
N LEU B 690 -32.67 -14.59 -48.27
CA LEU B 690 -32.34 -15.96 -48.66
C LEU B 690 -31.04 -15.94 -49.46
N VAL B 691 -29.98 -16.45 -48.86
CA VAL B 691 -28.72 -16.64 -49.54
C VAL B 691 -28.50 -18.14 -49.72
N ASP B 692 -27.59 -18.49 -50.61
CA ASP B 692 -27.16 -19.87 -50.76
C ASP B 692 -25.72 -20.02 -50.30
N PRO B 693 -25.40 -21.04 -49.50
CA PRO B 693 -24.01 -21.21 -49.04
C PRO B 693 -23.10 -21.90 -50.06
N SER B 694 -23.20 -21.48 -51.31
CA SER B 694 -22.29 -21.85 -52.38
C SER B 694 -21.84 -20.56 -53.05
N LYS B 695 -20.84 -20.70 -53.93
CA LYS B 695 -20.08 -19.63 -54.59
C LYS B 695 -19.65 -18.51 -53.63
N ILE B 696 -19.35 -18.88 -52.38
CA ILE B 696 -18.88 -17.95 -51.36
C ILE B 696 -17.46 -18.35 -51.00
N LYS B 697 -16.73 -18.85 -51.99
CA LYS B 697 -15.40 -19.40 -51.75
C LYS B 697 -14.40 -18.28 -51.41
N VAL B 698 -13.54 -18.57 -50.45
CA VAL B 698 -12.57 -17.59 -49.96
C VAL B 698 -11.43 -17.49 -50.95
N LYS B 699 -11.20 -16.29 -51.47
CA LYS B 699 -10.14 -16.06 -52.43
C LYS B 699 -8.87 -15.63 -51.69
N VAL B 700 -7.84 -15.24 -52.44
CA VAL B 700 -6.62 -14.75 -51.84
C VAL B 700 -6.81 -13.32 -51.34
N SER B 701 -7.61 -12.53 -52.05
CA SER B 701 -7.85 -11.13 -51.70
C SER B 701 -8.60 -10.95 -50.38
N ASP B 702 -9.24 -11.99 -49.87
CA ASP B 702 -9.85 -11.90 -48.55
C ASP B 702 -8.83 -12.12 -47.45
N PHE B 703 -7.92 -13.08 -47.66
CA PHE B 703 -6.84 -13.30 -46.71
C PHE B 703 -5.86 -12.14 -46.69
N MET B 704 -5.68 -11.47 -47.82
CA MET B 704 -4.77 -10.33 -47.88
C MET B 704 -5.34 -9.10 -47.18
N LEU B 705 -6.66 -9.04 -46.99
CA LEU B 705 -7.24 -8.00 -46.15
C LEU B 705 -7.33 -8.42 -44.69
N ALA B 706 -7.50 -9.72 -44.44
CA ALA B 706 -7.50 -10.20 -43.07
C ALA B 706 -6.13 -10.09 -42.43
N LEU B 707 -5.06 -10.18 -43.24
CA LEU B 707 -3.72 -9.97 -42.71
C LEU B 707 -3.47 -8.51 -42.34
N LYS B 708 -4.23 -7.58 -42.90
CA LYS B 708 -4.13 -6.18 -42.51
C LYS B 708 -5.05 -5.84 -41.35
N LYS B 709 -6.17 -6.56 -41.21
CA LYS B 709 -7.06 -6.32 -40.08
C LYS B 709 -6.56 -6.96 -38.79
N ILE B 710 -5.67 -7.94 -38.86
CA ILE B 710 -5.22 -8.68 -37.70
C ILE B 710 -3.83 -8.19 -37.30
N VAL B 711 -3.72 -7.68 -36.07
CA VAL B 711 -2.44 -7.37 -35.46
C VAL B 711 -2.05 -8.53 -34.55
N PRO B 712 -0.93 -9.20 -34.79
CA PRO B 712 -0.58 -10.38 -34.00
C PRO B 712 -0.07 -10.04 -32.61
N SER B 713 0.21 -11.06 -31.81
CA SER B 713 0.79 -10.87 -30.49
C SER B 713 2.27 -10.57 -30.53
N SER B 714 2.91 -10.68 -31.70
CA SER B 714 4.28 -10.22 -31.85
C SER B 714 4.34 -8.70 -31.99
N ALA B 715 3.38 -8.11 -32.69
CA ALA B 715 3.35 -6.66 -32.84
C ALA B 715 2.87 -5.95 -31.59
N ARG B 716 2.10 -6.64 -30.74
CA ARG B 716 1.69 -6.03 -29.47
C ARG B 716 2.83 -5.95 -28.48
N SER B 717 3.86 -6.77 -28.64
CA SER B 717 5.05 -6.66 -27.81
C SER B 717 5.86 -5.43 -28.22
N THR B 718 6.79 -5.04 -27.37
CA THR B 718 7.56 -3.84 -27.56
C THR B 718 8.94 -4.08 -28.15
N GLY B 719 9.37 -5.33 -28.28
CA GLY B 719 10.65 -5.64 -28.87
C GLY B 719 10.59 -5.63 -30.39
N SER B 720 11.72 -6.00 -30.98
CA SER B 720 11.82 -6.08 -32.44
C SER B 720 11.13 -7.35 -32.93
N SER B 721 10.10 -7.18 -33.73
CA SER B 721 9.33 -8.31 -34.23
C SER B 721 10.12 -9.03 -35.32
N PRO B 722 10.36 -10.33 -35.19
CA PRO B 722 11.10 -11.06 -36.23
C PRO B 722 10.26 -11.20 -37.50
N GLN B 723 10.87 -10.81 -38.62
CA GLN B 723 10.21 -10.88 -39.92
C GLN B 723 11.30 -10.89 -40.97
N PRO B 724 11.04 -11.46 -42.16
CA PRO B 724 12.07 -11.48 -43.19
C PRO B 724 12.30 -10.10 -43.78
N LEU B 725 13.34 -10.01 -44.59
CA LEU B 725 13.65 -8.79 -45.31
C LEU B 725 12.50 -8.45 -46.26
N PRO B 726 12.02 -7.21 -46.27
CA PRO B 726 10.97 -6.83 -47.22
C PRO B 726 11.46 -6.89 -48.65
N GLU B 727 10.53 -7.09 -49.58
CA GLU B 727 10.85 -7.37 -50.97
C GLU B 727 11.44 -6.18 -51.71
N LEU B 728 11.29 -4.96 -51.16
CA LEU B 728 11.92 -3.81 -51.79
C LEU B 728 13.43 -3.81 -51.55
N ILE B 729 13.83 -3.86 -50.28
CA ILE B 729 15.24 -3.72 -49.91
C ILE B 729 15.99 -5.05 -49.94
N LYS B 730 15.35 -6.13 -50.36
CA LYS B 730 16.04 -7.41 -50.47
C LYS B 730 17.16 -7.43 -51.51
N PRO B 731 17.13 -6.67 -52.62
CA PRO B 731 18.38 -6.50 -53.38
C PRO B 731 19.48 -5.81 -52.62
N LEU B 732 19.16 -4.90 -51.70
CA LEU B 732 20.20 -4.08 -51.08
C LEU B 732 20.95 -4.82 -49.97
N LEU B 733 20.31 -5.75 -49.27
CA LEU B 733 20.90 -6.30 -48.06
C LEU B 733 21.14 -7.80 -48.09
N ALA B 734 20.44 -8.57 -48.92
CA ALA B 734 20.53 -10.02 -48.85
C ALA B 734 21.84 -10.60 -49.36
N ASP B 735 22.72 -9.77 -49.94
CA ASP B 735 24.07 -10.23 -50.22
C ASP B 735 24.87 -10.33 -48.92
N GLN B 736 24.65 -9.40 -48.00
CA GLN B 736 25.42 -9.35 -46.77
C GLN B 736 24.63 -9.77 -45.55
N LEU B 737 23.37 -10.16 -45.73
CA LEU B 737 22.69 -10.90 -44.67
C LEU B 737 23.07 -12.37 -44.72
N ASN B 738 23.21 -12.92 -45.94
CA ASN B 738 23.52 -14.33 -46.13
C ASN B 738 24.86 -14.70 -45.51
N ASN B 739 25.86 -13.82 -45.66
CA ASN B 739 27.15 -13.98 -45.00
C ASN B 739 26.98 -14.12 -43.50
N LEU B 740 26.14 -13.27 -42.91
CA LEU B 740 25.83 -13.36 -41.49
C LEU B 740 25.22 -14.70 -41.14
N LYS B 741 24.32 -15.20 -42.00
CA LYS B 741 23.73 -16.51 -41.80
C LYS B 741 24.79 -17.59 -41.81
N ASN B 742 25.75 -17.49 -42.75
CA ASN B 742 26.87 -18.42 -42.81
C ASN B 742 27.69 -18.34 -41.53
N LYS B 743 27.91 -17.12 -41.04
CA LYS B 743 28.64 -16.93 -39.79
C LYS B 743 27.88 -17.55 -38.63
N LEU B 744 26.56 -17.37 -38.61
CA LEU B 744 25.77 -17.97 -37.55
C LEU B 744 25.71 -19.48 -37.70
N ASP B 745 25.81 -19.97 -38.94
CA ASP B 745 25.84 -21.41 -39.16
C ASP B 745 27.15 -22.00 -38.68
N TYR B 746 28.21 -21.19 -38.63
CA TYR B 746 29.46 -21.64 -38.03
C TYR B 746 29.50 -21.35 -36.54
N MET B 747 28.53 -20.62 -36.02
CA MET B 747 28.55 -20.20 -34.63
C MET B 747 27.61 -20.99 -33.75
N LEU B 748 26.44 -21.35 -34.25
CA LEU B 748 25.42 -22.00 -33.46
C LEU B 748 25.13 -23.43 -33.89
N ASN B 749 25.76 -23.90 -34.97
CA ASN B 749 25.58 -25.23 -35.55
C ASN B 749 24.12 -25.52 -35.87
N ILE B 750 23.57 -24.71 -36.78
CA ILE B 750 22.18 -24.87 -37.16
C ILE B 750 22.02 -25.99 -38.17
N LYS B 751 22.85 -26.01 -39.21
CA LYS B 751 22.75 -27.00 -40.27
C LYS B 751 23.47 -28.30 -39.94
N ASP B 752 24.11 -28.38 -38.78
CA ASP B 752 24.77 -29.59 -38.31
C ASP B 752 24.01 -29.99 -37.05
N THR B 753 22.93 -30.75 -37.25
CA THR B 753 22.07 -31.18 -36.14
C THR B 753 21.99 -32.70 -36.22
N THR B 754 22.92 -33.36 -35.53
CA THR B 754 22.87 -34.80 -35.33
C THR B 754 22.55 -35.18 -33.89
N PHE B 755 23.05 -34.42 -32.93
CA PHE B 755 22.67 -34.53 -31.53
C PHE B 755 21.77 -33.35 -31.17
N GLN B 756 21.02 -33.53 -30.07
CA GLN B 756 20.01 -32.58 -29.57
C GLN B 756 18.97 -32.26 -30.64
N ARG B 757 18.57 -33.29 -31.38
CA ARG B 757 17.55 -33.19 -32.42
C ARG B 757 16.17 -33.61 -31.87
N ASN B 758 15.96 -33.43 -30.57
CA ASN B 758 14.78 -33.94 -29.90
C ASN B 758 13.59 -33.03 -30.18
N THR B 759 12.90 -33.28 -31.30
CA THR B 759 11.60 -32.69 -31.55
C THR B 759 10.49 -33.55 -30.98
N SER B 760 10.62 -34.87 -31.10
CA SER B 760 9.68 -35.81 -30.48
C SER B 760 10.44 -37.10 -30.19
N LEU B 761 10.51 -37.45 -28.91
CA LEU B 761 11.31 -38.60 -28.50
C LEU B 761 10.67 -39.92 -28.91
N LEU B 762 9.34 -39.95 -28.99
CA LEU B 762 8.64 -41.20 -29.33
C LEU B 762 8.81 -41.54 -30.81
N GLN B 763 8.69 -40.54 -31.68
CA GLN B 763 8.96 -40.77 -33.10
C GLN B 763 10.44 -41.08 -33.33
N ASN B 764 11.32 -40.54 -32.47
CA ASN B 764 12.73 -40.91 -32.48
C ASN B 764 12.93 -42.37 -32.12
N PHE B 765 12.15 -42.89 -31.18
CA PHE B 765 12.23 -44.31 -30.84
C PHE B 765 11.53 -45.20 -31.85
N ILE B 766 10.62 -44.65 -32.64
CA ILE B 766 9.92 -45.44 -33.65
C ILE B 766 10.73 -45.57 -34.93
N ASP B 767 11.20 -44.46 -35.50
CA ASP B 767 11.81 -44.54 -36.81
C ASP B 767 13.28 -44.94 -36.78
N TYR B 768 13.99 -44.61 -35.71
CA TYR B 768 15.42 -44.89 -35.61
C TYR B 768 15.65 -46.14 -34.77
N GLU B 769 16.92 -46.46 -34.50
CA GLU B 769 17.26 -47.71 -33.84
C GLU B 769 18.51 -47.52 -33.01
N GLU B 770 18.51 -48.15 -31.83
CA GLU B 770 19.63 -48.09 -30.89
C GLU B 770 20.87 -48.75 -31.47
N TYR B 771 22.04 -48.17 -31.15
CA TYR B 771 23.36 -48.57 -31.65
C TYR B 771 23.43 -48.51 -33.18
N SER B 788 32.46 -48.25 -24.42
CA SER B 788 31.34 -49.11 -24.07
C SER B 788 30.08 -48.29 -23.81
N SER B 789 29.82 -47.99 -22.54
CA SER B 789 28.65 -47.21 -22.15
C SER B 789 28.99 -45.73 -22.03
N PHE B 790 30.06 -45.40 -21.30
CA PHE B 790 30.51 -44.02 -21.21
C PHE B 790 31.13 -43.57 -22.53
N ARG B 791 31.99 -44.41 -23.11
CA ARG B 791 32.81 -44.08 -24.27
C ARG B 791 32.07 -44.20 -25.59
N SER B 792 30.75 -44.27 -25.56
CA SER B 792 29.94 -44.19 -26.77
C SER B 792 28.81 -43.17 -26.63
N TYR B 793 28.48 -42.75 -25.41
CA TYR B 793 27.42 -41.78 -25.19
C TYR B 793 27.95 -40.49 -24.61
N GLU B 794 28.65 -40.53 -23.47
CA GLU B 794 28.99 -39.30 -22.76
C GLU B 794 30.13 -38.56 -23.46
N PHE B 795 31.11 -39.30 -23.98
CA PHE B 795 32.23 -38.70 -24.69
C PHE B 795 31.77 -38.00 -25.96
N PHE B 796 30.89 -38.64 -26.72
CA PHE B 796 30.43 -38.02 -27.96
C PHE B 796 29.40 -36.94 -27.72
N GLU B 797 28.62 -37.02 -26.64
CA GLU B 797 27.74 -35.91 -26.28
C GLU B 797 28.54 -34.70 -25.83
N SER B 798 29.65 -34.92 -25.11
CA SER B 798 30.52 -33.82 -24.72
C SER B 798 31.21 -33.21 -25.93
N MET B 799 31.68 -34.04 -26.85
CA MET B 799 32.34 -33.50 -28.03
C MET B 799 31.39 -32.96 -29.07
N ALA B 800 30.08 -33.21 -28.94
CA ALA B 800 29.10 -32.52 -29.76
C ALA B 800 28.59 -31.24 -29.12
N GLU B 801 28.55 -31.18 -27.79
CA GLU B 801 28.20 -29.96 -27.10
C GLU B 801 29.37 -28.98 -27.00
N SER B 802 30.59 -29.46 -27.21
CA SER B 802 31.77 -28.61 -27.12
C SER B 802 32.08 -27.88 -28.41
N GLN B 803 31.11 -27.75 -29.31
CA GLN B 803 31.28 -26.94 -30.49
C GLN B 803 30.85 -25.50 -30.29
N ILE B 804 29.89 -25.25 -29.39
CA ILE B 804 29.49 -23.90 -29.03
C ILE B 804 30.45 -23.41 -27.95
N CYS B 805 31.30 -22.44 -28.27
CA CYS B 805 32.25 -21.94 -27.29
C CYS B 805 31.77 -20.71 -26.53
N LYS B 806 31.50 -19.63 -27.24
CA LYS B 806 30.92 -18.40 -26.68
C LYS B 806 30.27 -17.64 -27.82
N PRO B 807 29.00 -17.89 -28.10
CA PRO B 807 28.36 -17.28 -29.27
C PRO B 807 28.07 -15.80 -29.06
N ARG B 808 28.85 -14.96 -29.70
CA ARG B 808 28.63 -13.52 -29.70
C ARG B 808 28.67 -13.01 -31.13
N LEU B 809 27.99 -11.89 -31.36
CA LEU B 809 28.01 -11.26 -32.68
C LEU B 809 27.65 -9.79 -32.52
N LEU B 810 28.51 -8.92 -33.01
CA LEU B 810 28.29 -7.47 -33.01
C LEU B 810 28.24 -7.00 -34.45
N ILE B 811 27.06 -6.59 -34.90
CA ILE B 811 26.88 -6.04 -36.23
C ILE B 811 27.00 -4.53 -36.13
N ASN B 812 27.92 -3.95 -36.88
CA ASN B 812 28.26 -2.54 -36.75
C ASN B 812 28.38 -1.93 -38.14
N GLY B 813 27.42 -1.09 -38.50
CA GLY B 813 27.45 -0.40 -39.76
C GLY B 813 27.25 1.09 -39.58
N PRO B 814 27.28 1.85 -40.67
CA PRO B 814 27.07 3.30 -40.57
C PRO B 814 25.62 3.64 -40.21
N LYS B 815 25.42 4.93 -39.95
CA LYS B 815 24.15 5.41 -39.43
C LYS B 815 23.09 5.36 -40.54
N GLY B 816 22.15 4.43 -40.40
CA GLY B 816 21.07 4.29 -41.34
C GLY B 816 21.22 3.19 -42.36
N ASN B 817 22.15 2.26 -42.14
CA ASN B 817 22.40 1.20 -43.11
C ASN B 817 21.58 -0.05 -42.81
N GLY B 818 20.27 0.13 -42.60
CA GLY B 818 19.32 -0.97 -42.54
C GLY B 818 19.47 -1.95 -41.42
N GLN B 819 19.92 -1.51 -40.23
CA GLN B 819 20.11 -2.44 -39.13
C GLN B 819 18.79 -2.93 -38.56
N GLN B 820 17.74 -2.11 -38.64
CA GLN B 820 16.43 -2.52 -38.14
C GLN B 820 15.81 -3.62 -38.98
N TYR B 821 16.28 -3.81 -40.20
CA TYR B 821 15.88 -4.92 -41.05
C TYR B 821 16.75 -6.15 -40.86
N VAL B 822 18.07 -5.94 -40.68
CA VAL B 822 19.00 -7.05 -40.53
C VAL B 822 18.79 -7.77 -39.20
N GLY B 823 18.47 -7.02 -38.14
CA GLY B 823 18.18 -7.65 -36.87
C GLY B 823 16.93 -8.50 -36.90
N ALA B 824 15.87 -7.98 -37.51
CA ALA B 824 14.63 -8.75 -37.63
C ALA B 824 14.79 -9.94 -38.57
N ALA B 825 15.63 -9.82 -39.61
CA ALA B 825 15.84 -10.94 -40.51
C ALA B 825 16.65 -12.05 -39.84
N ILE B 826 17.61 -11.68 -38.99
CA ILE B 826 18.38 -12.68 -38.25
C ILE B 826 17.49 -13.36 -37.21
N LEU B 827 16.65 -12.59 -36.51
CA LEU B 827 15.71 -13.18 -35.57
C LEU B 827 14.64 -14.03 -36.25
N ASN B 828 14.35 -13.76 -37.54
CA ASN B 828 13.47 -14.64 -38.29
C ASN B 828 14.19 -15.91 -38.71
N TYR B 829 15.49 -15.82 -39.01
CA TYR B 829 16.26 -17.00 -39.35
C TYR B 829 16.41 -17.94 -38.16
N LEU B 830 16.73 -17.39 -36.99
CA LEU B 830 16.78 -18.15 -35.75
C LEU B 830 15.34 -18.35 -35.26
N GLU B 831 14.68 -19.34 -35.85
CA GLU B 831 13.27 -19.58 -35.54
C GLU B 831 13.08 -20.43 -34.29
N GLU B 832 13.96 -21.38 -34.05
CA GLU B 832 13.85 -22.27 -32.90
C GLU B 832 14.48 -21.69 -31.64
N PHE B 833 14.85 -20.42 -31.64
CA PHE B 833 15.49 -19.78 -30.50
C PHE B 833 14.47 -18.97 -29.72
N ASN B 834 14.85 -18.59 -28.51
CA ASN B 834 14.02 -17.80 -27.62
C ASN B 834 14.61 -16.39 -27.54
N VAL B 835 13.92 -15.44 -28.16
CA VAL B 835 14.43 -14.07 -28.23
C VAL B 835 14.05 -13.33 -26.96
N GLN B 836 15.04 -12.74 -26.31
CA GLN B 836 14.83 -11.90 -25.13
C GLN B 836 15.38 -10.52 -25.45
N ASN B 837 14.49 -9.57 -25.65
CA ASN B 837 14.89 -8.23 -26.07
C ASN B 837 15.36 -7.43 -24.86
N LEU B 838 16.62 -7.00 -24.91
CA LEU B 838 17.18 -6.11 -23.89
C LEU B 838 17.26 -4.68 -24.39
N ASP B 839 16.40 -4.30 -25.33
CA ASP B 839 16.33 -2.92 -25.76
C ASP B 839 15.70 -2.04 -24.68
N LEU B 840 15.76 -0.74 -24.90
CA LEU B 840 15.41 0.22 -23.85
C LEU B 840 13.92 0.20 -23.55
N ALA B 841 13.09 0.03 -24.58
CA ALA B 841 11.65 0.10 -24.41
C ALA B 841 11.13 -1.08 -23.61
N SER B 842 11.71 -2.26 -23.79
CA SER B 842 11.26 -3.41 -23.02
C SER B 842 11.78 -3.37 -21.59
N LEU B 843 12.89 -2.68 -21.36
CA LEU B 843 13.38 -2.54 -19.99
C LEU B 843 12.57 -1.52 -19.21
N VAL B 844 12.18 -0.40 -19.85
CA VAL B 844 11.49 0.66 -19.14
C VAL B 844 9.97 0.58 -19.28
N SER B 845 9.45 -0.39 -20.03
CA SER B 845 8.01 -0.46 -20.27
C SER B 845 7.25 -0.90 -19.03
N GLU B 846 7.77 -1.89 -18.31
CA GLU B 846 7.19 -2.28 -17.03
C GLU B 846 7.66 -1.28 -15.97
N SER B 847 6.76 -0.38 -15.56
CA SER B 847 7.13 0.72 -14.68
C SER B 847 7.38 0.28 -13.24
N SER B 848 6.96 -0.93 -12.86
CA SER B 848 7.21 -1.40 -11.50
C SER B 848 8.63 -1.93 -11.35
N ARG B 849 9.16 -2.57 -12.38
CA ARG B 849 10.51 -3.11 -12.34
C ARG B 849 11.54 -1.98 -12.43
N THR B 850 12.78 -2.33 -12.13
CA THR B 850 13.91 -1.45 -12.31
C THR B 850 14.63 -1.89 -13.58
N ILE B 851 15.67 -1.17 -13.99
CA ILE B 851 16.47 -1.57 -15.14
C ILE B 851 17.24 -2.85 -14.82
N GLU B 852 17.90 -2.89 -13.66
CA GLU B 852 18.70 -4.04 -13.25
C GLU B 852 17.86 -5.29 -13.11
N ALA B 853 16.67 -5.17 -12.51
CA ALA B 853 15.81 -6.32 -12.32
C ALA B 853 15.27 -6.82 -13.65
N ALA B 854 15.01 -5.93 -14.60
CA ALA B 854 14.53 -6.36 -15.91
C ALA B 854 15.62 -7.06 -16.70
N VAL B 855 16.86 -6.58 -16.61
CA VAL B 855 17.97 -7.25 -17.28
C VAL B 855 18.23 -8.63 -16.68
N VAL B 856 18.19 -8.73 -15.34
CA VAL B 856 18.40 -10.01 -14.68
C VAL B 856 17.26 -10.98 -14.98
N GLN B 857 16.02 -10.47 -15.05
CA GLN B 857 14.87 -11.31 -15.37
C GLN B 857 14.94 -11.84 -16.80
N SER B 858 15.35 -10.98 -17.74
CA SER B 858 15.45 -11.43 -19.13
C SER B 858 16.59 -12.41 -19.32
N PHE B 859 17.71 -12.22 -18.62
CA PHE B 859 18.80 -13.19 -18.75
C PHE B 859 18.46 -14.51 -18.07
N MET B 860 17.72 -14.47 -16.96
CA MET B 860 17.37 -15.72 -16.30
C MET B 860 16.27 -16.45 -17.06
N GLU B 861 15.44 -15.71 -17.79
CA GLU B 861 14.50 -16.36 -18.71
C GLU B 861 15.21 -16.93 -19.91
N ALA B 862 16.30 -16.30 -20.34
CA ALA B 862 17.11 -16.86 -21.42
C ALA B 862 17.98 -18.03 -20.98
N LYS B 863 18.25 -18.16 -19.68
CA LYS B 863 19.10 -19.25 -19.20
C LYS B 863 18.37 -20.58 -19.25
N LYS B 864 17.12 -20.62 -18.80
CA LYS B 864 16.24 -21.69 -19.18
C LYS B 864 15.80 -21.50 -20.62
N ARG B 865 15.18 -22.54 -21.20
CA ARG B 865 14.97 -22.75 -22.64
C ARG B 865 16.23 -22.39 -23.42
N GLN B 866 17.26 -23.23 -23.23
CA GLN B 866 18.65 -22.85 -23.48
C GLN B 866 19.00 -22.34 -24.88
N PRO B 867 18.39 -22.82 -26.01
CA PRO B 867 18.63 -22.09 -27.25
C PRO B 867 17.91 -20.76 -27.24
N SER B 868 18.68 -19.69 -27.02
CA SER B 868 18.12 -18.38 -26.76
C SER B 868 19.06 -17.31 -27.31
N VAL B 869 18.49 -16.14 -27.56
CA VAL B 869 19.22 -14.99 -28.07
C VAL B 869 18.90 -13.80 -27.20
N VAL B 870 19.92 -13.25 -26.55
CA VAL B 870 19.80 -11.97 -25.89
C VAL B 870 20.06 -10.89 -26.92
N PHE B 871 19.08 -10.02 -27.12
CA PHE B 871 19.03 -9.13 -28.28
C PHE B 871 19.10 -7.68 -27.80
N ILE B 872 20.19 -6.99 -28.16
CA ILE B 872 20.33 -5.58 -27.83
C ILE B 872 20.40 -4.77 -29.12
N PRO B 873 19.28 -4.30 -29.65
CA PRO B 873 19.34 -3.36 -30.76
C PRO B 873 19.62 -1.95 -30.27
N ASN B 874 20.23 -1.17 -31.16
CA ASN B 874 20.71 0.19 -30.88
C ASN B 874 21.67 0.20 -29.68
N LEU B 875 22.80 -0.48 -29.88
CA LEU B 875 23.79 -0.59 -28.81
C LEU B 875 24.49 0.74 -28.56
N ASP B 876 24.59 1.59 -29.58
CA ASP B 876 25.15 2.92 -29.39
C ASP B 876 24.27 3.78 -28.49
N ILE B 877 22.96 3.58 -28.53
CA ILE B 877 22.07 4.25 -27.60
C ILE B 877 22.13 3.55 -26.24
N TRP B 878 22.24 2.22 -26.25
CA TRP B 878 22.16 1.41 -25.04
C TRP B 878 23.33 1.70 -24.10
N ILE B 879 24.56 1.72 -24.63
CA ILE B 879 25.73 1.98 -23.78
C ILE B 879 25.87 3.45 -23.41
N ASN B 880 25.04 4.33 -23.96
CA ASN B 880 25.05 5.73 -23.57
C ASN B 880 23.92 6.11 -22.64
N THR B 881 22.84 5.32 -22.58
CA THR B 881 21.72 5.70 -21.74
C THR B 881 21.36 4.69 -20.66
N ILE B 882 21.95 3.50 -20.65
CA ILE B 882 21.72 2.57 -19.56
C ILE B 882 22.77 2.95 -18.52
N PRO B 883 22.52 2.78 -17.24
CA PRO B 883 23.57 3.07 -16.25
C PRO B 883 24.70 2.06 -16.33
N GLU B 884 25.87 2.50 -15.84
CA GLU B 884 27.10 1.75 -16.04
C GLU B 884 27.16 0.46 -15.23
N ASN B 885 26.44 0.39 -14.11
CA ASN B 885 26.44 -0.83 -13.32
C ASN B 885 25.63 -1.94 -13.97
N VAL B 886 24.69 -1.61 -14.85
CA VAL B 886 23.87 -2.64 -15.48
C VAL B 886 24.65 -3.39 -16.56
N ILE B 887 25.56 -2.72 -17.24
CA ILE B 887 26.45 -3.40 -18.19
C ILE B 887 27.37 -4.36 -17.45
N LEU B 888 27.82 -3.98 -16.26
CA LEU B 888 28.66 -4.88 -15.47
C LEU B 888 27.85 -6.04 -14.89
N VAL B 889 26.58 -5.82 -14.55
CA VAL B 889 25.70 -6.90 -14.11
C VAL B 889 25.49 -7.90 -15.25
N LEU B 890 25.26 -7.40 -16.47
CA LEU B 890 25.05 -8.28 -17.61
C LEU B 890 26.33 -9.01 -18.00
N SER B 891 27.48 -8.35 -17.88
CA SER B 891 28.74 -9.01 -18.18
C SER B 891 29.11 -10.05 -17.14
N GLY B 892 28.73 -9.82 -15.88
CA GLY B 892 28.93 -10.84 -14.86
C GLY B 892 27.99 -12.00 -15.02
N LEU B 893 26.78 -11.74 -15.54
CA LEU B 893 25.88 -12.84 -15.85
C LEU B 893 26.36 -13.64 -17.04
N PHE B 894 27.02 -12.99 -18.00
CA PHE B 894 27.52 -13.72 -19.16
C PHE B 894 28.82 -14.46 -18.88
N ARG B 895 29.68 -13.94 -17.99
CA ARG B 895 30.89 -14.70 -17.68
C ARG B 895 30.66 -15.78 -16.64
N SER B 896 29.49 -15.79 -15.98
CA SER B 896 29.12 -16.86 -15.07
C SER B 896 28.30 -17.94 -15.77
N LEU B 897 28.47 -18.07 -17.08
CA LEU B 897 27.86 -19.12 -17.88
C LEU B 897 28.93 -20.15 -18.23
N GLN B 898 28.47 -21.36 -18.53
CA GLN B 898 29.38 -22.33 -19.11
C GLN B 898 29.64 -21.98 -20.57
N SER B 899 30.67 -22.61 -21.14
CA SER B 899 31.00 -22.34 -22.53
C SER B 899 29.98 -22.96 -23.48
N ASN B 900 29.51 -24.17 -23.17
CA ASN B 900 28.63 -24.90 -24.06
C ASN B 900 27.17 -24.46 -23.99
N GLU B 901 26.86 -23.31 -23.41
CA GLU B 901 25.48 -22.83 -23.35
C GLU B 901 25.19 -21.95 -24.55
N LYS B 902 24.03 -22.19 -25.18
CA LYS B 902 23.69 -21.55 -26.44
C LYS B 902 22.85 -20.30 -26.22
N ILE B 903 23.41 -19.38 -25.44
CA ILE B 903 22.83 -18.05 -25.27
C ILE B 903 23.66 -17.12 -26.14
N LEU B 904 23.15 -16.82 -27.34
CA LEU B 904 23.81 -15.92 -28.25
C LEU B 904 23.57 -14.47 -27.84
N LEU B 905 24.64 -13.69 -27.81
CA LEU B 905 24.55 -12.26 -27.57
C LEU B 905 24.64 -11.55 -28.92
N LEU B 906 23.52 -10.99 -29.35
CA LEU B 906 23.43 -10.35 -30.66
C LEU B 906 23.15 -8.87 -30.44
N CYS B 907 24.15 -8.05 -30.76
CA CYS B 907 24.06 -6.61 -30.59
C CYS B 907 24.21 -5.93 -31.94
N LEU B 908 23.31 -5.01 -32.25
CA LEU B 908 23.38 -4.23 -33.47
C LEU B 908 23.63 -2.77 -33.12
N ALA B 909 24.57 -2.15 -33.82
CA ALA B 909 25.02 -0.82 -33.47
C ALA B 909 25.17 0.03 -34.73
N GLU B 910 25.12 1.34 -34.53
CA GLU B 910 25.26 2.31 -35.61
C GLU B 910 26.46 3.19 -35.29
N ASN B 911 27.54 3.01 -36.06
CA ASN B 911 28.78 3.78 -35.96
C ASN B 911 29.41 3.67 -34.57
N LEU B 912 29.52 2.45 -34.08
CA LEU B 912 30.15 2.20 -32.80
C LEU B 912 31.66 2.15 -32.97
N ASP B 913 32.37 2.85 -32.09
CA ASP B 913 33.82 2.83 -32.13
C ASP B 913 34.35 1.49 -31.64
N ILE B 914 35.38 0.99 -32.33
CA ILE B 914 36.01 -0.27 -31.94
C ILE B 914 36.82 -0.09 -30.64
N SER B 915 37.18 1.15 -30.30
CA SER B 915 37.86 1.42 -29.04
C SER B 915 36.97 1.19 -27.83
N GLU B 916 35.65 1.18 -27.99
CA GLU B 916 34.76 0.87 -26.89
C GLU B 916 34.61 -0.64 -26.66
N VAL B 917 34.83 -1.44 -27.70
CA VAL B 917 34.82 -2.90 -27.55
C VAL B 917 36.22 -3.47 -27.45
N LYS B 918 37.24 -2.63 -27.49
CA LYS B 918 38.63 -3.06 -27.33
C LYS B 918 39.14 -2.82 -25.92
N ASN B 919 39.00 -1.61 -25.39
CA ASN B 919 39.43 -1.30 -24.03
C ASN B 919 38.40 -0.41 -23.33
N GLY B 920 37.12 -0.74 -23.48
CA GLY B 920 36.06 0.10 -22.96
C GLY B 920 35.11 -0.59 -22.01
N ILE B 921 33.81 -0.32 -22.18
CA ILE B 921 32.78 -0.88 -21.31
C ILE B 921 32.10 -2.09 -21.91
N LEU B 922 32.54 -2.52 -23.10
CA LEU B 922 32.07 -3.74 -23.73
C LEU B 922 33.21 -4.72 -23.94
N SER B 923 34.34 -4.52 -23.26
CA SER B 923 35.49 -5.41 -23.38
C SER B 923 35.27 -6.75 -22.69
N ASP B 924 34.38 -6.80 -21.71
CA ASP B 924 34.09 -8.01 -20.95
C ASP B 924 33.01 -8.87 -21.59
N PHE B 925 32.79 -8.73 -22.90
CA PHE B 925 31.81 -9.53 -23.62
C PHE B 925 32.44 -10.38 -24.71
N ALA B 926 33.75 -10.24 -24.94
CA ALA B 926 34.52 -10.98 -25.95
C ALA B 926 33.97 -10.79 -27.35
N PHE B 927 33.97 -9.53 -27.78
CA PHE B 927 33.68 -9.17 -29.17
C PHE B 927 34.96 -9.06 -29.99
N ASP B 928 35.80 -10.11 -29.97
CA ASP B 928 37.12 -10.00 -30.58
C ASP B 928 37.08 -10.24 -32.09
N LYS B 929 36.75 -11.46 -32.50
CA LYS B 929 36.65 -11.81 -33.91
C LYS B 929 35.24 -11.64 -34.44
N ASN B 930 34.26 -11.47 -33.54
CA ASN B 930 32.84 -11.54 -33.88
C ASN B 930 32.24 -10.18 -34.18
N ILE B 931 33.00 -9.29 -34.81
CA ILE B 931 32.49 -8.01 -35.25
C ILE B 931 32.27 -8.09 -36.76
N PHE B 932 31.02 -7.99 -37.18
CA PHE B 932 30.66 -7.97 -38.59
C PHE B 932 30.34 -6.54 -39.01
N GLN B 933 30.93 -6.11 -40.11
CA GLN B 933 30.74 -4.75 -40.61
C GLN B 933 29.74 -4.77 -41.76
N LEU B 934 28.61 -4.10 -41.57
CA LEU B 934 27.63 -3.91 -42.63
C LEU B 934 28.13 -2.80 -43.53
N HIS B 935 28.78 -3.15 -44.63
CA HIS B 935 29.25 -2.11 -45.52
C HIS B 935 28.10 -1.58 -46.36
N LYS B 936 28.33 -0.41 -46.95
CA LYS B 936 27.32 0.25 -47.77
C LYS B 936 27.05 -0.57 -49.03
N PRO B 937 25.81 -0.56 -49.54
CA PRO B 937 25.49 -1.42 -50.69
C PRO B 937 26.15 -0.94 -51.97
N SER B 938 26.57 -1.91 -52.78
CA SER B 938 27.37 -1.67 -53.96
C SER B 938 26.50 -1.25 -55.13
N LYS B 939 27.09 -1.22 -56.33
CA LYS B 939 26.42 -0.66 -57.51
C LYS B 939 25.33 -1.58 -58.03
N GLU B 940 25.54 -2.90 -57.98
CA GLU B 940 24.58 -3.83 -58.58
C GLU B 940 23.31 -3.94 -57.75
N ASN B 941 23.42 -3.82 -56.43
CA ASN B 941 22.24 -3.84 -55.57
C ASN B 941 21.37 -2.61 -55.79
N ILE B 942 22.01 -1.44 -55.93
CA ILE B 942 21.30 -0.21 -56.25
C ILE B 942 20.67 -0.30 -57.64
N THR B 943 21.36 -0.98 -58.57
CA THR B 943 20.83 -1.18 -59.91
C THR B 943 19.57 -2.05 -59.89
N ARG B 944 19.55 -3.11 -59.07
CA ARG B 944 18.37 -3.97 -59.01
C ARG B 944 17.21 -3.27 -58.31
N TYR B 945 17.51 -2.52 -57.24
CA TYR B 945 16.52 -1.71 -56.53
C TYR B 945 15.82 -0.71 -57.46
N PHE B 946 16.62 0.10 -58.15
CA PHE B 946 16.03 1.06 -59.07
C PHE B 946 15.53 0.41 -60.36
N SER B 947 15.93 -0.83 -60.65
CA SER B 947 15.32 -1.56 -61.76
C SER B 947 13.90 -1.96 -61.44
N ASN B 948 13.62 -2.32 -60.18
CA ASN B 948 12.23 -2.52 -59.77
C ASN B 948 11.45 -1.22 -59.84
N LEU B 949 12.10 -0.10 -59.49
CA LEU B 949 11.45 1.20 -59.64
C LEU B 949 11.12 1.53 -61.11
N ILE B 950 12.05 1.24 -62.01
CA ILE B 950 11.84 1.46 -63.44
C ILE B 950 10.75 0.52 -63.98
N GLU B 951 10.69 -0.71 -63.46
CA GLU B 951 9.61 -1.63 -63.82
C GLU B 951 8.25 -1.10 -63.37
N LEU B 952 8.21 -0.36 -62.26
CA LEU B 952 6.99 0.38 -61.94
C LEU B 952 6.72 1.48 -62.97
N LEU B 953 7.77 2.16 -63.44
CA LEU B 953 7.58 3.29 -64.35
C LEU B 953 7.02 2.87 -65.71
N LYS B 954 7.55 1.80 -66.31
CA LYS B 954 7.13 1.40 -67.65
C LYS B 954 6.00 0.37 -67.56
N THR B 955 4.91 0.78 -66.92
CA THR B 955 3.69 -0.01 -66.89
C THR B 955 2.58 0.76 -67.58
N LYS B 956 1.56 0.04 -67.97
CA LYS B 956 0.44 0.70 -68.63
C LYS B 956 -0.64 1.04 -67.62
N PRO B 957 -1.42 2.10 -67.87
CA PRO B 957 -2.55 2.42 -67.00
C PRO B 957 -3.66 1.37 -66.98
N SER B 958 -3.68 0.45 -67.93
CA SER B 958 -4.57 -0.71 -67.84
C SER B 958 -4.01 -1.80 -66.95
N ASP B 959 -2.73 -1.75 -66.62
CA ASP B 959 -2.11 -2.69 -65.69
C ASP B 959 -2.16 -2.19 -64.26
N ILE B 960 -2.16 -0.87 -64.07
CA ILE B 960 -2.31 -0.25 -62.75
C ILE B 960 -3.70 -0.58 -62.24
N PRO B 961 -3.82 -1.23 -61.08
CA PRO B 961 -5.15 -1.67 -60.64
C PRO B 961 -6.01 -0.56 -60.08
N MET B 962 -6.96 -0.11 -60.89
CA MET B 962 -8.07 0.70 -60.44
C MET B 962 -9.29 -0.22 -60.32
N LYS B 963 -10.19 0.12 -59.39
CA LYS B 963 -11.09 -0.91 -58.91
C LYS B 963 -12.23 -1.25 -59.87
N LYS B 964 -13.27 -0.40 -59.95
CA LYS B 964 -14.44 -0.55 -60.81
C LYS B 964 -15.35 0.64 -60.52
N ARG B 965 -16.30 0.93 -61.40
CA ARG B 965 -17.61 1.43 -60.98
C ARG B 965 -18.65 0.55 -61.64
N ARG B 966 -19.45 -0.13 -60.83
CA ARG B 966 -20.37 -1.14 -61.36
C ARG B 966 -21.51 -0.50 -62.14
N VAL B 967 -21.85 -1.11 -63.27
CA VAL B 967 -22.84 -0.53 -64.16
C VAL B 967 -24.25 -0.83 -63.68
N LYS B 968 -24.45 -1.98 -63.06
CA LYS B 968 -25.75 -2.34 -62.53
C LYS B 968 -25.68 -2.48 -61.01
N PRO B 969 -26.77 -2.19 -60.30
CA PRO B 969 -26.78 -2.41 -58.85
C PRO B 969 -26.88 -3.88 -58.52
N LEU B 970 -26.66 -4.19 -57.26
CA LEU B 970 -26.75 -5.56 -56.79
C LEU B 970 -28.20 -6.02 -56.79
N PRO B 971 -28.46 -7.29 -57.13
CA PRO B 971 -29.84 -7.79 -57.11
C PRO B 971 -30.37 -7.92 -55.69
N GLU B 972 -31.60 -7.48 -55.49
CA GLU B 972 -32.27 -7.65 -54.22
C GLU B 972 -32.57 -9.13 -53.98
N LEU B 973 -32.72 -9.48 -52.71
CA LEU B 973 -32.85 -10.88 -52.31
C LEU B 973 -34.25 -11.13 -51.78
N GLN B 974 -34.77 -12.33 -52.05
CA GLN B 974 -36.10 -12.72 -51.62
C GLN B 974 -36.07 -13.02 -50.12
N LYS B 975 -36.82 -12.26 -49.35
CA LYS B 975 -36.87 -12.47 -47.90
C LYS B 975 -37.61 -13.76 -47.57
N VAL B 976 -37.31 -14.31 -46.41
CA VAL B 976 -38.00 -15.50 -45.93
C VAL B 976 -38.84 -15.16 -44.70
N LYS B 1355 -4.89 3.49 -76.11
CA LYS B 1355 -3.67 4.13 -76.55
C LYS B 1355 -2.46 3.23 -76.32
N GLU B 1356 -1.29 3.70 -76.70
CA GLU B 1356 -0.05 2.96 -76.52
C GLU B 1356 0.92 3.79 -75.69
N LEU B 1357 1.73 3.10 -74.88
CA LEU B 1357 2.67 3.76 -73.98
C LEU B 1357 3.88 4.23 -74.77
N ILE B 1358 4.14 5.53 -74.75
CA ILE B 1358 5.27 6.12 -75.46
C ILE B 1358 6.36 6.39 -74.42
N LEU B 1359 7.40 5.55 -74.45
CA LEU B 1359 8.53 5.67 -73.54
C LEU B 1359 9.70 4.99 -74.21
N THR B 1360 10.67 5.78 -74.68
CA THR B 1360 11.78 5.20 -75.41
C THR B 1360 12.76 4.52 -74.45
N PRO B 1361 13.44 3.47 -74.90
CA PRO B 1361 14.44 2.80 -74.03
C PRO B 1361 15.68 3.63 -73.77
N GLU B 1362 15.89 4.75 -74.46
CA GLU B 1362 16.98 5.66 -74.13
C GLU B 1362 16.68 6.48 -72.89
N GLN B 1363 15.42 6.87 -72.70
CA GLN B 1363 15.02 7.61 -71.50
C GLN B 1363 15.11 6.76 -70.24
N ILE B 1364 14.82 5.47 -70.36
CA ILE B 1364 14.95 4.54 -69.25
C ILE B 1364 16.41 4.43 -68.84
N LYS B 1365 17.32 4.35 -69.81
CA LYS B 1365 18.75 4.28 -69.51
C LYS B 1365 19.27 5.59 -68.93
N LYS B 1366 18.71 6.72 -69.37
CA LYS B 1366 19.10 8.01 -68.78
C LYS B 1366 18.65 8.13 -67.32
N VAL B 1367 17.42 7.70 -67.04
CA VAL B 1367 16.90 7.75 -65.67
C VAL B 1367 17.66 6.79 -64.76
N SER B 1368 18.01 5.61 -65.29
CA SER B 1368 18.76 4.65 -64.49
C SER B 1368 20.18 5.13 -64.22
N ALA B 1369 20.83 5.74 -65.22
CA ALA B 1369 22.16 6.29 -65.01
C ALA B 1369 22.14 7.46 -64.03
N CYS B 1370 21.08 8.27 -64.06
CA CYS B 1370 21.00 9.40 -63.13
C CYS B 1370 20.72 8.91 -61.71
N LEU B 1371 19.92 7.86 -61.56
CA LEU B 1371 19.65 7.28 -60.25
C LEU B 1371 20.90 6.61 -59.68
N ILE B 1372 21.72 6.01 -60.55
CA ILE B 1372 22.95 5.38 -60.08
C ILE B 1372 23.98 6.44 -59.69
N GLU B 1373 24.15 7.46 -60.52
CA GLU B 1373 25.16 8.49 -60.25
C GLU B 1373 24.76 9.40 -59.10
N HIS B 1374 23.46 9.58 -58.84
CA HIS B 1374 23.05 10.40 -57.71
C HIS B 1374 23.27 9.68 -56.39
N CYS B 1375 23.02 8.37 -56.36
CA CYS B 1375 23.18 7.58 -55.16
C CYS B 1375 24.54 6.89 -55.12
N GLN B 1376 25.59 7.72 -55.08
CA GLN B 1376 26.95 7.24 -54.93
C GLN B 1376 27.33 7.29 -53.46
N ASN B 1377 27.76 6.13 -52.93
CA ASN B 1377 28.18 5.95 -51.53
C ASN B 1377 27.07 6.32 -50.55
N PHE B 1378 25.85 5.93 -50.87
CA PHE B 1378 24.71 6.16 -50.00
C PHE B 1378 24.41 4.93 -49.16
N THR B 1379 23.68 5.14 -48.08
CA THR B 1379 23.25 4.09 -47.18
C THR B 1379 21.88 3.57 -47.63
N VAL B 1380 21.25 2.74 -46.80
CA VAL B 1380 19.94 2.22 -47.15
C VAL B 1380 18.86 3.26 -46.91
N SER B 1381 19.03 4.13 -45.91
CA SER B 1381 18.03 5.15 -45.62
C SER B 1381 17.98 6.22 -46.69
N GLN B 1382 19.14 6.64 -47.19
CA GLN B 1382 19.17 7.61 -48.28
C GLN B 1382 18.65 7.01 -49.57
N LEU B 1383 18.90 5.71 -49.79
CA LEU B 1383 18.37 5.04 -50.96
C LEU B 1383 16.85 4.92 -50.88
N GLU B 1384 16.31 4.67 -49.69
CA GLU B 1384 14.86 4.64 -49.54
C GLU B 1384 14.24 6.02 -49.66
N ASP B 1385 14.99 7.07 -49.28
CA ASP B 1385 14.52 8.44 -49.49
C ASP B 1385 14.41 8.76 -50.98
N VAL B 1386 15.45 8.43 -51.75
CA VAL B 1386 15.42 8.65 -53.20
C VAL B 1386 14.35 7.78 -53.85
N HIS B 1387 14.16 6.56 -53.35
CA HIS B 1387 13.17 5.66 -53.91
C HIS B 1387 11.75 6.14 -53.66
N SER B 1388 11.48 6.68 -52.46
CA SER B 1388 10.17 7.25 -52.17
C SER B 1388 9.92 8.52 -52.98
N SER B 1389 10.95 9.36 -53.10
CA SER B 1389 10.82 10.61 -53.84
C SER B 1389 10.61 10.39 -55.33
N VAL B 1390 11.14 9.29 -55.88
CA VAL B 1390 10.89 8.99 -57.29
C VAL B 1390 9.58 8.22 -57.47
N ALA B 1391 9.19 7.39 -56.49
CA ALA B 1391 7.93 6.68 -56.59
C ALA B 1391 6.74 7.62 -56.47
N LYS B 1392 6.89 8.74 -55.75
CA LYS B 1392 5.84 9.75 -55.72
C LYS B 1392 5.64 10.40 -57.09
N ILE B 1393 6.75 10.67 -57.79
CA ILE B 1393 6.70 11.27 -59.11
C ILE B 1393 6.09 10.30 -60.12
N ILE B 1394 6.41 9.02 -59.99
CA ILE B 1394 5.88 8.02 -60.92
C ILE B 1394 4.39 7.78 -60.67
N TRP B 1395 3.99 7.71 -59.40
CA TRP B 1395 2.58 7.52 -59.08
C TRP B 1395 1.74 8.78 -59.21
N LYS B 1396 2.38 9.94 -59.43
CA LYS B 1396 1.63 11.12 -59.84
C LYS B 1396 0.96 10.89 -61.20
N SER B 1397 1.76 10.57 -62.20
CA SER B 1397 1.25 10.31 -63.55
C SER B 1397 1.14 8.80 -63.79
N LYS B 1398 0.24 8.18 -63.03
CA LYS B 1398 -0.01 6.76 -63.22
C LYS B 1398 -1.04 6.49 -64.30
N SER B 1399 -1.77 7.50 -64.75
CA SER B 1399 -2.74 7.34 -65.83
C SER B 1399 -2.25 7.92 -67.14
N ALA B 1400 -1.22 8.77 -67.11
CA ALA B 1400 -0.73 9.40 -68.33
C ALA B 1400 0.02 8.40 -69.20
N TRP B 1401 -0.23 8.45 -70.50
CA TRP B 1401 0.45 7.58 -71.45
C TRP B 1401 1.72 8.20 -72.01
N ASP B 1402 1.82 9.53 -72.02
CA ASP B 1402 3.06 10.20 -72.42
C ASP B 1402 3.91 10.34 -71.15
N LYS B 1403 4.86 9.44 -70.99
CA LYS B 1403 5.71 9.41 -69.80
C LYS B 1403 6.97 10.23 -69.95
N THR B 1404 6.97 11.25 -70.81
CA THR B 1404 8.13 12.10 -70.98
C THR B 1404 8.19 13.19 -69.92
N GLY B 1405 7.03 13.67 -69.47
CA GLY B 1405 7.00 14.65 -68.40
C GLY B 1405 7.48 14.10 -67.07
N THR B 1406 7.13 12.85 -66.77
CA THR B 1406 7.59 12.26 -65.52
C THR B 1406 9.07 11.89 -65.57
N VAL B 1407 9.60 11.53 -66.75
CA VAL B 1407 11.03 11.32 -66.91
C VAL B 1407 11.78 12.64 -66.73
N ASP B 1408 11.25 13.73 -67.30
CA ASP B 1408 11.87 15.03 -67.13
C ASP B 1408 11.81 15.49 -65.68
N GLU B 1409 10.72 15.18 -64.98
CA GLU B 1409 10.63 15.53 -63.56
C GLU B 1409 11.56 14.67 -62.70
N ILE B 1410 11.78 13.42 -63.08
CA ILE B 1410 12.70 12.55 -62.35
C ILE B 1410 14.13 13.04 -62.51
N ILE B 1411 14.52 13.38 -63.74
CA ILE B 1411 15.87 13.89 -63.97
C ILE B 1411 16.04 15.28 -63.37
N LYS B 1412 14.96 16.07 -63.31
CA LYS B 1412 15.04 17.37 -62.67
C LYS B 1412 15.15 17.25 -61.16
N PHE B 1413 14.60 16.19 -60.57
CA PHE B 1413 14.69 16.03 -59.12
C PHE B 1413 16.10 15.66 -58.70
N LEU B 1414 16.77 14.80 -59.46
CA LEU B 1414 18.11 14.33 -59.09
C LEU B 1414 19.20 15.24 -59.64
N SER B 1415 19.07 16.53 -59.37
CA SER B 1415 20.05 17.52 -59.79
C SER B 1415 20.19 18.61 -58.73
N ASP C 444 -2.29 -42.99 1.64
CA ASP C 444 -1.97 -43.86 2.76
C ASP C 444 -1.67 -45.27 2.26
N MET C 445 -0.42 -45.70 2.47
CA MET C 445 0.01 -47.03 2.07
C MET C 445 0.60 -47.76 3.27
N ASN C 446 1.19 -48.93 3.03
CA ASN C 446 1.86 -49.67 4.08
C ASN C 446 3.35 -49.33 4.12
N VAL C 447 3.62 -48.03 4.20
CA VAL C 447 5.00 -47.52 4.21
C VAL C 447 5.61 -47.75 5.59
N ASN C 448 6.46 -48.74 5.68
CA ASN C 448 7.22 -48.96 6.90
C ASN C 448 8.37 -47.98 6.99
N PHE C 449 9.07 -48.01 8.12
CA PHE C 449 10.18 -47.08 8.34
C PHE C 449 11.42 -47.44 7.54
N ASP C 450 11.46 -48.64 6.94
CA ASP C 450 12.54 -49.02 6.04
C ASP C 450 12.31 -48.57 4.61
N ASP C 451 11.34 -47.69 4.39
CA ASP C 451 11.17 -46.99 3.13
C ASP C 451 11.51 -45.51 3.25
N ILE C 452 12.17 -45.11 4.34
CA ILE C 452 12.66 -43.75 4.53
C ILE C 452 14.17 -43.82 4.70
N GLY C 453 14.89 -43.04 3.89
CA GLY C 453 16.33 -43.03 3.92
C GLY C 453 16.87 -41.68 4.35
N GLY C 454 17.76 -41.70 5.33
CA GLY C 454 18.50 -40.52 5.72
C GLY C 454 17.95 -39.77 6.91
N LEU C 455 16.92 -40.29 7.58
CA LEU C 455 16.29 -39.61 8.70
C LEU C 455 16.13 -40.58 9.87
N ASP C 456 17.20 -41.31 10.19
CA ASP C 456 17.13 -42.34 11.24
C ASP C 456 17.01 -41.73 12.63
N ASN C 457 17.55 -40.53 12.83
CA ASN C 457 17.52 -39.89 14.15
C ASN C 457 16.11 -39.48 14.52
N TYR C 458 15.39 -38.87 13.60
CA TYR C 458 14.00 -38.48 13.87
C TYR C 458 13.09 -39.69 13.91
N ILE C 459 13.45 -40.76 13.20
CA ILE C 459 12.72 -42.03 13.32
C ILE C 459 12.85 -42.58 14.73
N ASP C 460 14.06 -42.52 15.30
CA ASP C 460 14.28 -43.01 16.65
C ASP C 460 13.58 -42.13 17.68
N GLN C 461 13.60 -40.82 17.48
CA GLN C 461 12.91 -39.92 18.41
C GLN C 461 11.40 -40.06 18.36
N LEU C 462 10.83 -40.30 17.17
CA LEU C 462 9.39 -40.52 17.07
C LEU C 462 9.00 -41.87 17.65
N LYS C 463 9.83 -42.90 17.45
CA LYS C 463 9.57 -44.21 18.06
C LYS C 463 9.63 -44.12 19.57
N GLU C 464 10.57 -43.31 20.09
CA GLU C 464 10.60 -43.00 21.52
C GLU C 464 9.30 -42.37 21.99
N MET C 465 8.93 -41.24 21.40
CA MET C 465 7.78 -40.51 21.91
C MET C 465 6.45 -41.16 21.58
N VAL C 466 6.42 -42.22 20.77
CA VAL C 466 5.17 -42.94 20.52
C VAL C 466 5.13 -44.31 21.21
N ALA C 467 6.26 -44.83 21.68
CA ALA C 467 6.26 -46.11 22.37
C ALA C 467 6.57 -46.01 23.85
N LEU C 468 7.64 -45.30 24.21
CA LEU C 468 8.16 -45.26 25.57
C LEU C 468 7.24 -44.65 26.63
N PRO C 469 6.41 -43.61 26.36
CA PRO C 469 5.43 -43.23 27.38
C PRO C 469 4.26 -44.18 27.54
N LEU C 470 4.16 -45.25 26.74
CA LEU C 470 3.12 -46.24 26.94
C LEU C 470 3.63 -47.66 27.10
N LEU C 471 4.88 -47.93 26.73
CA LEU C 471 5.46 -49.23 26.96
C LEU C 471 6.32 -49.29 28.22
N TYR C 472 7.03 -48.20 28.54
CA TYR C 472 7.86 -48.10 29.73
C TYR C 472 7.42 -46.86 30.49
N PRO C 473 6.28 -46.94 31.21
CA PRO C 473 5.70 -45.72 31.77
C PRO C 473 6.39 -45.22 33.04
N GLU C 474 7.11 -46.08 33.76
CA GLU C 474 7.61 -45.73 35.08
C GLU C 474 8.72 -44.69 35.06
N LEU C 475 9.48 -44.61 33.97
CA LEU C 475 10.71 -43.83 33.95
C LEU C 475 10.48 -42.33 33.99
N TYR C 476 9.24 -41.88 33.81
CA TYR C 476 8.91 -40.47 33.96
C TYR C 476 8.34 -40.13 35.33
N GLN C 477 8.47 -41.02 36.32
CA GLN C 477 8.02 -40.64 37.66
C GLN C 477 9.17 -40.15 38.54
N ASN C 478 10.33 -40.79 38.48
CA ASN C 478 11.44 -40.42 39.36
C ASN C 478 12.02 -39.07 38.96
N PHE C 479 11.99 -38.74 37.68
CA PHE C 479 12.17 -37.38 37.22
C PHE C 479 10.78 -36.81 37.00
N ASN C 480 10.46 -35.70 37.68
CA ASN C 480 9.14 -35.09 37.56
C ASN C 480 9.08 -34.33 36.23
N ILE C 481 8.91 -35.10 35.16
CA ILE C 481 8.96 -34.58 33.81
C ILE C 481 7.75 -35.07 33.04
N THR C 482 7.20 -34.21 32.20
CA THR C 482 6.22 -34.64 31.23
C THR C 482 6.93 -35.14 29.97
N PRO C 483 6.35 -36.11 29.27
CA PRO C 483 6.89 -36.51 27.97
C PRO C 483 6.72 -35.38 26.96
N PRO C 484 7.53 -35.33 25.91
CA PRO C 484 7.36 -34.30 24.88
C PRO C 484 6.07 -34.51 24.12
N ARG C 485 5.35 -33.41 23.92
CA ARG C 485 3.99 -33.43 23.42
C ARG C 485 3.87 -33.05 21.95
N GLY C 486 4.55 -32.01 21.52
CA GLY C 486 4.41 -31.53 20.16
C GLY C 486 5.72 -31.55 19.41
N VAL C 487 5.61 -31.80 18.11
CA VAL C 487 6.76 -31.83 17.21
C VAL C 487 6.38 -31.10 15.93
N LEU C 488 7.31 -30.30 15.42
CA LEU C 488 7.08 -29.47 14.25
C LEU C 488 8.07 -29.88 13.17
N PHE C 489 7.57 -30.51 12.11
CA PHE C 489 8.40 -30.90 10.99
C PHE C 489 8.56 -29.71 10.05
N HIS C 490 9.79 -29.37 9.70
CA HIS C 490 9.98 -28.29 8.74
C HIS C 490 11.23 -28.54 7.92
N GLY C 491 11.22 -28.00 6.70
CA GLY C 491 12.30 -28.19 5.76
C GLY C 491 11.87 -27.87 4.35
N PRO C 492 12.77 -28.07 3.39
CA PRO C 492 12.43 -27.82 1.98
C PRO C 492 11.43 -28.83 1.47
N PRO C 493 10.70 -28.52 0.40
CA PRO C 493 9.66 -29.44 -0.08
C PRO C 493 10.26 -30.69 -0.72
N GLY C 494 9.56 -31.80 -0.53
CA GLY C 494 10.02 -33.08 -1.04
C GLY C 494 11.20 -33.60 -0.24
N THR C 495 10.98 -33.84 1.06
CA THR C 495 12.06 -34.29 1.91
C THR C 495 11.62 -35.50 2.74
N GLY C 496 10.34 -35.59 3.05
CA GLY C 496 9.84 -36.74 3.78
C GLY C 496 9.02 -36.46 5.02
N LYS C 497 8.44 -35.26 5.11
CA LYS C 497 7.61 -34.91 6.27
C LYS C 497 6.33 -35.73 6.30
N THR C 498 5.55 -35.66 5.21
CA THR C 498 4.34 -36.46 5.11
C THR C 498 4.67 -37.95 5.03
N LEU C 499 5.85 -38.30 4.51
CA LEU C 499 6.27 -39.69 4.55
C LEU C 499 6.56 -40.14 5.97
N MET C 500 7.09 -39.25 6.80
CA MET C 500 7.32 -39.59 8.21
C MET C 500 6.01 -39.75 8.96
N ALA C 501 5.03 -38.89 8.68
CA ALA C 501 3.73 -39.03 9.31
C ALA C 501 2.99 -40.28 8.84
N ARG C 502 3.12 -40.62 7.55
CA ARG C 502 2.49 -41.81 7.02
C ARG C 502 3.15 -43.08 7.54
N ALA C 503 4.47 -43.05 7.73
CA ALA C 503 5.15 -44.21 8.30
C ALA C 503 4.87 -44.34 9.79
N LEU C 504 4.63 -43.24 10.49
CA LEU C 504 4.22 -43.34 11.88
C LEU C 504 2.78 -43.84 11.99
N ALA C 505 1.95 -43.55 10.99
CA ALA C 505 0.61 -44.14 10.93
C ALA C 505 0.68 -45.64 10.66
N ALA C 506 1.52 -46.04 9.72
CA ALA C 506 1.54 -47.44 9.29
C ALA C 506 2.24 -48.34 10.29
N SER C 507 3.36 -47.88 10.86
CA SER C 507 4.14 -48.72 11.77
C SER C 507 3.42 -48.89 13.10
N CYS C 508 2.72 -47.87 13.55
CA CYS C 508 1.92 -47.96 14.78
C CYS C 508 0.49 -48.36 14.44
N SER C 509 0.36 -49.49 13.75
CA SER C 509 -0.93 -50.14 13.53
C SER C 509 -0.63 -51.62 13.36
N SER C 510 -0.74 -52.38 14.44
CA SER C 510 -0.40 -53.80 14.42
C SER C 510 -1.33 -54.52 15.39
N ASP C 511 -1.01 -55.79 15.66
CA ASP C 511 -1.91 -56.61 16.45
C ASP C 511 -1.82 -56.30 17.94
N GLU C 512 -0.59 -56.17 18.47
CA GLU C 512 -0.43 -56.04 19.91
C GLU C 512 -0.76 -54.64 20.42
N ARG C 513 -0.82 -53.65 19.52
CA ARG C 513 -1.14 -52.30 19.93
C ARG C 513 -1.77 -51.55 18.77
N LYS C 514 -2.79 -50.76 19.07
CA LYS C 514 -3.47 -49.93 18.08
C LYS C 514 -3.12 -48.47 18.34
N ILE C 515 -2.79 -47.74 17.29
CA ILE C 515 -2.62 -46.29 17.33
C ILE C 515 -3.36 -45.72 16.13
N THR C 516 -4.36 -44.88 16.39
CA THR C 516 -5.20 -44.31 15.35
C THR C 516 -4.68 -42.93 14.95
N PHE C 517 -4.82 -42.61 13.67
CA PHE C 517 -4.27 -41.40 13.10
C PHE C 517 -5.40 -40.46 12.70
N PHE C 518 -5.32 -39.21 13.15
CA PHE C 518 -6.24 -38.15 12.77
C PHE C 518 -5.48 -37.09 11.99
N MET C 519 -5.92 -36.83 10.77
CA MET C 519 -5.26 -35.85 9.89
C MET C 519 -6.22 -34.72 9.56
N ARG C 520 -5.76 -33.49 9.75
CA ARG C 520 -6.47 -32.31 9.28
C ARG C 520 -5.52 -31.49 8.43
N LYS C 521 -5.91 -31.24 7.18
CA LYS C 521 -5.08 -30.52 6.24
C LYS C 521 -5.10 -29.02 6.54
N GLY C 522 -4.39 -28.24 5.73
CA GLY C 522 -4.18 -26.84 6.02
C GLY C 522 -5.41 -25.97 5.84
N ALA C 523 -5.95 -25.51 6.97
CA ALA C 523 -7.17 -24.68 7.05
C ALA C 523 -8.37 -25.34 6.37
N ASP C 524 -8.46 -26.67 6.43
CA ASP C 524 -9.61 -27.38 5.89
C ASP C 524 -10.77 -27.45 6.87
N ILE C 525 -10.60 -26.94 8.09
CA ILE C 525 -11.59 -27.11 9.14
C ILE C 525 -12.46 -25.87 9.30
N LEU C 526 -12.11 -24.77 8.66
CA LEU C 526 -12.88 -23.53 8.77
C LEU C 526 -13.91 -23.42 7.65
N SER C 527 -14.98 -22.68 7.94
CA SER C 527 -16.08 -22.50 7.01
C SER C 527 -16.64 -21.09 7.21
N LYS C 528 -17.65 -20.75 6.42
CA LYS C 528 -18.24 -19.42 6.49
C LYS C 528 -19.05 -19.21 7.76
N TRP C 529 -19.43 -20.29 8.43
CA TRP C 529 -20.10 -20.20 9.71
C TRP C 529 -19.08 -19.71 10.74
N VAL C 530 -19.56 -18.94 11.72
CA VAL C 530 -18.66 -18.10 12.52
C VAL C 530 -17.77 -18.94 13.43
N GLY C 531 -18.38 -19.66 14.37
CA GLY C 531 -17.63 -20.44 15.32
C GLY C 531 -17.83 -21.94 15.14
N GLU C 532 -18.27 -22.35 13.94
CA GLU C 532 -18.36 -23.77 13.64
C GLU C 532 -16.98 -24.38 13.43
N ALA C 533 -15.99 -23.57 13.08
CA ALA C 533 -14.61 -24.05 13.02
C ALA C 533 -14.08 -24.37 14.40
N GLU C 534 -14.43 -23.54 15.39
CA GLU C 534 -14.07 -23.80 16.77
C GLU C 534 -14.73 -25.08 17.26
N ARG C 535 -15.97 -25.30 16.85
CA ARG C 535 -16.69 -26.52 17.18
C ARG C 535 -16.04 -27.74 16.54
N GLN C 536 -15.66 -27.63 15.26
CA GLN C 536 -15.06 -28.75 14.55
C GLN C 536 -13.64 -29.05 14.99
N LEU C 537 -12.95 -28.09 15.59
CA LEU C 537 -11.64 -28.36 16.19
C LEU C 537 -11.77 -28.95 17.58
N ARG C 538 -12.73 -28.44 18.37
CA ARG C 538 -12.91 -28.93 19.73
C ARG C 538 -13.47 -30.35 19.73
N LEU C 539 -14.37 -30.67 18.79
CA LEU C 539 -14.85 -32.04 18.70
C LEU C 539 -13.76 -32.97 18.19
N LEU C 540 -12.85 -32.46 17.35
CA LEU C 540 -11.72 -33.27 16.89
C LEU C 540 -10.81 -33.65 18.05
N PHE C 541 -10.48 -32.67 18.90
CA PHE C 541 -9.67 -33.00 20.07
C PHE C 541 -10.45 -33.83 21.09
N GLU C 542 -11.78 -33.72 21.11
CA GLU C 542 -12.57 -34.55 22.02
C GLU C 542 -12.59 -36.01 21.57
N GLU C 543 -12.71 -36.27 20.25
CA GLU C 543 -12.59 -37.66 19.80
C GLU C 543 -11.15 -38.15 19.88
N ALA C 544 -10.18 -37.23 19.82
CA ALA C 544 -8.80 -37.62 20.04
C ALA C 544 -8.44 -37.74 21.51
N LYS C 545 -9.34 -37.35 22.41
CA LYS C 545 -9.13 -37.48 23.85
C LYS C 545 -9.88 -38.65 24.45
N LYS C 546 -11.15 -38.87 24.05
CA LYS C 546 -11.88 -40.04 24.49
C LYS C 546 -11.30 -41.32 23.91
N HIS C 547 -10.59 -41.22 22.79
CA HIS C 547 -9.62 -42.23 22.40
C HIS C 547 -8.27 -41.84 22.98
N GLN C 548 -7.52 -42.82 23.44
CA GLN C 548 -6.09 -42.62 23.49
C GLN C 548 -5.28 -43.65 22.70
N PRO C 549 -5.68 -44.05 21.46
CA PRO C 549 -4.65 -44.35 20.45
C PRO C 549 -4.36 -43.19 19.49
N SER C 550 -4.86 -41.99 19.78
CA SER C 550 -4.88 -40.93 18.79
C SER C 550 -3.56 -40.17 18.73
N ILE C 551 -3.15 -39.82 17.51
CA ILE C 551 -2.11 -38.82 17.26
C ILE C 551 -2.58 -37.91 16.13
N ILE C 552 -2.46 -36.60 16.32
CA ILE C 552 -3.04 -35.63 15.40
C ILE C 552 -1.93 -35.05 14.54
N PHE C 553 -2.25 -34.74 13.29
CA PHE C 553 -1.30 -34.22 12.31
C PHE C 553 -1.90 -33.03 11.60
N PHE C 554 -1.18 -31.92 11.59
CA PHE C 554 -1.58 -30.69 10.92
C PHE C 554 -0.61 -30.46 9.76
N ASP C 555 -1.03 -30.89 8.56
CA ASP C 555 -0.24 -30.61 7.37
C ASP C 555 -0.51 -29.19 6.91
N GLU C 556 0.56 -28.49 6.55
CA GLU C 556 0.57 -27.07 6.20
C GLU C 556 -0.04 -26.23 7.33
N ILE C 557 0.65 -26.24 8.47
CA ILE C 557 0.22 -25.50 9.65
C ILE C 557 0.36 -23.99 9.46
N ASP C 558 1.18 -23.54 8.52
CA ASP C 558 1.41 -22.12 8.34
C ASP C 558 0.24 -21.40 7.67
N GLY C 559 -0.74 -22.13 7.16
CA GLY C 559 -1.95 -21.51 6.64
C GLY C 559 -3.08 -21.60 7.64
N LEU C 560 -3.11 -22.69 8.41
CA LEU C 560 -4.12 -22.84 9.45
C LEU C 560 -3.83 -21.96 10.66
N ALA C 561 -2.56 -21.80 11.01
CA ALA C 561 -2.15 -21.02 12.17
C ALA C 561 -1.03 -20.07 11.79
N PRO C 562 -1.38 -18.92 11.20
CA PRO C 562 -0.35 -17.94 10.83
C PRO C 562 0.17 -17.15 12.01
N VAL C 563 0.99 -16.13 11.74
CA VAL C 563 1.59 -15.29 12.78
C VAL C 563 0.54 -14.43 13.47
N ARG C 564 0.92 -13.78 14.57
CA ARG C 564 0.01 -12.96 15.35
C ARG C 564 -0.53 -11.80 14.52
N SER C 565 -1.85 -11.65 14.55
CA SER C 565 -2.58 -10.86 13.55
C SER C 565 -2.63 -9.40 14.00
N SER C 566 -1.84 -8.55 13.33
CA SER C 566 -1.87 -7.11 13.60
C SER C 566 -3.13 -6.48 13.03
N LYS C 567 -3.33 -6.61 11.72
CA LYS C 567 -4.65 -6.48 11.12
C LYS C 567 -5.29 -7.87 11.11
N GLN C 568 -6.49 -7.97 10.52
CA GLN C 568 -7.23 -9.23 10.34
C GLN C 568 -7.51 -9.91 11.69
N GLU C 569 -8.41 -9.28 12.45
CA GLU C 569 -8.88 -9.83 13.72
C GLU C 569 -10.01 -10.85 13.54
N GLN C 570 -10.09 -11.45 12.35
CA GLN C 570 -11.12 -12.41 12.00
C GLN C 570 -10.83 -13.81 12.53
N ILE C 571 -11.52 -14.80 11.96
CA ILE C 571 -11.64 -16.15 12.51
C ILE C 571 -10.30 -16.90 12.57
N HIS C 572 -9.28 -16.45 11.83
CA HIS C 572 -7.97 -17.10 11.91
C HIS C 572 -7.31 -16.91 13.28
N ALA C 573 -7.46 -15.71 13.86
CA ALA C 573 -6.94 -15.48 15.21
C ALA C 573 -7.72 -16.27 16.25
N SER C 574 -9.02 -16.47 16.04
CA SER C 574 -9.80 -17.32 16.93
C SER C 574 -9.39 -18.78 16.80
N ILE C 575 -9.02 -19.19 15.59
CA ILE C 575 -8.53 -20.55 15.36
C ILE C 575 -7.20 -20.78 16.07
N VAL C 576 -6.28 -19.83 15.98
CA VAL C 576 -5.00 -20.04 16.65
C VAL C 576 -5.15 -19.89 18.17
N SER C 577 -6.08 -19.07 18.65
CA SER C 577 -6.29 -18.96 20.10
C SER C 577 -6.96 -20.19 20.66
N THR C 578 -7.95 -20.77 19.96
CA THR C 578 -8.52 -22.01 20.42
C THR C 578 -7.58 -23.18 20.24
N LEU C 579 -6.61 -23.10 19.30
CA LEU C 579 -5.65 -24.18 19.18
C LEU C 579 -4.67 -24.16 20.33
N LEU C 580 -4.16 -22.98 20.69
CA LEU C 580 -3.36 -22.82 21.90
C LEU C 580 -4.11 -23.28 23.13
N ALA C 581 -5.37 -22.83 23.29
CA ALA C 581 -6.13 -23.15 24.49
C ALA C 581 -6.58 -24.60 24.52
N LEU C 582 -6.58 -25.28 23.38
CA LEU C 582 -7.07 -26.65 23.32
C LEU C 582 -5.95 -27.67 23.41
N MET C 583 -4.74 -27.34 22.94
CA MET C 583 -3.61 -28.25 23.05
C MET C 583 -2.64 -27.87 24.16
N ASP C 584 -2.93 -26.82 24.94
CA ASP C 584 -2.12 -26.53 26.11
C ASP C 584 -2.27 -27.63 27.15
N GLY C 585 -3.50 -27.88 27.60
CA GLY C 585 -3.73 -29.02 28.43
C GLY C 585 -5.18 -29.33 28.71
N MET C 586 -5.55 -30.58 28.46
CA MET C 586 -6.75 -31.20 29.03
C MET C 586 -6.40 -32.59 29.56
N ASP C 587 -5.12 -32.94 29.56
CA ASP C 587 -4.65 -34.21 30.09
C ASP C 587 -3.23 -34.03 30.57
N ASN C 588 -2.99 -34.33 31.84
CA ASN C 588 -1.65 -34.39 32.38
C ASN C 588 -1.08 -35.76 32.05
N ARG C 589 0.02 -35.77 31.29
CA ARG C 589 0.70 -36.99 30.81
C ARG C 589 -0.26 -37.86 30.00
N GLY C 590 -0.69 -37.31 28.86
CA GLY C 590 -1.70 -37.93 28.02
C GLY C 590 -1.13 -38.56 26.78
N GLN C 591 -2.00 -38.74 25.79
CA GLN C 591 -1.67 -39.44 24.55
C GLN C 591 -2.17 -38.65 23.33
N VAL C 592 -1.85 -37.37 23.27
CA VAL C 592 -2.14 -36.57 22.08
C VAL C 592 -0.84 -35.92 21.60
N ILE C 593 -0.13 -36.61 20.71
CA ILE C 593 1.02 -36.05 20.01
C ILE C 593 0.52 -35.25 18.82
N VAL C 594 0.86 -33.98 18.77
CA VAL C 594 0.39 -33.07 17.74
C VAL C 594 1.57 -32.79 16.83
N ILE C 595 1.64 -33.51 15.72
CA ILE C 595 2.68 -33.29 14.71
C ILE C 595 2.21 -32.17 13.78
N GLY C 596 3.13 -31.28 13.43
CA GLY C 596 2.83 -30.22 12.50
C GLY C 596 3.85 -30.11 11.39
N ALA C 597 3.40 -30.09 10.14
CA ALA C 597 4.30 -30.03 9.01
C ALA C 597 4.19 -28.67 8.34
N THR C 598 5.33 -28.09 7.99
CA THR C 598 5.36 -26.81 7.30
C THR C 598 6.60 -26.75 6.43
N ASN C 599 6.66 -25.74 5.58
CA ASN C 599 7.82 -25.45 4.75
C ASN C 599 8.58 -24.25 5.30
N ARG C 600 7.87 -23.16 5.58
CA ARG C 600 8.45 -22.02 6.25
C ARG C 600 8.06 -22.08 7.72
N PRO C 601 8.97 -22.45 8.62
CA PRO C 601 8.61 -22.50 10.05
C PRO C 601 8.47 -21.14 10.69
N ASP C 602 8.99 -20.09 10.07
CA ASP C 602 8.87 -18.74 10.60
C ASP C 602 7.51 -18.10 10.33
N ALA C 603 6.62 -18.78 9.61
CA ALA C 603 5.27 -18.29 9.38
C ALA C 603 4.26 -18.85 10.37
N VAL C 604 4.66 -19.82 11.16
CA VAL C 604 3.80 -20.34 12.22
C VAL C 604 3.82 -19.34 13.38
N ASP C 605 2.76 -19.31 14.17
CA ASP C 605 2.66 -18.39 15.28
C ASP C 605 3.72 -18.73 16.33
N PRO C 606 4.46 -17.73 16.82
CA PRO C 606 5.46 -18.02 17.88
C PRO C 606 4.82 -18.46 19.19
N ALA C 607 3.57 -18.11 19.42
CA ALA C 607 2.84 -18.60 20.57
C ALA C 607 2.48 -20.07 20.47
N LEU C 608 2.58 -20.66 19.29
CA LEU C 608 2.45 -22.10 19.11
C LEU C 608 3.81 -22.79 19.06
N ARG C 609 4.89 -22.03 19.19
CA ARG C 609 6.25 -22.59 19.21
C ARG C 609 6.85 -22.31 20.58
N ARG C 610 6.61 -23.23 21.52
CA ARG C 610 6.97 -23.04 22.93
C ARG C 610 7.19 -24.42 23.54
N PRO C 611 7.86 -24.50 24.72
CA PRO C 611 8.14 -25.83 25.29
C PRO C 611 6.96 -26.62 25.83
N GLY C 612 5.73 -26.14 25.65
CA GLY C 612 4.57 -26.91 26.05
C GLY C 612 3.74 -27.35 24.87
N ARG C 613 3.80 -26.59 23.79
CA ARG C 613 3.06 -26.86 22.56
C ARG C 613 4.02 -26.71 21.39
N PHE C 614 4.16 -27.77 20.58
CA PHE C 614 5.22 -27.94 19.58
C PHE C 614 6.60 -27.78 20.21
N ASP C 615 6.90 -28.74 21.10
CA ASP C 615 8.15 -28.77 21.83
C ASP C 615 9.35 -28.94 20.91
N ARG C 616 9.45 -30.08 20.24
CA ARG C 616 10.64 -30.38 19.45
C ARG C 616 10.42 -29.97 17.99
N GLU C 617 11.38 -29.25 17.44
CA GLU C 617 11.31 -28.72 16.08
C GLU C 617 12.35 -29.45 15.24
N PHE C 618 11.89 -30.29 14.32
CA PHE C 618 12.77 -31.10 13.51
C PHE C 618 12.99 -30.46 12.14
N TYR C 619 14.24 -30.40 11.73
CA TYR C 619 14.62 -29.92 10.41
C TYR C 619 14.91 -31.13 9.53
N PHE C 620 14.17 -31.25 8.44
CA PHE C 620 14.32 -32.34 7.49
C PHE C 620 15.24 -31.86 6.39
N PRO C 621 16.50 -32.25 6.37
CA PRO C 621 17.44 -31.65 5.43
C PRO C 621 17.39 -32.32 4.07
N LEU C 622 17.74 -31.55 3.05
CA LEU C 622 17.92 -32.10 1.72
C LEU C 622 19.08 -33.10 1.75
N PRO C 623 18.91 -34.28 1.18
CA PRO C 623 19.86 -35.37 1.45
C PRO C 623 21.21 -35.16 0.77
N ASP C 624 22.25 -35.67 1.44
CA ASP C 624 23.59 -35.68 0.92
C ASP C 624 23.80 -36.94 0.06
N VAL C 625 25.05 -37.24 -0.28
CA VAL C 625 25.34 -38.33 -1.22
C VAL C 625 25.03 -39.69 -0.61
N LYS C 626 25.37 -39.87 0.67
CA LYS C 626 25.14 -41.13 1.35
C LYS C 626 23.65 -41.39 1.56
N ALA C 627 22.85 -40.34 1.71
CA ALA C 627 21.41 -40.53 1.87
C ALA C 627 20.70 -40.66 0.53
N ARG C 628 21.20 -39.98 -0.51
CA ARG C 628 20.60 -40.12 -1.83
C ARG C 628 20.88 -41.49 -2.41
N PHE C 629 22.02 -42.08 -2.06
CA PHE C 629 22.30 -43.48 -2.37
C PHE C 629 21.24 -44.41 -1.78
N LYS C 630 20.85 -44.16 -0.52
CA LYS C 630 19.88 -45.03 0.13
C LYS C 630 18.47 -44.80 -0.42
N ILE C 631 18.14 -43.56 -0.78
CA ILE C 631 16.83 -43.28 -1.38
C ILE C 631 16.74 -43.92 -2.76
N LEU C 632 17.83 -43.89 -3.53
CA LEU C 632 17.84 -44.54 -4.83
C LEU C 632 17.80 -46.06 -4.72
N GLN C 633 18.34 -46.63 -3.65
CA GLN C 633 18.14 -48.07 -3.43
C GLN C 633 16.72 -48.39 -2.97
N ILE C 634 16.09 -47.50 -2.21
CA ILE C 634 14.72 -47.72 -1.76
C ILE C 634 13.76 -47.69 -2.94
N GLN C 635 13.98 -46.78 -3.88
CA GLN C 635 13.12 -46.70 -5.06
C GLN C 635 13.38 -47.86 -6.02
N THR C 636 14.64 -48.10 -6.38
CA THR C 636 14.99 -49.17 -7.31
C THR C 636 15.32 -50.45 -6.55
N ARG C 637 14.33 -50.96 -5.84
CA ARG C 637 14.47 -52.17 -5.03
C ARG C 637 13.72 -53.35 -5.61
N LYS C 638 12.42 -53.20 -5.85
CA LYS C 638 11.59 -54.29 -6.32
C LYS C 638 11.54 -54.39 -7.83
N TRP C 639 12.45 -53.73 -8.52
CA TRP C 639 12.56 -53.88 -9.97
C TRP C 639 13.06 -55.27 -10.31
N SER C 640 12.62 -55.79 -11.46
CA SER C 640 12.93 -57.16 -11.84
C SER C 640 14.40 -57.36 -12.19
N SER C 641 15.10 -56.30 -12.58
CA SER C 641 16.53 -56.38 -12.88
C SER C 641 17.20 -55.19 -12.21
N PRO C 642 17.90 -55.41 -11.10
CA PRO C 642 18.46 -54.30 -10.32
C PRO C 642 19.68 -53.69 -11.01
N LEU C 643 20.15 -52.59 -10.44
CA LEU C 643 21.23 -51.81 -11.01
C LEU C 643 22.55 -52.11 -10.31
N SER C 644 23.65 -51.84 -11.02
CA SER C 644 24.97 -51.93 -10.42
C SER C 644 25.18 -50.79 -9.44
N THR C 645 25.81 -51.08 -8.31
CA THR C 645 25.94 -50.10 -7.25
C THR C 645 26.90 -48.97 -7.59
N ASN C 646 27.85 -49.21 -8.51
CA ASN C 646 28.67 -48.11 -9.01
C ASN C 646 27.84 -47.11 -9.81
N PHE C 647 26.84 -47.60 -10.54
CA PHE C 647 25.96 -46.70 -11.27
C PHE C 647 25.06 -45.91 -10.34
N ILE C 648 24.62 -46.53 -9.24
CA ILE C 648 23.82 -45.80 -8.26
C ILE C 648 24.69 -44.79 -7.52
N ASP C 649 25.97 -45.09 -7.34
CA ASP C 649 26.89 -44.11 -6.76
C ASP C 649 27.12 -42.93 -7.70
N LYS C 650 27.19 -43.21 -9.01
CA LYS C 650 27.33 -42.14 -9.98
C LYS C 650 26.06 -41.29 -10.06
N LEU C 651 24.89 -41.92 -9.92
CA LEU C 651 23.63 -41.19 -9.88
C LEU C 651 23.53 -40.32 -8.63
N ALA C 652 23.97 -40.83 -7.49
CA ALA C 652 23.96 -40.03 -6.28
C ALA C 652 24.99 -38.91 -6.34
N PHE C 653 26.06 -39.10 -7.10
CA PHE C 653 27.02 -38.03 -7.30
C PHE C 653 26.48 -36.96 -8.23
N LEU C 654 25.66 -37.35 -9.21
CA LEU C 654 25.16 -36.40 -10.19
C LEU C 654 23.96 -35.60 -9.72
N THR C 655 23.16 -36.13 -8.80
CA THR C 655 21.87 -35.53 -8.45
C THR C 655 21.98 -34.66 -7.20
N LYS C 656 22.85 -33.65 -7.23
CA LYS C 656 22.93 -32.74 -6.10
C LYS C 656 21.79 -31.73 -6.16
N GLY C 657 21.20 -31.44 -5.01
CA GLY C 657 20.03 -30.60 -4.94
C GLY C 657 18.72 -31.34 -5.09
N TYR C 658 18.78 -32.62 -5.42
CA TYR C 658 17.58 -33.43 -5.56
C TYR C 658 17.03 -33.80 -4.19
N GLY C 659 15.73 -33.68 -4.03
CA GLY C 659 15.07 -34.06 -2.80
C GLY C 659 14.77 -35.54 -2.75
N GLY C 660 13.74 -35.89 -1.99
CA GLY C 660 13.29 -37.26 -1.97
C GLY C 660 12.28 -37.51 -3.06
N ALA C 661 11.48 -36.48 -3.36
CA ALA C 661 10.49 -36.61 -4.42
C ALA C 661 11.11 -36.55 -5.80
N ASP C 662 12.21 -35.79 -5.95
CA ASP C 662 12.83 -35.66 -7.26
C ASP C 662 13.57 -36.92 -7.66
N LEU C 663 14.11 -37.67 -6.68
CA LEU C 663 14.73 -38.94 -7.00
C LEU C 663 13.68 -39.97 -7.43
N ARG C 664 12.51 -39.87 -6.82
CA ARG C 664 11.40 -40.73 -7.17
C ARG C 664 10.94 -40.40 -8.58
N SER C 665 10.92 -39.11 -8.91
CA SER C 665 10.54 -38.67 -10.26
C SER C 665 11.57 -39.08 -11.30
N LEU C 666 12.85 -39.07 -10.93
CA LEU C 666 13.89 -39.54 -11.84
C LEU C 666 13.76 -41.03 -12.11
N CYS C 667 13.45 -41.82 -11.08
CA CYS C 667 13.26 -43.25 -11.26
C CYS C 667 12.02 -43.55 -12.09
N THR C 668 10.94 -42.80 -11.85
CA THR C 668 9.71 -42.94 -12.64
C THR C 668 9.94 -42.57 -14.10
N GLU C 669 10.67 -41.49 -14.36
CA GLU C 669 10.91 -41.09 -15.73
C GLU C 669 11.86 -42.03 -16.44
N ALA C 670 12.80 -42.65 -15.73
CA ALA C 670 13.65 -43.66 -16.34
C ALA C 670 12.86 -44.90 -16.72
N ALA C 671 11.94 -45.33 -15.84
CA ALA C 671 11.09 -46.46 -16.16
C ALA C 671 10.15 -46.15 -17.32
N LEU C 672 9.67 -44.91 -17.39
CA LEU C 672 8.78 -44.53 -18.49
C LEU C 672 9.51 -44.42 -19.81
N ILE C 673 10.75 -43.93 -19.79
CA ILE C 673 11.56 -43.90 -21.01
C ILE C 673 11.91 -45.32 -21.45
N SER C 674 12.08 -46.24 -20.49
CA SER C 674 12.31 -47.64 -20.87
C SER C 674 11.07 -48.28 -21.47
N ILE C 675 9.88 -47.93 -20.97
CA ILE C 675 8.64 -48.43 -21.59
C ILE C 675 8.45 -47.82 -22.98
N GLN C 676 8.83 -46.55 -23.15
CA GLN C 676 8.78 -45.91 -24.47
C GLN C 676 9.77 -46.52 -25.45
N ARG C 677 10.93 -46.97 -24.96
CA ARG C 677 11.95 -47.51 -25.83
C ARG C 677 11.70 -48.96 -26.18
N SER C 678 11.12 -49.73 -25.26
CA SER C 678 10.88 -51.14 -25.52
C SER C 678 9.66 -51.34 -26.39
N PHE C 679 8.51 -50.79 -25.98
CA PHE C 679 7.24 -50.97 -26.67
C PHE C 679 6.67 -49.61 -27.02
N PRO C 680 7.09 -49.01 -28.15
CA PRO C 680 6.51 -47.72 -28.55
C PRO C 680 5.11 -47.84 -29.13
N GLN C 681 4.71 -49.02 -29.59
CA GLN C 681 3.48 -49.20 -30.34
C GLN C 681 2.23 -48.99 -29.48
N ILE C 682 2.37 -48.97 -28.15
CA ILE C 682 1.24 -48.66 -27.29
C ILE C 682 0.95 -47.17 -27.22
N TYR C 683 1.75 -46.34 -27.89
CA TYR C 683 1.49 -44.92 -27.96
C TYR C 683 0.74 -44.51 -29.22
N ARG C 684 0.37 -45.48 -30.05
CA ARG C 684 -0.36 -45.22 -31.27
C ARG C 684 -1.75 -45.85 -31.30
N SER C 685 -1.98 -46.90 -30.54
CA SER C 685 -3.27 -47.56 -30.51
C SER C 685 -4.17 -46.94 -29.44
N ASN C 686 -5.45 -46.83 -29.75
CA ASN C 686 -6.45 -46.41 -28.78
C ASN C 686 -7.10 -47.59 -28.06
N ASP C 687 -6.77 -48.82 -28.47
CA ASP C 687 -7.22 -50.02 -27.79
C ASP C 687 -6.00 -50.80 -27.28
N LYS C 688 -6.25 -51.65 -26.29
CA LYS C 688 -5.17 -52.31 -25.58
C LYS C 688 -4.50 -53.38 -26.44
N LEU C 689 -3.16 -53.37 -26.44
CA LEU C 689 -2.35 -54.37 -27.11
C LEU C 689 -1.85 -55.38 -26.09
N LEU C 690 -0.97 -56.27 -26.53
CA LEU C 690 -0.41 -57.31 -25.67
C LEU C 690 1.10 -57.15 -25.67
N VAL C 691 1.61 -56.46 -24.64
CA VAL C 691 3.03 -56.38 -24.39
C VAL C 691 3.36 -57.30 -23.22
N ASP C 692 4.65 -57.61 -23.07
CA ASP C 692 5.08 -58.55 -22.06
C ASP C 692 6.17 -57.87 -21.23
N PRO C 693 6.05 -57.85 -19.90
CA PRO C 693 7.18 -57.42 -19.06
C PRO C 693 8.34 -58.40 -19.08
N SER C 694 9.39 -58.07 -18.32
CA SER C 694 10.70 -58.73 -18.21
C SER C 694 11.55 -58.62 -19.48
N LYS C 695 11.03 -58.03 -20.55
CA LYS C 695 11.86 -57.48 -21.61
C LYS C 695 12.08 -55.99 -21.42
N ILE C 696 11.31 -55.36 -20.55
CA ILE C 696 11.55 -53.97 -20.15
C ILE C 696 12.63 -53.95 -19.07
N LYS C 697 13.85 -53.63 -19.47
CA LYS C 697 14.94 -53.40 -18.54
C LYS C 697 15.35 -51.94 -18.62
N VAL C 698 15.78 -51.39 -17.49
CA VAL C 698 16.06 -49.97 -17.40
C VAL C 698 17.57 -49.80 -17.49
N LYS C 699 18.04 -49.27 -18.62
CA LYS C 699 19.46 -49.20 -18.89
C LYS C 699 20.04 -47.89 -18.35
N VAL C 700 21.32 -47.68 -18.64
CA VAL C 700 22.00 -46.47 -18.18
C VAL C 700 21.57 -45.27 -19.01
N SER C 701 21.29 -45.49 -20.29
CA SER C 701 20.90 -44.40 -21.19
C SER C 701 19.54 -43.82 -20.82
N ASP C 702 18.64 -44.64 -20.27
CA ASP C 702 17.34 -44.13 -19.85
C ASP C 702 17.46 -43.21 -18.65
N PHE C 703 18.33 -43.56 -17.69
CA PHE C 703 18.59 -42.66 -16.57
C PHE C 703 19.30 -41.39 -17.01
N MET C 704 20.27 -41.52 -17.91
CA MET C 704 21.03 -40.35 -18.34
C MET C 704 20.22 -39.44 -19.25
N LEU C 705 19.15 -39.96 -19.86
CA LEU C 705 18.24 -39.12 -20.60
C LEU C 705 17.13 -38.56 -19.70
N ALA C 706 16.79 -39.26 -18.62
CA ALA C 706 15.82 -38.74 -17.67
C ALA C 706 16.44 -37.65 -16.79
N LEU C 707 17.76 -37.65 -16.64
CA LEU C 707 18.43 -36.61 -15.86
C LEU C 707 18.39 -35.26 -16.58
N LYS C 708 18.42 -35.27 -17.91
CA LYS C 708 18.46 -34.04 -18.69
C LYS C 708 17.11 -33.34 -18.78
N LYS C 709 16.03 -33.95 -18.30
CA LYS C 709 14.72 -33.34 -18.34
C LYS C 709 14.12 -33.07 -16.97
N ILE C 710 14.67 -33.64 -15.91
CA ILE C 710 14.19 -33.39 -14.56
C ILE C 710 15.01 -32.28 -13.95
N VAL C 711 14.35 -31.19 -13.56
CA VAL C 711 14.99 -30.13 -12.78
C VAL C 711 14.55 -30.33 -11.34
N PRO C 712 15.45 -30.22 -10.37
CA PRO C 712 15.04 -30.36 -8.97
C PRO C 712 14.23 -29.17 -8.51
N SER C 713 13.54 -29.35 -7.38
CA SER C 713 12.67 -28.32 -6.85
C SER C 713 13.43 -27.15 -6.28
N SER C 714 14.71 -27.33 -5.96
CA SER C 714 15.57 -26.25 -5.52
C SER C 714 16.21 -25.50 -6.69
N ALA C 715 15.82 -25.82 -7.92
CA ALA C 715 16.39 -25.16 -9.09
C ALA C 715 15.33 -24.83 -10.13
N ARG C 716 14.05 -24.86 -9.76
CA ARG C 716 13.00 -24.49 -10.71
C ARG C 716 12.88 -22.98 -10.83
N SER C 717 12.85 -22.27 -9.71
CA SER C 717 12.86 -20.82 -9.69
C SER C 717 14.26 -20.24 -9.58
N THR C 718 15.28 -21.04 -9.88
CA THR C 718 16.66 -20.58 -9.82
C THR C 718 17.34 -20.83 -11.15
N GLY C 719 16.89 -21.86 -11.86
CA GLY C 719 17.39 -22.15 -13.19
C GLY C 719 18.30 -23.35 -13.25
N SER C 720 19.19 -23.49 -12.27
CA SER C 720 20.15 -24.58 -12.25
C SER C 720 20.66 -24.75 -10.82
N SER C 721 21.59 -25.69 -10.65
CA SER C 721 22.26 -25.98 -9.41
C SER C 721 23.76 -26.00 -9.65
N PRO C 722 24.58 -25.79 -8.61
CA PRO C 722 26.04 -25.91 -8.80
C PRO C 722 26.47 -27.33 -9.14
N GLN C 723 26.91 -27.51 -10.36
CA GLN C 723 27.29 -28.80 -10.93
C GLN C 723 28.77 -29.06 -10.71
N PRO C 724 29.21 -30.32 -10.77
CA PRO C 724 30.66 -30.59 -10.69
C PRO C 724 31.43 -30.12 -11.92
N LEU C 725 32.73 -30.32 -11.88
CA LEU C 725 33.60 -29.88 -12.97
C LEU C 725 33.31 -30.74 -14.20
N PRO C 726 33.04 -30.14 -15.35
CA PRO C 726 32.68 -30.93 -16.54
C PRO C 726 33.83 -31.77 -17.05
N GLU C 727 33.48 -32.83 -17.77
CA GLU C 727 34.44 -33.88 -18.10
C GLU C 727 35.42 -33.46 -19.19
N LEU C 728 35.12 -32.42 -19.96
CA LEU C 728 36.06 -31.98 -20.98
C LEU C 728 37.22 -31.22 -20.37
N ILE C 729 36.93 -30.32 -19.44
CA ILE C 729 37.94 -29.43 -18.86
C ILE C 729 38.47 -29.95 -17.53
N LYS C 730 38.06 -31.14 -17.12
CA LYS C 730 38.69 -31.81 -15.99
C LYS C 730 40.20 -32.05 -16.15
N PRO C 731 40.77 -32.28 -17.35
CA PRO C 731 42.24 -32.22 -17.44
C PRO C 731 42.84 -30.84 -17.20
N LEU C 732 42.07 -29.76 -17.32
CA LEU C 732 42.64 -28.42 -17.24
C LEU C 732 42.59 -27.81 -15.84
N LEU C 733 41.66 -28.23 -14.99
CA LEU C 733 41.45 -27.56 -13.72
C LEU C 733 41.47 -28.48 -12.51
N ALA C 734 41.22 -29.78 -12.66
CA ALA C 734 41.19 -30.67 -11.50
C ALA C 734 42.57 -30.95 -10.94
N ASP C 735 43.64 -30.56 -11.63
CA ASP C 735 44.96 -30.57 -11.01
C ASP C 735 45.09 -29.48 -9.96
N GLN C 736 44.37 -28.36 -10.12
CA GLN C 736 44.45 -27.26 -9.15
C GLN C 736 43.12 -26.99 -8.48
N LEU C 737 42.14 -27.87 -8.64
CA LEU C 737 40.97 -27.84 -7.79
C LEU C 737 41.14 -28.69 -6.55
N ASN C 738 41.89 -29.79 -6.68
CA ASN C 738 42.14 -30.70 -5.55
C ASN C 738 42.88 -30.01 -4.42
N ASN C 739 43.90 -29.21 -4.77
CA ASN C 739 44.55 -28.35 -3.78
C ASN C 739 43.56 -27.40 -3.14
N LEU C 740 42.67 -26.82 -3.96
CA LEU C 740 41.64 -25.95 -3.43
C LEU C 740 40.58 -26.72 -2.66
N LYS C 741 40.51 -28.03 -2.82
CA LYS C 741 39.70 -28.81 -1.90
C LYS C 741 40.43 -29.03 -0.58
N ASN C 742 41.75 -29.27 -0.66
CA ASN C 742 42.52 -29.63 0.53
C ASN C 742 42.61 -28.49 1.52
N LYS C 743 42.80 -27.26 1.02
CA LYS C 743 42.73 -26.09 1.87
C LYS C 743 41.35 -25.94 2.49
N LEU C 744 40.30 -26.23 1.73
CA LEU C 744 38.96 -26.20 2.30
C LEU C 744 38.71 -27.39 3.22
N ASP C 745 39.53 -28.44 3.12
CA ASP C 745 39.50 -29.52 4.09
C ASP C 745 40.37 -29.20 5.31
N TYR C 746 41.18 -28.16 5.24
CA TYR C 746 42.06 -27.83 6.35
C TYR C 746 41.56 -26.67 7.19
N MET C 747 40.73 -25.80 6.62
CA MET C 747 40.22 -24.64 7.35
C MET C 747 38.75 -24.76 7.71
N LEU C 748 38.12 -25.89 7.41
CA LEU C 748 36.72 -26.09 7.75
C LEU C 748 36.43 -27.42 8.44
N ASN C 749 37.40 -28.35 8.48
CA ASN C 749 37.32 -29.64 9.17
C ASN C 749 36.14 -30.48 8.64
N ILE C 750 36.26 -30.84 7.37
CA ILE C 750 35.20 -31.56 6.66
C ILE C 750 35.39 -33.07 6.78
N LYS C 751 36.62 -33.56 6.55
CA LYS C 751 36.83 -35.00 6.45
C LYS C 751 36.77 -35.70 7.80
N ASP C 752 36.84 -34.95 8.91
CA ASP C 752 36.72 -35.60 10.20
C ASP C 752 35.27 -35.64 10.69
N THR C 753 34.59 -34.48 10.71
CA THR C 753 33.24 -34.26 11.27
C THR C 753 33.08 -34.94 12.63
N THR C 754 33.87 -34.44 13.60
CA THR C 754 34.03 -35.10 14.89
C THR C 754 32.78 -35.05 15.77
N PHE C 755 31.76 -34.29 15.40
CA PHE C 755 30.45 -34.35 16.05
C PHE C 755 29.45 -34.94 15.06
N GLN C 756 28.82 -36.07 15.44
CA GLN C 756 27.79 -36.77 14.67
C GLN C 756 28.28 -37.19 13.28
N ARG C 757 29.28 -38.08 13.28
CA ARG C 757 29.82 -38.62 12.04
C ARG C 757 29.09 -39.86 11.55
N ASN C 758 28.42 -40.59 12.45
CA ASN C 758 27.77 -41.84 12.10
C ASN C 758 26.32 -41.56 11.69
N THR C 759 25.51 -42.62 11.59
CA THR C 759 24.15 -42.46 11.08
C THR C 759 23.22 -41.86 12.13
N SER C 760 23.31 -42.32 13.38
CA SER C 760 22.34 -41.92 14.39
C SER C 760 23.04 -41.67 15.72
N LEU C 761 22.30 -41.10 16.65
CA LEU C 761 22.77 -40.86 18.01
C LEU C 761 22.58 -42.08 18.90
N LEU C 762 21.46 -42.79 18.72
CA LEU C 762 21.22 -44.03 19.46
C LEU C 762 22.15 -45.14 18.99
N GLN C 763 22.48 -45.16 17.70
CA GLN C 763 23.46 -46.12 17.21
C GLN C 763 24.85 -45.79 17.74
N ASN C 764 25.13 -44.51 17.99
CA ASN C 764 26.37 -44.13 18.66
C ASN C 764 26.39 -44.58 20.11
N PHE C 765 25.21 -44.74 20.73
CA PHE C 765 25.16 -45.29 22.07
C PHE C 765 25.17 -46.82 22.06
N ILE C 766 24.86 -47.45 20.93
CA ILE C 766 24.90 -48.89 20.87
C ILE C 766 26.29 -49.40 20.50
N ASP C 767 26.82 -48.97 19.34
CA ASP C 767 28.07 -49.55 18.88
C ASP C 767 29.31 -48.94 19.52
N TYR C 768 29.18 -47.80 20.18
CA TYR C 768 30.31 -47.17 20.86
C TYR C 768 30.06 -47.12 22.35
N GLU C 769 31.14 -46.91 23.10
CA GLU C 769 31.10 -46.81 24.56
C GLU C 769 31.53 -45.42 24.99
N GLU C 770 30.84 -44.85 25.96
CA GLU C 770 31.08 -43.47 26.38
C GLU C 770 32.27 -43.44 27.33
N TYR C 771 33.35 -42.79 26.88
CA TYR C 771 34.59 -42.57 27.63
C TYR C 771 35.23 -43.86 28.16
N SER C 788 35.12 -36.38 36.18
CA SER C 788 35.94 -36.33 34.97
C SER C 788 35.09 -35.98 33.75
N SER C 789 33.94 -35.33 34.01
CA SER C 789 33.05 -34.92 32.93
C SER C 789 32.61 -33.47 33.03
N PHE C 790 33.03 -32.75 34.08
CA PHE C 790 32.64 -31.35 34.27
C PHE C 790 33.62 -30.42 33.55
N ARG C 791 34.90 -30.46 33.94
CA ARG C 791 35.90 -29.62 33.30
C ARG C 791 36.35 -30.22 31.97
N SER C 792 36.47 -31.55 31.92
CA SER C 792 37.08 -32.22 30.77
C SER C 792 36.20 -32.09 29.52
N TYR C 793 34.88 -32.16 29.68
CA TYR C 793 34.01 -32.06 28.51
C TYR C 793 34.02 -30.64 27.95
N GLU C 794 34.01 -29.63 28.83
CA GLU C 794 34.08 -28.24 28.38
C GLU C 794 35.41 -27.96 27.70
N PHE C 795 36.50 -28.52 28.25
CA PHE C 795 37.83 -28.32 27.68
C PHE C 795 37.94 -28.96 26.30
N PHE C 796 37.48 -30.19 26.16
CA PHE C 796 37.64 -30.86 24.88
C PHE C 796 36.64 -30.38 23.84
N GLU C 797 35.45 -29.93 24.25
CA GLU C 797 34.54 -29.32 23.31
C GLU C 797 35.04 -27.96 22.86
N SER C 798 35.70 -27.22 23.76
CA SER C 798 36.30 -25.94 23.39
C SER C 798 37.45 -26.14 22.40
N MET C 799 38.31 -27.11 22.67
CA MET C 799 39.43 -27.35 21.76
C MET C 799 39.00 -28.05 20.48
N ALA C 800 37.82 -28.67 20.46
CA ALA C 800 37.32 -29.22 19.20
C ALA C 800 36.67 -28.14 18.35
N GLU C 801 35.96 -27.20 18.98
CA GLU C 801 35.37 -26.10 18.23
C GLU C 801 36.35 -24.99 17.92
N SER C 802 37.53 -24.99 18.52
CA SER C 802 38.52 -23.96 18.28
C SER C 802 39.40 -24.20 17.07
N GLN C 803 39.07 -25.17 16.21
CA GLN C 803 39.85 -25.42 15.02
C GLN C 803 39.40 -24.59 13.84
N ILE C 804 38.53 -23.62 14.06
CA ILE C 804 38.03 -22.72 13.03
C ILE C 804 38.30 -21.30 13.50
N CYS C 805 39.15 -20.58 12.79
CA CYS C 805 39.45 -19.20 13.18
C CYS C 805 38.58 -18.19 12.45
N LYS C 806 38.71 -18.13 11.13
CA LYS C 806 37.96 -17.27 10.23
C LYS C 806 38.08 -17.85 8.83
N PRO C 807 37.12 -18.66 8.40
CA PRO C 807 37.25 -19.29 7.06
C PRO C 807 37.03 -18.30 5.94
N ARG C 808 38.12 -17.89 5.29
CA ARG C 808 38.09 -16.99 4.16
C ARG C 808 38.85 -17.61 3.00
N LEU C 809 38.41 -17.31 1.79
CA LEU C 809 39.09 -17.81 0.60
C LEU C 809 38.78 -16.89 -0.57
N LEU C 810 39.83 -16.36 -1.20
CA LEU C 810 39.70 -15.54 -2.40
C LEU C 810 40.49 -16.24 -3.50
N ILE C 811 39.78 -16.70 -4.53
CA ILE C 811 40.38 -17.44 -5.63
C ILE C 811 40.56 -16.46 -6.78
N ASN C 812 41.78 -15.99 -6.98
CA ASN C 812 42.10 -14.98 -7.97
C ASN C 812 42.86 -15.60 -9.12
N GLY C 813 42.56 -15.17 -10.34
CA GLY C 813 43.24 -15.65 -11.51
C GLY C 813 43.14 -14.66 -12.66
N PRO C 814 43.73 -14.99 -13.79
CA PRO C 814 43.56 -14.15 -14.99
C PRO C 814 42.15 -14.23 -15.53
N LYS C 815 41.91 -13.42 -16.56
CA LYS C 815 40.57 -13.27 -17.10
C LYS C 815 40.18 -14.51 -17.90
N GLY C 816 39.07 -15.14 -17.52
CA GLY C 816 38.57 -16.30 -18.21
C GLY C 816 39.28 -17.59 -17.92
N ASN C 817 39.91 -17.72 -16.75
CA ASN C 817 40.62 -18.94 -16.39
C ASN C 817 39.74 -19.90 -15.59
N GLY C 818 38.54 -20.17 -16.09
CA GLY C 818 37.67 -21.20 -15.51
C GLY C 818 37.18 -20.95 -14.11
N GLN C 819 36.95 -19.69 -13.74
CA GLN C 819 36.50 -19.39 -12.38
C GLN C 819 35.06 -19.82 -12.16
N GLN C 820 34.22 -19.75 -13.21
CA GLN C 820 32.83 -20.16 -13.10
C GLN C 820 32.69 -21.67 -12.93
N TYR C 821 33.72 -22.44 -13.31
CA TYR C 821 33.72 -23.86 -13.06
C TYR C 821 34.24 -24.18 -11.67
N VAL C 822 35.25 -23.44 -11.21
CA VAL C 822 35.87 -23.71 -9.92
C VAL C 822 34.92 -23.36 -8.78
N GLY C 823 34.19 -22.24 -8.91
CA GLY C 823 33.20 -21.89 -7.91
C GLY C 823 32.05 -22.88 -7.83
N ALA C 824 31.58 -23.35 -8.98
CA ALA C 824 30.50 -24.34 -9.00
C ALA C 824 30.97 -25.68 -8.47
N ALA C 825 32.22 -26.07 -8.75
CA ALA C 825 32.74 -27.33 -8.25
C ALA C 825 32.97 -27.27 -6.74
N ILE C 826 33.37 -26.12 -6.21
CA ILE C 826 33.53 -25.99 -4.77
C ILE C 826 32.18 -26.01 -4.08
N LEU C 827 31.20 -25.27 -4.62
CA LEU C 827 29.86 -25.27 -4.04
C LEU C 827 29.16 -26.63 -4.20
N ASN C 828 29.57 -27.43 -5.17
CA ASN C 828 29.09 -28.81 -5.27
C ASN C 828 29.82 -29.72 -4.30
N TYR C 829 31.06 -29.37 -3.96
CA TYR C 829 31.82 -30.19 -3.02
C TYR C 829 31.35 -29.99 -1.59
N LEU C 830 30.99 -28.77 -1.23
CA LEU C 830 30.55 -28.45 0.13
C LEU C 830 29.07 -28.85 0.24
N GLU C 831 28.84 -30.07 0.72
CA GLU C 831 27.50 -30.65 0.66
C GLU C 831 26.59 -30.09 1.75
N GLU C 832 27.08 -30.03 2.98
CA GLU C 832 26.23 -29.72 4.13
C GLU C 832 26.14 -28.23 4.42
N PHE C 833 26.38 -27.39 3.43
CA PHE C 833 26.52 -25.95 3.65
C PHE C 833 25.36 -25.20 3.02
N ASN C 834 24.83 -24.23 3.76
CA ASN C 834 23.77 -23.36 3.28
C ASN C 834 24.39 -22.24 2.46
N VAL C 835 24.34 -22.36 1.14
CA VAL C 835 24.96 -21.39 0.25
C VAL C 835 24.06 -20.17 0.14
N GLN C 836 24.58 -19.00 0.49
CA GLN C 836 23.90 -17.74 0.32
C GLN C 836 24.68 -16.95 -0.74
N ASN C 837 24.03 -16.71 -1.88
CA ASN C 837 24.69 -16.08 -3.02
C ASN C 837 24.57 -14.58 -2.91
N LEU C 838 25.72 -13.89 -2.89
CA LEU C 838 25.78 -12.44 -2.88
C LEU C 838 26.21 -11.89 -4.24
N ASP C 839 25.93 -12.62 -5.32
CA ASP C 839 26.18 -12.11 -6.65
C ASP C 839 25.16 -11.05 -7.03
N LEU C 840 25.35 -10.43 -8.19
CA LEU C 840 24.51 -9.31 -8.58
C LEU C 840 23.12 -9.77 -8.98
N ALA C 841 23.01 -10.94 -9.62
CA ALA C 841 21.72 -11.43 -10.08
C ALA C 841 20.80 -11.90 -8.95
N SER C 842 21.29 -11.95 -7.71
CA SER C 842 20.44 -12.26 -6.57
C SER C 842 20.15 -11.06 -5.68
N LEU C 843 21.00 -10.02 -5.72
CA LEU C 843 20.80 -8.85 -4.90
C LEU C 843 19.82 -7.85 -5.53
N VAL C 844 20.04 -7.50 -6.79
CA VAL C 844 19.20 -6.52 -7.48
C VAL C 844 18.13 -7.20 -8.33
N SER C 845 17.85 -8.48 -8.06
CA SER C 845 16.78 -9.17 -8.77
C SER C 845 15.41 -8.61 -8.41
N GLU C 846 15.22 -8.26 -7.15
CA GLU C 846 13.96 -7.68 -6.71
C GLU C 846 14.00 -6.17 -6.83
N SER C 847 12.85 -5.59 -7.16
CA SER C 847 12.74 -4.15 -7.35
C SER C 847 12.20 -3.43 -6.12
N SER C 848 12.14 -4.11 -4.98
CA SER C 848 11.62 -3.52 -3.74
C SER C 848 12.70 -3.38 -2.69
N ARG C 849 13.39 -4.46 -2.35
CA ARG C 849 14.45 -4.39 -1.35
C ARG C 849 15.70 -3.77 -1.93
N THR C 850 16.45 -3.08 -1.08
CA THR C 850 17.67 -2.41 -1.48
C THR C 850 18.81 -3.45 -1.48
N ILE C 851 19.99 -3.04 -1.98
CA ILE C 851 21.17 -3.89 -1.89
C ILE C 851 21.56 -4.10 -0.42
N GLU C 852 21.37 -3.06 0.42
CA GLU C 852 21.64 -3.15 1.85
C GLU C 852 20.79 -4.22 2.52
N ALA C 853 19.48 -4.16 2.31
CA ALA C 853 18.57 -5.12 2.94
C ALA C 853 18.79 -6.52 2.42
N ALA C 854 19.15 -6.66 1.14
CA ALA C 854 19.38 -7.98 0.57
C ALA C 854 20.66 -8.61 1.13
N VAL C 855 21.73 -7.83 1.24
CA VAL C 855 22.99 -8.33 1.79
C VAL C 855 22.82 -8.68 3.27
N VAL C 856 22.09 -7.83 4.01
CA VAL C 856 21.88 -8.08 5.44
C VAL C 856 21.01 -9.31 5.66
N GLN C 857 19.96 -9.49 4.86
CA GLN C 857 19.10 -10.65 5.00
C GLN C 857 19.80 -11.93 4.57
N SER C 858 20.65 -11.87 3.53
CA SER C 858 21.37 -13.07 3.12
C SER C 858 22.42 -13.46 4.16
N PHE C 859 23.07 -12.48 4.78
CA PHE C 859 23.99 -12.79 5.87
C PHE C 859 23.25 -13.31 7.10
N MET C 860 22.02 -12.84 7.34
CA MET C 860 21.27 -13.37 8.48
C MET C 860 20.84 -14.81 8.22
N GLU C 861 20.43 -15.14 6.99
CA GLU C 861 20.14 -16.54 6.68
C GLU C 861 21.40 -17.40 6.70
N ALA C 862 22.57 -16.82 6.40
CA ALA C 862 23.81 -17.56 6.58
C ALA C 862 24.16 -17.73 8.06
N LYS C 863 23.70 -16.83 8.92
CA LYS C 863 23.98 -16.94 10.35
C LYS C 863 23.02 -17.86 11.08
N LYS C 864 21.77 -17.99 10.61
CA LYS C 864 20.83 -18.94 11.22
C LYS C 864 21.31 -20.38 11.04
N ARG C 865 21.38 -20.84 9.80
CA ARG C 865 21.90 -22.17 9.49
C ARG C 865 23.42 -22.06 9.51
N GLN C 866 24.04 -22.66 10.53
CA GLN C 866 25.39 -22.26 10.92
C GLN C 866 26.50 -22.70 9.96
N PRO C 867 26.53 -23.95 9.41
CA PRO C 867 27.49 -24.17 8.32
C PRO C 867 27.00 -23.52 7.04
N SER C 868 27.60 -22.39 6.68
CA SER C 868 27.14 -21.61 5.54
C SER C 868 28.32 -21.12 4.73
N VAL C 869 28.03 -20.81 3.47
CA VAL C 869 29.02 -20.25 2.55
C VAL C 869 28.40 -18.99 1.97
N VAL C 870 28.92 -17.83 2.37
CA VAL C 870 28.61 -16.60 1.68
C VAL C 870 29.47 -16.55 0.42
N PHE C 871 28.82 -16.57 -0.73
CA PHE C 871 29.48 -16.82 -2.00
C PHE C 871 29.35 -15.60 -2.89
N ILE C 872 30.47 -14.96 -3.19
CA ILE C 872 30.51 -13.78 -4.04
C ILE C 872 31.34 -14.12 -5.27
N PRO C 873 30.70 -14.52 -6.36
CA PRO C 873 31.42 -14.66 -7.63
C PRO C 873 31.52 -13.32 -8.33
N ASN C 874 32.60 -13.18 -9.12
CA ASN C 874 32.98 -11.95 -9.83
C ASN C 874 33.10 -10.78 -8.87
N LEU C 875 34.09 -10.90 -7.98
CA LEU C 875 34.35 -9.86 -6.99
C LEU C 875 34.89 -8.59 -7.63
N ASP C 876 35.56 -8.71 -8.77
CA ASP C 876 36.04 -7.54 -9.51
C ASP C 876 34.90 -6.68 -10.02
N ILE C 877 33.78 -7.30 -10.40
CA ILE C 877 32.58 -6.57 -10.75
C ILE C 877 31.84 -6.13 -9.50
N TRP C 878 31.89 -6.96 -8.45
CA TRP C 878 31.15 -6.71 -7.22
C TRP C 878 31.72 -5.56 -6.41
N ILE C 879 32.97 -5.16 -6.63
CA ILE C 879 33.52 -4.02 -5.92
C ILE C 879 33.34 -2.74 -6.75
N ASN C 880 32.59 -2.84 -7.85
CA ASN C 880 32.29 -1.69 -8.68
C ASN C 880 30.79 -1.43 -8.80
N THR C 881 29.98 -2.47 -8.89
CA THR C 881 28.53 -2.28 -8.92
C THR C 881 28.01 -1.96 -7.53
N ILE C 882 28.41 -2.73 -6.54
CA ILE C 882 27.96 -2.51 -5.16
C ILE C 882 28.65 -1.28 -4.61
N PRO C 883 27.92 -0.34 -3.99
CA PRO C 883 28.57 0.85 -3.42
C PRO C 883 29.35 0.49 -2.16
N GLU C 884 30.14 1.47 -1.69
CA GLU C 884 31.05 1.24 -0.57
C GLU C 884 30.31 1.04 0.75
N ASN C 885 29.10 1.59 0.87
CA ASN C 885 28.31 1.44 2.09
C ASN C 885 27.91 -0.01 2.32
N VAL C 886 27.52 -0.73 1.27
CA VAL C 886 27.08 -2.11 1.47
C VAL C 886 28.27 -3.03 1.71
N ILE C 887 29.41 -2.73 1.09
CA ILE C 887 30.64 -3.47 1.36
C ILE C 887 31.08 -3.28 2.81
N LEU C 888 30.96 -2.05 3.32
CA LEU C 888 31.30 -1.82 4.72
C LEU C 888 30.27 -2.40 5.68
N VAL C 889 29.01 -2.50 5.27
CA VAL C 889 28.00 -3.18 6.08
C VAL C 889 28.31 -4.66 6.18
N LEU C 890 28.69 -5.29 5.06
CA LEU C 890 29.09 -6.69 5.08
C LEU C 890 30.36 -6.90 5.89
N SER C 891 31.27 -5.93 5.86
CA SER C 891 32.49 -6.01 6.66
C SER C 891 32.19 -5.93 8.15
N GLY C 892 31.30 -5.02 8.53
CA GLY C 892 30.90 -4.93 9.93
C GLY C 892 30.10 -6.13 10.40
N LEU C 893 29.38 -6.78 9.48
CA LEU C 893 28.69 -8.00 9.83
C LEU C 893 29.67 -9.16 10.01
N PHE C 894 30.72 -9.20 9.21
CA PHE C 894 31.70 -10.28 9.33
C PHE C 894 32.66 -10.07 10.49
N ARG C 895 32.88 -8.85 10.94
CA ARG C 895 33.73 -8.61 12.11
C ARG C 895 32.95 -8.70 13.41
N SER C 896 31.63 -8.82 13.36
CA SER C 896 30.81 -8.99 14.55
C SER C 896 30.43 -10.44 14.77
N LEU C 897 31.22 -11.37 14.26
CA LEU C 897 31.02 -12.79 14.44
C LEU C 897 32.08 -13.34 15.37
N GLN C 898 31.76 -14.46 16.01
CA GLN C 898 32.76 -15.17 16.79
C GLN C 898 33.74 -15.87 15.86
N SER C 899 34.87 -16.29 16.43
CA SER C 899 35.86 -16.99 15.63
C SER C 899 35.39 -18.40 15.28
N ASN C 900 34.66 -19.05 16.18
CA ASN C 900 34.23 -20.42 15.96
C ASN C 900 32.99 -20.53 15.07
N GLU C 901 32.53 -19.43 14.49
CA GLU C 901 31.38 -19.47 13.59
C GLU C 901 31.79 -20.02 12.24
N LYS C 902 30.99 -20.95 11.73
CA LYS C 902 31.30 -21.67 10.50
C LYS C 902 30.68 -21.00 9.28
N ILE C 903 30.90 -19.70 9.11
CA ILE C 903 30.44 -18.97 7.94
C ILE C 903 31.66 -18.70 7.07
N LEU C 904 31.78 -19.44 5.98
CA LEU C 904 32.91 -19.30 5.06
C LEU C 904 32.59 -18.23 4.04
N LEU C 905 33.43 -17.21 3.96
CA LEU C 905 33.32 -16.18 2.93
C LEU C 905 34.18 -16.61 1.76
N LEU C 906 33.52 -17.12 0.72
CA LEU C 906 34.19 -17.55 -0.49
C LEU C 906 34.05 -16.49 -1.56
N CYS C 907 35.13 -16.23 -2.28
CA CYS C 907 35.16 -15.17 -3.27
C CYS C 907 36.00 -15.61 -4.45
N LEU C 908 35.53 -15.28 -5.65
CA LEU C 908 36.27 -15.57 -6.88
C LEU C 908 36.35 -14.31 -7.72
N ALA C 909 37.54 -14.00 -8.22
CA ALA C 909 37.74 -12.78 -8.98
C ALA C 909 38.69 -13.05 -10.14
N GLU C 910 38.63 -12.16 -11.13
CA GLU C 910 39.51 -12.21 -12.30
C GLU C 910 40.28 -10.91 -12.38
N ASN C 911 41.62 -11.01 -12.30
CA ASN C 911 42.56 -9.89 -12.30
C ASN C 911 42.25 -8.89 -11.19
N LEU C 912 42.17 -9.42 -9.98
CA LEU C 912 42.00 -8.58 -8.79
C LEU C 912 43.39 -8.20 -8.28
N ASP C 913 43.66 -6.89 -8.26
CA ASP C 913 44.92 -6.41 -7.73
C ASP C 913 45.00 -6.62 -6.22
N ILE C 914 46.18 -7.00 -5.74
CA ILE C 914 46.36 -7.32 -4.33
C ILE C 914 46.38 -6.05 -3.48
N SER C 915 46.61 -4.89 -4.11
CA SER C 915 46.49 -3.60 -3.42
C SER C 915 45.08 -3.26 -3.00
N GLU C 916 44.07 -3.92 -3.58
CA GLU C 916 42.70 -3.73 -3.15
C GLU C 916 42.32 -4.61 -1.96
N VAL C 917 43.03 -5.72 -1.76
CA VAL C 917 42.73 -6.61 -0.64
C VAL C 917 43.73 -6.48 0.49
N LYS C 918 44.82 -5.72 0.31
CA LYS C 918 45.73 -5.55 1.43
C LYS C 918 45.67 -4.15 2.04
N ASN C 919 45.28 -3.14 1.25
CA ASN C 919 45.07 -1.81 1.82
C ASN C 919 43.89 -1.09 1.19
N GLY C 920 42.92 -1.84 0.65
CA GLY C 920 41.81 -1.22 -0.05
C GLY C 920 40.46 -1.41 0.61
N ILE C 921 39.42 -1.62 -0.21
CA ILE C 921 38.08 -1.76 0.32
C ILE C 921 37.88 -3.14 0.95
N LEU C 922 38.53 -4.16 0.42
CA LEU C 922 38.43 -5.52 0.91
C LEU C 922 39.46 -5.86 1.97
N SER C 923 40.17 -4.85 2.49
CA SER C 923 41.21 -5.07 3.49
C SER C 923 40.65 -5.37 4.87
N ASP C 924 39.36 -5.19 5.07
CA ASP C 924 38.71 -5.45 6.34
C ASP C 924 37.95 -6.77 6.32
N PHE C 925 38.21 -7.60 5.31
CA PHE C 925 37.67 -8.96 5.26
C PHE C 925 38.70 -10.03 5.59
N ALA C 926 39.95 -9.63 5.85
CA ALA C 926 41.05 -10.52 6.26
C ALA C 926 41.35 -11.60 5.22
N PHE C 927 41.65 -11.15 4.01
CA PHE C 927 42.19 -12.01 2.97
C PHE C 927 43.71 -11.98 2.98
N ASP C 928 44.32 -12.24 4.14
CA ASP C 928 45.75 -12.00 4.30
C ASP C 928 46.59 -13.10 3.65
N LYS C 929 46.46 -14.34 4.12
CA LYS C 929 47.21 -15.45 3.59
C LYS C 929 46.33 -16.45 2.85
N ASN C 930 45.05 -16.13 2.69
CA ASN C 930 44.06 -17.05 2.15
C ASN C 930 43.68 -16.69 0.71
N ILE C 931 44.67 -16.24 -0.07
CA ILE C 931 44.46 -15.92 -1.47
C ILE C 931 45.05 -17.07 -2.29
N PHE C 932 44.18 -17.85 -2.92
CA PHE C 932 44.62 -18.90 -3.83
C PHE C 932 44.70 -18.34 -5.24
N GLN C 933 45.72 -18.76 -5.98
CA GLN C 933 46.01 -18.24 -7.30
C GLN C 933 45.76 -19.32 -8.33
N LEU C 934 44.65 -19.20 -9.06
CA LEU C 934 44.44 -20.02 -10.23
C LEU C 934 45.40 -19.57 -11.31
N HIS C 935 46.39 -20.40 -11.62
CA HIS C 935 47.29 -20.10 -12.72
C HIS C 935 46.83 -20.87 -13.96
N LYS C 936 47.41 -20.48 -15.10
CA LYS C 936 47.03 -21.06 -16.37
C LYS C 936 47.46 -22.52 -16.45
N PRO C 937 46.70 -23.36 -17.15
CA PRO C 937 47.05 -24.78 -17.23
C PRO C 937 48.37 -25.01 -17.96
N SER C 938 49.13 -25.99 -17.47
CA SER C 938 50.48 -26.27 -17.95
C SER C 938 50.41 -27.16 -19.19
N LYS C 939 51.58 -27.62 -19.65
CA LYS C 939 51.67 -28.33 -20.92
C LYS C 939 51.08 -29.73 -20.85
N GLU C 940 51.18 -30.39 -19.70
CA GLU C 940 50.60 -31.72 -19.57
C GLU C 940 49.08 -31.68 -19.58
N ASN C 941 48.50 -30.63 -19.00
CA ASN C 941 47.05 -30.45 -19.01
C ASN C 941 46.54 -30.20 -20.42
N ILE C 942 47.24 -29.35 -21.18
CA ILE C 942 46.86 -29.08 -22.56
C ILE C 942 47.07 -30.32 -23.43
N THR C 943 48.09 -31.13 -23.12
CA THR C 943 48.33 -32.36 -23.86
C THR C 943 47.23 -33.38 -23.61
N ARG C 944 46.74 -33.49 -22.37
CA ARG C 944 45.63 -34.40 -22.10
C ARG C 944 44.32 -33.91 -22.70
N TYR C 945 44.09 -32.59 -22.63
CA TYR C 945 42.92 -31.96 -23.24
C TYR C 945 42.86 -32.22 -24.74
N PHE C 946 43.96 -31.99 -25.43
CA PHE C 946 43.94 -32.18 -26.87
C PHE C 946 44.16 -33.63 -27.28
N SER C 947 44.59 -34.51 -26.38
CA SER C 947 44.51 -35.93 -26.68
C SER C 947 43.07 -36.42 -26.61
N ASN C 948 42.29 -35.89 -25.67
CA ASN C 948 40.84 -36.12 -25.66
C ASN C 948 40.19 -35.57 -26.93
N LEU C 949 40.72 -34.46 -27.45
CA LEU C 949 40.24 -33.95 -28.73
C LEU C 949 40.63 -34.84 -29.90
N ILE C 950 41.88 -35.31 -29.92
CA ILE C 950 42.43 -36.07 -31.05
C ILE C 950 41.82 -37.47 -31.13
N GLU C 951 41.38 -38.02 -29.99
CA GLU C 951 40.77 -39.35 -29.97
C GLU C 951 39.44 -39.40 -30.72
N LEU C 952 38.82 -38.25 -31.00
CA LEU C 952 37.68 -38.18 -31.91
C LEU C 952 38.11 -38.20 -33.37
N LEU C 953 39.32 -37.71 -33.67
CA LEU C 953 39.83 -37.80 -35.03
C LEU C 953 40.23 -39.23 -35.38
N LYS C 954 40.56 -40.03 -34.38
CA LYS C 954 40.95 -41.43 -34.61
C LYS C 954 39.77 -42.39 -34.59
N THR C 955 38.59 -41.95 -34.19
CA THR C 955 37.48 -42.90 -34.10
C THR C 955 36.90 -43.16 -35.49
N LYS C 956 36.22 -44.26 -35.60
CA LYS C 956 35.77 -44.74 -36.90
C LYS C 956 34.43 -44.13 -37.26
N PRO C 957 34.14 -44.01 -38.56
CA PRO C 957 32.79 -43.59 -38.98
C PRO C 957 31.71 -44.59 -38.63
N SER C 958 32.06 -45.85 -38.42
CA SER C 958 31.11 -46.84 -37.91
C SER C 958 31.11 -46.91 -36.40
N ASP C 959 32.05 -46.24 -35.73
CA ASP C 959 32.13 -46.26 -34.28
C ASP C 959 31.48 -45.05 -33.63
N ILE C 960 31.15 -44.01 -34.40
CA ILE C 960 30.43 -42.85 -33.87
C ILE C 960 29.00 -43.29 -33.60
N PRO C 961 28.32 -42.71 -32.61
CA PRO C 961 26.92 -43.10 -32.31
C PRO C 961 25.88 -42.39 -33.18
N MET C 962 26.11 -42.40 -34.49
CA MET C 962 25.13 -41.87 -35.44
C MET C 962 23.99 -42.87 -35.53
N LYS C 963 22.80 -42.45 -35.10
CA LYS C 963 21.65 -43.34 -35.11
C LYS C 963 21.18 -43.59 -36.54
N LYS C 964 20.97 -44.85 -36.88
CA LYS C 964 20.58 -45.25 -38.23
C LYS C 964 19.10 -45.62 -38.25
N ARG C 965 18.46 -45.37 -39.38
CA ARG C 965 17.06 -45.74 -39.55
C ARG C 965 16.93 -47.24 -39.65
N ARG C 966 15.87 -47.78 -39.05
CA ARG C 966 15.65 -49.22 -39.08
C ARG C 966 15.24 -49.66 -40.50
N VAL C 967 15.87 -50.72 -40.98
CA VAL C 967 15.59 -51.20 -42.33
C VAL C 967 14.30 -52.00 -42.39
N LYS C 968 13.80 -52.48 -41.27
CA LYS C 968 12.53 -53.15 -41.18
C LYS C 968 11.60 -52.40 -40.23
N PRO C 969 10.30 -52.35 -40.50
CA PRO C 969 9.38 -51.66 -39.60
C PRO C 969 9.22 -52.42 -38.28
N LEU C 970 8.65 -51.72 -37.32
CA LEU C 970 8.50 -52.27 -35.98
C LEU C 970 7.48 -53.41 -35.98
N PRO C 971 7.75 -54.48 -35.24
CA PRO C 971 6.83 -55.63 -35.25
C PRO C 971 5.54 -55.31 -34.53
N GLU C 972 4.42 -55.57 -35.20
CA GLU C 972 3.11 -55.33 -34.60
C GLU C 972 2.85 -56.35 -33.50
N LEU C 973 1.90 -56.00 -32.64
CA LEU C 973 1.55 -56.82 -31.49
C LEU C 973 0.13 -57.35 -31.64
N GLN C 974 -0.17 -58.37 -30.85
CA GLN C 974 -1.53 -58.90 -30.80
C GLN C 974 -2.43 -57.95 -30.05
N LYS C 975 -3.66 -57.78 -30.54
CA LYS C 975 -4.56 -56.77 -30.03
C LYS C 975 -5.36 -57.21 -28.81
N VAL C 976 -4.93 -58.25 -28.10
CA VAL C 976 -5.65 -58.75 -26.95
C VAL C 976 -5.51 -57.80 -25.76
N LYS C 1355 36.70 -52.12 -43.27
CA LYS C 1355 37.42 -50.93 -43.73
C LYS C 1355 38.05 -50.19 -42.55
N GLU C 1356 39.33 -49.87 -42.67
CA GLU C 1356 40.05 -49.12 -41.66
C GLU C 1356 40.44 -47.76 -42.23
N LEU C 1357 40.25 -46.71 -41.42
CA LEU C 1357 40.57 -45.36 -41.86
C LEU C 1357 42.08 -45.16 -41.91
N ILE C 1358 42.52 -44.33 -42.84
CA ILE C 1358 43.94 -44.00 -42.91
C ILE C 1358 44.23 -42.82 -41.98
N LEU C 1359 45.16 -43.04 -41.05
CA LEU C 1359 45.67 -41.97 -40.21
C LEU C 1359 47.08 -42.40 -39.79
N THR C 1360 48.07 -41.91 -40.52
CA THR C 1360 49.43 -42.28 -40.15
C THR C 1360 49.85 -41.48 -38.91
N PRO C 1361 50.61 -42.11 -37.99
CA PRO C 1361 50.93 -41.42 -36.72
C PRO C 1361 51.92 -40.27 -36.83
N GLU C 1362 52.40 -39.95 -38.03
CA GLU C 1362 53.11 -38.68 -38.21
C GLU C 1362 52.13 -37.52 -38.24
N GLN C 1363 50.94 -37.72 -38.82
CA GLN C 1363 49.93 -36.68 -38.86
C GLN C 1363 49.39 -36.38 -37.46
N ILE C 1364 49.23 -37.42 -36.64
CA ILE C 1364 48.71 -37.23 -35.28
C ILE C 1364 49.73 -36.50 -34.42
N LYS C 1365 51.02 -36.80 -34.60
CA LYS C 1365 52.05 -36.07 -33.88
C LYS C 1365 52.18 -34.63 -34.36
N LYS C 1366 51.95 -34.39 -35.66
CA LYS C 1366 51.97 -33.01 -36.16
C LYS C 1366 50.79 -32.20 -35.64
N VAL C 1367 49.61 -32.84 -35.56
CA VAL C 1367 48.43 -32.16 -35.00
C VAL C 1367 48.62 -31.90 -33.51
N SER C 1368 49.24 -32.85 -32.79
CA SER C 1368 49.55 -32.65 -31.39
C SER C 1368 50.53 -31.51 -31.19
N ALA C 1369 51.57 -31.44 -32.02
CA ALA C 1369 52.58 -30.40 -31.89
C ALA C 1369 52.03 -29.02 -32.23
N CYS C 1370 51.16 -28.93 -33.23
CA CYS C 1370 50.60 -27.62 -33.57
C CYS C 1370 49.57 -27.18 -32.53
N LEU C 1371 48.82 -28.14 -31.96
CA LEU C 1371 47.87 -27.80 -30.91
C LEU C 1371 48.57 -27.40 -29.62
N ILE C 1372 49.76 -27.96 -29.36
CA ILE C 1372 50.52 -27.54 -28.19
C ILE C 1372 51.19 -26.18 -28.43
N GLU C 1373 51.79 -25.98 -29.60
CA GLU C 1373 52.54 -24.77 -29.86
C GLU C 1373 51.64 -23.56 -30.06
N HIS C 1374 50.44 -23.75 -30.60
CA HIS C 1374 49.53 -22.62 -30.77
C HIS C 1374 48.96 -22.16 -29.45
N CYS C 1375 48.62 -23.10 -28.57
CA CYS C 1375 48.07 -22.76 -27.26
C CYS C 1375 49.19 -22.68 -26.22
N GLN C 1376 50.04 -21.69 -26.41
CA GLN C 1376 51.14 -21.40 -25.50
C GLN C 1376 50.73 -20.22 -24.64
N ASN C 1377 50.78 -20.42 -23.31
CA ASN C 1377 50.39 -19.44 -22.29
C ASN C 1377 48.95 -18.98 -22.47
N PHE C 1378 48.06 -19.92 -22.78
CA PHE C 1378 46.64 -19.63 -22.92
C PHE C 1378 45.89 -19.90 -21.64
N THR C 1379 44.77 -19.20 -21.47
CA THR C 1379 43.86 -19.46 -20.36
C THR C 1379 42.89 -20.57 -20.75
N VAL C 1380 41.87 -20.80 -19.94
CA VAL C 1380 40.96 -21.90 -20.18
C VAL C 1380 39.96 -21.56 -21.28
N SER C 1381 39.54 -20.30 -21.35
CA SER C 1381 38.56 -19.89 -22.37
C SER C 1381 39.16 -19.90 -23.77
N GLN C 1382 40.43 -19.52 -23.89
CA GLN C 1382 41.10 -19.59 -25.19
C GLN C 1382 41.33 -21.03 -25.61
N LEU C 1383 41.62 -21.90 -24.66
CA LEU C 1383 41.78 -23.32 -24.95
C LEU C 1383 40.45 -23.94 -25.37
N GLU C 1384 39.35 -23.52 -24.76
CA GLU C 1384 38.05 -23.99 -25.20
C GLU C 1384 37.67 -23.43 -26.58
N ASP C 1385 38.14 -22.23 -26.91
CA ASP C 1385 37.92 -21.67 -28.25
C ASP C 1385 38.64 -22.50 -29.29
N VAL C 1386 39.91 -22.86 -29.04
CA VAL C 1386 40.67 -23.71 -29.96
C VAL C 1386 40.04 -25.09 -30.04
N HIS C 1387 39.53 -25.61 -28.91
CA HIS C 1387 38.93 -26.93 -28.88
C HIS C 1387 37.64 -26.98 -29.69
N SER C 1388 36.80 -25.95 -29.58
CA SER C 1388 35.58 -25.90 -30.37
C SER C 1388 35.88 -25.71 -31.85
N SER C 1389 36.87 -24.87 -32.17
CA SER C 1389 37.22 -24.61 -33.55
C SER C 1389 37.82 -25.84 -34.24
N VAL C 1390 38.53 -26.69 -33.50
CA VAL C 1390 39.04 -27.91 -34.11
C VAL C 1390 38.02 -29.04 -34.08
N ALA C 1391 37.14 -29.07 -33.07
CA ALA C 1391 36.09 -30.08 -33.04
C ALA C 1391 35.05 -29.87 -34.13
N LYS C 1392 34.86 -28.64 -34.61
CA LYS C 1392 33.99 -28.43 -35.75
C LYS C 1392 34.57 -29.05 -37.02
N ILE C 1393 35.87 -28.88 -37.24
CA ILE C 1393 36.55 -29.48 -38.39
C ILE C 1393 36.56 -31.00 -38.29
N ILE C 1394 36.67 -31.53 -37.07
CA ILE C 1394 36.65 -32.98 -36.91
C ILE C 1394 35.25 -33.54 -37.14
N TRP C 1395 34.22 -32.88 -36.58
CA TRP C 1395 32.85 -33.35 -36.75
C TRP C 1395 32.30 -33.12 -38.14
N LYS C 1396 32.92 -32.27 -38.96
CA LYS C 1396 32.52 -32.18 -40.35
C LYS C 1396 32.84 -33.49 -41.08
N SER C 1397 34.05 -34.00 -40.87
CA SER C 1397 34.47 -35.27 -41.49
C SER C 1397 34.22 -36.45 -40.57
N LYS C 1398 32.99 -36.60 -40.09
CA LYS C 1398 32.67 -37.74 -39.23
C LYS C 1398 32.41 -39.02 -40.02
N SER C 1399 32.18 -38.91 -41.32
CA SER C 1399 31.94 -40.08 -42.16
C SER C 1399 33.10 -40.41 -43.08
N ALA C 1400 34.04 -39.49 -43.25
CA ALA C 1400 35.16 -39.73 -44.16
C ALA C 1400 36.15 -40.70 -43.54
N TRP C 1401 36.89 -41.39 -44.41
CA TRP C 1401 37.94 -42.31 -44.01
C TRP C 1401 39.33 -41.78 -44.33
N ASP C 1402 39.45 -41.03 -45.43
CA ASP C 1402 40.68 -40.32 -45.77
C ASP C 1402 40.71 -39.08 -44.87
N LYS C 1403 41.40 -39.18 -43.73
CA LYS C 1403 41.46 -38.09 -42.76
C LYS C 1403 42.66 -37.19 -42.99
N THR C 1404 43.16 -37.10 -44.23
CA THR C 1404 44.30 -36.24 -44.51
C THR C 1404 43.87 -34.78 -44.65
N GLY C 1405 42.72 -34.56 -45.30
CA GLY C 1405 42.21 -33.21 -45.47
C GLY C 1405 41.79 -32.56 -44.17
N THR C 1406 41.28 -33.36 -43.23
CA THR C 1406 40.95 -32.85 -41.90
C THR C 1406 42.20 -32.43 -41.15
N VAL C 1407 43.27 -33.23 -41.26
CA VAL C 1407 44.54 -32.90 -40.62
C VAL C 1407 45.15 -31.65 -41.24
N ASP C 1408 45.03 -31.50 -42.56
CA ASP C 1408 45.55 -30.32 -43.22
C ASP C 1408 44.74 -29.07 -42.89
N GLU C 1409 43.42 -29.21 -42.69
CA GLU C 1409 42.62 -28.08 -42.26
C GLU C 1409 42.90 -27.70 -40.81
N ILE C 1410 43.24 -28.68 -39.96
CA ILE C 1410 43.63 -28.39 -38.59
C ILE C 1410 44.97 -27.67 -38.56
N ILE C 1411 45.90 -28.07 -39.43
CA ILE C 1411 47.18 -27.38 -39.59
C ILE C 1411 46.95 -25.95 -40.09
N LYS C 1412 46.04 -25.78 -41.06
CA LYS C 1412 45.82 -24.47 -41.67
C LYS C 1412 45.09 -23.52 -40.71
N PHE C 1413 44.22 -24.04 -39.84
CA PHE C 1413 43.53 -23.17 -38.91
C PHE C 1413 44.48 -22.63 -37.85
N LEU C 1414 45.43 -23.45 -37.40
CA LEU C 1414 46.33 -23.06 -36.32
C LEU C 1414 47.57 -22.34 -36.85
N SER C 1415 47.35 -21.34 -37.68
CA SER C 1415 48.44 -20.58 -38.30
C SER C 1415 47.95 -19.18 -38.65
N ASP D 444 -5.38 -30.92 36.22
CA ASP D 444 -4.93 -30.01 37.26
C ASP D 444 -3.71 -30.59 37.98
N MET D 445 -2.76 -29.73 38.31
CA MET D 445 -1.55 -30.11 39.02
C MET D 445 -1.42 -29.22 40.24
N ASN D 446 -1.52 -29.81 41.43
CA ASN D 446 -1.49 -29.07 42.69
C ASN D 446 -0.07 -28.56 42.92
N VAL D 447 0.15 -27.28 42.62
CA VAL D 447 1.42 -26.62 42.86
C VAL D 447 1.20 -25.52 43.88
N ASN D 448 2.30 -25.11 44.52
CA ASN D 448 2.24 -24.09 45.56
C ASN D 448 3.37 -23.10 45.31
N PHE D 449 3.55 -22.16 46.24
CA PHE D 449 4.51 -21.09 46.07
C PHE D 449 5.96 -21.53 46.28
N ASP D 450 6.19 -22.77 46.72
CA ASP D 450 7.54 -23.30 46.73
C ASP D 450 7.99 -23.72 45.33
N ASP D 451 7.05 -23.89 44.40
CA ASP D 451 7.39 -24.23 43.02
C ASP D 451 7.59 -22.99 42.15
N ILE D 452 6.94 -21.89 42.48
CA ILE D 452 7.20 -20.62 41.81
C ILE D 452 8.60 -20.16 42.15
N GLY D 453 9.40 -19.88 41.11
CA GLY D 453 10.78 -19.55 41.33
C GLY D 453 11.20 -18.18 40.84
N GLY D 454 11.87 -17.42 41.71
CA GLY D 454 12.40 -16.13 41.31
C GLY D 454 11.37 -15.04 41.13
N LEU D 455 10.21 -15.16 41.77
CA LEU D 455 9.15 -14.15 41.67
C LEU D 455 8.60 -13.88 43.05
N ASP D 456 9.49 -13.71 44.03
CA ASP D 456 9.06 -13.49 45.40
C ASP D 456 8.48 -12.09 45.62
N ASN D 457 8.83 -11.14 44.75
CA ASN D 457 8.33 -9.78 44.89
C ASN D 457 6.90 -9.59 44.38
N TYR D 458 6.26 -10.65 43.89
CA TYR D 458 4.85 -10.60 43.52
C TYR D 458 3.97 -11.43 44.42
N ILE D 459 4.55 -12.32 45.24
CA ILE D 459 3.73 -13.13 46.12
C ILE D 459 3.13 -12.28 47.24
N ASP D 460 3.81 -11.20 47.64
CA ASP D 460 3.22 -10.28 48.60
C ASP D 460 2.11 -9.46 47.95
N GLN D 461 2.31 -9.06 46.69
CA GLN D 461 1.32 -8.26 45.98
C GLN D 461 0.08 -9.06 45.61
N LEU D 462 0.18 -10.39 45.56
CA LEU D 462 -1.04 -11.19 45.45
C LEU D 462 -1.61 -11.60 46.80
N LYS D 463 -0.77 -11.75 47.82
CA LYS D 463 -1.29 -12.09 49.15
C LYS D 463 -2.02 -10.93 49.79
N GLU D 464 -1.70 -9.69 49.40
CA GLU D 464 -2.44 -8.54 49.92
C GLU D 464 -3.83 -8.40 49.33
N MET D 465 -4.16 -9.18 48.30
CA MET D 465 -5.49 -9.15 47.72
C MET D 465 -6.21 -10.48 47.77
N VAL D 466 -5.53 -11.57 48.12
CA VAL D 466 -6.21 -12.86 48.31
C VAL D 466 -6.15 -13.35 49.75
N ALA D 467 -5.45 -12.68 50.64
CA ALA D 467 -5.52 -13.07 52.04
C ALA D 467 -5.91 -11.92 52.95
N LEU D 468 -5.40 -10.71 52.70
CA LEU D 468 -5.71 -9.54 53.51
C LEU D 468 -7.16 -9.05 53.44
N PRO D 469 -7.87 -9.09 52.30
CA PRO D 469 -9.33 -8.89 52.38
C PRO D 469 -10.10 -10.14 52.74
N LEU D 470 -9.43 -11.29 52.81
CA LEU D 470 -10.10 -12.56 53.09
C LEU D 470 -9.98 -12.97 54.55
N LEU D 471 -8.77 -12.90 55.11
CA LEU D 471 -8.57 -13.35 56.48
C LEU D 471 -8.96 -12.27 57.49
N TYR D 472 -8.51 -11.03 57.26
CA TYR D 472 -8.74 -9.94 58.19
C TYR D 472 -9.71 -8.94 57.60
N PRO D 473 -10.99 -8.95 58.00
CA PRO D 473 -11.92 -7.94 57.47
C PRO D 473 -11.67 -6.56 58.05
N GLU D 474 -11.39 -6.47 59.35
CA GLU D 474 -11.39 -5.20 60.06
C GLU D 474 -10.26 -4.26 59.65
N LEU D 475 -9.20 -4.78 59.01
CA LEU D 475 -8.15 -3.91 58.52
C LEU D 475 -8.44 -3.35 57.14
N TYR D 476 -9.31 -4.00 56.37
CA TYR D 476 -9.70 -3.49 55.07
C TYR D 476 -11.06 -2.78 55.09
N GLN D 477 -11.67 -2.63 56.27
CA GLN D 477 -12.88 -1.85 56.41
C GLN D 477 -12.64 -0.53 57.14
N ASN D 478 -11.38 -0.14 57.32
CA ASN D 478 -11.09 1.12 58.01
C ASN D 478 -11.46 2.32 57.13
N PHE D 479 -10.94 2.35 55.91
CA PHE D 479 -11.41 3.26 54.86
C PHE D 479 -12.31 2.52 53.89
N ASN D 480 -12.72 1.30 54.25
CA ASN D 480 -13.37 0.32 53.37
C ASN D 480 -12.53 0.10 52.12
N ILE D 481 -11.34 -0.44 52.35
CA ILE D 481 -10.36 -0.72 51.29
C ILE D 481 -10.93 -1.79 50.38
N THR D 482 -11.20 -1.44 49.14
CA THR D 482 -11.59 -2.43 48.15
C THR D 482 -10.40 -3.28 47.77
N PRO D 483 -10.58 -4.58 47.62
CA PRO D 483 -9.57 -5.39 46.93
C PRO D 483 -9.56 -5.03 45.46
N PRO D 484 -8.39 -4.84 44.86
CA PRO D 484 -8.34 -4.43 43.44
C PRO D 484 -8.81 -5.55 42.53
N ARG D 485 -10.02 -5.38 42.02
CA ARG D 485 -10.73 -6.42 41.28
C ARG D 485 -10.20 -6.47 39.85
N GLY D 486 -9.44 -7.51 39.55
CA GLY D 486 -8.90 -7.69 38.22
C GLY D 486 -7.44 -7.33 38.11
N VAL D 487 -6.58 -8.35 38.08
CA VAL D 487 -5.15 -8.17 37.89
C VAL D 487 -4.77 -8.89 36.61
N LEU D 488 -4.02 -8.21 35.75
CA LEU D 488 -3.62 -8.77 34.47
C LEU D 488 -2.13 -9.06 34.48
N PHE D 489 -1.78 -10.31 34.18
CA PHE D 489 -0.40 -10.73 34.03
C PHE D 489 0.03 -10.56 32.58
N HIS D 490 1.15 -9.86 32.37
CA HIS D 490 1.64 -9.61 31.03
C HIS D 490 3.16 -9.71 31.03
N GLY D 491 3.71 -9.97 29.85
CA GLY D 491 5.15 -10.06 29.68
C GLY D 491 5.54 -11.12 28.68
N PRO D 492 6.82 -11.51 28.70
CA PRO D 492 7.27 -12.63 27.86
C PRO D 492 6.63 -13.94 28.29
N PRO D 493 6.57 -14.92 27.40
CA PRO D 493 5.91 -16.18 27.74
C PRO D 493 6.85 -17.20 28.36
N GLY D 494 6.25 -18.22 28.96
CA GLY D 494 7.01 -19.24 29.66
C GLY D 494 7.64 -18.77 30.94
N THR D 495 7.15 -17.68 31.54
CA THR D 495 7.80 -17.06 32.69
C THR D 495 7.01 -17.24 33.97
N GLY D 496 5.93 -18.02 33.97
CA GLY D 496 5.19 -18.26 35.18
C GLY D 496 3.91 -17.46 35.30
N LYS D 497 3.16 -17.33 34.20
CA LYS D 497 1.87 -16.67 34.26
C LYS D 497 0.79 -17.62 34.78
N THR D 498 0.65 -18.77 34.13
CA THR D 498 -0.39 -19.72 34.53
C THR D 498 -0.05 -20.42 35.84
N LEU D 499 1.23 -20.69 36.07
CA LEU D 499 1.66 -21.35 37.31
C LEU D 499 1.45 -20.46 38.51
N MET D 500 1.56 -19.13 38.33
CA MET D 500 1.31 -18.21 39.44
C MET D 500 -0.15 -18.25 39.85
N ALA D 501 -1.08 -18.37 38.89
CA ALA D 501 -2.49 -18.49 39.25
C ALA D 501 -2.80 -19.84 39.86
N ARG D 502 -2.22 -20.91 39.31
CA ARG D 502 -2.48 -22.25 39.82
C ARG D 502 -1.89 -22.48 41.20
N ALA D 503 -0.84 -21.76 41.55
CA ALA D 503 -0.34 -21.76 42.92
C ALA D 503 -0.98 -20.67 43.77
N LEU D 504 -1.62 -19.69 43.13
CA LEU D 504 -2.35 -18.66 43.84
C LEU D 504 -3.63 -19.21 44.43
N ALA D 505 -4.26 -20.16 43.73
CA ALA D 505 -5.49 -20.74 44.24
C ALA D 505 -5.23 -21.71 45.39
N ALA D 506 -4.49 -22.79 45.11
CA ALA D 506 -4.44 -23.95 45.98
C ALA D 506 -3.33 -23.87 47.01
N SER D 507 -2.88 -22.68 47.40
CA SER D 507 -1.87 -22.57 48.45
C SER D 507 -2.22 -21.45 49.41
N CYS D 508 -3.47 -21.38 49.82
CA CYS D 508 -3.89 -20.50 50.89
C CYS D 508 -4.12 -21.32 52.17
N SER D 509 -4.71 -20.68 53.18
CA SER D 509 -5.04 -21.40 54.41
C SER D 509 -6.19 -22.38 54.16
N SER D 510 -7.34 -21.86 53.71
CA SER D 510 -8.43 -22.61 53.09
C SER D 510 -9.18 -23.56 54.03
N ASP D 511 -8.78 -23.64 55.30
CA ASP D 511 -9.45 -24.55 56.21
C ASP D 511 -10.74 -23.96 56.76
N GLU D 512 -10.79 -22.65 57.01
CA GLU D 512 -12.05 -22.03 57.37
C GLU D 512 -12.77 -21.44 56.15
N ARG D 513 -12.03 -20.90 55.19
CA ARG D 513 -12.60 -20.35 53.96
C ARG D 513 -11.82 -20.93 52.79
N LYS D 514 -12.32 -22.03 52.23
CA LYS D 514 -11.69 -22.63 51.05
C LYS D 514 -11.86 -21.72 49.84
N ILE D 515 -10.77 -21.13 49.39
CA ILE D 515 -10.79 -20.30 48.19
C ILE D 515 -10.85 -21.21 46.96
N THR D 516 -11.80 -20.94 46.08
CA THR D 516 -11.97 -21.77 44.90
C THR D 516 -11.10 -21.27 43.75
N PHE D 517 -11.20 -21.96 42.62
CA PHE D 517 -10.50 -21.59 41.41
C PHE D 517 -11.44 -21.74 40.24
N PHE D 518 -11.18 -20.98 39.18
CA PHE D 518 -12.00 -21.05 37.97
C PHE D 518 -11.07 -20.89 36.77
N MET D 519 -10.64 -22.02 36.21
CA MET D 519 -9.74 -22.05 35.06
C MET D 519 -10.58 -21.94 33.79
N ARG D 520 -10.45 -20.79 33.11
CA ARG D 520 -11.14 -20.57 31.85
C ARG D 520 -10.16 -20.13 30.79
N LYS D 521 -10.32 -20.69 29.60
CA LYS D 521 -9.44 -20.43 28.48
C LYS D 521 -9.97 -19.24 27.66
N GLY D 522 -9.28 -18.94 26.57
CA GLY D 522 -9.61 -17.78 25.78
C GLY D 522 -10.78 -17.91 24.81
N ALA D 523 -10.62 -18.77 23.80
CA ALA D 523 -11.54 -18.82 22.69
C ALA D 523 -12.65 -19.85 22.86
N ASP D 524 -12.67 -20.57 23.98
CA ASP D 524 -13.81 -21.45 24.25
C ASP D 524 -15.03 -20.64 24.67
N ILE D 525 -14.81 -19.47 25.27
CA ILE D 525 -15.92 -18.59 25.60
C ILE D 525 -16.50 -17.97 24.33
N LEU D 526 -15.63 -17.50 23.43
CA LEU D 526 -16.07 -16.93 22.15
C LEU D 526 -16.65 -18.05 21.30
N SER D 527 -17.96 -18.03 21.14
CA SER D 527 -18.69 -19.12 20.51
C SER D 527 -19.25 -18.68 19.16
N LYS D 528 -20.02 -19.60 18.56
CA LYS D 528 -20.61 -19.38 17.25
C LYS D 528 -21.73 -18.34 17.27
N TRP D 529 -22.61 -18.44 18.26
CA TRP D 529 -24.03 -18.23 17.99
C TRP D 529 -24.43 -16.79 17.67
N VAL D 530 -24.54 -15.90 18.66
CA VAL D 530 -24.39 -14.47 18.42
C VAL D 530 -23.64 -13.80 19.56
N GLY D 531 -24.20 -13.91 20.77
CA GLY D 531 -23.74 -13.29 21.99
C GLY D 531 -24.03 -14.26 23.11
N GLU D 532 -24.07 -15.55 22.79
CA GLU D 532 -24.10 -16.57 23.84
C GLU D 532 -22.73 -16.71 24.49
N ALA D 533 -21.69 -16.16 23.87
CA ALA D 533 -20.41 -15.91 24.52
C ALA D 533 -20.57 -15.05 25.77
N GLU D 534 -21.56 -14.14 25.77
CA GLU D 534 -21.92 -13.47 27.02
C GLU D 534 -22.45 -14.46 28.04
N ARG D 535 -23.31 -15.39 27.62
CA ARG D 535 -23.95 -16.30 28.56
C ARG D 535 -22.97 -17.31 29.16
N GLN D 536 -21.92 -17.65 28.40
CA GLN D 536 -20.86 -18.51 28.92
C GLN D 536 -20.08 -17.86 30.06
N LEU D 537 -20.07 -16.53 30.16
CA LEU D 537 -19.51 -15.87 31.33
C LEU D 537 -20.57 -15.39 32.32
N ARG D 538 -21.83 -15.29 31.91
CA ARG D 538 -22.91 -15.05 32.88
C ARG D 538 -23.04 -16.22 33.83
N LEU D 539 -22.94 -17.45 33.30
CA LEU D 539 -22.96 -18.62 34.16
C LEU D 539 -21.75 -18.65 35.09
N LEU D 540 -20.59 -18.20 34.60
CA LEU D 540 -19.39 -18.09 35.43
C LEU D 540 -19.55 -17.07 36.54
N PHE D 541 -20.17 -15.92 36.23
CA PHE D 541 -20.33 -14.88 37.23
C PHE D 541 -21.37 -15.25 38.28
N GLU D 542 -22.43 -15.98 37.89
CA GLU D 542 -23.33 -16.46 38.92
C GLU D 542 -22.74 -17.63 39.71
N GLU D 543 -21.82 -18.39 39.12
CA GLU D 543 -21.06 -19.34 39.93
C GLU D 543 -20.03 -18.64 40.81
N ALA D 544 -19.64 -17.42 40.49
CA ALA D 544 -18.68 -16.69 41.31
C ALA D 544 -19.29 -16.21 42.63
N LYS D 545 -20.62 -16.15 42.71
CA LYS D 545 -21.32 -15.88 43.95
C LYS D 545 -21.91 -17.14 44.57
N LYS D 546 -21.43 -18.31 44.16
CA LYS D 546 -21.73 -19.53 44.90
C LYS D 546 -20.88 -19.60 46.15
N HIS D 547 -19.56 -19.68 45.98
CA HIS D 547 -18.63 -19.40 47.06
C HIS D 547 -18.42 -17.91 47.17
N GLN D 548 -18.12 -17.44 48.37
CA GLN D 548 -17.67 -16.07 48.46
C GLN D 548 -16.19 -15.97 48.05
N PRO D 549 -15.19 -16.73 48.63
CA PRO D 549 -13.82 -16.56 48.13
C PRO D 549 -13.58 -17.21 46.78
N SER D 550 -14.02 -16.55 45.71
CA SER D 550 -13.92 -17.08 44.36
C SER D 550 -13.09 -16.14 43.50
N ILE D 551 -12.15 -16.71 42.74
CA ILE D 551 -11.33 -15.96 41.81
C ILE D 551 -11.57 -16.50 40.40
N ILE D 552 -11.55 -15.60 39.43
CA ILE D 552 -11.81 -15.93 38.04
C ILE D 552 -10.50 -15.80 37.28
N PHE D 553 -10.03 -16.90 36.71
CA PHE D 553 -8.80 -16.91 35.91
C PHE D 553 -9.17 -17.00 34.44
N PHE D 554 -8.97 -15.91 33.71
CA PHE D 554 -9.17 -15.88 32.27
C PHE D 554 -7.80 -16.06 31.62
N ASP D 555 -7.55 -17.25 31.10
CA ASP D 555 -6.35 -17.50 30.33
C ASP D 555 -6.59 -17.00 28.92
N GLU D 556 -5.59 -16.30 28.36
CA GLU D 556 -5.58 -15.76 27.00
C GLU D 556 -6.78 -14.81 26.78
N ILE D 557 -6.71 -13.68 27.49
CA ILE D 557 -7.77 -12.70 27.39
C ILE D 557 -7.78 -11.94 26.08
N ASP D 558 -6.69 -12.01 25.31
CA ASP D 558 -6.69 -11.43 23.98
C ASP D 558 -7.47 -12.28 23.00
N GLY D 559 -7.73 -13.54 23.34
CA GLY D 559 -8.71 -14.32 22.59
C GLY D 559 -10.13 -13.85 22.78
N LEU D 560 -10.39 -13.10 23.86
CA LEU D 560 -11.69 -12.45 24.07
C LEU D 560 -11.69 -11.02 23.56
N ALA D 561 -10.79 -10.18 24.05
CA ALA D 561 -10.81 -8.74 23.79
C ALA D 561 -9.50 -8.25 23.19
N PRO D 562 -9.34 -8.26 21.87
CA PRO D 562 -8.20 -7.60 21.24
C PRO D 562 -8.55 -6.19 20.74
N VAL D 563 -7.50 -5.50 20.28
CA VAL D 563 -7.57 -4.06 19.98
C VAL D 563 -8.29 -3.82 18.66
N ARG D 564 -8.94 -2.67 18.55
CA ARG D 564 -9.42 -2.16 17.27
C ARG D 564 -8.25 -1.95 16.32
N SER D 565 -8.26 -2.63 15.17
CA SER D 565 -7.22 -2.41 14.17
C SER D 565 -7.68 -1.50 13.04
N SER D 566 -8.70 -1.92 12.27
CA SER D 566 -9.25 -1.06 11.24
C SER D 566 -10.75 -1.23 11.03
N LYS D 567 -11.43 -2.10 11.78
CA LYS D 567 -12.83 -2.41 11.53
C LYS D 567 -13.60 -2.39 12.83
N GLN D 568 -14.93 -2.52 12.71
CA GLN D 568 -15.79 -2.62 13.89
C GLN D 568 -15.73 -4.00 14.54
N GLU D 569 -15.37 -5.03 13.76
CA GLU D 569 -15.03 -6.40 14.20
C GLU D 569 -16.11 -7.02 15.11
N GLN D 570 -17.25 -7.29 14.46
CA GLN D 570 -18.50 -7.70 15.13
C GLN D 570 -18.37 -9.02 15.89
N ILE D 571 -17.39 -9.86 15.56
CA ILE D 571 -17.31 -11.20 16.15
C ILE D 571 -16.93 -11.17 17.62
N HIS D 572 -16.23 -10.12 18.07
CA HIS D 572 -15.86 -10.05 19.48
C HIS D 572 -16.02 -8.65 20.08
N ALA D 573 -16.61 -7.71 19.34
CA ALA D 573 -16.79 -6.37 19.88
C ALA D 573 -17.91 -6.30 20.91
N SER D 574 -18.89 -7.20 20.80
CA SER D 574 -20.01 -7.20 21.74
C SER D 574 -19.56 -7.63 23.13
N ILE D 575 -18.64 -8.61 23.20
CA ILE D 575 -18.15 -9.13 24.47
C ILE D 575 -17.40 -8.05 25.23
N VAL D 576 -16.47 -7.36 24.57
CA VAL D 576 -15.67 -6.36 25.26
C VAL D 576 -16.48 -5.08 25.51
N SER D 577 -17.38 -4.72 24.58
CA SER D 577 -18.19 -3.53 24.79
C SER D 577 -19.25 -3.74 25.87
N THR D 578 -19.59 -4.99 26.18
CA THR D 578 -20.39 -5.26 27.37
C THR D 578 -19.52 -5.36 28.62
N LEU D 579 -18.33 -5.96 28.51
CA LEU D 579 -17.47 -6.20 29.66
C LEU D 579 -16.71 -4.96 30.12
N LEU D 580 -16.78 -3.86 29.38
CA LEU D 580 -16.25 -2.59 29.87
C LEU D 580 -16.98 -2.09 31.10
N ALA D 581 -18.24 -2.48 31.29
CA ALA D 581 -18.98 -2.14 32.50
C ALA D 581 -19.81 -3.29 33.04
N LEU D 582 -19.64 -4.50 32.52
CA LEU D 582 -20.42 -5.64 33.01
C LEU D 582 -19.84 -6.17 34.32
N MET D 583 -18.55 -6.45 34.33
CA MET D 583 -17.88 -6.89 35.54
C MET D 583 -17.67 -5.75 36.53
N ASP D 584 -17.83 -4.50 36.10
CA ASP D 584 -17.91 -3.35 36.99
C ASP D 584 -19.36 -2.87 37.15
N GLY D 585 -20.32 -3.77 36.96
CA GLY D 585 -21.72 -3.38 37.00
C GLY D 585 -22.28 -3.02 38.36
N MET D 586 -22.41 -4.02 39.23
CA MET D 586 -22.96 -3.79 40.57
C MET D 586 -22.47 -4.92 41.48
N ASP D 587 -21.43 -4.63 42.25
CA ASP D 587 -20.90 -5.57 43.22
C ASP D 587 -20.14 -4.80 44.29
N ASN D 588 -20.28 -5.24 45.53
CA ASN D 588 -19.68 -4.56 46.68
C ASN D 588 -18.21 -4.91 46.82
N ARG D 589 -17.63 -4.63 48.00
CA ARG D 589 -16.23 -4.94 48.24
C ARG D 589 -15.97 -6.43 48.16
N GLY D 590 -16.54 -7.19 49.10
CA GLY D 590 -16.65 -8.64 49.08
C GLY D 590 -15.44 -9.47 48.71
N GLN D 591 -15.66 -10.55 47.97
CA GLN D 591 -14.58 -11.36 47.41
C GLN D 591 -14.96 -11.75 45.99
N VAL D 592 -14.43 -11.03 45.02
CA VAL D 592 -14.43 -11.44 43.62
C VAL D 592 -13.21 -10.80 42.95
N ILE D 593 -12.39 -11.63 42.31
CA ILE D 593 -11.14 -11.17 41.69
C ILE D 593 -11.04 -11.79 40.31
N VAL D 594 -10.95 -10.97 39.28
CA VAL D 594 -10.79 -11.44 37.91
C VAL D 594 -9.31 -11.33 37.57
N ILE D 595 -8.69 -12.47 37.26
CA ILE D 595 -7.27 -12.54 36.95
C ILE D 595 -7.11 -12.90 35.49
N GLY D 596 -6.45 -12.05 34.73
CA GLY D 596 -6.18 -12.34 33.33
C GLY D 596 -4.72 -12.62 33.09
N ALA D 597 -4.40 -13.29 31.98
CA ALA D 597 -3.02 -13.60 31.63
C ALA D 597 -2.87 -13.55 30.12
N THR D 598 -1.97 -12.72 29.62
CA THR D 598 -1.77 -12.60 28.18
C THR D 598 -0.29 -12.41 27.88
N ASN D 599 0.10 -12.81 26.67
CA ASN D 599 1.49 -12.84 26.25
C ASN D 599 1.99 -11.50 25.74
N ARG D 600 1.12 -10.49 25.64
CA ARG D 600 1.54 -9.14 25.29
C ARG D 600 0.48 -8.18 25.80
N PRO D 601 0.88 -7.02 26.35
CA PRO D 601 -0.12 -6.12 26.94
C PRO D 601 -0.86 -5.27 25.90
N ASP D 602 -0.17 -4.88 24.83
CA ASP D 602 -0.70 -3.86 23.93
C ASP D 602 -1.80 -4.38 23.02
N ALA D 603 -1.94 -5.70 22.88
CA ALA D 603 -2.95 -6.23 21.98
C ALA D 603 -4.34 -6.17 22.58
N VAL D 604 -4.46 -6.24 23.89
CA VAL D 604 -5.73 -6.09 24.58
C VAL D 604 -6.12 -4.61 24.57
N ASP D 605 -7.43 -4.34 24.52
CA ASP D 605 -7.97 -2.98 24.40
C ASP D 605 -7.46 -2.05 25.48
N PRO D 606 -7.15 -0.80 25.13
CA PRO D 606 -6.81 0.19 26.16
C PRO D 606 -8.01 0.63 26.98
N ALA D 607 -9.23 0.36 26.51
CA ALA D 607 -10.42 0.59 27.32
C ALA D 607 -10.54 -0.42 28.45
N LEU D 608 -9.84 -1.56 28.36
CA LEU D 608 -9.66 -2.44 29.51
C LEU D 608 -8.39 -2.13 30.28
N ARG D 609 -7.60 -1.14 29.83
CA ARG D 609 -6.40 -0.68 30.53
C ARG D 609 -6.75 0.49 31.44
N ARG D 610 -7.76 0.28 32.28
CA ARG D 610 -8.26 1.34 33.15
C ARG D 610 -8.48 0.76 34.53
N PRO D 611 -8.35 1.57 35.58
CA PRO D 611 -8.69 1.09 36.92
C PRO D 611 -10.18 0.83 37.06
N GLY D 612 -10.51 0.02 38.05
CA GLY D 612 -11.88 -0.45 38.21
C GLY D 612 -12.16 -1.77 37.54
N ARG D 613 -11.70 -1.92 36.30
CA ARG D 613 -11.86 -3.16 35.55
C ARG D 613 -10.63 -4.06 35.66
N PHE D 614 -9.47 -3.57 35.22
CA PHE D 614 -8.21 -4.29 35.35
C PHE D 614 -7.23 -3.31 35.99
N ASP D 615 -7.10 -3.38 37.32
CA ASP D 615 -6.36 -2.37 38.05
C ASP D 615 -4.85 -2.57 37.92
N ARG D 616 -4.33 -3.69 38.40
CA ARG D 616 -2.90 -3.90 38.47
C ARG D 616 -2.40 -4.71 37.28
N GLU D 617 -1.19 -4.38 36.85
CA GLU D 617 -0.60 -4.88 35.60
C GLU D 617 0.75 -5.48 35.95
N PHE D 618 0.78 -6.78 36.24
CA PHE D 618 1.96 -7.45 36.74
C PHE D 618 2.82 -7.91 35.57
N TYR D 619 4.04 -7.39 35.49
CA TYR D 619 4.96 -7.69 34.39
C TYR D 619 5.86 -8.84 34.80
N PHE D 620 5.55 -10.02 34.31
CA PHE D 620 6.40 -11.18 34.55
C PHE D 620 7.58 -11.18 33.57
N PRO D 621 8.81 -11.06 34.05
CA PRO D 621 9.94 -10.95 33.12
C PRO D 621 10.57 -12.29 32.82
N LEU D 622 11.40 -12.34 31.78
CA LEU D 622 12.35 -13.41 31.65
C LEU D 622 13.35 -13.33 32.80
N PRO D 623 13.68 -14.45 33.44
CA PRO D 623 14.47 -14.38 34.67
C PRO D 623 15.91 -14.00 34.44
N ASP D 624 16.49 -13.32 35.42
CA ASP D 624 17.91 -12.99 35.43
C ASP D 624 18.71 -14.21 35.90
N VAL D 625 20.00 -14.00 36.22
CA VAL D 625 20.91 -15.10 36.51
C VAL D 625 20.53 -15.79 37.82
N LYS D 626 20.22 -15.00 38.85
CA LYS D 626 19.89 -15.56 40.15
C LYS D 626 18.55 -16.29 40.13
N ALA D 627 17.54 -15.70 39.49
CA ALA D 627 16.23 -16.35 39.43
C ALA D 627 16.27 -17.60 38.56
N ARG D 628 17.12 -17.62 37.53
CA ARG D 628 17.30 -18.85 36.76
C ARG D 628 18.01 -19.91 37.58
N PHE D 629 18.90 -19.51 38.49
CA PHE D 629 19.51 -20.46 39.41
C PHE D 629 18.47 -21.06 40.35
N LYS D 630 17.54 -20.22 40.86
CA LYS D 630 16.48 -20.76 41.72
C LYS D 630 15.52 -21.66 40.93
N ILE D 631 15.26 -21.33 39.66
CA ILE D 631 14.34 -22.14 38.87
C ILE D 631 14.96 -23.49 38.51
N LEU D 632 16.26 -23.50 38.18
CA LEU D 632 16.93 -24.76 37.93
C LEU D 632 17.11 -25.57 39.21
N GLN D 633 17.17 -24.93 40.37
CA GLN D 633 17.16 -25.68 41.61
C GLN D 633 15.79 -26.28 41.90
N ILE D 634 14.72 -25.52 41.59
CA ILE D 634 13.36 -25.99 41.85
C ILE D 634 13.00 -27.15 40.93
N GLN D 635 13.48 -27.13 39.68
CA GLN D 635 13.20 -28.21 38.75
C GLN D 635 13.97 -29.49 39.07
N THR D 636 14.97 -29.45 39.95
CA THR D 636 15.77 -30.61 40.27
C THR D 636 15.68 -30.98 41.75
N ARG D 637 14.47 -31.01 42.30
CA ARG D 637 14.28 -31.38 43.70
C ARG D 637 14.10 -32.89 43.88
N LYS D 638 13.15 -33.46 43.15
CA LYS D 638 12.82 -34.88 43.21
C LYS D 638 13.92 -35.77 42.62
N TRP D 639 14.83 -35.18 41.84
CA TRP D 639 15.86 -35.95 41.14
C TRP D 639 16.84 -36.60 42.12
N SER D 640 17.02 -37.91 41.98
CA SER D 640 17.93 -38.69 42.81
C SER D 640 19.35 -38.73 42.27
N SER D 641 19.72 -37.72 41.49
CA SER D 641 21.01 -37.56 40.85
C SER D 641 21.87 -36.59 41.64
N PRO D 642 23.19 -36.79 41.69
CA PRO D 642 24.04 -35.90 42.48
C PRO D 642 24.20 -34.53 41.85
N LEU D 643 23.20 -33.67 42.04
CA LEU D 643 23.32 -32.30 41.58
C LEU D 643 24.32 -31.54 42.46
N SER D 644 24.88 -30.48 41.89
CA SER D 644 25.96 -29.75 42.53
C SER D 644 25.83 -28.29 42.19
N THR D 645 25.97 -27.43 43.21
CA THR D 645 25.67 -26.00 43.05
C THR D 645 26.64 -25.30 42.11
N ASN D 646 27.88 -25.79 41.99
CA ASN D 646 28.81 -25.20 41.04
C ASN D 646 28.45 -25.53 39.60
N PHE D 647 27.67 -26.59 39.38
CA PHE D 647 27.17 -26.87 38.04
C PHE D 647 25.95 -26.02 37.71
N ILE D 648 25.06 -25.83 38.68
CA ILE D 648 23.87 -25.00 38.47
C ILE D 648 24.26 -23.54 38.36
N ASP D 649 25.40 -23.13 38.95
CA ASP D 649 25.90 -21.77 38.78
C ASP D 649 26.25 -21.50 37.32
N LYS D 650 26.99 -22.41 36.69
CA LYS D 650 27.33 -22.24 35.28
C LYS D 650 26.09 -22.41 34.40
N LEU D 651 25.21 -23.34 34.77
CA LEU D 651 23.98 -23.58 34.02
C LEU D 651 23.04 -22.37 34.06
N ALA D 652 23.12 -21.58 35.12
CA ALA D 652 22.39 -20.33 35.15
C ALA D 652 23.15 -19.21 34.46
N PHE D 653 24.49 -19.32 34.41
CA PHE D 653 25.27 -18.29 33.75
C PHE D 653 25.17 -18.35 32.23
N LEU D 654 24.94 -19.53 31.65
CA LEU D 654 24.94 -19.64 30.20
C LEU D 654 23.55 -19.69 29.58
N THR D 655 22.49 -19.88 30.36
CA THR D 655 21.15 -20.02 29.81
C THR D 655 20.41 -18.69 29.76
N LYS D 656 21.04 -17.67 29.18
CA LYS D 656 20.42 -16.36 29.08
C LYS D 656 19.34 -16.37 28.01
N GLY D 657 18.19 -15.80 28.34
CA GLY D 657 17.04 -15.82 27.46
C GLY D 657 16.10 -16.97 27.69
N TYR D 658 16.47 -17.92 28.55
CA TYR D 658 15.60 -19.02 28.89
C TYR D 658 14.53 -18.57 29.88
N GLY D 659 13.35 -19.17 29.77
CA GLY D 659 12.29 -18.98 30.73
C GLY D 659 12.12 -20.20 31.60
N GLY D 660 10.98 -20.23 32.31
CA GLY D 660 10.69 -21.37 33.16
C GLY D 660 10.40 -22.63 32.35
N ALA D 661 9.59 -22.49 31.30
CA ALA D 661 9.25 -23.65 30.48
C ALA D 661 10.45 -24.12 29.66
N ASP D 662 11.35 -23.20 29.29
CA ASP D 662 12.54 -23.59 28.54
C ASP D 662 13.51 -24.38 29.43
N LEU D 663 13.66 -23.98 30.70
CA LEU D 663 14.52 -24.74 31.61
C LEU D 663 13.88 -26.07 31.98
N ARG D 664 12.55 -26.12 32.08
CA ARG D 664 11.87 -27.40 32.25
C ARG D 664 12.10 -28.31 31.04
N SER D 665 12.08 -27.74 29.83
CA SER D 665 12.31 -28.53 28.63
C SER D 665 13.74 -29.02 28.54
N LEU D 666 14.69 -28.21 29.00
CA LEU D 666 16.08 -28.64 29.09
C LEU D 666 16.25 -29.80 30.06
N CYS D 667 15.54 -29.75 31.20
CA CYS D 667 15.60 -30.86 32.15
C CYS D 667 14.97 -32.13 31.59
N THR D 668 13.87 -31.99 30.83
CA THR D 668 13.22 -33.16 30.25
C THR D 668 14.11 -33.83 29.22
N GLU D 669 14.72 -33.03 28.33
CA GLU D 669 15.57 -33.64 27.32
C GLU D 669 16.90 -34.14 27.89
N ALA D 670 17.37 -33.54 28.99
CA ALA D 670 18.54 -34.09 29.66
C ALA D 670 18.24 -35.47 30.25
N ALA D 671 17.07 -35.60 30.88
CA ALA D 671 16.66 -36.90 31.40
C ALA D 671 16.45 -37.91 30.29
N LEU D 672 15.94 -37.46 29.14
CA LEU D 672 15.70 -38.39 28.03
C LEU D 672 17.01 -38.86 27.40
N ILE D 673 17.99 -37.97 27.26
CA ILE D 673 19.32 -38.37 26.80
C ILE D 673 19.98 -39.29 27.82
N SER D 674 19.67 -39.11 29.11
CA SER D 674 20.22 -40.00 30.13
C SER D 674 19.62 -41.39 30.04
N ILE D 675 18.31 -41.48 29.76
CA ILE D 675 17.68 -42.77 29.53
C ILE D 675 18.23 -43.42 28.26
N GLN D 676 18.55 -42.61 27.26
CA GLN D 676 19.11 -43.15 26.02
C GLN D 676 20.53 -43.69 26.22
N ARG D 677 21.37 -42.98 26.96
CA ARG D 677 22.74 -43.42 27.13
C ARG D 677 22.86 -44.54 28.16
N SER D 678 21.97 -44.58 29.14
CA SER D 678 22.01 -45.64 30.13
C SER D 678 21.55 -46.97 29.53
N PHE D 679 20.32 -47.04 29.06
CA PHE D 679 19.77 -48.25 28.46
C PHE D 679 19.38 -47.97 27.02
N PRO D 680 20.24 -48.28 26.05
CA PRO D 680 19.85 -48.17 24.64
C PRO D 680 19.17 -49.42 24.10
N GLN D 681 18.71 -50.30 24.98
CA GLN D 681 18.14 -51.57 24.55
C GLN D 681 16.61 -51.54 24.46
N ILE D 682 15.97 -50.43 24.82
CA ILE D 682 14.52 -50.37 24.89
C ILE D 682 13.96 -49.75 23.63
N TYR D 683 14.72 -49.81 22.54
CA TYR D 683 14.36 -49.18 21.28
C TYR D 683 14.38 -50.18 20.14
N ARG D 684 13.98 -51.41 20.37
CA ARG D 684 14.13 -52.38 19.30
C ARG D 684 12.83 -53.09 18.94
N SER D 685 11.97 -53.38 19.93
CA SER D 685 10.71 -54.04 19.64
C SER D 685 9.70 -53.62 20.70
N ASN D 686 8.43 -53.92 20.43
CA ASN D 686 7.33 -53.58 21.32
C ASN D 686 7.23 -54.53 22.52
N ASP D 687 8.11 -55.51 22.62
CA ASP D 687 8.22 -56.31 23.83
C ASP D 687 8.89 -55.49 24.93
N LYS D 688 8.35 -55.58 26.14
CA LYS D 688 8.88 -54.78 27.24
C LYS D 688 10.18 -55.38 27.78
N LEU D 689 11.21 -54.55 27.90
CA LEU D 689 12.42 -54.92 28.62
C LEU D 689 12.21 -54.63 30.11
N LEU D 690 13.21 -54.86 30.94
CA LEU D 690 12.96 -55.02 32.38
C LEU D 690 13.50 -53.90 33.25
N VAL D 691 14.80 -53.62 33.20
CA VAL D 691 15.54 -53.11 34.37
C VAL D 691 15.09 -51.71 34.75
N ASP D 692 14.60 -51.57 35.98
CA ASP D 692 13.95 -50.36 36.45
C ASP D 692 14.96 -49.21 36.58
N PRO D 693 14.48 -47.96 36.48
CA PRO D 693 15.40 -46.81 36.58
C PRO D 693 15.93 -46.58 37.98
N SER D 694 16.82 -47.46 38.43
CA SER D 694 17.57 -47.25 39.66
C SER D 694 19.01 -46.86 39.38
N LYS D 695 19.59 -47.38 38.30
CA LYS D 695 21.00 -47.19 37.96
C LYS D 695 21.19 -46.16 36.86
N ILE D 696 20.19 -45.31 36.61
CA ILE D 696 20.31 -44.22 35.65
C ILE D 696 20.45 -42.91 36.42
N LYS D 697 21.17 -41.97 35.83
CA LYS D 697 21.42 -40.69 36.47
C LYS D 697 21.84 -39.69 35.40
N VAL D 698 21.52 -38.43 35.64
CA VAL D 698 21.93 -37.39 34.70
C VAL D 698 23.38 -37.02 34.98
N LYS D 699 24.09 -36.69 33.91
CA LYS D 699 25.49 -36.33 33.96
C LYS D 699 25.67 -34.93 33.39
N VAL D 700 26.92 -34.45 33.44
CA VAL D 700 27.24 -33.20 32.77
C VAL D 700 27.34 -33.42 31.26
N SER D 701 27.64 -34.65 30.84
CA SER D 701 27.71 -35.01 29.43
C SER D 701 26.35 -35.17 28.77
N ASP D 702 25.26 -34.87 29.47
CA ASP D 702 23.92 -35.07 28.93
C ASP D 702 23.16 -33.75 28.98
N PHE D 703 23.39 -32.97 30.03
CA PHE D 703 22.88 -31.61 30.09
C PHE D 703 23.44 -30.76 28.96
N MET D 704 24.70 -30.96 28.59
CA MET D 704 25.30 -30.18 27.52
C MET D 704 24.88 -30.68 26.14
N LEU D 705 24.41 -31.92 26.04
CA LEU D 705 23.79 -32.35 24.79
C LEU D 705 22.39 -31.77 24.66
N ALA D 706 21.61 -31.80 25.75
CA ALA D 706 20.27 -31.25 25.72
C ALA D 706 20.26 -29.73 25.60
N LEU D 707 21.35 -29.07 26.00
CA LEU D 707 21.44 -27.63 25.83
C LEU D 707 21.57 -27.26 24.34
N LYS D 708 22.36 -28.03 23.60
CA LYS D 708 22.44 -27.82 22.16
C LYS D 708 21.18 -28.29 21.46
N LYS D 709 20.49 -29.28 22.04
CA LYS D 709 19.25 -29.77 21.44
C LYS D 709 18.09 -28.80 21.60
N ILE D 710 18.11 -27.95 22.63
CA ILE D 710 16.96 -27.14 23.01
C ILE D 710 17.31 -25.67 22.85
N VAL D 711 16.51 -24.96 22.06
CA VAL D 711 16.67 -23.53 21.83
C VAL D 711 15.58 -22.84 22.65
N PRO D 712 15.83 -21.68 23.25
CA PRO D 712 14.78 -21.00 24.02
C PRO D 712 13.70 -20.43 23.12
N SER D 713 12.53 -20.21 23.73
CA SER D 713 11.39 -19.70 22.99
C SER D 713 11.55 -18.23 22.61
N SER D 714 12.34 -17.48 23.38
CA SER D 714 12.60 -16.08 23.04
C SER D 714 13.50 -15.99 21.81
N ALA D 715 14.43 -16.92 21.67
CA ALA D 715 15.32 -16.96 20.50
C ALA D 715 14.79 -17.98 19.50
N ARG D 716 13.59 -17.70 18.98
CA ARG D 716 13.00 -18.50 17.93
C ARG D 716 12.85 -17.76 16.61
N SER D 717 12.88 -16.43 16.62
CA SER D 717 12.80 -15.62 15.41
C SER D 717 14.16 -15.09 14.98
N THR D 718 14.92 -14.51 15.91
CA THR D 718 16.23 -13.96 15.61
C THR D 718 17.35 -14.93 15.99
N GLY D 719 17.39 -15.34 17.26
CA GLY D 719 18.43 -16.25 17.70
C GLY D 719 19.78 -15.62 17.93
N SER D 720 19.82 -14.35 18.32
CA SER D 720 21.07 -13.62 18.57
C SER D 720 20.99 -13.01 19.96
N SER D 721 21.57 -13.69 20.94
CA SER D 721 21.59 -13.23 22.32
C SER D 721 23.01 -12.93 22.75
N PRO D 722 23.25 -11.82 23.46
CA PRO D 722 24.61 -11.49 23.89
C PRO D 722 25.12 -12.41 25.00
N GLN D 723 26.02 -13.30 24.64
CA GLN D 723 26.61 -14.32 25.49
C GLN D 723 27.83 -13.78 26.21
N PRO D 724 28.24 -14.40 27.34
CA PRO D 724 29.46 -13.94 28.02
C PRO D 724 30.74 -14.31 27.27
N LEU D 725 31.89 -14.04 27.89
CA LEU D 725 33.16 -14.38 27.28
C LEU D 725 33.32 -15.89 27.20
N PRO D 726 33.69 -16.44 26.05
CA PRO D 726 34.02 -17.87 25.97
C PRO D 726 35.26 -18.20 26.78
N GLU D 727 35.42 -19.49 27.07
CA GLU D 727 36.46 -19.92 28.00
C GLU D 727 37.86 -19.86 27.39
N LEU D 728 37.97 -19.74 26.07
CA LEU D 728 39.29 -19.63 25.45
C LEU D 728 39.90 -18.27 25.71
N ILE D 729 39.16 -17.22 25.39
CA ILE D 729 39.67 -15.86 25.35
C ILE D 729 39.47 -15.17 26.69
N LYS D 730 38.98 -15.92 27.67
CA LYS D 730 38.81 -15.36 29.01
C LYS D 730 40.11 -14.91 29.69
N PRO D 731 41.26 -15.58 29.54
CA PRO D 731 42.51 -14.94 29.98
C PRO D 731 42.88 -13.70 29.19
N LEU D 732 42.54 -13.63 27.91
CA LEU D 732 42.94 -12.48 27.09
C LEU D 732 42.15 -11.22 27.40
N LEU D 733 40.96 -11.36 27.97
CA LEU D 733 40.07 -10.21 28.11
C LEU D 733 39.43 -10.06 29.48
N ALA D 734 39.70 -10.95 30.44
CA ALA D 734 39.07 -10.83 31.75
C ALA D 734 39.61 -9.63 32.52
N ASP D 735 40.91 -9.37 32.42
CA ASP D 735 41.55 -8.30 33.18
C ASP D 735 41.11 -6.91 32.73
N GLN D 736 40.68 -6.76 31.48
CA GLN D 736 40.19 -5.49 30.99
C GLN D 736 38.72 -5.56 30.60
N LEU D 737 38.03 -6.62 30.99
CA LEU D 737 36.58 -6.60 31.13
C LEU D 737 36.16 -6.25 32.54
N ASN D 738 36.97 -6.63 33.54
CA ASN D 738 36.66 -6.26 34.92
C ASN D 738 36.81 -4.76 35.14
N ASN D 739 37.74 -4.11 34.44
CA ASN D 739 37.86 -2.66 34.51
C ASN D 739 36.64 -1.97 33.93
N LEU D 740 36.12 -2.50 32.82
CA LEU D 740 34.91 -1.95 32.22
C LEU D 740 33.70 -2.18 33.11
N LYS D 741 33.65 -3.33 33.79
CA LYS D 741 32.53 -3.58 34.70
C LYS D 741 32.60 -2.69 35.93
N ASN D 742 33.80 -2.40 36.44
CA ASN D 742 33.94 -1.47 37.55
C ASN D 742 33.60 -0.05 37.14
N LYS D 743 34.00 0.35 35.92
CA LYS D 743 33.68 1.68 35.44
C LYS D 743 32.18 1.86 35.20
N LEU D 744 31.52 0.83 34.68
CA LEU D 744 30.08 0.91 34.48
C LEU D 744 29.32 0.83 35.80
N ASP D 745 29.88 0.13 36.79
CA ASP D 745 29.29 0.16 38.13
C ASP D 745 29.42 1.53 38.77
N TYR D 746 30.56 2.19 38.56
CA TYR D 746 30.77 3.52 39.13
C TYR D 746 29.94 4.58 38.43
N MET D 747 29.70 4.40 37.14
CA MET D 747 28.99 5.37 36.32
C MET D 747 27.48 5.21 36.38
N LEU D 748 26.98 3.98 36.27
CA LEU D 748 25.55 3.73 36.20
C LEU D 748 24.92 3.46 37.55
N ASN D 749 25.73 3.34 38.62
CA ASN D 749 25.30 3.02 39.98
C ASN D 749 24.49 1.71 40.03
N ILE D 750 25.17 0.63 39.67
CA ILE D 750 24.51 -0.67 39.63
C ILE D 750 24.63 -1.40 40.96
N LYS D 751 25.72 -1.18 41.71
CA LYS D 751 25.91 -1.92 42.96
C LYS D 751 24.95 -1.43 44.04
N ASP D 752 24.60 -0.14 44.02
CA ASP D 752 23.66 0.42 44.99
C ASP D 752 22.24 0.46 44.44
N THR D 753 21.76 -0.69 43.94
CA THR D 753 20.40 -0.82 43.44
C THR D 753 19.51 -1.59 44.42
N THR D 754 19.74 -1.40 45.73
CA THR D 754 19.07 -2.19 46.76
C THR D 754 17.58 -1.87 46.89
N PHE D 755 17.11 -0.77 46.28
CA PHE D 755 15.68 -0.47 46.30
C PHE D 755 14.90 -1.42 45.40
N GLN D 756 15.54 -2.02 44.40
CA GLN D 756 14.85 -2.85 43.43
C GLN D 756 15.35 -4.29 43.35
N ARG D 757 16.54 -4.59 43.85
CA ARG D 757 17.06 -5.95 43.80
C ARG D 757 16.71 -6.77 45.04
N ASN D 758 15.85 -6.25 45.90
CA ASN D 758 15.36 -7.03 47.03
C ASN D 758 14.49 -8.20 46.55
N THR D 759 14.43 -9.24 47.37
CA THR D 759 13.64 -10.42 47.00
C THR D 759 12.15 -10.13 47.00
N SER D 760 11.69 -9.26 47.89
CA SER D 760 10.31 -8.79 47.91
C SER D 760 10.25 -7.51 48.72
N LEU D 761 9.22 -6.70 48.47
CA LEU D 761 8.94 -5.56 49.33
C LEU D 761 8.43 -6.03 50.70
N LEU D 762 7.87 -7.24 50.75
CA LEU D 762 7.59 -7.88 52.03
C LEU D 762 8.87 -8.08 52.83
N GLN D 763 9.87 -8.73 52.23
CA GLN D 763 11.16 -8.96 52.88
C GLN D 763 12.11 -7.77 52.70
N ASN D 764 11.55 -6.56 52.56
CA ASN D 764 12.31 -5.34 52.71
C ASN D 764 12.31 -4.86 54.16
N PHE D 765 11.22 -5.10 54.90
CA PHE D 765 11.15 -4.62 56.27
C PHE D 765 10.58 -5.63 57.25
N ILE D 766 10.70 -6.93 56.99
CA ILE D 766 10.48 -7.94 58.02
C ILE D 766 11.79 -8.60 58.46
N ASP D 767 12.73 -8.81 57.54
CA ASP D 767 14.05 -9.26 57.94
C ASP D 767 14.89 -8.11 58.45
N TYR D 768 14.65 -6.91 57.95
CA TYR D 768 15.30 -5.72 58.49
C TYR D 768 14.56 -5.23 59.73
N GLU D 769 13.31 -4.77 59.53
CA GLU D 769 12.31 -4.56 60.58
C GLU D 769 12.70 -3.67 61.75
N SER D 788 11.74 18.92 59.36
CA SER D 788 10.61 18.01 59.38
C SER D 788 10.96 16.69 58.71
N SER D 789 9.95 16.00 58.18
CA SER D 789 10.15 14.74 57.49
C SER D 789 10.04 14.85 55.97
N PHE D 790 9.64 16.00 55.45
CA PHE D 790 9.55 16.16 54.00
C PHE D 790 10.91 16.47 53.38
N ARG D 791 11.80 17.10 54.15
CA ARG D 791 13.17 17.31 53.72
C ARG D 791 13.91 15.98 53.58
N SER D 792 13.51 14.97 54.35
CA SER D 792 14.14 13.66 54.31
C SER D 792 13.89 12.92 53.00
N TYR D 793 12.99 13.38 52.14
CA TYR D 793 12.86 12.82 50.80
C TYR D 793 13.33 13.75 49.70
N GLU D 794 12.90 15.02 49.70
CA GLU D 794 13.23 15.92 48.60
C GLU D 794 14.72 16.26 48.53
N PHE D 795 15.45 16.07 49.63
CA PHE D 795 16.90 16.21 49.63
C PHE D 795 17.62 14.89 49.46
N PHE D 796 17.05 13.79 49.96
CA PHE D 796 17.66 12.47 49.85
C PHE D 796 17.18 11.69 48.63
N GLU D 797 16.46 12.34 47.72
CA GLU D 797 16.19 11.76 46.41
C GLU D 797 16.73 12.62 45.28
N SER D 798 16.80 13.93 45.44
CA SER D 798 17.39 14.79 44.42
C SER D 798 18.89 14.58 44.34
N MET D 799 19.53 14.31 45.48
CA MET D 799 20.94 13.95 45.48
C MET D 799 21.16 12.46 45.23
N ALA D 800 20.10 11.65 45.32
CA ALA D 800 20.21 10.23 45.02
C ALA D 800 20.03 9.94 43.54
N GLU D 801 19.27 10.76 42.83
CA GLU D 801 19.14 10.66 41.39
C GLU D 801 20.17 11.52 40.66
N SER D 802 21.05 12.20 41.39
CA SER D 802 22.09 13.02 40.81
C SER D 802 23.41 12.27 40.67
N GLN D 803 23.39 10.95 40.73
CA GLN D 803 24.57 10.15 40.46
C GLN D 803 24.60 9.65 39.03
N ILE D 804 23.64 10.07 38.22
CA ILE D 804 23.60 9.79 36.80
C ILE D 804 23.68 11.14 36.09
N CYS D 805 24.84 11.43 35.50
CA CYS D 805 25.05 12.73 34.85
C CYS D 805 24.88 12.65 33.34
N LYS D 806 25.68 11.82 32.68
CA LYS D 806 25.59 11.58 31.25
C LYS D 806 26.29 10.25 30.97
N PRO D 807 25.58 9.13 31.01
CA PRO D 807 26.22 7.82 30.92
C PRO D 807 26.72 7.51 29.52
N ARG D 808 27.92 7.95 29.21
CA ARG D 808 28.53 7.71 27.91
C ARG D 808 29.78 6.86 28.10
N LEU D 809 30.07 6.01 27.11
CA LEU D 809 31.25 5.16 27.15
C LEU D 809 31.63 4.77 25.74
N LEU D 810 32.92 4.87 25.42
CA LEU D 810 33.46 4.48 24.13
C LEU D 810 34.65 3.56 24.36
N ILE D 811 34.60 2.37 23.77
CA ILE D 811 35.62 1.36 23.96
C ILE D 811 36.43 1.28 22.66
N ASN D 812 37.51 2.03 22.60
CA ASN D 812 38.39 2.06 21.44
C ASN D 812 39.49 1.02 21.59
N GLY D 813 39.96 0.52 20.46
CA GLY D 813 41.01 -0.47 20.46
C GLY D 813 41.60 -0.69 19.08
N PRO D 814 42.64 -1.52 19.00
CA PRO D 814 43.24 -1.84 17.70
C PRO D 814 42.36 -2.74 16.84
N LYS D 815 42.88 -3.09 15.67
CA LYS D 815 42.10 -3.82 14.68
C LYS D 815 41.95 -5.28 15.10
N GLY D 816 40.73 -5.70 15.39
CA GLY D 816 40.46 -7.07 15.76
C GLY D 816 40.99 -7.47 17.12
N ASN D 817 40.58 -6.74 18.15
CA ASN D 817 41.05 -6.96 19.52
C ASN D 817 39.92 -7.42 20.42
N GLY D 818 39.02 -8.23 19.87
CA GLY D 818 37.94 -8.79 20.66
C GLY D 818 36.87 -7.81 21.05
N GLN D 819 36.49 -6.91 20.15
CA GLN D 819 35.48 -5.93 20.48
C GLN D 819 34.08 -6.52 20.48
N GLN D 820 33.82 -7.52 19.63
CA GLN D 820 32.51 -8.17 19.65
C GLN D 820 32.31 -8.97 20.93
N TYR D 821 33.39 -9.54 21.46
CA TYR D 821 33.32 -10.29 22.70
C TYR D 821 33.11 -9.37 23.89
N VAL D 822 33.82 -8.25 23.91
CA VAL D 822 33.68 -7.25 24.98
C VAL D 822 32.28 -6.66 24.97
N GLY D 823 31.74 -6.37 23.78
CA GLY D 823 30.40 -5.84 23.68
C GLY D 823 29.33 -6.83 24.12
N ALA D 824 29.46 -8.09 23.70
CA ALA D 824 28.49 -9.11 24.14
C ALA D 824 28.59 -9.38 25.62
N ALA D 825 29.79 -9.34 26.20
CA ALA D 825 29.93 -9.58 27.63
C ALA D 825 29.39 -8.41 28.45
N ILE D 826 29.56 -7.18 27.95
CA ILE D 826 29.06 -6.02 28.68
C ILE D 826 27.54 -5.96 28.60
N LEU D 827 26.97 -6.30 27.44
CA LEU D 827 25.51 -6.42 27.35
C LEU D 827 24.97 -7.60 28.13
N ASN D 828 25.80 -8.62 28.39
CA ASN D 828 25.41 -9.67 29.31
C ASN D 828 25.45 -9.21 30.76
N TYR D 829 26.38 -8.31 31.10
CA TYR D 829 26.45 -7.81 32.47
C TYR D 829 25.26 -6.91 32.79
N LEU D 830 24.87 -6.06 31.86
CA LEU D 830 23.69 -5.22 32.05
C LEU D 830 22.44 -6.08 31.86
N GLU D 831 22.02 -6.77 32.93
CA GLU D 831 20.91 -7.71 32.84
C GLU D 831 19.58 -6.99 32.73
N GLU D 832 19.30 -6.09 33.67
CA GLU D 832 17.99 -5.45 33.75
C GLU D 832 17.80 -4.34 32.73
N PHE D 833 18.81 -4.03 31.93
CA PHE D 833 18.71 -2.94 30.97
C PHE D 833 17.98 -3.37 29.72
N ASN D 834 17.62 -2.40 28.89
CA ASN D 834 17.02 -2.63 27.60
C ASN D 834 18.04 -2.24 26.53
N VAL D 835 18.29 -3.15 25.61
CA VAL D 835 19.35 -3.00 24.61
C VAL D 835 18.72 -2.58 23.30
N GLN D 836 19.22 -1.49 22.72
CA GLN D 836 18.77 -0.99 21.42
C GLN D 836 19.99 -1.00 20.50
N ASN D 837 20.07 -2.01 19.63
CA ASN D 837 21.17 -2.12 18.69
C ASN D 837 20.98 -1.10 17.58
N LEU D 838 21.85 -0.10 17.52
CA LEU D 838 21.85 0.87 16.43
C LEU D 838 22.90 0.52 15.38
N ASP D 839 23.22 -0.76 15.23
CA ASP D 839 24.11 -1.19 14.18
C ASP D 839 23.38 -1.16 12.84
N LEU D 840 24.15 -1.39 11.77
CA LEU D 840 23.61 -1.23 10.42
C LEU D 840 22.63 -2.35 10.08
N ALA D 841 22.89 -3.56 10.58
CA ALA D 841 22.09 -4.71 10.21
C ALA D 841 20.69 -4.68 10.85
N SER D 842 20.51 -3.94 11.93
CA SER D 842 19.21 -3.84 12.57
C SER D 842 18.45 -2.58 12.17
N LEU D 843 18.95 -1.82 11.21
CA LEU D 843 18.29 -0.61 10.73
C LEU D 843 17.95 -0.65 9.26
N VAL D 844 18.81 -1.25 8.43
CA VAL D 844 18.55 -1.35 7.00
C VAL D 844 17.84 -2.67 6.71
N SER D 845 17.49 -3.40 7.78
CA SER D 845 16.79 -4.67 7.64
C SER D 845 15.37 -4.46 7.11
N GLU D 846 14.62 -3.54 7.73
CA GLU D 846 13.26 -3.24 7.31
C GLU D 846 13.30 -2.13 6.26
N SER D 847 12.72 -2.40 5.09
CA SER D 847 12.81 -1.50 3.96
C SER D 847 11.67 -0.49 3.87
N SER D 848 10.64 -0.62 4.71
CA SER D 848 9.54 0.33 4.67
C SER D 848 9.92 1.66 5.29
N ARG D 849 10.82 1.65 6.27
CA ARG D 849 11.31 2.86 6.90
C ARG D 849 12.78 3.07 6.53
N THR D 850 13.19 4.33 6.55
CA THR D 850 14.57 4.68 6.25
C THR D 850 15.41 4.57 7.52
N ILE D 851 16.69 4.95 7.42
CA ILE D 851 17.56 4.90 8.59
C ILE D 851 17.38 6.11 9.49
N GLU D 852 16.71 7.17 9.02
CA GLU D 852 16.39 8.29 9.88
C GLU D 852 15.22 7.97 10.80
N ALA D 853 14.28 7.15 10.34
CA ALA D 853 13.04 6.89 11.07
C ALA D 853 13.15 5.70 11.99
N ALA D 854 14.14 4.84 11.81
CA ALA D 854 14.32 3.71 12.72
C ALA D 854 15.18 4.07 13.93
N VAL D 855 16.15 4.96 13.74
CA VAL D 855 16.98 5.46 14.84
C VAL D 855 16.12 6.20 15.86
N VAL D 856 15.17 7.00 15.39
CA VAL D 856 14.32 7.78 16.27
C VAL D 856 13.34 6.88 17.02
N GLN D 857 12.84 5.85 16.34
CA GLN D 857 11.93 4.92 17.01
C GLN D 857 12.67 4.07 18.04
N SER D 858 13.91 3.67 17.73
CA SER D 858 14.71 2.92 18.68
C SER D 858 15.11 3.78 19.87
N PHE D 859 15.38 5.06 19.64
CA PHE D 859 15.69 5.95 20.74
C PHE D 859 14.46 6.25 21.59
N MET D 860 13.27 6.30 20.98
CA MET D 860 12.07 6.50 21.78
C MET D 860 11.70 5.24 22.56
N GLU D 861 12.02 4.06 22.02
CA GLU D 861 11.86 2.84 22.81
C GLU D 861 12.89 2.77 23.92
N ALA D 862 14.07 3.36 23.71
CA ALA D 862 15.05 3.48 24.79
C ALA D 862 14.63 4.49 25.83
N LYS D 863 13.84 5.49 25.43
CA LYS D 863 13.36 6.50 26.36
C LYS D 863 12.15 6.03 27.15
N LYS D 864 11.31 5.17 26.57
CA LYS D 864 10.16 4.64 27.31
C LYS D 864 10.61 3.64 28.36
N ARG D 865 11.23 2.54 27.93
CA ARG D 865 11.85 1.59 28.85
C ARG D 865 13.09 2.26 29.42
N GLN D 866 12.98 2.78 30.65
CA GLN D 866 13.84 3.87 31.07
C GLN D 866 15.29 3.48 31.36
N PRO D 867 15.61 2.39 32.13
CA PRO D 867 17.03 2.01 32.19
C PRO D 867 17.45 1.28 30.93
N SER D 868 17.81 2.02 29.88
CA SER D 868 18.16 1.41 28.61
C SER D 868 19.60 1.71 28.24
N VAL D 869 20.08 1.01 27.22
CA VAL D 869 21.40 1.22 26.64
C VAL D 869 21.26 1.30 25.12
N VAL D 870 21.76 2.38 24.54
CA VAL D 870 21.83 2.53 23.10
C VAL D 870 23.18 2.01 22.65
N PHE D 871 23.18 0.85 22.01
CA PHE D 871 24.38 0.09 21.72
C PHE D 871 24.74 0.25 20.25
N ILE D 872 25.86 0.92 19.99
CA ILE D 872 26.32 1.13 18.62
C ILE D 872 27.65 0.41 18.42
N PRO D 873 27.64 -0.84 17.97
CA PRO D 873 28.90 -1.52 17.65
C PRO D 873 29.42 -1.10 16.28
N ASN D 874 30.74 -1.23 16.13
CA ASN D 874 31.50 -0.87 14.93
C ASN D 874 31.26 0.60 14.54
N LEU D 875 31.72 1.47 15.44
CA LEU D 875 31.48 2.90 15.28
C LEU D 875 32.25 3.50 14.12
N ASP D 876 33.41 2.94 13.79
CA ASP D 876 34.18 3.46 12.66
C ASP D 876 33.49 3.16 11.33
N ILE D 877 32.70 2.09 11.27
CA ILE D 877 31.88 1.83 10.09
C ILE D 877 30.56 2.58 10.20
N TRP D 878 30.08 2.81 11.43
CA TRP D 878 28.80 3.49 11.64
C TRP D 878 28.87 4.96 11.28
N ILE D 879 30.04 5.59 11.41
CA ILE D 879 30.16 7.00 11.05
C ILE D 879 30.62 7.14 9.61
N ASN D 880 30.73 6.03 8.89
CA ASN D 880 31.08 6.06 7.47
C ASN D 880 29.97 5.62 6.54
N THR D 881 29.13 4.67 6.97
CA THR D 881 28.00 4.25 6.16
C THR D 881 26.78 5.14 6.38
N ILE D 882 26.37 5.27 7.63
CA ILE D 882 25.27 6.17 7.98
C ILE D 882 25.73 7.62 7.77
N PRO D 883 24.93 8.46 7.08
CA PRO D 883 25.41 9.79 6.70
C PRO D 883 25.48 10.77 7.85
N GLU D 884 25.85 12.02 7.55
CA GLU D 884 26.00 13.05 8.56
C GLU D 884 24.70 13.75 8.90
N ASN D 885 23.55 13.14 8.59
CA ASN D 885 22.27 13.66 9.01
C ASN D 885 21.61 12.81 10.10
N VAL D 886 21.82 11.49 10.08
CA VAL D 886 21.25 10.64 11.11
C VAL D 886 22.04 10.79 12.41
N ILE D 887 23.36 11.01 12.30
CA ILE D 887 24.20 11.18 13.47
C ILE D 887 23.85 12.48 14.20
N LEU D 888 23.53 13.52 13.43
CA LEU D 888 23.14 14.78 14.06
C LEU D 888 21.74 14.71 14.64
N VAL D 889 20.86 13.89 14.06
CA VAL D 889 19.55 13.65 14.66
C VAL D 889 19.70 12.92 15.99
N LEU D 890 20.58 11.92 16.04
CA LEU D 890 20.86 11.23 17.31
C LEU D 890 21.53 12.15 18.32
N SER D 891 22.40 13.05 17.86
CA SER D 891 23.09 13.96 18.76
C SER D 891 22.13 15.00 19.32
N GLY D 892 21.15 15.42 18.52
CA GLY D 892 20.10 16.28 19.04
C GLY D 892 19.14 15.54 19.94
N LEU D 893 19.00 14.23 19.73
CA LEU D 893 18.15 13.45 20.62
C LEU D 893 18.81 13.18 21.96
N PHE D 894 20.14 13.15 22.03
CA PHE D 894 20.78 12.93 23.32
C PHE D 894 20.86 14.18 24.19
N ARG D 895 20.90 15.37 23.60
CA ARG D 895 20.95 16.58 24.41
C ARG D 895 19.58 17.21 24.60
N SER D 896 18.53 16.52 24.17
CA SER D 896 17.18 16.82 24.63
C SER D 896 16.83 16.02 25.87
N LEU D 897 17.66 15.05 26.24
CA LEU D 897 17.46 14.28 27.46
C LEU D 897 17.87 15.09 28.67
N GLN D 898 17.23 14.81 29.80
CA GLN D 898 17.69 15.32 31.06
C GLN D 898 18.99 14.62 31.46
N SER D 899 19.71 15.24 32.40
CA SER D 899 20.98 14.67 32.83
C SER D 899 20.76 13.40 33.66
N ASN D 900 19.71 13.36 34.45
CA ASN D 900 19.46 12.20 35.31
C ASN D 900 18.77 11.05 34.59
N GLU D 901 18.81 11.00 33.26
CA GLU D 901 18.21 9.90 32.50
C GLU D 901 19.22 8.78 32.38
N LYS D 902 18.77 7.55 32.65
CA LYS D 902 19.65 6.39 32.62
C LYS D 902 19.63 5.72 31.26
N ILE D 903 20.07 6.46 30.25
CA ILE D 903 20.28 5.94 28.90
C ILE D 903 21.77 5.91 28.64
N LEU D 904 22.31 4.71 28.49
CA LEU D 904 23.74 4.54 28.24
C LEU D 904 24.00 4.55 26.74
N LEU D 905 24.98 5.33 26.31
CA LEU D 905 25.44 5.30 24.93
C LEU D 905 26.73 4.50 24.91
N LEU D 906 26.62 3.24 24.51
CA LEU D 906 27.76 2.33 24.47
C LEU D 906 28.20 2.17 23.02
N CYS D 907 29.40 2.65 22.71
CA CYS D 907 29.98 2.53 21.39
C CYS D 907 31.29 1.77 21.48
N LEU D 908 31.50 0.85 20.54
CA LEU D 908 32.75 0.10 20.44
C LEU D 908 33.33 0.31 19.05
N ALA D 909 34.59 0.72 18.99
CA ALA D 909 35.22 1.10 17.74
C ALA D 909 36.62 0.49 17.65
N GLU D 910 37.07 0.33 16.41
CA GLU D 910 38.40 -0.18 16.11
C GLU D 910 39.16 0.86 15.30
N ASN D 911 40.22 1.40 15.91
CA ASN D 911 41.08 2.44 15.32
C ASN D 911 40.29 3.69 14.96
N LEU D 912 39.53 4.20 15.93
CA LEU D 912 38.81 5.45 15.75
C LEU D 912 39.74 6.62 16.00
N ASP D 913 39.68 7.61 15.13
CA ASP D 913 40.50 8.80 15.30
C ASP D 913 39.99 9.62 16.48
N ILE D 914 40.90 10.02 17.36
CA ILE D 914 40.54 10.81 18.53
C ILE D 914 40.14 12.23 18.10
N SER D 915 40.71 12.71 16.99
CA SER D 915 40.31 14.00 16.44
C SER D 915 38.88 13.96 15.92
N GLU D 916 38.39 12.78 15.50
CA GLU D 916 36.99 12.65 15.14
C GLU D 916 36.11 12.69 16.38
N VAL D 917 36.61 12.19 17.51
CA VAL D 917 35.82 12.23 18.74
C VAL D 917 35.75 13.65 19.30
N LYS D 918 36.85 14.39 19.23
CA LYS D 918 36.88 15.73 19.81
C LYS D 918 36.40 16.83 18.87
N ASN D 919 36.55 16.65 17.56
CA ASN D 919 36.19 17.69 16.59
C ASN D 919 35.23 17.22 15.50
N GLY D 920 35.17 15.94 15.18
CA GLY D 920 34.37 15.48 14.06
C GLY D 920 32.89 15.37 14.34
N ILE D 921 32.25 14.33 13.81
CA ILE D 921 30.80 14.20 13.93
C ILE D 921 30.39 13.73 15.32
N LEU D 922 31.32 13.17 16.09
CA LEU D 922 31.04 12.65 17.42
C LEU D 922 31.33 13.66 18.52
N SER D 923 31.54 14.94 18.16
CA SER D 923 31.85 15.93 19.18
C SER D 923 30.65 16.33 20.02
N ASP D 924 29.43 16.10 19.52
CA ASP D 924 28.24 16.45 20.27
C ASP D 924 27.82 15.35 21.23
N PHE D 925 28.50 14.21 21.21
CA PHE D 925 28.13 13.07 22.03
C PHE D 925 28.76 13.09 23.42
N ALA D 926 29.69 14.02 23.66
CA ALA D 926 30.35 14.25 24.94
C ALA D 926 31.09 13.00 25.43
N PHE D 927 32.06 12.58 24.62
CA PHE D 927 33.04 11.58 25.05
C PHE D 927 34.30 12.30 25.53
N ASP D 928 34.16 12.99 26.66
CA ASP D 928 35.24 13.85 27.14
C ASP D 928 36.34 13.05 27.83
N LYS D 929 36.01 12.39 28.94
CA LYS D 929 36.94 11.53 29.64
C LYS D 929 36.48 10.09 29.65
N ASN D 930 35.44 9.77 28.88
CA ASN D 930 34.77 8.48 28.94
C ASN D 930 35.20 7.54 27.83
N ILE D 931 36.42 7.70 27.33
CA ILE D 931 36.98 6.79 26.33
C ILE D 931 37.80 5.74 27.06
N PHE D 932 37.43 4.47 26.89
CA PHE D 932 38.23 3.36 27.39
C PHE D 932 39.04 2.79 26.25
N GLN D 933 40.29 2.46 26.53
CA GLN D 933 41.25 2.03 25.52
C GLN D 933 41.58 0.57 25.75
N LEU D 934 40.97 -0.31 24.97
CA LEU D 934 41.36 -1.72 24.97
C LEU D 934 42.76 -1.82 24.37
N HIS D 935 43.65 -2.49 25.08
CA HIS D 935 45.00 -2.69 24.57
C HIS D 935 45.22 -4.17 24.29
N LYS D 936 46.32 -4.45 23.58
CA LYS D 936 46.68 -5.81 23.26
C LYS D 936 47.07 -6.55 24.53
N PRO D 937 46.77 -7.86 24.62
CA PRO D 937 47.03 -8.58 25.87
C PRO D 937 48.51 -8.74 26.16
N SER D 938 48.82 -8.82 27.45
CA SER D 938 50.20 -8.84 27.92
C SER D 938 50.77 -10.25 27.78
N LYS D 939 51.97 -10.47 28.33
CA LYS D 939 52.64 -11.75 28.16
C LYS D 939 52.02 -12.83 29.04
N GLU D 940 51.44 -12.46 30.17
CA GLU D 940 50.90 -13.46 31.09
C GLU D 940 49.58 -14.05 30.58
N ASN D 941 48.76 -13.22 29.93
CA ASN D 941 47.50 -13.71 29.36
C ASN D 941 47.75 -14.64 28.18
N ILE D 942 48.73 -14.28 27.34
CA ILE D 942 49.16 -15.13 26.24
C ILE D 942 49.76 -16.43 26.78
N THR D 943 50.45 -16.35 27.92
CA THR D 943 51.00 -17.54 28.56
C THR D 943 49.90 -18.45 29.08
N ARG D 944 48.82 -17.89 29.61
CA ARG D 944 47.71 -18.73 30.08
C ARG D 944 46.97 -19.40 28.93
N TYR D 945 46.72 -18.64 27.86
CA TYR D 945 46.11 -19.17 26.64
C TYR D 945 46.91 -20.34 26.06
N PHE D 946 48.19 -20.11 25.83
CA PHE D 946 49.01 -21.16 25.25
C PHE D 946 49.39 -22.24 26.26
N SER D 947 49.25 -21.99 27.56
CA SER D 947 49.38 -23.05 28.53
C SER D 947 48.18 -23.99 28.49
N ASN D 948 46.99 -23.45 28.20
CA ASN D 948 45.85 -24.34 27.96
C ASN D 948 46.05 -25.15 26.68
N LEU D 949 46.66 -24.54 25.66
CA LEU D 949 47.02 -25.29 24.46
C LEU D 949 48.07 -26.38 24.75
N ILE D 950 49.04 -26.08 25.61
CA ILE D 950 50.05 -27.05 26.02
C ILE D 950 49.41 -28.20 26.79
N GLU D 951 48.46 -27.88 27.67
CA GLU D 951 47.73 -28.92 28.39
C GLU D 951 46.90 -29.79 27.45
N LEU D 952 46.44 -29.22 26.34
CA LEU D 952 45.86 -30.05 25.29
C LEU D 952 46.92 -30.95 24.66
N LEU D 953 48.15 -30.44 24.50
CA LEU D 953 49.19 -31.23 23.84
C LEU D 953 49.66 -32.41 24.69
N LYS D 954 49.92 -32.19 25.97
CA LYS D 954 50.55 -33.22 26.81
C LYS D 954 49.54 -34.14 27.49
N THR D 955 48.34 -34.28 26.93
CA THR D 955 47.44 -35.36 27.33
C THR D 955 47.83 -36.62 26.56
N LYS D 956 47.86 -37.74 27.26
CA LYS D 956 48.10 -39.02 26.63
C LYS D 956 46.90 -39.39 25.75
N PRO D 957 47.08 -40.26 24.76
CA PRO D 957 45.96 -40.63 23.89
C PRO D 957 44.88 -41.49 24.50
N SER D 958 44.92 -41.74 25.81
CA SER D 958 43.94 -42.59 26.48
C SER D 958 42.79 -41.81 27.08
N ASP D 959 43.06 -40.68 27.74
CA ASP D 959 41.99 -39.90 28.37
C ASP D 959 41.43 -38.83 27.46
N ILE D 960 41.87 -38.78 26.20
CA ILE D 960 41.19 -37.98 25.18
C ILE D 960 39.99 -38.80 24.73
N PRO D 961 38.77 -38.29 24.88
CA PRO D 961 37.60 -39.11 24.52
C PRO D 961 37.41 -39.26 23.01
N MET D 962 37.75 -40.44 22.50
CA MET D 962 37.30 -40.86 21.19
C MET D 962 36.05 -41.72 21.34
N LYS D 963 35.53 -42.18 20.21
CA LYS D 963 34.38 -43.07 20.20
C LYS D 963 34.89 -44.49 20.02
N LYS D 964 35.27 -45.11 21.14
CA LYS D 964 35.83 -46.46 21.07
C LYS D 964 34.73 -47.49 20.86
N ARG D 965 35.02 -48.48 20.02
CA ARG D 965 34.04 -49.49 19.70
C ARG D 965 33.95 -50.50 20.83
N ARG D 966 32.73 -50.91 21.17
CA ARG D 966 32.51 -51.95 22.15
C ARG D 966 33.07 -53.28 21.66
N VAL D 967 33.78 -53.97 22.55
CA VAL D 967 34.27 -55.31 22.21
C VAL D 967 33.14 -56.33 22.30
N LYS D 968 32.25 -56.17 23.26
CA LYS D 968 31.10 -57.03 23.46
C LYS D 968 29.83 -56.34 22.97
N PRO D 969 28.77 -57.09 22.71
CA PRO D 969 27.46 -56.46 22.52
C PRO D 969 26.90 -55.99 23.87
N LEU D 970 25.73 -55.35 23.80
CA LEU D 970 25.12 -54.81 24.99
C LEU D 970 24.56 -55.94 25.87
N PRO D 971 24.53 -55.74 27.19
CA PRO D 971 23.89 -56.74 28.06
C PRO D 971 22.40 -56.84 27.80
N GLU D 972 21.95 -58.08 27.57
CA GLU D 972 20.60 -58.34 27.09
C GLU D 972 19.72 -58.74 28.27
N LEU D 973 18.51 -58.21 28.29
CA LEU D 973 17.54 -58.48 29.34
C LEU D 973 16.41 -59.35 28.79
N GLN D 974 15.64 -59.93 29.70
CA GLN D 974 14.59 -60.86 29.30
C GLN D 974 13.35 -60.10 28.83
N LYS D 975 12.27 -60.82 28.55
CA LYS D 975 11.13 -60.29 27.81
C LYS D 975 9.88 -60.11 28.65
N VAL D 976 9.98 -60.25 29.97
CA VAL D 976 8.80 -60.14 30.81
C VAL D 976 8.60 -58.70 31.28
N LYS D 1355 53.09 -48.25 27.73
CA LYS D 1355 53.48 -47.12 26.91
C LYS D 1355 52.97 -45.82 27.51
N GLU D 1356 53.85 -44.83 27.63
CA GLU D 1356 53.52 -43.51 28.14
C GLU D 1356 53.81 -42.47 27.07
N LEU D 1357 53.67 -41.20 27.45
CA LEU D 1357 53.90 -40.11 26.51
C LEU D 1357 55.39 -39.86 26.36
N ILE D 1358 55.87 -39.90 25.12
CA ILE D 1358 57.26 -39.57 24.82
C ILE D 1358 57.30 -38.06 24.59
N LEU D 1359 57.43 -37.31 25.68
CA LEU D 1359 57.40 -35.85 25.61
C LEU D 1359 58.19 -35.31 26.79
N THR D 1360 59.43 -34.94 26.53
CA THR D 1360 60.27 -34.37 27.59
C THR D 1360 59.88 -32.92 27.82
N PRO D 1361 59.95 -32.43 29.06
CA PRO D 1361 59.53 -31.04 29.35
C PRO D 1361 60.42 -29.97 28.74
N GLU D 1362 61.61 -30.32 28.25
CA GLU D 1362 62.39 -29.37 27.46
C GLU D 1362 61.70 -29.06 26.14
N GLN D 1363 61.03 -30.05 25.55
CA GLN D 1363 60.25 -29.81 24.34
C GLN D 1363 59.05 -28.91 24.61
N ILE D 1364 58.38 -29.12 25.75
CA ILE D 1364 57.25 -28.27 26.14
C ILE D 1364 57.73 -26.85 26.40
N LYS D 1365 58.92 -26.70 27.01
CA LYS D 1365 59.48 -25.39 27.26
C LYS D 1365 59.84 -24.67 25.96
N LYS D 1366 60.36 -25.41 24.98
CA LYS D 1366 60.73 -24.78 23.71
C LYS D 1366 59.49 -24.43 22.90
N VAL D 1367 58.45 -25.27 22.94
CA VAL D 1367 57.20 -24.98 22.25
C VAL D 1367 56.53 -23.75 22.85
N SER D 1368 56.51 -23.65 24.18
CA SER D 1368 55.94 -22.48 24.84
C SER D 1368 56.77 -21.23 24.58
N ALA D 1369 58.10 -21.37 24.49
CA ALA D 1369 58.96 -20.21 24.25
C ALA D 1369 58.77 -19.66 22.85
N CYS D 1370 58.75 -20.54 21.84
CA CYS D 1370 58.51 -20.04 20.48
C CYS D 1370 57.06 -19.62 20.27
N LEU D 1371 56.13 -20.14 21.07
CA LEU D 1371 54.74 -19.72 20.97
C LEU D 1371 54.54 -18.33 21.57
N ILE D 1372 55.26 -18.01 22.64
CA ILE D 1372 55.25 -16.64 23.17
C ILE D 1372 55.99 -15.70 22.22
N GLU D 1373 57.11 -16.17 21.64
CA GLU D 1373 57.95 -15.29 20.83
C GLU D 1373 57.31 -14.97 19.48
N HIS D 1374 56.56 -15.91 18.90
CA HIS D 1374 55.91 -15.62 17.62
C HIS D 1374 54.73 -14.68 17.80
N CYS D 1375 54.02 -14.80 18.91
CA CYS D 1375 52.91 -13.91 19.23
C CYS D 1375 53.36 -12.78 20.14
N GLN D 1376 54.27 -11.97 19.62
CA GLN D 1376 54.76 -10.79 20.31
C GLN D 1376 54.04 -9.57 19.74
N ASN D 1377 53.27 -8.90 20.59
CA ASN D 1377 52.41 -7.76 20.24
C ASN D 1377 51.41 -8.12 19.15
N PHE D 1378 50.57 -9.10 19.47
CA PHE D 1378 49.46 -9.48 18.62
C PHE D 1378 48.12 -9.16 19.30
N THR D 1379 47.11 -8.95 18.47
CA THR D 1379 45.76 -8.75 18.95
C THR D 1379 45.11 -10.11 19.23
N VAL D 1380 43.84 -10.07 19.66
CA VAL D 1380 43.12 -11.29 19.99
C VAL D 1380 42.85 -12.14 18.75
N SER D 1381 42.64 -11.51 17.60
CA SER D 1381 42.35 -12.26 16.38
C SER D 1381 43.58 -13.01 15.87
N GLN D 1382 44.76 -12.38 15.96
CA GLN D 1382 45.98 -13.05 15.54
C GLN D 1382 46.35 -14.19 16.48
N LEU D 1383 46.12 -14.00 17.78
CA LEU D 1383 46.34 -15.06 18.74
C LEU D 1383 45.36 -16.21 18.55
N GLU D 1384 44.12 -15.90 18.15
CA GLU D 1384 43.16 -16.97 17.86
C GLU D 1384 43.52 -17.70 16.58
N ASP D 1385 44.14 -17.02 15.61
CA ASP D 1385 44.62 -17.69 14.41
C ASP D 1385 45.76 -18.66 14.73
N VAL D 1386 46.73 -18.21 15.53
CA VAL D 1386 47.84 -19.07 15.94
C VAL D 1386 47.33 -20.23 16.79
N HIS D 1387 46.34 -19.97 17.65
CA HIS D 1387 45.78 -21.02 18.49
C HIS D 1387 45.01 -22.05 17.67
N SER D 1388 44.30 -21.60 16.63
CA SER D 1388 43.57 -22.53 15.77
C SER D 1388 44.52 -23.41 14.97
N SER D 1389 45.61 -22.83 14.47
CA SER D 1389 46.56 -23.62 13.69
C SER D 1389 47.31 -24.63 14.56
N VAL D 1390 47.75 -24.21 15.76
CA VAL D 1390 48.46 -25.14 16.62
C VAL D 1390 47.51 -26.18 17.20
N ALA D 1391 46.24 -25.83 17.42
CA ALA D 1391 45.26 -26.81 17.84
C ALA D 1391 44.96 -27.82 16.76
N LYS D 1392 44.99 -27.40 15.48
CA LYS D 1392 44.80 -28.35 14.40
C LYS D 1392 46.00 -29.29 14.27
N ILE D 1393 47.21 -28.76 14.45
CA ILE D 1393 48.42 -29.59 14.41
C ILE D 1393 48.43 -30.59 15.56
N ILE D 1394 47.94 -30.19 16.74
CA ILE D 1394 47.90 -31.10 17.88
C ILE D 1394 46.79 -32.14 17.71
N TRP D 1395 45.60 -31.72 17.26
CA TRP D 1395 44.50 -32.66 17.07
C TRP D 1395 44.72 -33.60 15.90
N LYS D 1396 45.64 -33.29 15.00
CA LYS D 1396 45.99 -34.23 13.93
C LYS D 1396 46.63 -35.48 14.51
N SER D 1397 47.64 -35.31 15.36
CA SER D 1397 48.28 -36.44 16.04
C SER D 1397 47.77 -36.53 17.48
N LYS D 1398 46.53 -37.01 17.62
CA LYS D 1398 45.94 -37.15 18.94
C LYS D 1398 45.96 -38.58 19.46
N SER D 1399 46.18 -39.57 18.59
CA SER D 1399 46.31 -40.95 19.02
C SER D 1399 47.77 -41.39 19.09
N ALA D 1400 48.69 -40.60 18.54
CA ALA D 1400 50.10 -40.97 18.56
C ALA D 1400 50.68 -40.77 19.96
N TRP D 1401 51.48 -41.74 20.39
CA TRP D 1401 52.08 -41.70 21.72
C TRP D 1401 53.46 -41.09 21.74
N ASP D 1402 54.07 -40.88 20.57
CA ASP D 1402 55.37 -40.24 20.46
C ASP D 1402 55.12 -38.82 19.98
N LYS D 1403 54.96 -37.90 20.93
CA LYS D 1403 54.67 -36.50 20.61
C LYS D 1403 55.97 -35.74 20.37
N THR D 1404 56.66 -36.15 19.31
CA THR D 1404 57.82 -35.42 18.82
C THR D 1404 57.72 -35.04 17.35
N GLY D 1405 56.78 -35.62 16.60
CA GLY D 1405 56.48 -35.10 15.29
C GLY D 1405 55.56 -33.90 15.35
N THR D 1406 54.64 -33.88 16.31
CA THR D 1406 53.76 -32.73 16.48
C THR D 1406 54.51 -31.54 17.08
N VAL D 1407 55.54 -31.78 17.89
CA VAL D 1407 56.38 -30.71 18.39
C VAL D 1407 57.20 -30.09 17.26
N ASP D 1408 57.72 -30.94 16.37
CA ASP D 1408 58.46 -30.44 15.22
C ASP D 1408 57.56 -29.71 14.25
N GLU D 1409 56.32 -30.14 14.09
CA GLU D 1409 55.39 -29.42 13.22
C GLU D 1409 54.97 -28.09 13.84
N ILE D 1410 54.84 -28.02 15.17
CA ILE D 1410 54.52 -26.76 15.83
C ILE D 1410 55.67 -25.76 15.68
N ILE D 1411 56.90 -26.21 15.91
CA ILE D 1411 58.05 -25.32 15.77
C ILE D 1411 58.30 -24.96 14.31
N LYS D 1412 57.95 -25.85 13.38
CA LYS D 1412 58.09 -25.55 11.96
C LYS D 1412 57.04 -24.57 11.48
N PHE D 1413 55.84 -24.58 12.07
CA PHE D 1413 54.79 -23.67 11.63
C PHE D 1413 55.08 -22.23 12.03
N LEU D 1414 55.67 -22.02 13.21
CA LEU D 1414 55.86 -20.68 13.76
C LEU D 1414 57.12 -20.00 13.26
N SER D 1415 57.63 -20.40 12.11
CA SER D 1415 58.78 -19.72 11.51
C SER D 1415 58.62 -19.66 9.99
N ASP E 444 -21.69 4.72 45.11
CA ASP E 444 -22.81 5.64 44.93
C ASP E 444 -23.31 6.17 46.27
N MET E 445 -23.00 7.44 46.56
CA MET E 445 -23.43 8.09 47.79
C MET E 445 -23.98 9.48 47.51
N ASN E 446 -24.64 9.64 46.35
CA ASN E 446 -25.25 10.89 45.88
C ASN E 446 -24.22 12.02 45.80
N VAL E 447 -23.29 11.84 44.85
CA VAL E 447 -22.22 12.79 44.64
C VAL E 447 -22.77 14.08 44.04
N ASN E 448 -22.47 15.21 44.69
CA ASN E 448 -22.95 16.52 44.27
C ASN E 448 -21.89 17.22 43.42
N PHE E 449 -22.11 18.51 43.16
CA PHE E 449 -21.20 19.31 42.35
C PHE E 449 -19.87 19.59 43.03
N ASP E 450 -19.81 19.48 44.36
CA ASP E 450 -18.63 19.93 45.09
C ASP E 450 -17.45 18.97 44.97
N ASP E 451 -17.68 17.72 44.58
CA ASP E 451 -16.62 16.73 44.50
C ASP E 451 -15.97 16.65 43.13
N ILE E 452 -16.17 17.68 42.29
CA ILE E 452 -15.62 17.71 40.94
C ILE E 452 -14.79 18.97 40.78
N GLY E 453 -13.52 18.81 40.40
CA GLY E 453 -12.68 19.95 40.09
C GLY E 453 -12.19 19.91 38.65
N GLY E 454 -11.78 21.06 38.12
CA GLY E 454 -11.34 21.16 36.75
C GLY E 454 -12.44 21.42 35.75
N LEU E 455 -13.71 21.27 36.13
CA LEU E 455 -14.86 21.53 35.28
C LEU E 455 -15.71 22.64 35.88
N ASP E 456 -15.06 23.68 36.42
CA ASP E 456 -15.77 24.76 37.08
C ASP E 456 -16.49 25.67 36.10
N ASN E 457 -16.08 25.69 34.84
CA ASN E 457 -16.82 26.41 33.80
C ASN E 457 -17.97 25.61 33.22
N TYR E 458 -18.08 24.32 33.58
CA TYR E 458 -19.11 23.44 33.05
C TYR E 458 -20.21 23.11 34.05
N ILE E 459 -20.00 23.39 35.34
CA ILE E 459 -21.03 23.09 36.34
C ILE E 459 -22.21 24.04 36.21
N ASP E 460 -22.00 25.21 35.60
CA ASP E 460 -23.10 26.10 35.23
C ASP E 460 -23.47 26.02 33.75
N GLN E 461 -22.56 25.51 32.90
CA GLN E 461 -22.81 25.49 31.46
C GLN E 461 -23.81 24.39 31.09
N LEU E 462 -23.80 23.27 31.79
CA LEU E 462 -24.85 22.27 31.61
C LEU E 462 -25.96 22.42 32.63
N LYS E 463 -25.80 23.29 33.62
CA LYS E 463 -26.93 23.69 34.47
C LYS E 463 -27.94 24.50 33.66
N GLU E 464 -27.45 25.36 32.77
CA GLU E 464 -28.36 26.22 32.01
C GLU E 464 -29.01 25.51 30.84
N MET E 465 -28.74 24.22 30.64
CA MET E 465 -29.46 23.44 29.63
C MET E 465 -30.64 22.67 30.20
N VAL E 466 -30.68 22.44 31.51
CA VAL E 466 -31.83 21.81 32.15
C VAL E 466 -32.61 22.86 32.91
N ALA E 467 -33.93 22.64 33.00
CA ALA E 467 -34.88 23.36 33.85
C ALA E 467 -35.04 24.85 33.54
N LEU E 468 -34.35 25.37 32.52
CA LEU E 468 -34.52 26.77 32.16
C LEU E 468 -35.73 27.09 31.26
N PRO E 469 -36.02 26.39 30.15
CA PRO E 469 -37.16 26.83 29.32
C PRO E 469 -38.52 26.54 29.93
N LEU E 470 -38.60 25.57 30.85
CA LEU E 470 -39.89 25.27 31.49
C LEU E 470 -40.22 26.29 32.56
N LEU E 471 -39.29 26.54 33.48
CA LEU E 471 -39.56 27.41 34.62
C LEU E 471 -39.35 28.89 34.33
N TYR E 472 -38.73 29.22 33.20
CA TYR E 472 -38.66 30.62 32.74
C TYR E 472 -39.40 30.70 31.41
N PRO E 473 -40.53 31.41 31.35
CA PRO E 473 -41.28 31.52 30.09
C PRO E 473 -40.80 32.64 29.18
N GLU E 474 -39.86 33.48 29.59
CA GLU E 474 -39.40 34.59 28.77
C GLU E 474 -37.87 34.70 28.82
N LEU E 475 -37.18 33.57 28.60
CA LEU E 475 -35.73 33.64 28.45
C LEU E 475 -35.26 33.20 27.08
N TYR E 476 -36.02 32.33 26.41
CA TYR E 476 -35.72 31.88 25.05
C TYR E 476 -36.80 32.26 24.06
N GLN E 477 -37.97 32.71 24.52
CA GLN E 477 -39.07 33.10 23.65
C GLN E 477 -38.92 34.52 23.11
N ASN E 478 -37.82 35.21 23.40
CA ASN E 478 -37.60 36.54 22.84
C ASN E 478 -37.28 36.49 21.36
N PHE E 479 -36.62 35.42 20.89
CA PHE E 479 -36.25 35.29 19.50
C PHE E 479 -36.68 33.98 18.84
N ASN E 480 -37.22 33.02 19.61
CA ASN E 480 -37.90 31.81 19.11
C ASN E 480 -36.99 30.91 18.30
N ILE E 481 -35.94 30.40 18.94
CA ILE E 481 -35.09 29.34 18.39
C ILE E 481 -34.96 28.25 19.46
N THR E 482 -35.00 26.99 19.04
CA THR E 482 -34.95 25.86 19.97
C THR E 482 -33.54 25.70 20.56
N PRO E 483 -33.42 25.27 21.82
CA PRO E 483 -32.10 25.04 22.42
C PRO E 483 -31.42 23.81 21.85
N PRO E 484 -30.10 23.70 22.01
CA PRO E 484 -29.44 22.42 21.71
C PRO E 484 -29.75 21.38 22.78
N ARG E 485 -30.26 20.23 22.33
CA ARG E 485 -30.73 19.19 23.23
C ARG E 485 -29.95 17.89 23.04
N GLY E 486 -28.63 17.99 22.89
CA GLY E 486 -27.79 16.81 22.82
C GLY E 486 -26.35 17.12 23.20
N VAL E 487 -25.80 16.35 24.14
CA VAL E 487 -24.48 16.60 24.70
C VAL E 487 -23.60 15.39 24.41
N LEU E 488 -22.32 15.65 24.13
CA LEU E 488 -21.33 14.60 23.93
C LEU E 488 -20.15 14.89 24.84
N PHE E 489 -19.97 14.06 25.87
CA PHE E 489 -18.88 14.20 26.83
C PHE E 489 -17.64 13.51 26.27
N HIS E 490 -16.69 14.28 25.76
CA HIS E 490 -15.47 13.70 25.23
C HIS E 490 -14.27 14.21 26.03
N GLY E 491 -13.14 13.52 25.83
CA GLY E 491 -11.94 13.79 26.57
C GLY E 491 -11.14 12.52 26.79
N PRO E 492 -10.15 12.57 27.68
CA PRO E 492 -9.40 11.36 28.03
C PRO E 492 -10.26 10.38 28.79
N PRO E 493 -10.07 9.07 28.57
CA PRO E 493 -10.87 8.08 29.28
C PRO E 493 -10.52 8.01 30.76
N GLY E 494 -11.44 8.47 31.61
CA GLY E 494 -11.16 8.56 33.03
C GLY E 494 -10.98 9.98 33.50
N THR E 495 -11.81 10.90 33.00
CA THR E 495 -11.75 12.31 33.40
C THR E 495 -13.16 12.81 33.75
N GLY E 496 -13.92 11.98 34.45
CA GLY E 496 -15.17 12.40 35.04
C GLY E 496 -16.35 12.64 34.11
N LYS E 497 -16.63 11.71 33.21
CA LYS E 497 -17.85 11.79 32.42
C LYS E 497 -19.01 11.12 33.14
N THR E 498 -18.77 9.89 33.62
CA THR E 498 -19.75 9.20 34.46
C THR E 498 -19.93 9.93 35.79
N LEU E 499 -18.87 10.54 36.31
CA LEU E 499 -18.98 11.33 37.53
C LEU E 499 -19.78 12.61 37.28
N MET E 500 -19.66 13.21 36.08
CA MET E 500 -20.53 14.32 35.73
C MET E 500 -21.97 13.88 35.57
N ALA E 501 -22.20 12.64 35.11
CA ALA E 501 -23.56 12.10 35.08
C ALA E 501 -24.11 11.93 36.50
N ARG E 502 -23.27 11.48 37.43
CA ARG E 502 -23.68 11.40 38.84
C ARG E 502 -23.96 12.78 39.42
N ALA E 503 -23.20 13.78 38.99
CA ALA E 503 -23.41 15.14 39.49
C ALA E 503 -24.68 15.78 38.94
N LEU E 504 -25.04 15.48 37.70
CA LEU E 504 -26.31 15.95 37.18
C LEU E 504 -27.48 15.12 37.69
N ALA E 505 -27.23 13.88 38.13
CA ALA E 505 -28.30 13.06 38.70
C ALA E 505 -28.61 13.48 40.13
N ALA E 506 -27.62 13.43 41.01
CA ALA E 506 -27.87 13.66 42.43
C ALA E 506 -28.09 15.14 42.73
N SER E 507 -27.16 15.99 42.29
CA SER E 507 -27.29 17.43 42.50
C SER E 507 -28.19 18.02 41.40
N CYS E 508 -28.23 19.35 41.34
CA CYS E 508 -29.25 20.16 40.62
C CYS E 508 -30.64 19.58 40.83
N SER E 509 -31.01 19.41 42.10
CA SER E 509 -32.19 18.64 42.47
C SER E 509 -33.47 19.38 42.15
N SER E 510 -33.68 20.54 42.79
CA SER E 510 -34.92 21.31 42.76
C SER E 510 -36.12 20.44 43.14
N ASP E 511 -36.11 20.05 44.43
CA ASP E 511 -36.79 18.86 44.97
C ASP E 511 -38.29 18.78 44.71
N GLU E 512 -38.96 19.84 44.25
CA GLU E 512 -40.32 19.67 43.77
C GLU E 512 -40.38 18.89 42.46
N ARG E 513 -39.30 18.87 41.69
CA ARG E 513 -39.11 17.90 40.62
C ARG E 513 -37.87 17.05 40.93
N LYS E 514 -37.63 16.07 40.08
CA LYS E 514 -36.48 15.17 40.26
C LYS E 514 -36.07 14.63 38.90
N ILE E 515 -34.93 15.12 38.39
CA ILE E 515 -34.31 14.54 37.20
C ILE E 515 -33.84 13.13 37.53
N THR E 516 -34.36 12.15 36.80
CA THR E 516 -34.07 10.75 37.08
C THR E 516 -32.92 10.26 36.23
N PHE E 517 -31.94 9.65 36.87
CA PHE E 517 -30.76 9.12 36.20
C PHE E 517 -31.13 7.92 35.33
N PHE E 518 -30.34 7.71 34.27
CA PHE E 518 -30.49 6.54 33.41
C PHE E 518 -29.13 6.23 32.80
N MET E 519 -28.41 5.28 33.39
CA MET E 519 -27.12 4.86 32.85
C MET E 519 -27.33 3.82 31.75
N ARG E 520 -26.67 4.01 30.62
CA ARG E 520 -26.77 3.11 29.48
C ARG E 520 -25.40 2.91 28.86
N LYS E 521 -25.10 1.65 28.52
CA LYS E 521 -23.80 1.29 27.98
C LYS E 521 -23.82 1.43 26.45
N GLY E 522 -22.66 1.16 25.84
CA GLY E 522 -22.54 1.16 24.40
C GLY E 522 -22.40 -0.24 23.84
N ALA E 523 -23.49 -0.75 23.25
CA ALA E 523 -23.60 -2.09 22.66
C ALA E 523 -23.21 -3.21 23.63
N GLU E 532 -32.98 -6.54 19.74
CA GLU E 532 -31.74 -6.43 20.49
C GLU E 532 -31.68 -5.13 21.28
N ALA E 533 -30.86 -4.19 20.80
CA ALA E 533 -30.69 -2.91 21.46
C ALA E 533 -31.83 -1.94 21.16
N GLU E 534 -32.64 -2.21 20.14
CA GLU E 534 -33.67 -1.25 19.76
C GLU E 534 -34.88 -1.29 20.69
N ARG E 535 -35.23 -2.46 21.23
CA ARG E 535 -36.33 -2.49 22.19
C ARG E 535 -35.92 -1.86 23.52
N GLN E 536 -34.66 -2.08 23.93
CA GLN E 536 -34.15 -1.39 25.11
C GLN E 536 -34.03 0.11 24.86
N LEU E 537 -33.79 0.51 23.61
CA LEU E 537 -33.82 1.92 23.23
C LEU E 537 -35.23 2.50 23.37
N ARG E 538 -36.25 1.76 22.92
CA ARG E 538 -37.62 2.20 23.10
C ARG E 538 -38.00 2.26 24.58
N LEU E 539 -37.48 1.32 25.38
CA LEU E 539 -37.77 1.30 26.81
C LEU E 539 -37.16 2.51 27.50
N LEU E 540 -35.92 2.85 27.16
CA LEU E 540 -35.29 4.01 27.79
C LEU E 540 -35.87 5.31 27.28
N PHE E 541 -36.37 5.36 26.04
CA PHE E 541 -36.89 6.61 25.52
C PHE E 541 -38.31 6.86 26.00
N GLU E 542 -39.18 5.84 25.99
CA GLU E 542 -40.52 6.00 26.51
C GLU E 542 -40.57 6.03 28.03
N GLU E 543 -39.62 5.39 28.70
CA GLU E 543 -39.62 5.43 30.17
C GLU E 543 -39.22 6.81 30.68
N ALA E 544 -38.35 7.50 29.95
CA ALA E 544 -38.01 8.89 30.27
C ALA E 544 -39.11 9.87 29.88
N LYS E 545 -40.11 9.42 29.12
CA LYS E 545 -41.21 10.27 28.67
C LYS E 545 -42.53 9.95 29.37
N LYS E 546 -42.50 9.22 30.48
CA LYS E 546 -43.66 9.20 31.36
C LYS E 546 -43.43 10.01 32.63
N HIS E 547 -42.22 10.02 33.15
CA HIS E 547 -41.79 11.00 34.16
C HIS E 547 -41.00 12.06 33.41
N GLN E 548 -41.62 13.23 33.23
CA GLN E 548 -41.04 14.29 32.41
C GLN E 548 -39.77 14.90 33.00
N PRO E 549 -39.62 15.10 34.35
CA PRO E 549 -38.27 15.33 34.86
C PRO E 549 -37.44 14.05 34.83
N SER E 550 -36.50 13.97 33.89
CA SER E 550 -35.70 12.76 33.69
C SER E 550 -34.42 13.16 32.95
N ILE E 551 -33.63 12.16 32.56
CA ILE E 551 -32.43 12.37 31.76
C ILE E 551 -32.14 11.05 31.05
N ILE E 552 -31.35 11.12 29.99
CA ILE E 552 -30.85 9.94 29.30
C ILE E 552 -29.34 10.09 29.17
N PHE E 553 -28.59 9.13 29.73
CA PHE E 553 -27.15 9.15 29.67
C PHE E 553 -26.64 7.90 28.97
N PHE E 554 -25.76 8.09 28.00
CA PHE E 554 -25.15 6.99 27.25
C PHE E 554 -23.67 6.95 27.57
N ASP E 555 -23.14 5.75 27.77
CA ASP E 555 -21.72 5.54 28.00
C ASP E 555 -21.12 4.80 26.81
N GLU E 556 -19.98 5.30 26.34
CA GLU E 556 -19.24 4.76 25.20
C GLU E 556 -20.10 4.72 23.93
N ILE E 557 -20.42 5.93 23.45
CA ILE E 557 -21.30 6.10 22.29
C ILE E 557 -20.69 5.54 21.01
N ASP E 558 -19.36 5.38 20.95
CA ASP E 558 -18.74 4.80 19.76
C ASP E 558 -18.98 3.30 19.65
N GLY E 559 -19.39 2.65 20.75
CA GLY E 559 -19.86 1.28 20.65
C GLY E 559 -21.19 1.17 19.93
N LEU E 560 -22.01 2.22 20.00
CA LEU E 560 -23.27 2.29 19.29
C LEU E 560 -23.22 3.23 18.08
N ALA E 561 -22.14 3.98 17.92
CA ALA E 561 -22.00 4.89 16.77
C ALA E 561 -20.54 4.94 16.34
N PRO E 562 -20.12 3.99 15.49
CA PRO E 562 -18.73 3.95 15.03
C PRO E 562 -18.46 4.98 13.93
N ILE E 575 -28.06 1.61 11.69
CA ILE E 575 -28.26 1.35 13.12
C ILE E 575 -28.09 2.65 13.89
N VAL E 576 -27.52 3.66 13.23
CA VAL E 576 -27.29 4.95 13.85
C VAL E 576 -28.34 5.97 13.43
N SER E 577 -28.65 6.03 12.13
CA SER E 577 -29.60 7.01 11.63
C SER E 577 -31.04 6.72 12.02
N THR E 578 -31.34 5.49 12.45
CA THR E 578 -32.66 5.18 13.01
C THR E 578 -32.90 5.98 14.30
N LEU E 579 -31.97 5.91 15.25
CA LEU E 579 -32.11 6.70 16.47
C LEU E 579 -31.85 8.18 16.22
N LEU E 580 -31.09 8.52 15.17
CA LEU E 580 -30.95 9.92 14.77
C LEU E 580 -32.28 10.51 14.32
N ALA E 581 -33.02 9.80 13.46
CA ALA E 581 -34.32 10.25 13.00
C ALA E 581 -35.43 10.02 14.02
N LEU E 582 -35.17 9.23 15.06
CA LEU E 582 -36.14 8.98 16.11
C LEU E 582 -36.07 10.00 17.24
N MET E 583 -34.86 10.25 17.75
CA MET E 583 -34.69 11.00 19.00
C MET E 583 -35.03 12.48 18.84
N ASP E 584 -34.88 13.04 17.64
CA ASP E 584 -34.86 14.49 17.37
C ASP E 584 -36.16 15.22 17.68
N GLY E 585 -37.22 14.55 18.13
CA GLY E 585 -38.44 15.26 18.46
C GLY E 585 -38.51 15.71 19.90
N MET E 586 -38.19 16.98 20.15
CA MET E 586 -38.34 17.55 21.49
C MET E 586 -39.70 18.21 21.68
N ASP E 587 -39.98 19.23 20.86
CA ASP E 587 -41.08 20.21 21.00
C ASP E 587 -41.06 20.94 22.34
N ASN E 588 -39.90 20.97 23.01
CA ASN E 588 -39.61 21.76 24.21
C ASN E 588 -40.54 21.46 25.40
N ARG E 589 -41.16 20.29 25.42
CA ARG E 589 -41.91 19.84 26.59
C ARG E 589 -41.25 18.58 27.13
N GLY E 590 -41.20 18.46 28.46
CA GLY E 590 -40.50 17.37 29.09
C GLY E 590 -38.98 17.57 29.12
N GLN E 591 -38.36 17.14 30.21
CA GLN E 591 -36.92 17.28 30.38
C GLN E 591 -36.27 15.96 29.97
N VAL E 592 -35.88 15.88 28.70
CA VAL E 592 -35.18 14.71 28.14
C VAL E 592 -34.00 15.19 27.30
N ILE E 593 -32.80 15.07 27.88
CA ILE E 593 -31.54 15.38 27.19
C ILE E 593 -30.73 14.11 27.14
N VAL E 594 -30.26 13.76 25.94
CA VAL E 594 -29.48 12.54 25.74
C VAL E 594 -28.00 12.93 25.70
N ILE E 595 -27.22 12.37 26.62
CA ILE E 595 -25.81 12.69 26.77
C ILE E 595 -24.99 11.43 26.53
N GLY E 596 -23.97 11.53 25.68
CA GLY E 596 -23.11 10.41 25.36
C GLY E 596 -21.68 10.65 25.81
N ALA E 597 -20.98 9.55 26.11
CA ALA E 597 -19.58 9.58 26.48
C ALA E 597 -18.72 9.09 25.33
N THR E 598 -17.63 9.81 25.06
CA THR E 598 -16.79 9.54 23.90
C THR E 598 -15.33 9.68 24.31
N ASN E 599 -14.45 8.91 23.64
CA ASN E 599 -13.03 9.14 23.81
C ASN E 599 -12.54 10.26 22.90
N ARG E 600 -12.63 10.07 21.60
CA ARG E 600 -12.20 11.03 20.59
C ARG E 600 -13.35 11.31 19.62
N PRO E 601 -13.45 12.52 19.09
CA PRO E 601 -14.49 12.80 18.10
C PRO E 601 -14.13 12.42 16.67
N ASP E 602 -13.03 11.69 16.46
CA ASP E 602 -12.67 11.29 15.10
C ASP E 602 -13.55 10.16 14.59
N ALA E 603 -13.98 9.26 15.47
CA ALA E 603 -14.89 8.17 15.10
C ALA E 603 -16.35 8.56 15.20
N VAL E 604 -16.65 9.83 15.47
CA VAL E 604 -18.03 10.30 15.54
C VAL E 604 -18.45 10.74 14.15
N ASP E 605 -19.66 10.33 13.75
CA ASP E 605 -20.17 10.62 12.42
C ASP E 605 -20.44 12.12 12.25
N PRO E 606 -20.13 12.68 11.08
CA PRO E 606 -20.30 14.13 10.88
C PRO E 606 -21.75 14.57 10.75
N ALA E 607 -22.70 13.64 10.61
CA ALA E 607 -24.10 14.00 10.54
C ALA E 607 -24.72 14.29 11.91
N LEU E 608 -23.97 14.07 12.99
CA LEU E 608 -24.47 14.34 14.33
C LEU E 608 -24.48 15.83 14.65
N ARG E 609 -23.72 16.65 13.92
CA ARG E 609 -23.61 18.08 14.20
C ARG E 609 -24.86 18.83 13.75
N ARG E 610 -25.79 19.05 14.70
CA ARG E 610 -27.04 19.76 14.46
C ARG E 610 -27.62 20.24 15.79
N PRO E 611 -28.03 21.51 15.88
CA PRO E 611 -28.79 21.97 17.05
C PRO E 611 -30.14 21.26 17.13
N GLY E 612 -30.42 20.68 18.30
CA GLY E 612 -31.55 19.79 18.47
C GLY E 612 -31.07 18.36 18.55
N ARG E 613 -30.08 18.04 17.72
CA ARG E 613 -29.37 16.76 17.77
C ARG E 613 -28.23 16.84 18.78
N PHE E 614 -27.27 15.90 18.69
CA PHE E 614 -26.10 15.93 19.55
C PHE E 614 -25.24 17.12 19.14
N ASP E 615 -25.47 18.26 19.77
CA ASP E 615 -24.90 19.52 19.32
C ASP E 615 -23.69 19.97 20.14
N ARG E 616 -23.75 19.82 21.46
CA ARG E 616 -22.68 20.29 22.32
C ARG E 616 -21.59 19.23 22.43
N GLU E 617 -20.34 19.66 22.33
CA GLU E 617 -19.18 18.79 22.39
C GLU E 617 -18.34 19.24 23.59
N PHE E 618 -18.57 18.62 24.74
CA PHE E 618 -17.97 19.06 25.99
C PHE E 618 -16.64 18.33 26.18
N TYR E 619 -15.54 19.07 26.03
CA TYR E 619 -14.20 18.55 26.23
C TYR E 619 -13.86 18.67 27.71
N PHE E 620 -13.74 17.53 28.39
CA PHE E 620 -13.28 17.52 29.78
C PHE E 620 -11.76 17.51 29.77
N PRO E 621 -11.09 18.61 30.11
CA PRO E 621 -9.67 18.74 29.80
C PRO E 621 -8.74 18.13 30.82
N LEU E 622 -7.44 18.21 30.55
CA LEU E 622 -6.42 17.78 31.50
C LEU E 622 -6.37 18.75 32.67
N PRO E 623 -6.27 18.26 33.91
CA PRO E 623 -6.10 19.17 35.05
C PRO E 623 -4.78 19.93 34.99
N ASP E 624 -4.88 21.25 35.08
CA ASP E 624 -3.74 22.14 34.95
C ASP E 624 -3.12 22.38 36.34
N VAL E 625 -2.26 23.40 36.45
CA VAL E 625 -1.59 23.68 37.71
C VAL E 625 -2.55 24.21 38.77
N LYS E 626 -3.69 24.76 38.36
CA LYS E 626 -4.71 25.21 39.31
C LYS E 626 -5.78 24.16 39.54
N ALA E 627 -6.10 23.36 38.52
CA ALA E 627 -7.16 22.36 38.64
C ALA E 627 -6.71 21.17 39.47
N ARG E 628 -5.51 20.64 39.20
CA ARG E 628 -5.03 19.45 39.89
C ARG E 628 -4.81 19.68 41.37
N PHE E 629 -4.52 20.93 41.76
CA PHE E 629 -4.41 21.31 43.17
C PHE E 629 -5.72 21.06 43.92
N LYS E 630 -6.83 21.61 43.41
CA LYS E 630 -8.09 21.45 44.10
C LYS E 630 -8.67 20.04 43.93
N ILE E 631 -8.38 19.36 42.82
CA ILE E 631 -8.81 17.96 42.68
C ILE E 631 -8.10 17.09 43.71
N LEU E 632 -6.77 17.22 43.82
CA LEU E 632 -6.00 16.48 44.82
C LEU E 632 -6.34 16.91 46.24
N GLN E 633 -6.86 18.12 46.41
CA GLN E 633 -7.43 18.51 47.70
C GLN E 633 -8.71 17.74 48.00
N ILE E 634 -9.57 17.57 47.00
CA ILE E 634 -10.95 17.19 47.26
C ILE E 634 -11.14 15.68 47.11
N GLN E 635 -10.05 14.92 46.95
CA GLN E 635 -10.17 13.47 46.96
C GLN E 635 -9.99 12.86 48.35
N THR E 636 -9.12 13.41 49.18
CA THR E 636 -8.72 12.78 50.42
C THR E 636 -9.47 13.38 51.61
N ARG E 637 -10.73 12.96 51.74
CA ARG E 637 -11.63 13.52 52.74
C ARG E 637 -11.69 12.71 54.03
N LYS E 638 -12.13 11.45 53.95
CA LYS E 638 -12.29 10.63 55.16
C LYS E 638 -10.93 10.08 55.55
N TRP E 639 -10.35 10.61 56.61
CA TRP E 639 -9.07 10.12 57.10
C TRP E 639 -8.94 10.45 58.58
N SER E 640 -8.19 9.62 59.30
CA SER E 640 -7.96 9.85 60.72
C SER E 640 -6.90 10.92 60.97
N SER E 641 -6.21 11.38 59.94
CA SER E 641 -5.21 12.42 60.10
C SER E 641 -5.15 13.29 58.85
N PRO E 642 -5.09 14.62 59.00
CA PRO E 642 -4.98 15.49 57.82
C PRO E 642 -3.57 15.57 57.27
N LEU E 643 -3.36 16.44 56.28
CA LEU E 643 -2.10 16.53 55.56
C LEU E 643 -1.74 18.00 55.36
N SER E 644 -0.71 18.25 54.55
CA SER E 644 -0.16 19.57 54.34
C SER E 644 -0.16 19.93 52.85
N THR E 645 0.15 21.19 52.57
CA THR E 645 0.03 21.73 51.21
C THR E 645 1.33 21.69 50.42
N ASN E 646 2.49 21.75 51.07
CA ASN E 646 3.75 21.49 50.37
C ASN E 646 3.86 20.02 49.98
N PHE E 647 3.20 19.15 50.75
CA PHE E 647 2.98 17.76 50.38
C PHE E 647 2.24 17.66 49.04
N ILE E 648 1.22 18.49 48.83
CA ILE E 648 0.53 18.53 47.55
C ILE E 648 1.41 19.19 46.48
N ASP E 649 2.27 20.13 46.89
CA ASP E 649 3.18 20.80 45.96
C ASP E 649 4.17 19.81 45.35
N LYS E 650 4.64 18.86 46.15
CA LYS E 650 5.52 17.81 45.62
C LYS E 650 4.77 16.60 45.09
N LEU E 651 3.47 16.47 45.36
CA LEU E 651 2.69 15.45 44.67
C LEU E 651 2.29 15.86 43.26
N ALA E 652 1.94 17.13 43.03
CA ALA E 652 1.22 17.51 41.83
C ALA E 652 2.07 18.24 40.79
N PHE E 653 3.17 18.88 41.18
CA PHE E 653 3.90 19.76 40.29
C PHE E 653 5.28 19.21 39.94
N LEU E 654 5.40 17.89 39.81
CA LEU E 654 6.61 17.28 39.25
C LEU E 654 6.39 16.88 37.79
N THR E 655 5.38 16.06 37.53
CA THR E 655 4.94 15.73 36.18
C THR E 655 3.44 15.98 36.12
N LYS E 656 3.02 16.90 35.25
CA LYS E 656 1.67 17.44 35.30
C LYS E 656 0.69 16.52 34.58
N GLY E 657 -0.40 16.21 35.27
CA GLY E 657 -1.50 15.42 34.74
C GLY E 657 -1.50 13.99 35.24
N TYR E 658 -2.26 13.74 36.31
CA TYR E 658 -2.36 12.43 36.93
C TYR E 658 -3.77 12.17 37.47
N GLY E 659 -4.78 12.88 36.98
CA GLY E 659 -6.07 12.90 37.62
C GLY E 659 -6.97 11.74 37.25
N GLY E 660 -8.21 11.82 37.74
CA GLY E 660 -9.22 10.84 37.41
C GLY E 660 -9.22 9.69 38.39
N ALA E 661 -9.32 8.45 37.85
CA ALA E 661 -9.23 7.26 38.68
C ALA E 661 -7.80 6.95 39.10
N ASP E 662 -6.81 7.62 38.49
CA ASP E 662 -5.42 7.43 38.87
C ASP E 662 -5.16 7.95 40.28
N LEU E 663 -5.84 9.03 40.67
CA LEU E 663 -5.66 9.58 42.02
C LEU E 663 -6.27 8.69 43.09
N ARG E 664 -7.45 8.13 42.83
CA ARG E 664 -8.04 7.22 43.82
C ARG E 664 -7.30 5.88 43.85
N SER E 665 -6.72 5.46 42.72
CA SER E 665 -5.84 4.30 42.76
C SER E 665 -4.58 4.59 43.55
N LEU E 666 -4.10 5.84 43.47
CA LEU E 666 -2.96 6.27 44.29
C LEU E 666 -3.30 6.24 45.78
N CYS E 667 -4.52 6.66 46.13
CA CYS E 667 -4.95 6.59 47.53
C CYS E 667 -5.05 5.15 48.01
N THR E 668 -5.62 4.26 47.20
CA THR E 668 -5.72 2.86 47.63
C THR E 668 -4.35 2.19 47.68
N GLU E 669 -3.41 2.59 46.81
CA GLU E 669 -2.09 2.00 46.86
C GLU E 669 -1.30 2.52 48.05
N ALA E 670 -1.51 3.80 48.41
CA ALA E 670 -0.95 4.34 49.64
C ALA E 670 -1.52 3.62 50.86
N ALA E 671 -2.81 3.27 50.80
CA ALA E 671 -3.44 2.50 51.86
C ALA E 671 -2.82 1.12 52.01
N LEU E 672 -2.56 0.44 50.89
CA LEU E 672 -2.00 -0.91 50.99
C LEU E 672 -0.52 -0.89 51.40
N ILE E 673 0.25 0.09 50.92
CA ILE E 673 1.65 0.14 51.33
C ILE E 673 1.76 0.58 52.79
N SER E 674 0.81 1.39 53.28
CA SER E 674 0.83 1.76 54.69
C SER E 674 0.40 0.60 55.58
N ILE E 675 -0.57 -0.21 55.12
CA ILE E 675 -1.03 -1.30 55.97
C ILE E 675 -0.02 -2.44 55.94
N GLN E 676 0.82 -2.54 54.90
CA GLN E 676 1.87 -3.56 54.98
C GLN E 676 3.10 -3.05 55.70
N ARG E 677 3.35 -1.74 55.67
CA ARG E 677 4.51 -1.20 56.37
C ARG E 677 4.27 -1.09 57.87
N SER E 678 3.05 -0.75 58.29
CA SER E 678 2.76 -0.57 59.70
C SER E 678 2.57 -1.89 60.43
N PHE E 679 1.87 -2.85 59.81
CA PHE E 679 1.64 -4.17 60.37
C PHE E 679 2.18 -5.21 59.39
N PRO E 680 3.48 -5.48 59.42
CA PRO E 680 4.03 -6.48 58.49
C PRO E 680 3.98 -7.89 59.06
N GLN E 681 3.24 -8.07 60.14
CA GLN E 681 3.08 -9.39 60.75
C GLN E 681 1.89 -10.16 60.18
N ILE E 682 0.98 -9.48 59.48
CA ILE E 682 -0.22 -10.13 58.98
C ILE E 682 0.02 -10.98 57.75
N TYR E 683 1.19 -10.86 57.12
CA TYR E 683 1.52 -11.66 55.95
C TYR E 683 2.14 -12.98 56.40
N ARG E 684 2.58 -13.79 55.43
CA ARG E 684 3.50 -14.93 55.52
C ARG E 684 3.09 -16.05 56.46
N SER E 685 1.90 -15.95 57.07
CA SER E 685 1.43 -16.93 58.05
C SER E 685 -0.07 -16.73 58.23
N ASN E 686 -0.76 -17.84 58.48
CA ASN E 686 -2.22 -17.82 58.68
C ASN E 686 -2.52 -17.52 60.16
N ASP E 687 -2.43 -16.24 60.49
CA ASP E 687 -2.67 -15.77 61.84
C ASP E 687 -4.08 -15.22 61.97
N LYS E 688 -4.61 -15.26 63.20
CA LYS E 688 -5.97 -14.81 63.48
C LYS E 688 -5.98 -13.85 64.65
N LEU E 689 -6.46 -12.62 64.40
CA LEU E 689 -6.95 -11.69 65.42
C LEU E 689 -5.84 -11.29 66.42
N LEU E 690 -4.87 -10.55 65.90
CA LEU E 690 -3.91 -9.84 66.75
C LEU E 690 -3.46 -8.59 65.98
N VAL E 691 -4.21 -7.50 66.15
CA VAL E 691 -4.02 -6.25 65.43
C VAL E 691 -4.60 -5.13 66.28
N ASP E 692 -4.16 -3.91 66.00
CA ASP E 692 -4.73 -2.71 66.60
C ASP E 692 -5.10 -1.74 65.49
N PRO E 693 -6.37 -1.52 65.21
CA PRO E 693 -6.77 -0.70 64.06
C PRO E 693 -6.70 0.79 64.38
N SER E 694 -6.95 1.59 63.33
CA SER E 694 -6.88 3.06 63.34
C SER E 694 -5.50 3.58 63.76
N LYS E 695 -4.45 2.82 63.47
CA LYS E 695 -3.08 3.26 63.70
C LYS E 695 -2.31 3.23 62.40
N ILE E 696 -2.87 3.81 61.34
CA ILE E 696 -2.21 3.84 60.04
C ILE E 696 -1.05 4.83 60.14
N LYS E 697 0.15 4.31 60.37
CA LYS E 697 1.35 5.12 60.50
C LYS E 697 1.99 5.24 59.11
N VAL E 698 1.46 6.19 58.35
CA VAL E 698 1.90 6.41 56.97
C VAL E 698 2.73 7.70 56.93
N LYS E 699 3.88 7.64 56.28
CA LYS E 699 4.77 8.78 56.17
C LYS E 699 4.90 9.17 54.70
N VAL E 700 5.83 10.09 54.42
CA VAL E 700 5.96 10.71 53.10
C VAL E 700 6.40 9.69 52.03
N SER E 701 7.31 8.77 52.38
CA SER E 701 7.93 7.90 51.39
C SER E 701 6.93 6.90 50.80
N ASP E 702 5.85 6.62 51.52
CA ASP E 702 4.79 5.77 50.99
C ASP E 702 4.07 6.46 49.82
N PHE E 703 3.76 7.75 49.97
CA PHE E 703 3.15 8.48 48.86
C PHE E 703 4.16 8.71 47.74
N MET E 704 5.44 8.87 48.07
CA MET E 704 6.45 9.04 47.03
C MET E 704 6.61 7.77 46.19
N LEU E 705 6.58 6.59 46.84
CA LEU E 705 6.61 5.35 46.08
C LEU E 705 5.27 5.06 45.42
N ALA E 706 4.19 5.69 45.89
CA ALA E 706 2.95 5.66 45.12
C ALA E 706 3.06 6.50 43.86
N LEU E 707 3.84 7.58 43.89
CA LEU E 707 4.04 8.40 42.70
C LEU E 707 4.94 7.71 41.69
N LYS E 708 6.08 7.16 42.13
CA LYS E 708 7.12 6.84 41.16
C LYS E 708 7.00 5.46 40.52
N LYS E 709 5.80 4.89 40.43
CA LYS E 709 5.66 3.62 39.74
C LYS E 709 4.43 3.52 38.84
N ILE E 710 3.72 4.63 38.58
CA ILE E 710 2.40 4.57 37.96
C ILE E 710 2.49 4.25 36.47
N VAL E 711 2.15 3.01 36.13
CA VAL E 711 1.90 2.61 34.73
C VAL E 711 0.56 1.90 34.45
N PRO E 712 -0.60 2.33 34.96
CA PRO E 712 -1.85 2.09 34.20
C PRO E 712 -2.32 3.29 33.38
N SER E 713 -1.49 4.33 33.24
CA SER E 713 -1.91 5.60 32.67
C SER E 713 -1.97 5.53 31.14
N SER E 714 -2.07 6.69 30.50
CA SER E 714 -2.29 6.81 29.07
C SER E 714 -0.99 7.00 28.30
N ALA E 715 0.06 6.28 28.70
CA ALA E 715 1.38 6.38 28.06
C ALA E 715 1.32 5.89 26.61
N ARG E 716 2.37 6.26 25.87
CA ARG E 716 2.56 6.16 24.41
C ARG E 716 1.56 6.99 23.62
N SER E 717 0.83 7.91 24.26
CA SER E 717 0.12 8.99 23.60
C SER E 717 0.73 10.35 23.92
N THR E 718 1.19 10.52 25.14
CA THR E 718 1.99 11.66 25.58
C THR E 718 3.35 11.14 26.05
N GLY E 719 4.13 12.02 26.67
CA GLY E 719 5.43 11.63 27.19
C GLY E 719 6.51 12.67 26.95
N SER E 720 6.37 13.43 25.86
CA SER E 720 7.26 14.57 25.58
C SER E 720 6.59 15.81 26.15
N SER E 721 6.50 15.85 27.48
CA SER E 721 5.74 16.87 28.19
C SER E 721 6.67 17.95 28.74
N PRO E 722 6.25 19.21 28.72
CA PRO E 722 7.02 20.28 29.34
C PRO E 722 6.92 20.23 30.85
N GLN E 723 7.97 19.81 31.49
CA GLN E 723 8.01 19.88 32.94
C GLN E 723 8.64 21.20 33.38
N PRO E 724 8.37 21.68 34.61
CA PRO E 724 9.05 22.90 35.07
C PRO E 724 10.52 22.70 35.34
N LEU E 725 11.18 23.76 35.79
CA LEU E 725 12.62 23.75 35.96
C LEU E 725 12.97 22.85 37.14
N PRO E 726 13.90 21.89 36.97
CA PRO E 726 14.16 20.93 38.04
C PRO E 726 14.79 21.58 39.27
N GLU E 727 14.51 20.99 40.43
CA GLU E 727 14.81 21.62 41.71
C GLU E 727 16.30 21.69 42.00
N LEU E 728 17.10 20.84 41.36
CA LEU E 728 18.54 20.88 41.64
C LEU E 728 19.24 21.99 40.86
N ILE E 729 18.83 22.22 39.61
CA ILE E 729 19.44 23.25 38.78
C ILE E 729 18.71 24.58 38.85
N LYS E 730 17.68 24.69 39.70
CA LYS E 730 17.01 25.97 39.88
C LYS E 730 17.89 27.09 40.43
N PRO E 731 18.90 26.87 41.28
CA PRO E 731 19.86 27.96 41.55
C PRO E 731 20.73 28.36 40.37
N LEU E 732 20.72 27.62 39.26
CA LEU E 732 21.54 27.95 38.11
C LEU E 732 20.80 28.71 37.02
N LEU E 733 19.55 28.34 36.73
CA LEU E 733 18.86 28.84 35.56
C LEU E 733 17.69 29.76 35.86
N ALA E 734 17.23 29.86 37.12
CA ALA E 734 16.08 30.68 37.41
C ALA E 734 16.40 32.18 37.51
N ASP E 735 17.66 32.56 37.32
CA ASP E 735 17.97 33.97 37.15
C ASP E 735 17.67 34.41 35.73
N GLN E 736 18.12 33.64 34.73
CA GLN E 736 17.88 33.95 33.33
C GLN E 736 16.74 33.13 32.75
N LEU E 737 15.81 32.68 33.59
CA LEU E 737 14.51 32.24 33.14
C LEU E 737 13.43 33.27 33.43
N ASN E 738 13.64 34.09 34.46
CA ASN E 738 12.70 35.18 34.74
C ASN E 738 12.80 36.29 33.71
N ASN E 739 13.99 36.51 33.14
CA ASN E 739 14.14 37.48 32.06
C ASN E 739 13.40 37.03 30.81
N LEU E 740 13.46 35.74 30.51
CA LEU E 740 12.71 35.19 29.37
C LEU E 740 11.20 35.25 29.63
N LYS E 741 10.78 35.05 30.88
CA LYS E 741 9.36 35.16 31.19
C LYS E 741 8.88 36.60 31.11
N ASN E 742 9.72 37.56 31.51
CA ASN E 742 9.36 38.97 31.37
C ASN E 742 9.33 39.38 29.89
N LYS E 743 10.25 38.86 29.10
CA LYS E 743 10.27 39.16 27.66
C LYS E 743 9.06 38.57 26.96
N LEU E 744 8.67 37.35 27.32
CA LEU E 744 7.49 36.74 26.72
C LEU E 744 6.21 37.38 27.23
N ASP E 745 6.19 37.88 28.46
CA ASP E 745 5.01 38.57 28.97
C ASP E 745 4.86 39.94 28.33
N TYR E 746 5.98 40.58 27.98
CA TYR E 746 5.92 41.85 27.27
C TYR E 746 5.63 41.66 25.79
N MET E 747 6.02 40.53 25.22
CA MET E 747 5.86 40.30 23.79
C MET E 747 4.48 39.74 23.45
N LEU E 748 3.94 38.86 24.30
CA LEU E 748 2.69 38.19 24.01
C LEU E 748 1.51 38.69 24.82
N ASN E 749 1.73 39.58 25.79
CA ASN E 749 0.72 40.17 26.68
C ASN E 749 -0.04 39.07 27.45
N ILE E 750 0.71 38.38 28.30
CA ILE E 750 0.15 37.27 29.05
C ILE E 750 -0.61 37.77 30.28
N LYS E 751 -0.01 38.69 31.03
CA LYS E 751 -0.67 39.16 32.25
C LYS E 751 -1.76 40.18 31.93
N ASP E 752 -1.64 40.90 30.83
CA ASP E 752 -2.61 41.94 30.47
C ASP E 752 -3.72 41.37 29.58
N THR E 753 -4.32 40.26 30.01
CA THR E 753 -5.49 39.71 29.33
C THR E 753 -6.76 40.12 30.07
N THR E 754 -7.03 41.43 30.02
CA THR E 754 -8.28 41.93 30.58
C THR E 754 -9.47 41.70 29.65
N PHE E 755 -9.22 41.33 28.40
CA PHE E 755 -10.27 40.84 27.50
C PHE E 755 -10.10 39.32 27.36
N GLN E 756 -11.21 38.60 27.51
CA GLN E 756 -11.29 37.13 27.44
C GLN E 756 -10.31 36.47 28.42
N ARG E 757 -10.60 36.69 29.70
CA ARG E 757 -9.73 36.34 30.81
C ARG E 757 -9.61 34.84 31.07
N ASN E 758 -10.44 34.02 30.41
CA ASN E 758 -10.33 32.57 30.28
C ASN E 758 -10.49 31.79 31.58
N THR E 759 -10.88 32.42 32.68
CA THR E 759 -11.13 31.68 33.92
C THR E 759 -12.51 31.04 33.88
N SER E 760 -13.55 31.87 33.80
CA SER E 760 -14.93 31.43 33.68
C SER E 760 -15.75 32.63 33.23
N LEU E 761 -16.80 32.36 32.44
CA LEU E 761 -17.63 33.44 31.90
C LEU E 761 -18.44 34.10 33.01
N LEU E 762 -19.08 33.29 33.85
CA LEU E 762 -19.90 33.81 34.94
C LEU E 762 -19.06 34.46 36.02
N GLN E 763 -17.84 33.96 36.25
CA GLN E 763 -17.02 34.46 37.35
C GLN E 763 -16.55 35.88 37.12
N ASN E 764 -16.33 36.27 35.85
CA ASN E 764 -16.01 37.66 35.56
C ASN E 764 -17.20 38.45 35.06
N PHE E 765 -18.35 37.81 34.84
CA PHE E 765 -19.58 38.56 34.58
C PHE E 765 -20.61 38.43 35.70
N ILE E 766 -20.19 38.16 36.93
CA ILE E 766 -21.12 38.23 38.06
C ILE E 766 -21.11 39.63 38.70
N ASP E 767 -19.93 40.25 38.80
CA ASP E 767 -19.79 41.55 39.41
C ASP E 767 -19.49 42.67 38.43
N TYR E 768 -18.84 42.39 37.31
CA TYR E 768 -18.46 43.42 36.36
C TYR E 768 -19.69 43.81 35.54
N GLU E 769 -20.35 44.92 35.91
CA GLU E 769 -21.58 45.34 35.25
C GLU E 769 -21.28 46.33 34.13
N GLU E 770 -22.33 46.93 33.58
CA GLU E 770 -22.20 47.82 32.42
C GLU E 770 -21.98 49.25 32.89
N TYR E 771 -21.08 49.95 32.19
CA TYR E 771 -20.74 51.36 32.42
C TYR E 771 -20.27 51.65 33.84
N SER E 788 -20.63 57.17 19.75
CA SER E 788 -21.56 56.44 20.61
C SER E 788 -21.21 54.95 20.64
N SER E 789 -21.73 54.21 19.65
CA SER E 789 -21.48 52.79 19.54
C SER E 789 -20.73 52.41 18.27
N PHE E 790 -20.30 53.40 17.47
CA PHE E 790 -19.66 53.11 16.20
C PHE E 790 -18.22 52.65 16.40
N ARG E 791 -17.39 53.51 17.00
CA ARG E 791 -16.01 53.18 17.32
C ARG E 791 -15.84 52.66 18.74
N SER E 792 -16.92 52.15 19.35
CA SER E 792 -16.83 51.69 20.73
C SER E 792 -16.04 50.40 20.82
N TYR E 793 -16.29 49.46 19.93
CA TYR E 793 -15.56 48.19 19.93
C TYR E 793 -14.42 48.19 18.91
N GLU E 794 -14.74 48.43 17.65
CA GLU E 794 -13.79 48.21 16.54
C GLU E 794 -12.65 49.23 16.50
N PHE E 795 -12.61 50.19 17.41
CA PHE E 795 -11.41 50.98 17.61
C PHE E 795 -10.57 50.45 18.77
N PHE E 796 -11.20 50.22 19.93
CA PHE E 796 -10.46 49.75 21.09
C PHE E 796 -10.02 48.30 20.93
N GLU E 797 -10.81 47.48 20.24
CA GLU E 797 -10.36 46.14 19.92
C GLU E 797 -9.24 46.16 18.90
N SER E 798 -9.28 47.12 17.97
CA SER E 798 -8.22 47.21 16.95
C SER E 798 -6.89 47.61 17.56
N MET E 799 -6.90 48.41 18.62
CA MET E 799 -5.67 48.65 19.37
C MET E 799 -5.37 47.55 20.38
N ALA E 800 -6.37 46.74 20.73
CA ALA E 800 -6.13 45.62 21.63
C ALA E 800 -5.37 44.51 20.92
N GLU E 801 -5.77 44.17 19.70
CA GLU E 801 -5.06 43.13 18.95
C GLU E 801 -3.85 43.65 18.20
N SER E 802 -3.53 44.94 18.33
CA SER E 802 -2.35 45.49 17.67
C SER E 802 -1.11 45.45 18.53
N GLN E 803 -1.15 44.76 19.66
CA GLN E 803 0.00 44.68 20.55
C GLN E 803 0.86 43.46 20.27
N ILE E 804 0.53 42.68 19.24
CA ILE E 804 1.31 41.52 18.81
C ILE E 804 1.73 41.79 17.38
N CYS E 805 3.00 42.13 17.16
CA CYS E 805 3.45 42.43 15.81
C CYS E 805 4.03 41.22 15.10
N LYS E 806 5.05 40.62 15.67
CA LYS E 806 5.65 39.41 15.12
C LYS E 806 6.36 38.70 16.26
N PRO E 807 5.66 37.85 17.01
CA PRO E 807 6.27 37.22 18.18
C PRO E 807 7.31 36.17 17.81
N ARG E 808 8.57 36.53 17.99
CA ARG E 808 9.70 35.67 17.68
C ARG E 808 10.69 35.75 18.82
N LEU E 809 11.40 34.65 19.05
CA LEU E 809 12.41 34.60 20.10
C LEU E 809 13.43 33.54 19.74
N LEU E 810 14.70 33.85 19.98
CA LEU E 810 15.79 32.93 19.69
C LEU E 810 16.70 32.89 20.91
N ILE E 811 16.64 31.79 21.66
CA ILE E 811 17.40 31.65 22.90
C ILE E 811 18.72 30.97 22.54
N ASN E 812 19.75 31.78 22.34
CA ASN E 812 21.05 31.28 21.93
C ASN E 812 22.02 31.27 23.10
N GLY E 813 22.72 30.16 23.27
CA GLY E 813 23.69 30.03 24.33
C GLY E 813 24.85 29.14 23.93
N PRO E 814 25.83 28.99 24.81
CA PRO E 814 26.92 28.04 24.54
C PRO E 814 26.45 26.61 24.68
N LYS E 815 27.34 25.70 24.30
CA LYS E 815 27.03 24.28 24.23
C LYS E 815 26.86 23.70 25.62
N GLY E 816 25.66 23.19 25.91
CA GLY E 816 25.38 22.55 27.17
C GLY E 816 24.87 23.44 28.27
N ASN E 817 24.43 24.65 27.96
CA ASN E 817 24.04 25.62 28.98
C ASN E 817 22.55 25.53 29.31
N GLY E 818 22.07 24.31 29.57
CA GLY E 818 20.73 24.12 30.09
C GLY E 818 19.59 24.49 29.16
N GLN E 819 19.75 24.29 27.86
CA GLN E 819 18.70 24.66 26.92
C GLN E 819 17.52 23.69 26.95
N GLN E 820 17.78 22.42 27.26
CA GLN E 820 16.72 21.43 27.34
C GLN E 820 15.82 21.63 28.55
N TYR E 821 16.30 22.35 29.57
CA TYR E 821 15.48 22.70 30.72
C TYR E 821 14.76 24.02 30.51
N VAL E 822 15.43 24.98 29.85
CA VAL E 822 14.85 26.28 29.58
C VAL E 822 13.67 26.17 28.63
N GLY E 823 13.80 25.34 27.59
CA GLY E 823 12.71 25.15 26.66
C GLY E 823 11.52 24.44 27.27
N ALA E 824 11.77 23.43 28.11
CA ALA E 824 10.68 22.75 28.80
C ALA E 824 10.01 23.66 29.82
N ALA E 825 10.77 24.52 30.49
CA ALA E 825 10.18 25.44 31.44
C ALA E 825 9.34 26.51 30.76
N ILE E 826 9.76 26.96 29.58
CA ILE E 826 9.00 27.97 28.86
C ILE E 826 7.74 27.37 28.27
N LEU E 827 7.82 26.15 27.71
CA LEU E 827 6.62 25.50 27.24
C LEU E 827 5.70 25.05 28.37
N ASN E 828 6.22 24.91 29.59
CA ASN E 828 5.35 24.70 30.74
C ASN E 828 4.68 25.99 31.17
N TYR E 829 5.38 27.12 31.00
CA TYR E 829 4.78 28.43 31.30
C TYR E 829 3.64 28.74 30.34
N LEU E 830 3.82 28.40 29.07
CA LEU E 830 2.78 28.63 28.06
C LEU E 830 1.94 27.38 27.85
N GLU E 831 1.35 26.90 28.95
CA GLU E 831 0.45 25.76 28.88
C GLU E 831 -0.91 26.16 28.34
N GLU E 832 -1.34 27.41 28.60
CA GLU E 832 -2.56 27.95 28.04
C GLU E 832 -2.48 28.17 26.53
N PHE E 833 -1.27 28.13 25.96
CA PHE E 833 -1.07 28.23 24.52
C PHE E 833 -1.26 26.86 23.89
N ASN E 834 -0.86 26.73 22.63
CA ASN E 834 -0.77 25.45 21.95
C ASN E 834 0.67 25.28 21.48
N VAL E 835 1.16 24.04 21.52
CA VAL E 835 2.56 23.78 21.24
C VAL E 835 2.67 22.80 20.07
N GLN E 836 3.22 23.27 18.96
CA GLN E 836 3.63 22.41 17.86
C GLN E 836 5.14 22.28 17.88
N ASN E 837 5.63 21.06 18.05
CA ASN E 837 7.05 20.79 18.20
C ASN E 837 7.59 20.35 16.85
N LEU E 838 8.45 21.19 16.25
CA LEU E 838 9.00 20.95 14.93
C LEU E 838 10.41 20.40 14.96
N ASP E 839 10.74 19.62 15.99
CA ASP E 839 12.05 18.99 16.04
C ASP E 839 12.11 17.82 15.06
N LEU E 840 13.31 17.24 14.93
CA LEU E 840 13.53 16.17 13.97
C LEU E 840 12.82 14.89 14.36
N ALA E 841 12.62 14.65 15.65
CA ALA E 841 12.02 13.40 16.09
C ALA E 841 10.53 13.34 15.79
N SER E 842 9.85 14.48 15.88
CA SER E 842 8.41 14.50 15.63
C SER E 842 8.07 14.61 14.15
N LEU E 843 9.06 14.76 13.29
CA LEU E 843 8.82 14.87 11.85
C LEU E 843 9.10 13.57 11.10
N VAL E 844 10.10 12.81 11.53
CA VAL E 844 10.47 11.57 10.84
C VAL E 844 9.76 10.39 11.49
N SER E 845 8.86 10.68 12.43
CA SER E 845 8.12 9.63 13.13
C SER E 845 7.14 8.90 12.22
N GLU E 846 6.72 9.52 11.12
CA GLU E 846 5.84 8.89 10.14
C GLU E 846 6.61 8.74 8.83
N SER E 847 6.52 7.57 8.22
CA SER E 847 7.21 7.30 6.97
C SER E 847 6.40 7.69 5.74
N SER E 848 5.06 7.61 5.82
CA SER E 848 4.22 7.98 4.69
C SER E 848 4.22 9.47 4.47
N ARG E 849 4.04 10.25 5.54
CA ARG E 849 4.23 11.69 5.45
C ARG E 849 5.70 12.01 5.28
N THR E 850 5.99 12.95 4.38
CA THR E 850 7.36 13.41 4.21
C THR E 850 7.66 14.50 5.23
N ILE E 851 8.81 15.15 5.09
CA ILE E 851 9.18 16.23 6.00
C ILE E 851 8.33 17.46 5.73
N GLU E 852 8.20 17.82 4.46
CA GLU E 852 7.47 19.02 4.04
C GLU E 852 6.01 18.97 4.44
N ALA E 853 5.36 17.82 4.23
CA ALA E 853 3.94 17.70 4.54
C ALA E 853 3.69 17.75 6.04
N ALA E 854 4.58 17.16 6.84
CA ALA E 854 4.43 17.20 8.29
C ALA E 854 4.67 18.60 8.83
N VAL E 855 5.65 19.32 8.27
CA VAL E 855 5.92 20.70 8.69
C VAL E 855 4.75 21.61 8.34
N VAL E 856 4.21 21.46 7.13
CA VAL E 856 3.10 22.30 6.70
C VAL E 856 1.83 21.97 7.47
N GLN E 857 1.60 20.70 7.78
CA GLN E 857 0.42 20.32 8.56
C GLN E 857 0.54 20.78 10.00
N SER E 858 1.75 20.74 10.57
CA SER E 858 1.94 21.26 11.92
C SER E 858 1.76 22.78 11.97
N PHE E 859 2.21 23.48 10.93
CA PHE E 859 2.03 24.93 10.92
C PHE E 859 0.58 25.32 10.68
N MET E 860 -0.14 24.54 9.86
CA MET E 860 -1.56 24.82 9.68
C MET E 860 -2.36 24.46 10.92
N GLU E 861 -1.87 23.51 11.72
CA GLU E 861 -2.47 23.26 13.02
C GLU E 861 -2.18 24.41 13.99
N ALA E 862 -0.98 24.99 13.91
CA ALA E 862 -0.66 26.16 14.74
C ALA E 862 -1.48 27.37 14.33
N LYS E 863 -1.84 27.48 13.05
CA LYS E 863 -2.73 28.53 12.59
C LYS E 863 -4.18 28.24 12.95
N LYS E 864 -4.55 26.97 13.04
CA LYS E 864 -5.91 26.54 13.35
C LYS E 864 -6.35 26.97 14.74
N ARG E 865 -5.69 26.44 15.77
CA ARG E 865 -5.87 26.92 17.14
C ARG E 865 -4.93 28.10 17.33
N GLN E 866 -5.51 29.29 17.53
CA GLN E 866 -4.80 30.54 17.25
C GLN E 866 -3.68 30.88 18.23
N PRO E 867 -3.85 30.84 19.59
CA PRO E 867 -2.66 31.10 20.42
C PRO E 867 -1.76 29.89 20.43
N SER E 868 -0.66 29.96 19.69
CA SER E 868 0.17 28.80 19.44
C SER E 868 1.64 29.14 19.63
N VAL E 869 2.45 28.10 19.70
CA VAL E 869 3.90 28.21 19.77
C VAL E 869 4.47 27.18 18.82
N VAL E 870 5.21 27.63 17.81
CA VAL E 870 5.97 26.74 16.94
C VAL E 870 7.36 26.61 17.53
N PHE E 871 7.71 25.40 17.96
CA PHE E 871 8.86 25.16 18.80
C PHE E 871 9.90 24.36 18.02
N ILE E 872 11.06 24.96 17.83
CA ILE E 872 12.19 24.31 17.17
C ILE E 872 13.35 24.23 18.15
N PRO E 873 13.51 23.11 18.85
CA PRO E 873 14.71 22.92 19.64
C PRO E 873 15.86 22.44 18.77
N ASN E 874 17.07 22.77 19.22
CA ASN E 874 18.34 22.45 18.53
C ASN E 874 18.35 23.02 17.12
N LEU E 875 18.33 24.35 17.04
CA LEU E 875 18.30 25.04 15.76
C LEU E 875 19.61 24.89 15.00
N ASP E 876 20.72 24.71 15.71
CA ASP E 876 22.01 24.52 15.05
C ASP E 876 22.11 23.17 14.35
N ILE E 877 21.25 22.22 14.70
CA ILE E 877 21.17 20.92 14.06
C ILE E 877 20.03 20.99 13.06
N TRP E 878 19.04 21.82 13.37
CA TRP E 878 17.89 21.97 12.49
C TRP E 878 18.23 22.70 11.20
N ILE E 879 19.26 23.54 11.21
CA ILE E 879 19.65 24.22 9.97
C ILE E 879 20.71 23.41 9.23
N ASN E 880 20.95 22.18 9.68
CA ASN E 880 21.86 21.28 8.99
C ASN E 880 21.22 19.98 8.52
N THR E 881 20.27 19.43 9.26
CA THR E 881 19.63 18.18 8.85
C THR E 881 18.35 18.42 8.06
N ILE E 882 17.52 19.34 8.51
CA ILE E 882 16.37 19.76 7.71
C ILE E 882 16.87 20.47 6.46
N PRO E 883 16.43 20.08 5.26
CA PRO E 883 16.99 20.67 4.03
C PRO E 883 16.56 22.12 3.85
N GLU E 884 17.19 22.75 2.86
CA GLU E 884 16.98 24.17 2.57
C GLU E 884 15.53 24.47 2.18
N ASN E 885 14.90 23.53 1.47
CA ASN E 885 13.56 23.75 0.96
C ASN E 885 12.52 23.78 2.07
N VAL E 886 12.70 22.97 3.11
CA VAL E 886 11.73 22.97 4.20
C VAL E 886 11.85 24.24 5.04
N ILE E 887 13.07 24.75 5.21
CA ILE E 887 13.28 26.02 5.90
C ILE E 887 12.66 27.17 5.12
N LEU E 888 12.80 27.14 3.78
CA LEU E 888 12.21 28.20 2.97
C LEU E 888 10.69 28.10 2.92
N VAL E 889 10.14 26.88 2.98
CA VAL E 889 8.69 26.71 3.07
C VAL E 889 8.16 27.24 4.40
N LEU E 890 8.87 26.98 5.49
CA LEU E 890 8.48 27.52 6.79
C LEU E 890 8.58 29.04 6.82
N SER E 891 9.60 29.59 6.16
CA SER E 891 9.74 31.05 6.09
C SER E 891 8.62 31.67 5.26
N GLY E 892 8.21 31.01 4.18
CA GLY E 892 7.09 31.51 3.41
C GLY E 892 5.76 31.38 4.11
N LEU E 893 5.61 30.34 4.93
CA LEU E 893 4.40 30.20 5.72
C LEU E 893 4.33 31.24 6.83
N PHE E 894 5.48 31.60 7.39
CA PHE E 894 5.49 32.64 8.42
C PHE E 894 5.33 34.02 7.81
N ARG E 895 5.82 34.23 6.59
CA ARG E 895 5.72 35.52 5.93
C ARG E 895 4.32 35.79 5.37
N SER E 896 3.50 34.75 5.23
CA SER E 896 2.13 34.89 4.77
C SER E 896 1.15 35.14 5.91
N LEU E 897 1.63 35.10 7.15
CA LEU E 897 0.78 35.41 8.29
C LEU E 897 0.49 36.90 8.36
N GLN E 898 -0.66 37.23 8.94
CA GLN E 898 -0.88 38.59 9.39
C GLN E 898 0.01 38.90 10.59
N SER E 899 0.18 40.18 10.86
CA SER E 899 1.02 40.57 11.98
C SER E 899 0.38 40.24 13.32
N ASN E 900 -0.92 40.46 13.44
CA ASN E 900 -1.61 40.29 14.71
C ASN E 900 -1.98 38.84 15.03
N GLU E 901 -1.41 37.86 14.34
CA GLU E 901 -1.71 36.46 14.60
C GLU E 901 -0.67 35.90 15.56
N LYS E 902 -1.13 35.36 16.68
CA LYS E 902 -0.27 35.01 17.80
C LYS E 902 0.30 33.60 17.62
N ILE E 903 1.22 33.48 16.68
CA ILE E 903 2.00 32.28 16.49
C ILE E 903 3.44 32.62 16.86
N LEU E 904 3.86 32.21 18.04
CA LEU E 904 5.21 32.49 18.52
C LEU E 904 6.18 31.47 17.95
N LEU E 905 7.27 31.95 17.38
CA LEU E 905 8.33 31.09 16.87
C LEU E 905 9.45 31.10 17.91
N LEU E 906 9.51 30.05 18.70
CA LEU E 906 10.46 29.92 19.80
C LEU E 906 11.50 28.89 19.40
N CYS E 907 12.72 29.36 19.13
CA CYS E 907 13.82 28.50 18.73
C CYS E 907 14.92 28.55 19.77
N LEU E 908 15.47 27.39 20.10
CA LEU E 908 16.61 27.26 20.98
C LEU E 908 17.83 26.84 20.17
N ALA E 909 18.99 27.37 20.53
CA ALA E 909 20.20 27.10 19.78
C ALA E 909 21.36 26.90 20.73
N GLU E 910 22.44 26.36 20.20
CA GLU E 910 23.66 26.12 20.97
C GLU E 910 24.85 26.55 20.10
N ASN E 911 25.42 27.70 20.45
CA ASN E 911 26.55 28.32 19.74
C ASN E 911 26.23 28.58 18.27
N LEU E 912 25.08 29.17 18.03
CA LEU E 912 24.67 29.59 16.70
C LEU E 912 25.18 30.99 16.43
N ASP E 913 25.84 31.18 15.30
CA ASP E 913 26.41 32.48 14.98
C ASP E 913 25.32 33.40 14.43
N ILE E 914 25.57 34.70 14.54
CA ILE E 914 24.59 35.70 14.11
C ILE E 914 24.57 35.83 12.59
N SER E 915 25.60 35.29 11.91
CA SER E 915 25.69 35.39 10.46
C SER E 915 24.57 34.62 9.75
N GLU E 916 24.07 33.56 10.38
CA GLU E 916 22.91 32.88 9.80
C GLU E 916 21.60 33.57 10.10
N VAL E 917 21.55 34.53 11.01
CA VAL E 917 20.32 35.29 11.24
C VAL E 917 20.45 36.73 10.75
N LYS E 918 21.57 37.07 10.12
CA LYS E 918 21.77 38.38 9.52
C LYS E 918 21.73 38.31 7.99
N ASN E 919 22.53 37.44 7.39
CA ASN E 919 22.57 37.28 5.94
C ASN E 919 22.64 35.80 5.55
N GLY E 920 21.83 34.97 6.24
CA GLY E 920 21.89 33.55 6.01
C GLY E 920 20.56 32.88 5.76
N ILE E 921 20.43 31.64 6.22
CA ILE E 921 19.22 30.85 5.95
C ILE E 921 18.07 31.26 6.87
N LEU E 922 18.36 31.67 8.10
CA LEU E 922 17.31 32.10 9.02
C LEU E 922 16.96 33.58 8.89
N SER E 923 17.62 34.29 7.97
CA SER E 923 17.53 35.75 7.92
C SER E 923 16.17 36.26 7.48
N ASP E 924 15.36 35.42 6.84
CA ASP E 924 14.01 35.77 6.48
C ASP E 924 12.99 35.37 7.54
N PHE E 925 13.45 34.99 8.73
CA PHE E 925 12.57 34.72 9.87
C PHE E 925 12.44 35.92 10.80
N ALA E 926 13.19 36.99 10.55
CA ALA E 926 13.17 38.26 11.30
C ALA E 926 13.53 38.05 12.78
N PHE E 927 14.74 37.53 13.00
CA PHE E 927 15.34 37.49 14.33
C PHE E 927 16.28 38.68 14.51
N ASP E 928 15.74 39.89 14.36
CA ASP E 928 16.58 41.07 14.34
C ASP E 928 17.04 41.47 15.75
N LYS E 929 16.11 41.78 16.64
CA LYS E 929 16.42 42.10 18.03
C LYS E 929 15.52 41.27 18.93
N ASN E 930 15.49 39.98 18.66
CA ASN E 930 14.74 39.02 19.47
C ASN E 930 15.62 37.82 19.76
N ILE E 931 16.87 38.08 20.13
CA ILE E 931 17.83 37.05 20.48
C ILE E 931 18.17 37.20 21.95
N PHE E 932 17.74 36.25 22.76
CA PHE E 932 18.12 36.21 24.16
C PHE E 932 19.37 35.36 24.31
N GLN E 933 20.29 35.81 25.15
CA GLN E 933 21.57 35.15 25.36
C GLN E 933 21.56 34.48 26.73
N LEU E 934 21.47 33.17 26.76
CA LEU E 934 21.74 32.41 27.98
C LEU E 934 23.24 32.43 28.21
N HIS E 935 23.71 33.33 29.07
CA HIS E 935 25.12 33.35 29.40
C HIS E 935 25.42 32.25 30.43
N LYS E 936 26.72 32.06 30.68
CA LYS E 936 27.15 31.09 31.67
C LYS E 936 26.73 31.56 33.07
N PRO E 937 26.37 30.64 33.97
CA PRO E 937 25.83 31.06 35.26
C PRO E 937 26.87 31.71 36.16
N SER E 938 26.37 32.60 37.03
CA SER E 938 27.22 33.47 37.83
C SER E 938 27.87 32.71 38.98
N LYS E 939 28.77 33.40 39.68
CA LYS E 939 29.52 32.79 40.77
C LYS E 939 28.62 32.51 41.97
N GLU E 940 27.69 33.43 42.25
CA GLU E 940 26.73 33.22 43.33
C GLU E 940 25.76 32.10 42.99
N ASN E 941 25.47 31.92 41.70
CA ASN E 941 24.62 30.80 41.28
C ASN E 941 25.32 29.47 41.50
N ILE E 942 26.62 29.38 41.20
CA ILE E 942 27.38 28.16 41.44
C ILE E 942 27.52 27.90 42.94
N THR E 943 27.65 28.98 43.73
CA THR E 943 27.74 28.83 45.18
C THR E 943 26.45 28.29 45.77
N ARG E 944 25.30 28.82 45.34
CA ARG E 944 24.03 28.30 45.81
C ARG E 944 23.71 26.93 45.22
N TYR E 945 24.31 26.58 44.08
CA TYR E 945 24.13 25.26 43.51
C TYR E 945 24.90 24.20 44.31
N PHE E 946 26.10 24.54 44.77
CA PHE E 946 26.94 23.59 45.49
C PHE E 946 26.75 23.65 47.01
N SER E 947 25.98 24.62 47.51
CA SER E 947 25.61 24.63 48.92
C SER E 947 24.80 23.40 49.33
N ASN E 948 24.01 22.86 48.41
CA ASN E 948 23.23 21.66 48.69
C ASN E 948 24.15 20.44 48.83
N LEU E 949 25.19 20.38 48.00
CA LEU E 949 26.19 19.31 48.09
C LEU E 949 27.03 19.43 49.36
N ILE E 950 27.33 20.66 49.77
CA ILE E 950 28.01 20.89 51.05
C ILE E 950 27.12 20.46 52.22
N GLU E 951 25.82 20.74 52.12
CA GLU E 951 24.88 20.28 53.14
C GLU E 951 24.70 18.77 53.15
N LEU E 952 25.00 18.09 52.04
CA LEU E 952 25.12 16.63 52.07
C LEU E 952 26.45 16.18 52.65
N LEU E 953 27.50 16.99 52.55
CA LEU E 953 28.76 16.64 53.21
C LEU E 953 28.63 16.73 54.72
N LYS E 954 27.81 17.66 55.23
CA LYS E 954 27.71 17.93 56.66
C LYS E 954 26.46 17.33 57.30
N THR E 955 25.92 16.26 56.76
CA THR E 955 24.75 15.64 57.38
C THR E 955 25.18 14.50 58.28
N LYS E 956 24.47 14.33 59.38
CA LYS E 956 24.76 13.26 60.31
C LYS E 956 24.39 11.91 59.69
N PRO E 957 25.20 10.86 59.90
CA PRO E 957 24.83 9.54 59.38
C PRO E 957 23.60 8.91 60.01
N SER E 958 23.06 9.49 61.09
CA SER E 958 21.80 9.02 61.65
C SER E 958 20.59 9.64 60.95
N ASP E 959 20.80 10.59 60.04
CA ASP E 959 19.69 11.19 59.31
C ASP E 959 19.47 10.55 57.95
N ILE E 960 20.52 10.07 57.30
CA ILE E 960 20.42 9.38 56.03
C ILE E 960 19.77 8.03 56.28
N PRO E 961 18.64 7.72 55.64
CA PRO E 961 17.87 6.53 56.03
C PRO E 961 18.50 5.21 55.61
N MET E 962 19.06 4.52 56.61
CA MET E 962 19.53 3.15 56.47
C MET E 962 18.84 2.32 57.54
N LYS E 963 18.24 1.20 57.14
CA LYS E 963 17.35 0.49 58.04
C LYS E 963 18.14 -0.39 59.00
N LYS E 964 17.77 -0.35 60.28
CA LYS E 964 18.39 -1.14 61.32
C LYS E 964 17.77 -2.54 61.36
N ARG E 965 18.51 -3.48 61.93
CA ARG E 965 18.12 -4.89 61.94
C ARG E 965 17.44 -5.22 63.26
N ARG E 966 16.17 -5.64 63.19
CA ARG E 966 15.41 -6.00 64.38
C ARG E 966 14.82 -7.40 64.22
N VAL E 967 14.59 -8.05 65.36
CA VAL E 967 14.28 -9.48 65.40
C VAL E 967 13.02 -9.71 66.26
N LYS E 968 12.10 -8.75 66.24
CA LYS E 968 10.84 -8.86 66.98
C LYS E 968 10.00 -10.03 66.46
N PRO E 969 9.65 -11.00 67.31
CA PRO E 969 9.15 -12.29 66.81
C PRO E 969 7.65 -12.34 66.55
N LEU E 970 7.20 -13.53 66.16
CA LEU E 970 5.82 -13.72 65.75
C LEU E 970 4.89 -13.78 66.96
N PRO E 971 3.67 -13.25 66.85
CA PRO E 971 2.71 -13.33 67.95
C PRO E 971 2.01 -14.69 67.96
N GLU E 972 1.09 -14.85 68.91
CA GLU E 972 0.47 -16.13 69.17
C GLU E 972 -0.69 -16.38 68.20
N LEU E 973 -1.03 -17.66 68.05
CA LEU E 973 -2.12 -18.11 67.19
C LEU E 973 -3.26 -18.64 68.05
N GLN E 974 -4.48 -18.31 67.66
CA GLN E 974 -5.67 -18.69 68.43
C GLN E 974 -6.82 -18.99 67.49
N LYS E 975 -7.76 -19.81 67.98
CA LYS E 975 -8.95 -20.19 67.23
C LYS E 975 -10.20 -19.69 67.94
N VAL E 976 -11.20 -19.29 67.16
CA VAL E 976 -12.47 -18.85 67.71
C VAL E 976 -13.60 -19.73 67.20
N LYS E 1355 28.93 8.67 66.40
CA LYS E 1355 29.59 9.22 67.58
C LYS E 1355 29.49 10.74 67.54
N GLU E 1356 30.45 11.37 66.87
CA GLU E 1356 30.42 12.80 66.63
C GLU E 1356 31.04 13.06 65.27
N LEU E 1357 30.37 13.89 64.47
CA LEU E 1357 30.82 14.22 63.12
C LEU E 1357 31.98 15.21 63.27
N ILE E 1358 33.20 14.66 63.35
CA ILE E 1358 34.38 15.47 63.49
C ILE E 1358 34.80 16.05 62.13
N LEU E 1359 34.43 17.31 61.90
CA LEU E 1359 34.68 17.98 60.64
C LEU E 1359 34.73 19.48 60.91
N THR E 1360 35.94 20.04 60.91
CA THR E 1360 36.14 21.44 61.29
C THR E 1360 35.69 22.37 60.18
N PRO E 1361 35.12 23.54 60.50
CA PRO E 1361 34.57 24.43 59.47
C PRO E 1361 35.60 25.11 58.57
N GLU E 1362 36.89 24.86 58.77
CA GLU E 1362 37.89 25.33 57.81
C GLU E 1362 37.95 24.39 56.60
N GLN E 1363 37.70 23.10 56.81
CA GLN E 1363 37.69 22.15 55.70
C GLN E 1363 36.51 22.38 54.76
N ILE E 1364 35.34 22.73 55.31
CA ILE E 1364 34.18 23.07 54.50
C ILE E 1364 34.47 24.32 53.67
N LYS E 1365 35.13 25.31 54.28
CA LYS E 1365 35.46 26.53 53.57
C LYS E 1365 36.47 26.27 52.45
N LYS E 1366 37.46 25.41 52.69
CA LYS E 1366 38.44 25.19 51.62
C LYS E 1366 37.88 24.29 50.52
N VAL E 1367 36.98 23.36 50.85
CA VAL E 1367 36.40 22.55 49.79
C VAL E 1367 35.39 23.36 48.98
N SER E 1368 34.71 24.33 49.62
CA SER E 1368 33.81 25.19 48.87
C SER E 1368 34.59 26.18 48.01
N ALA E 1369 35.72 26.69 48.52
CA ALA E 1369 36.55 27.60 47.74
C ALA E 1369 37.17 26.89 46.55
N CYS E 1370 37.65 25.66 46.72
CA CYS E 1370 38.20 24.94 45.59
C CYS E 1370 37.11 24.45 44.64
N LEU E 1371 35.90 24.24 45.15
CA LEU E 1371 34.78 23.87 44.28
C LEU E 1371 34.36 25.03 43.40
N ILE E 1372 34.36 26.25 43.94
CA ILE E 1372 34.05 27.41 43.12
C ILE E 1372 35.22 27.72 42.18
N GLU E 1373 36.45 27.55 42.65
CA GLU E 1373 37.64 27.90 41.87
C GLU E 1373 37.89 26.95 40.71
N HIS E 1374 37.59 25.65 40.87
CA HIS E 1374 37.76 24.72 39.76
C HIS E 1374 36.73 24.96 38.66
N CYS E 1375 35.51 25.32 39.04
CA CYS E 1375 34.45 25.59 38.08
C CYS E 1375 34.45 27.06 37.65
N GLN E 1376 35.59 27.53 37.18
CA GLN E 1376 35.71 28.86 36.64
C GLN E 1376 35.31 28.83 35.17
N ASN E 1377 34.26 29.61 34.84
CA ASN E 1377 33.71 29.75 33.48
C ASN E 1377 33.26 28.40 32.92
N PHE E 1378 32.26 27.83 33.58
CA PHE E 1378 31.63 26.59 33.14
C PHE E 1378 30.19 26.83 32.70
N THR E 1379 29.66 25.84 31.99
CA THR E 1379 28.26 25.78 31.59
C THR E 1379 27.47 25.01 32.65
N VAL E 1380 26.22 24.66 32.33
CA VAL E 1380 25.39 23.95 33.29
C VAL E 1380 25.74 22.47 33.32
N SER E 1381 26.05 21.88 32.16
CA SER E 1381 26.32 20.45 32.09
C SER E 1381 27.66 20.09 32.74
N GLN E 1382 28.66 20.95 32.61
CA GLN E 1382 29.93 20.74 33.29
C GLN E 1382 29.76 20.83 34.81
N LEU E 1383 28.90 21.76 35.26
CA LEU E 1383 28.60 21.87 36.67
C LEU E 1383 27.84 20.65 37.18
N GLU E 1384 26.97 20.08 36.34
CA GLU E 1384 26.28 18.85 36.73
C GLU E 1384 27.23 17.67 36.75
N ASP E 1385 28.26 17.67 35.91
CA ASP E 1385 29.27 16.61 35.95
C ASP E 1385 30.08 16.67 37.24
N VAL E 1386 30.54 17.88 37.60
CA VAL E 1386 31.28 18.07 38.85
C VAL E 1386 30.40 17.72 40.05
N HIS E 1387 29.12 18.12 40.00
CA HIS E 1387 28.19 17.85 41.08
C HIS E 1387 27.91 16.36 41.22
N SER E 1388 27.79 15.65 40.10
CA SER E 1388 27.52 14.21 40.16
C SER E 1388 28.72 13.44 40.67
N SER E 1389 29.93 13.87 40.31
CA SER E 1389 31.12 13.18 40.80
C SER E 1389 31.32 13.41 42.30
N VAL E 1390 31.13 14.64 42.76
CA VAL E 1390 31.31 14.90 44.20
C VAL E 1390 30.16 14.30 45.00
N ALA E 1391 28.97 14.18 44.40
CA ALA E 1391 27.88 13.48 45.06
C ALA E 1391 28.14 11.98 45.15
N LYS E 1392 28.80 11.40 44.15
CA LYS E 1392 29.24 10.01 44.23
C LYS E 1392 30.25 9.82 45.36
N ILE E 1393 31.20 10.76 45.46
CA ILE E 1393 32.24 10.68 46.50
C ILE E 1393 31.62 10.80 47.89
N ILE E 1394 30.63 11.67 48.05
CA ILE E 1394 30.01 11.84 49.37
C ILE E 1394 29.08 10.68 49.70
N TRP E 1395 28.31 10.19 48.72
CA TRP E 1395 27.43 9.06 48.97
C TRP E 1395 28.16 7.73 49.09
N LYS E 1396 29.45 7.68 48.74
CA LYS E 1396 30.25 6.51 49.09
C LYS E 1396 30.33 6.33 50.60
N SER E 1397 30.69 7.39 51.31
CA SER E 1397 30.79 7.35 52.76
C SER E 1397 29.52 7.94 53.40
N LYS E 1398 28.41 7.26 53.18
CA LYS E 1398 27.15 7.71 53.77
C LYS E 1398 27.00 7.33 55.23
N SER E 1399 27.89 6.50 55.77
CA SER E 1399 27.83 6.07 57.15
C SER E 1399 29.06 6.41 57.96
N ALA E 1400 30.10 6.97 57.35
CA ALA E 1400 31.32 7.32 58.08
C ALA E 1400 31.08 8.54 58.96
N TRP E 1401 31.68 8.53 60.15
CA TRP E 1401 31.56 9.64 61.09
C TRP E 1401 32.75 10.57 61.06
N ASP E 1402 33.82 10.21 60.36
CA ASP E 1402 34.97 11.09 60.16
C ASP E 1402 35.04 11.38 58.66
N LYS E 1403 34.63 12.58 58.27
CA LYS E 1403 34.59 12.98 56.88
C LYS E 1403 35.90 13.61 56.42
N THR E 1404 37.00 13.36 57.11
CA THR E 1404 38.28 13.97 56.76
C THR E 1404 38.99 13.24 55.64
N GLY E 1405 38.55 12.05 55.26
CA GLY E 1405 39.12 11.38 54.11
C GLY E 1405 38.44 11.86 52.84
N THR E 1406 37.13 12.07 52.95
CA THR E 1406 36.35 12.49 51.79
C THR E 1406 36.67 13.92 51.38
N VAL E 1407 37.12 14.76 52.31
CA VAL E 1407 37.49 16.12 51.96
C VAL E 1407 38.74 16.13 51.08
N ASP E 1408 39.76 15.35 51.45
CA ASP E 1408 40.93 15.22 50.60
C ASP E 1408 40.61 14.45 49.32
N GLU E 1409 39.60 13.58 49.35
CA GLU E 1409 39.17 12.92 48.10
C GLU E 1409 38.55 13.92 47.13
N ILE E 1410 37.71 14.83 47.63
CA ILE E 1410 37.10 15.85 46.77
C ILE E 1410 38.16 16.84 46.28
N ILE E 1411 39.09 17.23 47.15
CA ILE E 1411 40.15 18.14 46.75
C ILE E 1411 41.09 17.48 45.74
N LYS E 1412 41.29 16.16 45.86
CA LYS E 1412 42.09 15.44 44.89
C LYS E 1412 41.37 15.27 43.57
N PHE E 1413 40.03 15.21 43.57
CA PHE E 1413 39.31 15.11 42.31
C PHE E 1413 39.35 16.43 41.55
N LEU E 1414 39.25 17.56 42.25
CA LEU E 1414 39.23 18.88 41.61
C LEU E 1414 40.64 19.43 41.41
N SER E 1415 41.52 18.63 40.83
CA SER E 1415 42.88 19.06 40.52
C SER E 1415 43.38 18.37 39.26
N ASP F 444 -43.76 24.39 10.10
CA ASP F 444 -44.50 24.57 8.85
C ASP F 444 -45.31 25.86 8.94
N MET F 445 -44.75 26.96 8.44
CA MET F 445 -45.43 28.24 8.38
C MET F 445 -45.66 28.72 6.95
N ASN F 446 -45.68 27.77 5.99
CA ASN F 446 -45.94 28.01 4.57
C ASN F 446 -44.94 29.00 3.97
N VAL F 447 -43.67 28.59 3.99
CA VAL F 447 -42.59 29.40 3.43
C VAL F 447 -42.60 29.29 1.92
N ASN F 448 -41.86 30.17 1.25
CA ASN F 448 -41.73 30.13 -0.20
C ASN F 448 -40.34 30.64 -0.56
N PHE F 449 -40.17 31.05 -1.83
CA PHE F 449 -38.86 31.49 -2.32
C PHE F 449 -38.42 32.82 -1.73
N ASP F 450 -39.32 33.58 -1.11
CA ASP F 450 -38.99 34.89 -0.55
C ASP F 450 -38.52 34.82 0.90
N ASP F 451 -38.78 33.72 1.60
CA ASP F 451 -38.31 33.53 2.97
C ASP F 451 -36.93 32.90 3.04
N ILE F 452 -36.18 32.89 1.92
CA ILE F 452 -34.83 32.34 1.88
C ILE F 452 -33.96 33.31 1.07
N GLY F 453 -32.74 33.56 1.56
CA GLY F 453 -31.83 34.47 0.92
C GLY F 453 -30.50 33.83 0.59
N GLY F 454 -29.64 34.63 -0.06
CA GLY F 454 -28.27 34.22 -0.36
C GLY F 454 -28.09 33.35 -1.58
N LEU F 455 -29.12 32.62 -2.01
CA LEU F 455 -28.97 31.66 -3.09
C LEU F 455 -29.87 32.01 -4.27
N ASP F 456 -29.86 33.29 -4.68
CA ASP F 456 -30.72 33.75 -5.76
C ASP F 456 -30.41 33.11 -7.10
N ASN F 457 -29.15 32.72 -7.33
CA ASN F 457 -28.80 32.00 -8.55
C ASN F 457 -29.45 30.62 -8.55
N TYR F 458 -29.42 29.93 -7.43
CA TYR F 458 -30.08 28.63 -7.35
C TYR F 458 -31.60 28.78 -7.22
N ILE F 459 -32.07 29.91 -6.68
CA ILE F 459 -33.50 30.25 -6.77
C ILE F 459 -33.94 30.35 -8.23
N ASP F 460 -33.11 30.95 -9.09
CA ASP F 460 -33.45 31.05 -10.49
C ASP F 460 -33.24 29.74 -11.25
N GLN F 461 -32.30 28.90 -10.82
CA GLN F 461 -31.95 27.71 -11.58
C GLN F 461 -32.70 26.46 -11.14
N LEU F 462 -33.23 26.42 -9.92
CA LEU F 462 -33.98 25.24 -9.49
C LEU F 462 -35.38 25.23 -10.06
N LYS F 463 -35.95 26.42 -10.28
CA LYS F 463 -37.30 26.51 -10.84
C LYS F 463 -37.34 26.06 -12.28
N GLU F 464 -36.27 26.29 -13.04
CA GLU F 464 -36.28 25.99 -14.47
C GLU F 464 -36.10 24.51 -14.77
N MET F 465 -35.73 23.70 -13.78
CA MET F 465 -35.40 22.31 -14.08
C MET F 465 -36.00 21.37 -13.04
N VAL F 466 -36.75 21.88 -12.07
CA VAL F 466 -37.54 21.02 -11.20
C VAL F 466 -39.01 21.40 -11.28
N ALA F 467 -39.34 22.63 -10.89
CA ALA F 467 -40.74 22.99 -10.68
C ALA F 467 -41.49 23.20 -11.98
N LEU F 468 -40.90 23.89 -12.93
CA LEU F 468 -41.56 24.20 -14.20
C LEU F 468 -41.82 23.01 -15.13
N PRO F 469 -41.02 21.93 -15.16
CA PRO F 469 -41.51 20.73 -15.85
C PRO F 469 -42.74 20.11 -15.20
N LEU F 470 -42.88 20.20 -13.89
CA LEU F 470 -44.09 19.72 -13.22
C LEU F 470 -45.28 20.61 -13.53
N LEU F 471 -45.08 21.93 -13.45
CA LEU F 471 -46.18 22.86 -13.71
C LEU F 471 -46.55 22.87 -15.18
N TYR F 472 -45.57 22.98 -16.07
CA TYR F 472 -45.78 23.06 -17.51
C TYR F 472 -45.13 21.87 -18.18
N PRO F 473 -45.76 20.70 -18.18
CA PRO F 473 -45.16 19.54 -18.88
C PRO F 473 -45.39 19.57 -20.38
N GLU F 474 -46.16 20.51 -20.90
CA GLU F 474 -46.38 20.59 -22.34
C GLU F 474 -45.32 21.40 -23.05
N LEU F 475 -44.57 22.23 -22.34
CA LEU F 475 -43.48 23.00 -22.94
C LEU F 475 -42.16 22.25 -22.91
N TYR F 476 -41.98 21.33 -21.97
CA TYR F 476 -40.73 20.60 -21.83
C TYR F 476 -40.74 19.25 -22.55
N GLN F 477 -41.83 18.90 -23.23
CA GLN F 477 -41.84 17.74 -24.09
C GLN F 477 -41.71 18.12 -25.56
N ASN F 478 -41.74 19.43 -25.86
CA ASN F 478 -41.57 19.90 -27.22
C ASN F 478 -40.15 19.67 -27.72
N PHE F 479 -39.18 19.60 -26.83
CA PHE F 479 -37.78 19.45 -27.21
C PHE F 479 -37.16 18.17 -26.63
N ASN F 480 -38.00 17.14 -26.40
CA ASN F 480 -37.67 15.79 -25.91
C ASN F 480 -36.67 15.76 -24.74
N ILE F 481 -36.70 16.76 -23.89
CA ILE F 481 -35.83 16.80 -22.72
C ILE F 481 -36.56 16.20 -21.53
N THR F 482 -35.81 15.54 -20.65
CA THR F 482 -36.45 14.81 -19.58
C THR F 482 -36.28 15.52 -18.24
N PRO F 483 -37.28 15.47 -17.37
CA PRO F 483 -37.12 16.05 -16.02
C PRO F 483 -36.15 15.22 -15.21
N PRO F 484 -35.24 15.87 -14.48
CA PRO F 484 -34.19 15.14 -13.75
C PRO F 484 -34.71 14.46 -12.50
N ARG F 485 -35.16 13.22 -12.65
CA ARG F 485 -35.68 12.45 -11.52
C ARG F 485 -34.55 12.07 -10.57
N GLY F 486 -34.37 12.88 -9.54
CA GLY F 486 -33.32 12.68 -8.57
C GLY F 486 -32.28 13.76 -8.62
N VAL F 487 -32.40 14.75 -7.73
CA VAL F 487 -31.41 15.80 -7.59
C VAL F 487 -30.83 15.73 -6.19
N LEU F 488 -29.76 16.47 -5.97
CA LEU F 488 -29.04 16.42 -4.70
C LEU F 488 -28.67 17.83 -4.27
N PHE F 489 -28.88 18.13 -2.99
CA PHE F 489 -28.42 19.37 -2.38
C PHE F 489 -27.39 19.01 -1.32
N HIS F 490 -26.16 19.50 -1.48
CA HIS F 490 -25.12 19.24 -0.48
C HIS F 490 -24.68 20.55 0.15
N GLY F 491 -24.67 20.59 1.48
CA GLY F 491 -24.30 21.77 2.23
C GLY F 491 -24.32 21.56 3.74
N PRO F 492 -24.00 22.62 4.48
CA PRO F 492 -24.06 22.54 5.95
C PRO F 492 -25.48 22.33 6.42
N PRO F 493 -25.68 21.68 7.57
CA PRO F 493 -26.99 21.08 7.91
C PRO F 493 -28.06 22.12 8.22
N GLY F 494 -29.16 22.06 7.48
CA GLY F 494 -30.30 22.91 7.71
C GLY F 494 -30.07 24.38 7.44
N THR F 495 -29.04 24.71 6.67
CA THR F 495 -28.66 26.09 6.38
C THR F 495 -29.25 26.58 5.06
N GLY F 496 -30.40 26.05 4.66
CA GLY F 496 -31.02 26.44 3.41
C GLY F 496 -31.13 25.33 2.40
N LYS F 497 -30.86 24.07 2.74
CA LYS F 497 -31.09 22.97 1.81
C LYS F 497 -32.53 22.46 1.92
N THR F 498 -32.92 22.04 3.11
CA THR F 498 -34.30 21.64 3.33
C THR F 498 -35.26 22.82 3.25
N LEU F 499 -34.79 24.02 3.57
CA LEU F 499 -35.63 25.21 3.40
C LEU F 499 -35.87 25.49 1.92
N MET F 500 -34.84 25.27 1.08
CA MET F 500 -35.03 25.34 -0.36
C MET F 500 -35.96 24.24 -0.86
N ALA F 501 -35.93 23.08 -0.22
CA ALA F 501 -36.81 21.98 -0.62
C ALA F 501 -38.27 22.32 -0.33
N ARG F 502 -38.55 22.86 0.86
CA ARG F 502 -39.91 23.30 1.15
C ARG F 502 -40.31 24.51 0.31
N ALA F 503 -39.35 25.35 -0.07
CA ALA F 503 -39.67 26.49 -0.92
C ALA F 503 -40.04 26.04 -2.33
N LEU F 504 -39.34 25.04 -2.88
CA LEU F 504 -39.71 24.52 -4.18
C LEU F 504 -40.94 23.63 -4.09
N ALA F 505 -41.24 23.10 -2.90
CA ALA F 505 -42.47 22.36 -2.70
C ALA F 505 -43.65 23.30 -2.56
N ALA F 506 -43.63 24.14 -1.53
CA ALA F 506 -44.64 25.19 -1.36
C ALA F 506 -44.32 26.29 -2.35
N SER F 507 -44.87 26.14 -3.56
CA SER F 507 -44.43 26.88 -4.72
C SER F 507 -45.68 27.33 -5.46
N CYS F 508 -45.52 27.67 -6.74
CA CYS F 508 -46.63 28.18 -7.54
C CYS F 508 -47.64 27.09 -7.83
N SER F 509 -48.45 26.75 -6.82
CA SER F 509 -49.37 25.62 -6.86
C SER F 509 -50.47 25.90 -5.84
N SER F 510 -51.19 24.83 -5.46
CA SER F 510 -52.24 24.84 -4.44
C SER F 510 -53.41 25.75 -4.82
N ASP F 511 -53.74 25.80 -6.11
CA ASP F 511 -54.97 26.43 -6.58
C ASP F 511 -55.94 25.40 -7.13
N GLU F 512 -55.52 24.60 -8.12
CA GLU F 512 -56.24 23.40 -8.52
C GLU F 512 -55.35 22.18 -8.68
N ARG F 513 -54.04 22.36 -8.86
CA ARG F 513 -53.09 21.27 -8.87
C ARG F 513 -52.22 21.34 -7.62
N LYS F 514 -51.77 20.18 -7.18
CA LYS F 514 -51.10 20.04 -5.88
C LYS F 514 -49.73 19.41 -6.09
N ILE F 515 -48.66 20.19 -5.92
CA ILE F 515 -47.36 19.58 -5.74
C ILE F 515 -47.37 19.03 -4.32
N THR F 516 -47.63 17.73 -4.19
CA THR F 516 -47.75 17.09 -2.89
C THR F 516 -46.37 16.66 -2.43
N PHE F 517 -45.96 17.13 -1.27
CA PHE F 517 -44.60 16.99 -0.79
C PHE F 517 -44.54 15.91 0.27
N PHE F 518 -43.81 14.83 -0.02
CA PHE F 518 -43.54 13.78 0.95
C PHE F 518 -42.13 13.96 1.50
N MET F 519 -42.00 13.89 2.81
CA MET F 519 -40.71 14.08 3.46
C MET F 519 -40.36 12.85 4.28
N ARG F 520 -39.20 12.28 4.01
CA ARG F 520 -38.65 11.20 4.80
C ARG F 520 -37.35 11.66 5.45
N LYS F 521 -36.87 10.87 6.39
CA LYS F 521 -35.72 11.24 7.20
C LYS F 521 -34.57 10.28 6.89
N GLY F 522 -33.44 10.50 7.56
CA GLY F 522 -32.30 9.64 7.40
C GLY F 522 -32.52 8.28 8.02
N ALA F 523 -32.73 7.27 7.16
CA ALA F 523 -33.06 5.88 7.52
C ALA F 523 -34.27 5.80 8.44
N ASP F 524 -35.25 6.69 8.24
CA ASP F 524 -36.56 6.47 8.82
C ASP F 524 -37.24 5.31 8.13
N ILE F 525 -36.97 5.12 6.84
CA ILE F 525 -37.41 3.94 6.13
C ILE F 525 -36.63 2.72 6.59
N LEU F 526 -35.35 2.91 6.93
CA LEU F 526 -34.41 1.80 7.12
C LEU F 526 -34.19 1.55 8.61
N SER F 527 -34.91 0.57 9.15
CA SER F 527 -34.61 0.00 10.45
C SER F 527 -33.78 -1.27 10.23
N LYS F 528 -33.58 -2.03 11.30
CA LYS F 528 -32.80 -3.25 11.17
C LYS F 528 -33.61 -4.43 10.64
N TRP F 529 -34.93 -4.33 10.62
CA TRP F 529 -35.75 -5.33 9.93
C TRP F 529 -35.67 -5.09 8.44
N VAL F 530 -35.50 -6.17 7.68
CA VAL F 530 -35.20 -6.05 6.25
C VAL F 530 -36.46 -5.73 5.46
N GLY F 531 -37.57 -6.42 5.75
CA GLY F 531 -38.75 -6.35 4.92
C GLY F 531 -39.66 -5.15 5.12
N GLU F 532 -39.38 -4.28 6.10
CA GLU F 532 -40.22 -3.12 6.31
C GLU F 532 -39.84 -1.94 5.42
N ALA F 533 -38.54 -1.76 5.15
CA ALA F 533 -38.08 -0.68 4.29
C ALA F 533 -38.56 -0.86 2.87
N GLU F 534 -38.61 -2.11 2.41
CA GLU F 534 -39.10 -2.43 1.07
C GLU F 534 -40.54 -2.01 0.90
N ARG F 535 -41.42 -2.48 1.79
CA ARG F 535 -42.84 -2.16 1.68
C ARG F 535 -43.12 -0.69 1.93
N GLN F 536 -42.30 -0.04 2.76
CA GLN F 536 -42.43 1.40 2.96
C GLN F 536 -42.10 2.17 1.69
N LEU F 537 -41.04 1.75 0.98
CA LEU F 537 -40.71 2.39 -0.29
C LEU F 537 -41.75 2.08 -1.37
N ARG F 538 -42.37 0.90 -1.31
CA ARG F 538 -43.40 0.58 -2.29
C ARG F 538 -44.64 1.44 -2.09
N LEU F 539 -45.09 1.60 -0.84
CA LEU F 539 -46.21 2.51 -0.57
C LEU F 539 -45.84 3.95 -0.85
N LEU F 540 -44.57 4.31 -0.67
CA LEU F 540 -44.11 5.67 -0.96
C LEU F 540 -44.23 5.97 -2.45
N PHE F 541 -43.67 5.11 -3.30
CA PHE F 541 -43.74 5.37 -4.73
C PHE F 541 -45.12 5.12 -5.30
N GLU F 542 -45.95 4.29 -4.65
CA GLU F 542 -47.33 4.16 -5.09
C GLU F 542 -48.14 5.41 -4.76
N GLU F 543 -47.85 6.02 -3.60
CA GLU F 543 -48.44 7.31 -3.27
C GLU F 543 -47.96 8.39 -4.23
N ALA F 544 -46.71 8.30 -4.68
CA ALA F 544 -46.20 9.22 -5.69
C ALA F 544 -46.89 9.00 -7.04
N LYS F 545 -47.25 7.77 -7.34
CA LYS F 545 -47.88 7.49 -8.63
C LYS F 545 -49.36 7.79 -8.64
N LYS F 546 -50.03 7.78 -7.48
CA LYS F 546 -51.44 8.13 -7.46
C LYS F 546 -51.61 9.63 -7.59
N HIS F 547 -51.12 10.39 -6.61
CA HIS F 547 -51.09 11.85 -6.70
C HIS F 547 -49.97 12.22 -7.66
N GLN F 548 -50.34 12.64 -8.89
CA GLN F 548 -49.39 12.63 -9.99
C GLN F 548 -48.28 13.68 -9.86
N PRO F 549 -48.54 15.00 -9.60
CA PRO F 549 -47.38 15.87 -9.33
C PRO F 549 -46.95 15.75 -7.87
N SER F 550 -45.74 15.23 -7.66
CA SER F 550 -45.27 14.90 -6.33
C SER F 550 -43.77 15.02 -6.24
N ILE F 551 -43.29 15.54 -5.12
CA ILE F 551 -41.87 15.70 -4.83
C ILE F 551 -41.55 14.90 -3.57
N ILE F 552 -40.60 13.98 -3.68
CA ILE F 552 -40.20 13.13 -2.57
C ILE F 552 -38.86 13.63 -2.05
N PHE F 553 -38.78 13.89 -0.74
CA PHE F 553 -37.58 14.40 -0.12
C PHE F 553 -36.99 13.36 0.81
N PHE F 554 -35.69 13.12 0.69
CA PHE F 554 -34.96 12.20 1.55
C PHE F 554 -33.93 13.04 2.32
N ASP F 555 -34.32 13.50 3.51
CA ASP F 555 -33.40 14.22 4.37
C ASP F 555 -32.33 13.27 4.89
N GLU F 556 -31.09 13.76 4.92
CA GLU F 556 -29.90 13.00 5.35
C GLU F 556 -29.75 11.71 4.54
N ILE F 557 -29.63 11.88 3.22
CA ILE F 557 -29.52 10.74 2.31
C ILE F 557 -28.14 10.12 2.33
N ASP F 558 -27.16 10.75 2.99
CA ASP F 558 -25.88 10.10 3.27
C ASP F 558 -25.99 9.05 4.35
N GLY F 559 -27.11 8.98 5.08
CA GLY F 559 -27.34 7.95 6.06
C GLY F 559 -28.34 6.91 5.60
N LEU F 560 -29.30 7.34 4.77
CA LEU F 560 -30.20 6.38 4.15
C LEU F 560 -29.47 5.56 3.10
N ALA F 561 -28.56 6.18 2.35
CA ALA F 561 -27.69 5.50 1.41
C ALA F 561 -26.24 5.75 1.83
N PRO F 562 -25.74 4.99 2.80
CA PRO F 562 -24.39 5.25 3.31
C PRO F 562 -23.32 4.67 2.38
N VAL F 563 -22.08 4.98 2.72
CA VAL F 563 -20.93 4.49 1.95
C VAL F 563 -19.72 4.34 2.85
N ILE F 575 -30.28 -3.01 0.52
CA ILE F 575 -31.11 -2.06 1.26
C ILE F 575 -31.23 -0.75 0.47
N VAL F 576 -30.18 -0.42 -0.29
CA VAL F 576 -30.18 0.79 -1.10
C VAL F 576 -30.27 0.49 -2.60
N SER F 577 -30.06 -0.76 -3.02
CA SER F 577 -30.18 -1.09 -4.43
C SER F 577 -31.64 -1.09 -4.89
N THR F 578 -32.56 -1.33 -3.96
CA THR F 578 -33.98 -1.25 -4.29
C THR F 578 -34.42 0.19 -4.52
N LEU F 579 -33.71 1.16 -3.92
CA LEU F 579 -33.99 2.56 -4.19
C LEU F 579 -33.67 2.92 -5.63
N LEU F 580 -32.53 2.44 -6.14
CA LEU F 580 -32.18 2.67 -7.53
C LEU F 580 -33.07 1.87 -8.47
N ALA F 581 -33.43 0.65 -8.06
CA ALA F 581 -34.29 -0.20 -8.88
C ALA F 581 -35.70 0.38 -9.03
N LEU F 582 -36.18 1.07 -8.00
CA LEU F 582 -37.48 1.74 -8.13
C LEU F 582 -37.36 3.16 -8.69
N MET F 583 -36.16 3.74 -8.63
CA MET F 583 -35.91 4.99 -9.34
C MET F 583 -35.96 4.77 -10.83
N ASP F 584 -35.49 3.61 -11.29
CA ASP F 584 -35.45 3.29 -12.72
C ASP F 584 -36.73 2.65 -13.23
N GLY F 585 -37.86 2.89 -12.58
CA GLY F 585 -39.13 2.36 -13.04
C GLY F 585 -40.19 3.42 -13.20
N MET F 586 -39.79 4.60 -13.67
CA MET F 586 -40.68 5.77 -13.73
C MET F 586 -41.07 6.17 -15.14
N ASP F 587 -40.90 5.27 -16.12
CA ASP F 587 -41.62 5.23 -17.41
C ASP F 587 -41.16 6.29 -18.42
N ASN F 588 -40.32 7.26 -17.98
CA ASN F 588 -39.85 8.43 -18.73
C ASN F 588 -40.99 9.33 -19.22
N ARG F 589 -42.15 9.27 -18.58
CA ARG F 589 -43.24 10.21 -18.76
C ARG F 589 -43.99 10.23 -17.44
N GLY F 590 -44.03 11.39 -16.81
CA GLY F 590 -44.61 11.57 -15.50
C GLY F 590 -43.81 12.57 -14.69
N GLN F 591 -44.32 12.84 -13.49
CA GLN F 591 -43.68 13.81 -12.59
C GLN F 591 -43.53 13.18 -11.21
N VAL F 592 -42.47 12.40 -11.05
CA VAL F 592 -42.09 11.82 -9.76
C VAL F 592 -40.60 12.12 -9.62
N ILE F 593 -40.28 13.19 -8.90
CA ILE F 593 -38.91 13.63 -8.72
C ILE F 593 -38.51 13.36 -7.27
N VAL F 594 -37.34 12.77 -7.08
CA VAL F 594 -36.82 12.54 -5.74
C VAL F 594 -35.60 13.43 -5.51
N ILE F 595 -35.48 13.92 -4.28
CA ILE F 595 -34.47 14.90 -3.89
C ILE F 595 -33.75 14.38 -2.66
N GLY F 596 -32.42 14.46 -2.67
CA GLY F 596 -31.64 14.13 -1.49
C GLY F 596 -30.93 15.34 -0.93
N ALA F 597 -30.59 15.29 0.36
CA ALA F 597 -29.85 16.37 1.00
C ALA F 597 -28.77 15.77 1.87
N THR F 598 -27.55 16.27 1.73
CA THR F 598 -26.41 15.72 2.46
C THR F 598 -25.46 16.84 2.86
N ASN F 599 -24.43 16.46 3.61
CA ASN F 599 -23.45 17.40 4.11
C ASN F 599 -22.10 17.29 3.41
N ARG F 600 -21.94 16.30 2.54
CA ARG F 600 -20.74 16.11 1.76
C ARG F 600 -21.17 15.34 0.52
N PRO F 601 -20.78 15.77 -0.68
CA PRO F 601 -21.30 15.14 -1.91
C PRO F 601 -20.79 13.72 -2.13
N ASP F 602 -19.61 13.39 -1.63
CA ASP F 602 -19.09 12.04 -1.71
C ASP F 602 -19.46 11.20 -0.49
N ALA F 603 -20.28 11.73 0.42
CA ALA F 603 -20.76 10.97 1.56
C ALA F 603 -21.94 10.08 1.23
N VAL F 604 -22.41 10.10 -0.02
CA VAL F 604 -23.46 9.23 -0.48
C VAL F 604 -22.84 8.13 -1.31
N ASP F 605 -23.67 7.16 -1.71
CA ASP F 605 -23.20 6.04 -2.53
C ASP F 605 -22.81 6.57 -3.90
N PRO F 606 -21.59 6.27 -4.37
CA PRO F 606 -21.21 6.68 -5.74
C PRO F 606 -22.00 5.99 -6.85
N ALA F 607 -22.76 4.94 -6.53
CA ALA F 607 -23.70 4.37 -7.50
C ALA F 607 -24.92 5.27 -7.71
N LEU F 608 -25.16 6.22 -6.82
CA LEU F 608 -26.23 7.19 -7.03
C LEU F 608 -25.82 8.29 -8.00
N ARG F 609 -24.59 8.80 -7.82
CA ARG F 609 -24.07 9.87 -8.67
C ARG F 609 -23.44 9.34 -9.95
N ARG F 610 -24.29 8.93 -10.88
CA ARG F 610 -23.84 8.41 -12.17
C ARG F 610 -24.76 8.89 -13.28
N PRO F 611 -24.75 8.19 -14.42
CA PRO F 611 -25.61 8.56 -15.55
C PRO F 611 -27.00 7.99 -15.36
N GLY F 612 -28.01 8.63 -15.93
CA GLY F 612 -29.38 8.16 -15.81
C GLY F 612 -30.15 8.82 -14.68
N ARG F 613 -29.49 8.97 -13.53
CA ARG F 613 -30.13 9.59 -12.36
C ARG F 613 -29.10 10.16 -11.38
N PHE F 614 -29.57 11.13 -10.60
CA PHE F 614 -28.85 11.90 -9.54
C PHE F 614 -27.75 12.46 -10.31
N ASP F 615 -28.19 13.36 -11.14
CA ASP F 615 -27.40 14.03 -12.16
C ASP F 615 -27.26 15.53 -11.95
N ARG F 616 -28.04 16.13 -11.04
CA ARG F 616 -27.95 17.55 -10.74
C ARG F 616 -27.62 17.72 -9.27
N GLU F 617 -26.41 18.19 -8.98
CA GLU F 617 -25.96 18.47 -7.63
C GLU F 617 -25.90 19.97 -7.40
N PHE F 618 -26.24 20.40 -6.20
CA PHE F 618 -26.32 21.81 -5.84
C PHE F 618 -25.50 22.06 -4.59
N TYR F 619 -24.37 22.75 -4.75
CA TYR F 619 -23.56 23.16 -3.61
C TYR F 619 -24.24 24.35 -2.95
N PHE F 620 -24.75 24.14 -1.73
CA PHE F 620 -25.28 25.25 -0.94
C PHE F 620 -24.17 25.72 0.00
N PRO F 621 -23.46 26.79 -0.33
CA PRO F 621 -22.28 27.16 0.44
C PRO F 621 -22.59 28.10 1.59
N LEU F 622 -21.56 28.52 2.29
CA LEU F 622 -21.70 29.69 3.15
C LEU F 622 -21.78 30.93 2.27
N PRO F 623 -22.76 31.82 2.47
CA PRO F 623 -22.90 32.98 1.60
C PRO F 623 -21.78 34.00 1.79
N ASP F 624 -21.38 34.63 0.69
CA ASP F 624 -20.35 35.67 0.70
C ASP F 624 -20.96 36.98 1.19
N VAL F 625 -20.17 38.07 1.14
CA VAL F 625 -20.40 39.25 1.98
C VAL F 625 -21.70 39.98 1.61
N LYS F 626 -21.99 40.11 0.31
CA LYS F 626 -23.28 40.68 -0.10
C LYS F 626 -24.40 39.69 0.14
N ALA F 627 -24.15 38.40 -0.13
CA ALA F 627 -25.17 37.38 0.08
C ALA F 627 -25.41 37.12 1.56
N ARG F 628 -24.36 37.20 2.39
CA ARG F 628 -24.60 37.03 3.82
C ARG F 628 -25.22 38.27 4.43
N PHE F 629 -24.94 39.45 3.85
CA PHE F 629 -25.68 40.66 4.21
C PHE F 629 -27.16 40.50 3.93
N LYS F 630 -27.50 39.98 2.74
CA LYS F 630 -28.89 39.80 2.36
C LYS F 630 -29.57 38.73 3.20
N ILE F 631 -28.86 37.66 3.55
CA ILE F 631 -29.51 36.62 4.35
C ILE F 631 -29.64 37.06 5.81
N LEU F 632 -28.76 37.96 6.29
CA LEU F 632 -28.95 38.51 7.62
C LEU F 632 -30.10 39.50 7.64
N GLN F 633 -30.36 40.17 6.51
CA GLN F 633 -31.59 40.95 6.39
C GLN F 633 -32.81 40.05 6.37
N ILE F 634 -32.72 38.90 5.69
CA ILE F 634 -33.90 38.06 5.45
C ILE F 634 -34.31 37.35 6.74
N GLN F 635 -33.36 36.81 7.50
CA GLN F 635 -33.71 36.11 8.74
C GLN F 635 -34.19 37.03 9.86
N THR F 636 -34.03 38.35 9.72
CA THR F 636 -34.27 39.23 10.86
C THR F 636 -35.36 40.26 10.54
N ARG F 637 -36.48 39.81 9.99
CA ARG F 637 -37.61 40.70 9.69
C ARG F 637 -38.86 40.40 10.50
N LYS F 638 -39.10 39.15 10.89
CA LYS F 638 -40.36 38.75 11.49
C LYS F 638 -40.40 38.96 13.00
N TRP F 639 -39.49 39.76 13.56
CA TRP F 639 -39.46 39.98 14.99
C TRP F 639 -40.49 41.05 15.39
N SER F 640 -40.59 41.31 16.69
CA SER F 640 -41.58 42.25 17.18
C SER F 640 -41.19 43.69 16.88
N SER F 641 -40.01 44.10 17.30
CA SER F 641 -39.51 45.45 17.04
C SER F 641 -38.50 45.39 15.91
N PRO F 642 -38.72 46.10 14.80
CA PRO F 642 -37.73 46.10 13.72
C PRO F 642 -36.48 46.88 14.09
N LEU F 643 -35.36 46.17 14.25
CA LEU F 643 -34.10 46.82 14.60
C LEU F 643 -33.54 47.58 13.40
N SER F 644 -32.57 48.43 13.70
CA SER F 644 -32.06 49.37 12.70
C SER F 644 -31.21 48.66 11.66
N THR F 645 -31.09 49.32 10.50
CA THR F 645 -30.37 48.73 9.37
C THR F 645 -28.87 48.66 9.64
N ASN F 646 -28.32 49.68 10.31
CA ASN F 646 -26.90 49.68 10.61
C ASN F 646 -26.53 48.65 11.68
N PHE F 647 -27.47 48.25 12.53
CA PHE F 647 -27.21 47.20 13.51
C PHE F 647 -26.97 45.85 12.82
N ILE F 648 -27.86 45.47 11.89
CA ILE F 648 -27.68 44.22 11.16
C ILE F 648 -26.57 44.37 10.12
N ASP F 649 -26.22 45.61 9.75
CA ASP F 649 -25.08 45.82 8.86
C ASP F 649 -23.77 45.58 9.61
N LYS F 650 -23.66 46.08 10.84
CA LYS F 650 -22.46 45.84 11.65
C LYS F 650 -22.37 44.39 12.07
N LEU F 651 -23.52 43.74 12.33
CA LEU F 651 -23.53 42.31 12.57
C LEU F 651 -23.49 41.50 11.28
N ALA F 652 -23.49 42.14 10.12
CA ALA F 652 -23.24 41.50 8.84
C ALA F 652 -21.87 41.84 8.29
N PHE F 653 -21.10 42.66 8.99
CA PHE F 653 -19.69 42.90 8.70
C PHE F 653 -18.78 41.90 9.42
N LEU F 654 -19.29 40.71 9.73
CA LEU F 654 -18.55 39.68 10.40
C LEU F 654 -17.44 39.13 9.51
N THR F 655 -16.41 38.56 10.16
CA THR F 655 -15.27 37.99 9.46
C THR F 655 -15.10 36.50 9.70
N LYS F 656 -15.91 35.90 10.57
CA LYS F 656 -15.85 34.46 10.81
C LYS F 656 -16.86 33.77 9.91
N GLY F 657 -17.10 32.48 10.12
CA GLY F 657 -17.92 31.70 9.22
C GLY F 657 -19.39 31.56 9.56
N TYR F 658 -20.13 32.66 9.66
CA TYR F 658 -21.57 32.62 9.87
C TYR F 658 -22.28 32.91 8.54
N GLY F 659 -23.59 32.63 8.52
CA GLY F 659 -24.38 32.95 7.36
C GLY F 659 -25.51 32.00 6.99
N GLY F 660 -25.60 30.85 7.64
CA GLY F 660 -26.69 29.94 7.35
C GLY F 660 -27.61 29.74 8.54
N ALA F 661 -27.64 28.51 9.07
CA ALA F 661 -28.23 28.26 10.38
C ALA F 661 -27.28 28.62 11.52
N ASP F 662 -26.07 29.08 11.18
CA ASP F 662 -25.10 29.48 12.18
C ASP F 662 -25.52 30.79 12.85
N LEU F 663 -26.28 31.63 12.15
CA LEU F 663 -26.74 32.88 12.75
C LEU F 663 -27.82 32.62 13.80
N ARG F 664 -28.63 31.58 13.63
CA ARG F 664 -29.64 31.25 14.63
C ARG F 664 -29.00 30.71 15.90
N SER F 665 -27.98 29.86 15.75
CA SER F 665 -27.23 29.40 16.91
C SER F 665 -26.45 30.53 17.56
N LEU F 666 -25.98 31.48 16.74
CA LEU F 666 -25.34 32.68 17.26
C LEU F 666 -26.30 33.53 18.06
N CYS F 667 -27.55 33.63 17.59
CA CYS F 667 -28.56 34.37 18.35
C CYS F 667 -28.92 33.67 19.65
N THR F 668 -28.91 32.32 19.67
CA THR F 668 -29.18 31.62 20.92
C THR F 668 -28.07 31.84 21.94
N GLU F 669 -26.81 31.71 21.50
CA GLU F 669 -25.71 31.92 22.46
C GLU F 669 -25.59 33.38 22.86
N ALA F 670 -25.91 34.30 21.95
CA ALA F 670 -25.93 35.72 22.30
C ALA F 670 -27.05 36.04 23.28
N ALA F 671 -28.19 35.37 23.12
CA ALA F 671 -29.30 35.55 24.05
C ALA F 671 -28.95 35.05 25.44
N LEU F 672 -28.34 33.86 25.52
CA LEU F 672 -28.00 33.31 26.82
C LEU F 672 -26.86 34.07 27.47
N ILE F 673 -25.91 34.62 26.70
CA ILE F 673 -24.89 35.43 27.36
C ILE F 673 -25.40 36.83 27.71
N SER F 674 -26.46 37.31 27.04
CA SER F 674 -27.09 38.53 27.54
C SER F 674 -27.84 38.27 28.83
N ILE F 675 -28.39 37.07 29.01
CA ILE F 675 -28.93 36.71 30.33
C ILE F 675 -27.79 36.53 31.33
N GLN F 676 -26.61 36.07 30.88
CA GLN F 676 -25.44 35.95 31.76
C GLN F 676 -25.00 37.32 32.26
N ARG F 677 -25.00 38.33 31.38
CA ARG F 677 -24.63 39.68 31.79
C ARG F 677 -25.74 40.34 32.60
N SER F 678 -26.99 40.09 32.24
CA SER F 678 -28.12 40.79 32.86
C SER F 678 -28.38 40.28 34.27
N PHE F 679 -28.53 38.97 34.44
CA PHE F 679 -28.84 38.38 35.73
C PHE F 679 -27.90 37.20 35.99
N PRO F 680 -26.85 37.40 36.80
CA PRO F 680 -25.90 36.32 37.06
C PRO F 680 -26.22 35.44 38.27
N GLN F 681 -27.14 35.85 39.16
CA GLN F 681 -27.31 35.13 40.41
C GLN F 681 -28.19 33.89 40.24
N ILE F 682 -29.11 33.88 39.26
CA ILE F 682 -30.02 32.76 39.12
C ILE F 682 -29.35 31.54 38.51
N TYR F 683 -28.17 31.71 37.90
CA TYR F 683 -27.44 30.60 37.32
C TYR F 683 -26.50 29.93 38.32
N ARG F 684 -26.08 30.65 39.36
CA ARG F 684 -25.18 30.11 40.37
C ARG F 684 -25.90 29.73 41.66
N SER F 685 -26.74 30.61 42.18
CA SER F 685 -27.49 30.34 43.40
C SER F 685 -28.68 29.44 43.08
N ASN F 686 -29.08 28.64 44.07
CA ASN F 686 -30.22 27.74 43.96
C ASN F 686 -31.50 28.37 44.47
N ASP F 687 -31.64 29.69 44.33
CA ASP F 687 -32.84 30.39 44.77
C ASP F 687 -34.04 29.96 43.94
N LYS F 688 -35.22 30.06 44.54
CA LYS F 688 -36.45 29.54 43.93
C LYS F 688 -36.99 30.53 42.93
N LEU F 689 -36.36 30.55 41.74
CA LEU F 689 -36.88 31.13 40.50
C LEU F 689 -37.12 32.65 40.63
N LEU F 690 -36.01 33.35 40.78
CA LEU F 690 -36.01 34.82 40.69
C LEU F 690 -36.20 35.21 39.23
N VAL F 691 -37.37 35.75 38.91
CA VAL F 691 -37.80 35.96 37.53
C VAL F 691 -37.93 37.45 37.27
N ASP F 692 -37.38 37.92 36.14
CA ASP F 692 -37.59 39.28 35.65
C ASP F 692 -37.78 39.17 34.14
N PRO F 693 -39.03 39.12 33.67
CA PRO F 693 -39.26 38.93 32.23
C PRO F 693 -39.49 40.22 31.45
N SER F 694 -39.02 40.21 30.20
CA SER F 694 -39.31 41.21 29.16
C SER F 694 -38.87 42.63 29.54
N LYS F 695 -37.93 42.78 30.47
CA LYS F 695 -37.38 44.08 30.81
C LYS F 695 -35.92 44.20 30.40
N ILE F 696 -35.46 43.38 29.46
CA ILE F 696 -34.06 43.23 29.12
C ILE F 696 -33.88 43.49 27.63
N LYS F 697 -32.96 44.40 27.29
CA LYS F 697 -32.58 44.65 25.90
C LYS F 697 -31.08 44.43 25.75
N VAL F 698 -30.70 43.79 24.66
CA VAL F 698 -29.31 43.41 24.44
C VAL F 698 -28.58 44.54 23.70
N LYS F 699 -27.33 44.79 24.08
CA LYS F 699 -26.53 45.85 23.48
C LYS F 699 -25.65 45.25 22.38
N VAL F 700 -24.73 46.06 21.86
CA VAL F 700 -23.89 45.63 20.75
C VAL F 700 -22.63 44.89 21.25
N SER F 701 -22.18 45.17 22.48
CA SER F 701 -21.00 44.50 22.99
C SER F 701 -21.27 43.04 23.32
N ASP F 702 -22.49 42.72 23.78
CA ASP F 702 -22.84 41.33 24.06
C ASP F 702 -22.98 40.53 22.78
N PHE F 703 -23.46 41.17 21.70
CA PHE F 703 -23.44 40.54 20.39
C PHE F 703 -22.03 40.44 19.83
N MET F 704 -21.12 41.32 20.26
CA MET F 704 -19.79 41.35 19.68
C MET F 704 -18.78 40.48 20.41
N LEU F 705 -18.95 40.27 21.72
CA LEU F 705 -18.19 39.23 22.40
C LEU F 705 -18.78 37.84 22.21
N ALA F 706 -19.85 37.73 21.40
CA ALA F 706 -20.48 36.47 21.05
C ALA F 706 -19.83 35.81 19.84
N LEU F 707 -18.58 36.12 19.53
CA LEU F 707 -17.88 35.52 18.40
C LEU F 707 -16.69 34.68 18.86
N LYS F 708 -16.79 34.07 20.05
CA LYS F 708 -15.70 33.28 20.58
C LYS F 708 -16.04 31.82 20.82
N LYS F 709 -17.33 31.45 20.88
CA LYS F 709 -17.73 30.13 21.35
C LYS F 709 -18.53 29.32 20.34
N ILE F 710 -18.36 29.55 19.04
CA ILE F 710 -19.09 28.79 18.04
C ILE F 710 -18.21 27.73 17.39
N VAL F 711 -16.97 28.12 17.07
CA VAL F 711 -15.93 27.38 16.33
C VAL F 711 -16.50 26.62 15.13
N PRO F 712 -16.82 27.34 14.03
CA PRO F 712 -17.43 26.67 12.87
C PRO F 712 -16.44 25.90 12.02
N SER F 713 -16.89 25.38 10.89
CA SER F 713 -16.08 24.52 10.03
C SER F 713 -15.69 25.17 8.70
N SER F 714 -16.14 26.40 8.43
CA SER F 714 -15.82 27.04 7.16
C SER F 714 -14.39 27.55 7.13
N ALA F 715 -13.86 27.97 8.28
CA ALA F 715 -12.50 28.47 8.39
C ALA F 715 -11.72 27.65 9.41
N ARG F 716 -11.84 26.33 9.34
CA ARG F 716 -11.23 25.43 10.30
C ARG F 716 -10.19 24.50 9.69
N SER F 717 -10.49 23.86 8.57
CA SER F 717 -9.65 22.78 8.07
C SER F 717 -8.54 23.29 7.16
N THR F 718 -8.90 23.90 6.03
CA THR F 718 -7.92 24.31 5.04
C THR F 718 -8.08 25.74 4.53
N GLY F 719 -9.31 26.27 4.48
CA GLY F 719 -9.58 27.51 3.80
C GLY F 719 -9.04 28.77 4.45
N SER F 720 -8.03 29.36 3.85
CA SER F 720 -7.53 30.68 4.23
C SER F 720 -8.31 31.71 3.41
N SER F 721 -9.25 32.38 4.05
CA SER F 721 -10.17 33.25 3.33
C SER F 721 -9.47 34.55 2.92
N PRO F 722 -9.52 34.93 1.64
CA PRO F 722 -8.98 36.23 1.24
C PRO F 722 -9.88 37.35 1.69
N GLN F 723 -9.47 38.05 2.72
CA GLN F 723 -10.25 39.10 3.38
C GLN F 723 -9.90 40.45 2.81
N PRO F 724 -10.72 41.48 3.04
CA PRO F 724 -10.32 42.85 2.65
C PRO F 724 -9.13 43.37 3.45
N LEU F 725 -8.68 44.55 3.08
CA LEU F 725 -7.50 45.13 3.71
C LEU F 725 -7.84 45.55 5.13
N PRO F 726 -7.03 45.20 6.13
CA PRO F 726 -7.40 45.45 7.52
C PRO F 726 -7.45 46.93 7.86
N GLU F 727 -8.22 47.24 8.91
CA GLU F 727 -8.62 48.63 9.17
C GLU F 727 -7.47 49.45 9.73
N LEU F 728 -6.50 48.83 10.39
CA LEU F 728 -5.37 49.60 10.91
C LEU F 728 -4.42 50.01 9.79
N ILE F 729 -3.97 49.03 9.00
CA ILE F 729 -2.94 49.29 7.99
C ILE F 729 -3.47 49.88 6.71
N LYS F 730 -4.79 50.06 6.60
CA LYS F 730 -5.39 50.56 5.37
C LYS F 730 -4.86 51.92 4.89
N PRO F 731 -4.65 52.95 5.73
CA PRO F 731 -4.00 54.17 5.23
C PRO F 731 -2.56 53.98 4.75
N LEU F 732 -1.92 52.88 5.06
CA LEU F 732 -0.59 52.63 4.51
C LEU F 732 -0.64 52.07 3.10
N LEU F 733 -1.76 51.47 2.68
CA LEU F 733 -1.76 50.72 1.43
C LEU F 733 -2.88 51.05 0.48
N ALA F 734 -4.01 51.60 0.94
CA ALA F 734 -5.20 51.81 0.12
C ALA F 734 -4.99 52.79 -1.02
N ASP F 735 -3.93 53.60 -0.98
CA ASP F 735 -3.51 54.33 -2.18
C ASP F 735 -2.99 53.36 -3.23
N GLN F 736 -1.89 52.66 -2.92
CA GLN F 736 -1.21 51.83 -3.90
C GLN F 736 -1.83 50.45 -4.03
N LEU F 737 -3.01 50.25 -3.47
CA LEU F 737 -3.87 49.15 -3.89
C LEU F 737 -4.82 49.59 -4.99
N ASN F 738 -5.33 50.83 -4.89
CA ASN F 738 -6.37 51.31 -5.80
C ASN F 738 -5.87 51.39 -7.24
N ASN F 739 -4.67 51.98 -7.42
CA ASN F 739 -3.98 51.97 -8.71
C ASN F 739 -3.84 50.56 -9.25
N LEU F 740 -3.48 49.63 -8.36
CA LEU F 740 -3.34 48.24 -8.73
C LEU F 740 -4.68 47.66 -9.17
N LYS F 741 -5.75 48.02 -8.48
CA LYS F 741 -7.10 47.61 -8.89
C LYS F 741 -7.44 48.17 -10.26
N ASN F 742 -7.01 49.42 -10.52
CA ASN F 742 -7.25 50.03 -11.82
C ASN F 742 -6.53 49.27 -12.91
N LYS F 743 -5.34 48.74 -12.60
CA LYS F 743 -4.63 47.91 -13.56
C LYS F 743 -5.42 46.65 -13.85
N LEU F 744 -5.99 46.04 -12.83
CA LEU F 744 -6.80 44.86 -13.05
C LEU F 744 -8.18 45.20 -13.59
N ASP F 745 -8.53 46.48 -13.68
CA ASP F 745 -9.73 46.87 -14.41
C ASP F 745 -9.42 47.22 -15.85
N TYR F 746 -8.15 47.44 -16.19
CA TYR F 746 -7.78 47.67 -17.58
C TYR F 746 -7.34 46.40 -18.28
N MET F 747 -7.01 45.37 -17.52
CA MET F 747 -6.45 44.13 -18.02
C MET F 747 -7.49 43.02 -18.12
N LEU F 748 -8.45 42.97 -17.21
CA LEU F 748 -9.43 41.90 -17.17
C LEU F 748 -10.83 42.35 -17.57
N ASN F 749 -11.03 43.65 -17.81
CA ASN F 749 -12.30 44.25 -18.25
C ASN F 749 -13.45 43.95 -17.30
N ILE F 750 -13.31 44.44 -16.07
CA ILE F 750 -14.33 44.20 -15.05
C ILE F 750 -15.36 45.30 -15.02
N LYS F 751 -14.94 46.56 -15.18
CA LYS F 751 -15.86 47.68 -15.03
C LYS F 751 -16.72 47.92 -16.26
N ASP F 752 -16.22 47.58 -17.44
CA ASP F 752 -16.87 47.94 -18.70
C ASP F 752 -17.53 46.75 -19.39
N THR F 753 -17.76 45.65 -18.68
CA THR F 753 -18.38 44.48 -19.30
C THR F 753 -19.89 44.49 -19.02
N THR F 754 -20.54 45.49 -19.61
CA THR F 754 -22.00 45.52 -19.58
C THR F 754 -22.58 44.59 -20.64
N PHE F 755 -21.90 44.47 -21.77
CA PHE F 755 -22.21 43.43 -22.75
C PHE F 755 -21.70 42.11 -22.22
N GLN F 756 -22.61 41.14 -22.04
CA GLN F 756 -22.34 39.80 -21.52
C GLN F 756 -21.67 39.84 -20.14
N ARG F 757 -22.42 40.41 -19.20
CA ARG F 757 -21.98 40.42 -17.81
C ARG F 757 -22.07 39.02 -17.19
N ASN F 758 -23.19 38.33 -17.46
CA ASN F 758 -23.41 36.91 -17.12
C ASN F 758 -23.32 36.65 -15.61
N THR F 759 -24.25 37.25 -14.88
CA THR F 759 -24.51 36.89 -13.49
C THR F 759 -25.87 36.22 -13.34
N SER F 760 -26.92 36.87 -13.81
CA SER F 760 -28.24 36.27 -13.94
C SER F 760 -28.63 36.26 -15.41
N LEU F 761 -29.71 35.55 -15.73
CA LEU F 761 -30.16 35.43 -17.11
C LEU F 761 -31.64 35.73 -17.31
N LEU F 762 -32.47 35.50 -16.30
CA LEU F 762 -33.91 35.68 -16.47
C LEU F 762 -34.30 37.15 -16.44
N GLN F 763 -33.70 37.93 -15.54
CA GLN F 763 -34.06 39.34 -15.41
C GLN F 763 -33.60 40.15 -16.62
N ASN F 764 -32.56 39.71 -17.31
CA ASN F 764 -32.18 40.36 -18.56
C ASN F 764 -33.19 40.08 -19.66
N PHE F 765 -33.88 38.95 -19.61
CA PHE F 765 -34.99 38.72 -20.53
C PHE F 765 -36.25 39.43 -20.09
N ILE F 766 -36.34 39.80 -18.81
CA ILE F 766 -37.47 40.60 -18.35
C ILE F 766 -37.29 42.07 -18.78
N ASP F 767 -36.08 42.61 -18.64
CA ASP F 767 -35.87 44.04 -18.79
C ASP F 767 -35.75 44.48 -20.26
N TYR F 768 -35.27 43.63 -21.15
CA TYR F 768 -35.08 44.06 -22.53
C TYR F 768 -35.26 42.87 -23.46
N GLU F 769 -35.57 43.17 -24.73
CA GLU F 769 -36.02 42.14 -25.66
C GLU F 769 -35.45 42.27 -27.06
N GLU F 770 -34.53 43.20 -27.28
CA GLU F 770 -33.99 43.46 -28.61
C GLU F 770 -32.86 42.49 -28.92
N TYR F 771 -32.16 42.74 -30.04
CA TYR F 771 -31.08 41.88 -30.49
C TYR F 771 -29.84 42.01 -29.59
N SER F 788 -26.46 39.29 -41.34
CA SER F 788 -27.71 39.49 -40.61
C SER F 788 -27.52 39.20 -39.12
N SER F 789 -27.72 37.94 -38.73
CA SER F 789 -27.56 37.51 -37.35
C SER F 789 -26.51 36.43 -37.19
N PHE F 790 -25.79 36.09 -38.26
CA PHE F 790 -24.72 35.10 -38.22
C PHE F 790 -23.34 35.74 -38.17
N ARG F 791 -23.10 36.74 -39.01
CA ARG F 791 -21.81 37.43 -39.02
C ARG F 791 -21.73 38.49 -37.93
N SER F 792 -22.86 39.12 -37.59
CA SER F 792 -22.84 40.22 -36.64
C SER F 792 -22.53 39.76 -35.23
N TYR F 793 -22.95 38.54 -34.87
CA TYR F 793 -22.53 38.00 -33.58
C TYR F 793 -21.07 37.55 -33.62
N GLU F 794 -20.65 36.96 -34.74
CA GLU F 794 -19.30 36.44 -34.88
C GLU F 794 -18.26 37.55 -34.92
N PHE F 795 -18.64 38.77 -35.30
CA PHE F 795 -17.72 39.89 -35.29
C PHE F 795 -17.62 40.52 -33.90
N PHE F 796 -18.74 40.79 -33.27
CA PHE F 796 -18.72 41.50 -32.00
C PHE F 796 -18.31 40.61 -30.84
N GLU F 797 -18.62 39.31 -30.89
CA GLU F 797 -18.12 38.41 -29.85
C GLU F 797 -16.63 38.16 -29.99
N SER F 798 -16.09 38.27 -31.21
CA SER F 798 -14.67 38.10 -31.43
C SER F 798 -13.88 39.37 -31.16
N MET F 799 -14.51 40.53 -31.27
CA MET F 799 -13.86 41.77 -30.84
C MET F 799 -14.10 42.09 -29.38
N ALA F 800 -15.06 41.43 -28.73
CA ALA F 800 -15.19 41.55 -27.29
C ALA F 800 -14.29 40.57 -26.55
N GLU F 801 -14.03 39.41 -27.13
CA GLU F 801 -13.10 38.45 -26.55
C GLU F 801 -11.65 38.76 -26.89
N SER F 802 -11.41 39.73 -27.76
CA SER F 802 -10.06 40.17 -28.09
C SER F 802 -9.54 41.25 -27.15
N GLN F 803 -10.27 41.56 -26.10
CA GLN F 803 -9.84 42.58 -25.16
C GLN F 803 -9.00 42.01 -24.03
N ILE F 804 -8.88 40.69 -23.96
CA ILE F 804 -7.94 40.03 -23.06
C ILE F 804 -6.86 39.41 -23.93
N CYS F 805 -5.61 39.81 -23.73
CA CYS F 805 -4.52 39.33 -24.57
C CYS F 805 -3.61 38.34 -23.86
N LYS F 806 -3.05 38.70 -22.72
CA LYS F 806 -2.25 37.83 -21.88
C LYS F 806 -2.25 38.43 -20.50
N PRO F 807 -3.27 38.16 -19.69
CA PRO F 807 -3.39 38.86 -18.40
C PRO F 807 -2.36 38.38 -17.39
N ARG F 808 -1.36 39.22 -17.16
CA ARG F 808 -0.25 38.89 -16.27
C ARG F 808 0.03 40.08 -15.37
N LEU F 809 0.50 39.81 -14.17
CA LEU F 809 0.84 40.86 -13.23
C LEU F 809 1.88 40.34 -12.25
N LEU F 810 2.83 41.20 -11.90
CA LEU F 810 3.87 40.86 -10.93
C LEU F 810 4.05 42.03 -10.00
N ILE F 811 3.58 41.89 -8.77
CA ILE F 811 3.74 42.91 -7.74
C ILE F 811 5.05 42.63 -7.02
N ASN F 812 5.96 43.60 -7.02
CA ASN F 812 7.29 43.40 -6.49
C ASN F 812 7.70 44.63 -5.68
N GLY F 813 7.99 44.43 -4.41
CA GLY F 813 8.43 45.51 -3.56
C GLY F 813 9.54 45.08 -2.63
N PRO F 814 9.89 45.91 -1.66
CA PRO F 814 10.90 45.53 -0.68
C PRO F 814 10.38 44.48 0.29
N LYS F 815 11.31 43.98 1.11
CA LYS F 815 11.02 42.87 2.02
C LYS F 815 10.09 43.32 3.13
N GLY F 816 8.91 42.71 3.21
CA GLY F 816 7.96 43.02 4.25
C GLY F 816 7.05 44.19 3.98
N ASN F 817 6.87 44.57 2.72
CA ASN F 817 6.08 45.76 2.38
C ASN F 817 4.62 45.43 2.13
N GLY F 818 4.01 44.67 3.04
CA GLY F 818 2.59 44.43 3.01
C GLY F 818 2.08 43.60 1.86
N GLN F 819 2.84 42.61 1.40
CA GLN F 819 2.40 41.79 0.27
C GLN F 819 1.31 40.80 0.67
N GLN F 820 1.36 40.29 1.89
CA GLN F 820 0.38 39.32 2.37
C GLN F 820 -1.00 39.93 2.56
N TYR F 821 -1.10 41.26 2.60
CA TYR F 821 -2.36 41.97 2.62
C TYR F 821 -2.83 42.38 1.23
N VAL F 822 -1.88 42.75 0.37
CA VAL F 822 -2.20 43.15 -1.00
C VAL F 822 -2.77 41.97 -1.79
N GLY F 823 -2.17 40.79 -1.60
CA GLY F 823 -2.68 39.60 -2.29
C GLY F 823 -4.07 39.20 -1.82
N ALA F 824 -4.33 39.31 -0.52
CA ALA F 824 -5.65 38.99 0.01
C ALA F 824 -6.69 40.01 -0.44
N ALA F 825 -6.32 41.29 -0.52
CA ALA F 825 -7.25 42.31 -0.98
C ALA F 825 -7.57 42.16 -2.46
N ILE F 826 -6.58 41.73 -3.25
CA ILE F 826 -6.83 41.51 -4.67
C ILE F 826 -7.72 40.29 -4.88
N LEU F 827 -7.42 39.19 -4.18
CA LEU F 827 -8.24 38.00 -4.31
C LEU F 827 -9.63 38.17 -3.72
N ASN F 828 -9.83 39.16 -2.84
CA ASN F 828 -11.19 39.56 -2.47
C ASN F 828 -11.83 40.42 -3.55
N TYR F 829 -11.04 41.24 -4.23
CA TYR F 829 -11.59 42.06 -5.32
C TYR F 829 -11.99 41.21 -6.51
N LEU F 830 -11.22 40.17 -6.82
CA LEU F 830 -11.57 39.23 -7.88
C LEU F 830 -12.32 38.03 -7.32
N GLU F 831 -13.40 38.28 -6.58
CA GLU F 831 -14.13 37.19 -5.95
C GLU F 831 -15.03 36.45 -6.91
N GLU F 832 -15.31 37.01 -8.09
CA GLU F 832 -16.08 36.30 -9.10
C GLU F 832 -15.24 35.32 -9.89
N PHE F 833 -13.92 35.33 -9.72
CA PHE F 833 -13.03 34.47 -10.47
C PHE F 833 -12.94 33.11 -9.80
N ASN F 834 -12.01 32.28 -10.26
CA ASN F 834 -11.76 30.96 -9.67
C ASN F 834 -10.28 30.90 -9.33
N VAL F 835 -9.96 31.10 -8.06
CA VAL F 835 -8.58 31.24 -7.61
C VAL F 835 -7.97 29.86 -7.43
N GLN F 836 -6.83 29.63 -8.08
CA GLN F 836 -6.04 28.42 -7.91
C GLN F 836 -4.72 28.82 -7.27
N ASN F 837 -4.61 28.58 -5.97
CA ASN F 837 -3.36 28.86 -5.27
C ASN F 837 -2.29 27.88 -5.70
N LEU F 838 -1.09 28.41 -5.95
CA LEU F 838 0.05 27.57 -6.31
C LEU F 838 1.19 27.80 -5.33
N ASP F 839 0.87 28.20 -4.10
CA ASP F 839 1.89 28.33 -3.08
C ASP F 839 2.36 26.96 -2.61
N LEU F 840 3.40 26.97 -1.78
CA LEU F 840 4.05 25.73 -1.40
C LEU F 840 3.21 24.94 -0.41
N ALA F 841 2.43 25.63 0.41
CA ALA F 841 1.61 24.94 1.42
C ALA F 841 0.45 24.16 0.81
N SER F 842 0.07 24.44 -0.44
CA SER F 842 -1.00 23.71 -1.09
C SER F 842 -0.52 22.60 -2.00
N LEU F 843 0.74 22.62 -2.42
CA LEU F 843 1.27 21.58 -3.30
C LEU F 843 1.90 20.43 -2.52
N VAL F 844 2.63 20.73 -1.44
CA VAL F 844 3.25 19.68 -0.64
C VAL F 844 2.32 19.12 0.43
N SER F 845 1.09 19.63 0.51
CA SER F 845 0.14 19.14 1.52
C SER F 845 -0.30 17.71 1.21
N GLU F 846 -0.81 17.47 0.01
CA GLU F 846 -1.24 16.15 -0.39
C GLU F 846 -0.01 15.31 -0.70
N SER F 847 0.12 14.16 -0.03
CA SER F 847 1.32 13.34 -0.13
C SER F 847 1.28 12.33 -1.28
N SER F 848 0.11 12.10 -1.88
CA SER F 848 0.04 11.12 -2.96
C SER F 848 0.53 11.72 -4.28
N ARG F 849 0.00 12.87 -4.66
CA ARG F 849 0.39 13.51 -5.91
C ARG F 849 1.75 14.17 -5.78
N THR F 850 2.53 14.13 -6.86
CA THR F 850 3.76 14.89 -6.93
C THR F 850 3.45 16.37 -7.17
N ILE F 851 4.51 17.18 -7.16
CA ILE F 851 4.33 18.62 -7.31
C ILE F 851 3.96 18.96 -8.76
N GLU F 852 4.48 18.20 -9.72
CA GLU F 852 4.15 18.39 -11.13
C GLU F 852 2.67 18.11 -11.37
N ALA F 853 2.16 17.03 -10.79
CA ALA F 853 0.76 16.67 -10.97
C ALA F 853 -0.17 17.66 -10.29
N ALA F 854 0.24 18.21 -9.15
CA ALA F 854 -0.58 19.20 -8.47
C ALA F 854 -0.62 20.50 -9.24
N VAL F 855 0.52 20.91 -9.83
CA VAL F 855 0.55 22.13 -10.62
C VAL F 855 -0.24 21.97 -11.92
N VAL F 856 -0.14 20.80 -12.56
CA VAL F 856 -0.88 20.54 -13.79
C VAL F 856 -2.38 20.47 -13.51
N GLN F 857 -2.77 19.85 -12.39
CA GLN F 857 -4.19 19.79 -12.04
C GLN F 857 -4.74 21.16 -11.65
N SER F 858 -3.93 21.99 -11.00
CA SER F 858 -4.36 23.34 -10.68
C SER F 858 -4.55 24.18 -11.93
N PHE F 859 -3.62 24.05 -12.89
CA PHE F 859 -3.75 24.80 -14.14
C PHE F 859 -4.91 24.30 -14.98
N MET F 860 -5.19 23.00 -14.96
CA MET F 860 -6.33 22.48 -15.70
C MET F 860 -7.65 22.84 -15.07
N GLU F 861 -7.70 22.95 -13.74
CA GLU F 861 -8.90 23.46 -13.09
C GLU F 861 -9.07 24.96 -13.29
N ALA F 862 -7.97 25.69 -13.49
CA ALA F 862 -8.09 27.08 -13.89
C ALA F 862 -8.54 27.22 -15.34
N LYS F 863 -8.16 26.28 -16.20
CA LYS F 863 -8.57 26.32 -17.60
C LYS F 863 -10.01 25.88 -17.77
N LYS F 864 -10.51 25.00 -16.89
CA LYS F 864 -11.87 24.48 -17.06
C LYS F 864 -12.92 25.54 -16.75
N ARG F 865 -12.80 26.19 -15.60
CA ARG F 865 -13.66 27.32 -15.24
C ARG F 865 -12.91 28.58 -15.61
N GLN F 866 -13.31 29.20 -16.72
CA GLN F 866 -12.42 30.02 -17.53
C GLN F 866 -11.99 31.35 -16.91
N PRO F 867 -12.86 32.17 -16.24
CA PRO F 867 -12.29 33.30 -15.49
C PRO F 867 -11.58 32.82 -14.23
N SER F 868 -10.26 32.79 -14.27
CA SER F 868 -9.48 32.19 -13.20
C SER F 868 -8.26 33.06 -12.89
N VAL F 869 -7.76 32.89 -11.68
CA VAL F 869 -6.54 33.56 -11.22
C VAL F 869 -5.61 32.47 -10.71
N VAL F 870 -4.56 32.18 -11.46
CA VAL F 870 -3.48 31.35 -10.95
C VAL F 870 -2.60 32.23 -10.08
N PHE F 871 -2.54 31.91 -8.79
CA PHE F 871 -1.99 32.80 -7.78
C PHE F 871 -0.74 32.17 -7.19
N ILE F 872 0.41 32.82 -7.40
CA ILE F 872 1.67 32.34 -6.83
C ILE F 872 2.18 33.39 -5.84
N PRO F 873 1.84 33.28 -4.56
CA PRO F 873 2.44 34.19 -3.57
C PRO F 873 3.84 33.72 -3.19
N ASN F 874 4.65 34.69 -2.75
CA ASN F 874 6.04 34.50 -2.32
C ASN F 874 6.87 33.88 -3.45
N LEU F 875 6.99 34.65 -4.54
CA LEU F 875 7.61 34.15 -5.76
C LEU F 875 9.11 33.98 -5.62
N ASP F 876 9.77 34.81 -4.81
CA ASP F 876 11.22 34.67 -4.63
C ASP F 876 11.57 33.40 -3.89
N ILE F 877 10.69 32.94 -2.99
CA ILE F 877 10.85 31.62 -2.39
C ILE F 877 10.44 30.54 -3.38
N TRP F 878 9.44 30.84 -4.19
CA TRP F 878 8.85 29.86 -5.11
C TRP F 878 9.79 29.51 -6.26
N ILE F 879 10.70 30.40 -6.63
CA ILE F 879 11.63 30.10 -7.72
C ILE F 879 12.89 29.45 -7.18
N ASN F 880 12.90 29.15 -5.88
CA ASN F 880 14.00 28.41 -5.26
C ASN F 880 13.59 27.06 -4.71
N THR F 881 12.42 26.95 -4.09
CA THR F 881 12.00 25.65 -3.56
C THR F 881 11.45 24.75 -4.66
N ILE F 882 10.64 25.29 -5.56
CA ILE F 882 10.06 24.49 -6.64
C ILE F 882 11.16 24.12 -7.63
N PRO F 883 11.30 22.86 -8.01
CA PRO F 883 12.32 22.48 -8.99
C PRO F 883 11.99 23.05 -10.36
N GLU F 884 13.03 23.26 -11.16
CA GLU F 884 12.88 23.97 -12.42
C GLU F 884 12.07 23.21 -13.46
N ASN F 885 11.89 21.90 -13.26
CA ASN F 885 11.00 21.12 -14.12
C ASN F 885 9.56 21.61 -14.01
N VAL F 886 9.10 21.92 -12.80
CA VAL F 886 7.73 22.35 -12.62
C VAL F 886 7.53 23.77 -13.15
N ILE F 887 8.55 24.62 -13.05
CA ILE F 887 8.48 25.97 -13.61
C ILE F 887 8.42 25.90 -15.13
N LEU F 888 9.21 25.01 -15.73
CA LEU F 888 9.16 24.86 -17.19
C LEU F 888 7.86 24.23 -17.66
N VAL F 889 7.28 23.32 -16.88
CA VAL F 889 5.98 22.75 -17.22
C VAL F 889 4.87 23.80 -17.13
N LEU F 890 4.91 24.65 -16.11
CA LEU F 890 3.92 25.73 -16.00
C LEU F 890 4.10 26.78 -17.08
N SER F 891 5.34 27.03 -17.50
CA SER F 891 5.56 27.97 -18.60
C SER F 891 5.08 27.39 -19.93
N GLY F 892 5.28 26.09 -20.15
CA GLY F 892 4.74 25.47 -21.33
C GLY F 892 3.22 25.39 -21.33
N LEU F 893 2.63 25.28 -20.14
CA LEU F 893 1.18 25.30 -20.04
C LEU F 893 0.63 26.68 -20.34
N PHE F 894 1.30 27.72 -19.84
CA PHE F 894 0.87 29.09 -20.11
C PHE F 894 1.21 29.55 -21.51
N ARG F 895 2.12 28.87 -22.20
CA ARG F 895 2.48 29.21 -23.57
C ARG F 895 1.57 28.52 -24.58
N SER F 896 0.86 27.48 -24.18
CA SER F 896 -0.06 26.77 -25.05
C SER F 896 -1.48 27.33 -24.97
N LEU F 897 -1.73 28.30 -24.10
CA LEU F 897 -3.04 28.93 -24.04
C LEU F 897 -3.26 29.83 -25.24
N GLN F 898 -4.52 29.97 -25.62
CA GLN F 898 -4.88 31.01 -26.56
C GLN F 898 -4.84 32.36 -25.87
N SER F 899 -4.73 33.41 -26.69
CA SER F 899 -4.60 34.74 -26.13
C SER F 899 -5.91 35.25 -25.53
N ASN F 900 -7.04 34.78 -26.03
CA ASN F 900 -8.34 35.21 -25.53
C ASN F 900 -8.77 34.45 -24.28
N GLU F 901 -7.86 33.81 -23.57
CA GLU F 901 -8.19 33.05 -22.37
C GLU F 901 -8.02 33.92 -21.13
N LYS F 902 -8.99 33.84 -20.23
CA LYS F 902 -9.04 34.72 -19.07
C LYS F 902 -8.42 34.03 -17.85
N ILE F 903 -7.19 33.59 -18.01
CA ILE F 903 -6.43 32.97 -16.94
C ILE F 903 -5.35 33.97 -16.53
N LEU F 904 -5.56 34.65 -15.41
CA LEU F 904 -4.63 35.67 -14.94
C LEU F 904 -3.57 35.03 -14.06
N LEU F 905 -2.31 35.23 -14.43
CA LEU F 905 -1.18 34.81 -13.61
C LEU F 905 -0.76 36.00 -12.76
N LEU F 906 -1.03 35.92 -11.47
CA LEU F 906 -0.78 37.02 -10.54
C LEU F 906 0.21 36.53 -9.48
N CYS F 907 1.43 37.03 -9.56
CA CYS F 907 2.50 36.63 -8.66
C CYS F 907 2.92 37.83 -7.82
N LEU F 908 3.05 37.62 -6.51
CA LEU F 908 3.62 38.62 -5.63
C LEU F 908 5.00 38.16 -5.21
N ALA F 909 5.91 39.12 -5.05
CA ALA F 909 7.30 38.79 -4.80
C ALA F 909 7.93 39.85 -3.93
N GLU F 910 8.81 39.42 -3.03
CA GLU F 910 9.52 40.31 -2.12
C GLU F 910 10.98 40.39 -2.57
N ASN F 911 11.37 41.57 -3.05
CA ASN F 911 12.73 41.90 -3.46
C ASN F 911 13.22 40.98 -4.58
N LEU F 912 12.32 40.64 -5.50
CA LEU F 912 12.70 39.89 -6.68
C LEU F 912 13.53 40.76 -7.61
N ASP F 913 14.67 40.24 -8.03
CA ASP F 913 15.47 40.92 -9.04
C ASP F 913 14.81 40.79 -10.40
N ILE F 914 14.97 41.84 -11.22
CA ILE F 914 14.47 41.82 -12.59
C ILE F 914 15.30 40.91 -13.48
N SER F 915 16.52 40.55 -13.04
CA SER F 915 17.39 39.69 -13.84
C SER F 915 16.87 38.27 -13.98
N GLU F 916 15.93 37.86 -13.13
CA GLU F 916 15.29 36.57 -13.33
C GLU F 916 14.03 36.64 -14.16
N VAL F 917 13.50 37.84 -14.44
CA VAL F 917 12.25 37.96 -15.20
C VAL F 917 12.46 38.53 -16.59
N LYS F 918 13.69 38.84 -16.98
CA LYS F 918 13.95 39.22 -18.36
C LYS F 918 14.81 38.22 -19.13
N ASN F 919 15.69 37.47 -18.46
CA ASN F 919 16.38 36.36 -19.10
C ASN F 919 16.54 35.14 -18.20
N GLY F 920 16.04 35.18 -16.97
CA GLY F 920 16.19 34.06 -16.06
C GLY F 920 15.14 32.99 -16.24
N ILE F 921 14.60 32.49 -15.12
CA ILE F 921 13.68 31.36 -15.17
C ILE F 921 12.24 31.81 -15.43
N LEU F 922 11.92 33.07 -15.18
CA LEU F 922 10.58 33.60 -15.41
C LEU F 922 10.49 34.42 -16.68
N SER F 923 11.50 34.37 -17.55
CA SER F 923 11.51 35.17 -18.76
C SER F 923 10.50 34.68 -19.79
N ASP F 924 10.08 33.40 -19.70
CA ASP F 924 9.09 32.83 -20.59
C ASP F 924 7.68 32.90 -19.99
N PHE F 925 7.41 33.92 -19.18
CA PHE F 925 6.09 34.19 -18.65
C PHE F 925 5.55 35.56 -19.07
N ALA F 926 6.31 36.34 -19.83
CA ALA F 926 5.95 37.65 -20.37
C ALA F 926 5.61 38.65 -19.26
N PHE F 927 6.54 38.80 -18.33
CA PHE F 927 6.48 39.86 -17.32
C PHE F 927 7.34 41.06 -17.74
N ASP F 928 7.05 41.61 -18.92
CA ASP F 928 7.91 42.68 -19.42
C ASP F 928 7.41 44.07 -19.05
N LYS F 929 6.13 44.35 -19.27
CA LYS F 929 5.54 45.64 -18.92
C LYS F 929 4.73 45.56 -17.64
N ASN F 930 4.29 44.36 -17.27
CA ASN F 930 3.29 44.15 -16.24
C ASN F 930 3.87 43.99 -14.84
N ILE F 931 4.99 44.63 -14.55
CA ILE F 931 5.59 44.58 -13.22
C ILE F 931 5.15 45.83 -12.47
N PHE F 932 4.29 45.66 -11.47
CA PHE F 932 3.90 46.72 -10.57
C PHE F 932 4.85 46.77 -9.38
N GLN F 933 5.14 47.98 -8.90
CA GLN F 933 6.05 48.18 -7.79
C GLN F 933 5.28 48.68 -6.58
N LEU F 934 5.42 47.98 -5.46
CA LEU F 934 4.86 48.43 -4.18
C LEU F 934 5.92 49.23 -3.46
N HIS F 935 5.89 50.55 -3.64
CA HIS F 935 6.87 51.36 -2.95
C HIS F 935 6.43 51.59 -1.50
N LYS F 936 7.36 52.08 -0.70
CA LYS F 936 7.12 52.31 0.72
C LYS F 936 6.11 53.43 0.91
N PRO F 937 5.34 53.40 2.01
CA PRO F 937 4.33 54.44 2.22
C PRO F 937 4.95 55.81 2.47
N SER F 938 4.16 56.84 2.17
CA SER F 938 4.65 58.22 2.15
C SER F 938 4.46 58.88 3.51
N LYS F 939 4.58 60.20 3.54
CA LYS F 939 4.52 60.97 4.78
C LYS F 939 3.12 61.01 5.36
N GLU F 940 2.12 61.34 4.54
CA GLU F 940 0.75 61.43 5.03
C GLU F 940 0.15 60.06 5.32
N ASN F 941 0.58 59.04 4.58
CA ASN F 941 0.14 57.69 4.84
C ASN F 941 0.66 57.15 6.17
N ILE F 942 1.86 57.57 6.56
CA ILE F 942 2.37 57.28 7.90
C ILE F 942 1.59 58.10 8.93
N THR F 943 1.27 59.35 8.58
CA THR F 943 0.66 60.27 9.54
C THR F 943 -0.77 59.87 9.90
N ARG F 944 -1.52 59.28 8.97
CA ARG F 944 -2.90 58.88 9.30
C ARG F 944 -2.92 57.69 10.26
N TYR F 945 -2.08 56.69 9.99
CA TYR F 945 -1.82 55.55 10.88
C TYR F 945 -1.44 56.01 12.29
N PHE F 946 -0.41 56.84 12.38
CA PHE F 946 0.05 57.28 13.69
C PHE F 946 -0.89 58.28 14.33
N SER F 947 -1.76 58.94 13.56
CA SER F 947 -2.75 59.82 14.19
C SER F 947 -3.89 59.02 14.79
N ASN F 948 -4.20 57.85 14.22
CA ASN F 948 -5.10 56.94 14.90
C ASN F 948 -4.50 56.44 16.21
N LEU F 949 -3.18 56.20 16.21
CA LEU F 949 -2.49 55.83 17.45
C LEU F 949 -2.53 56.95 18.49
N ILE F 950 -2.30 58.19 18.06
CA ILE F 950 -2.34 59.34 18.96
C ILE F 950 -3.77 59.59 19.45
N GLU F 951 -4.77 59.30 18.64
CA GLU F 951 -6.15 59.37 19.10
C GLU F 951 -6.46 58.30 20.13
N LEU F 952 -5.77 57.15 20.05
CA LEU F 952 -5.84 56.19 21.16
C LEU F 952 -5.20 56.77 22.42
N LEU F 953 -4.12 57.56 22.26
CA LEU F 953 -3.46 58.14 23.43
C LEU F 953 -4.33 59.16 24.17
N LYS F 954 -5.12 59.95 23.45
CA LYS F 954 -5.78 61.13 24.01
C LYS F 954 -7.15 60.83 24.62
N THR F 955 -7.51 59.58 24.84
CA THR F 955 -8.82 59.29 25.43
C THR F 955 -8.75 59.32 26.95
N LYS F 956 -9.81 59.84 27.56
CA LYS F 956 -9.92 59.82 29.01
C LYS F 956 -10.14 58.39 29.51
N PRO F 957 -9.68 58.07 30.72
CA PRO F 957 -9.88 56.72 31.26
C PRO F 957 -11.33 56.34 31.54
N SER F 958 -12.25 57.31 31.59
CA SER F 958 -13.66 56.98 31.71
C SER F 958 -14.24 56.48 30.40
N ASP F 959 -13.57 56.74 29.28
CA ASP F 959 -14.06 56.28 27.98
C ASP F 959 -13.56 54.91 27.61
N ILE F 960 -12.41 54.51 28.13
CA ILE F 960 -11.91 53.14 27.91
C ILE F 960 -12.77 52.17 28.70
N PRO F 961 -13.29 51.09 28.09
CA PRO F 961 -14.29 50.25 28.76
C PRO F 961 -13.75 49.42 29.91
N MET F 962 -14.05 49.86 31.13
CA MET F 962 -13.81 49.12 32.35
C MET F 962 -15.04 49.24 33.23
N LYS F 963 -15.25 48.24 34.09
CA LYS F 963 -16.54 48.03 34.73
C LYS F 963 -16.53 48.47 36.20
N LYS F 964 -17.62 48.16 36.90
CA LYS F 964 -17.86 48.55 38.28
C LYS F 964 -18.53 47.38 38.99
N ARG F 965 -18.21 47.20 40.28
CA ARG F 965 -18.63 46.03 41.04
C ARG F 965 -20.13 46.07 41.35
N ARG F 966 -20.61 45.04 42.04
CA ARG F 966 -22.02 44.85 42.33
C ARG F 966 -22.17 43.89 43.50
N VAL F 967 -22.98 44.27 44.48
CA VAL F 967 -23.30 43.41 45.61
C VAL F 967 -24.80 43.17 45.79
N LYS F 968 -25.69 43.81 45.04
CA LYS F 968 -27.09 43.73 45.43
C LYS F 968 -27.91 42.88 44.45
N PRO F 969 -28.86 42.08 44.97
CA PRO F 969 -29.78 41.36 44.09
C PRO F 969 -31.06 42.15 43.80
N LEU F 970 -32.00 41.52 43.09
CA LEU F 970 -33.28 42.09 42.70
C LEU F 970 -34.43 41.33 43.35
N PRO F 971 -35.50 42.02 43.77
CA PRO F 971 -36.55 41.37 44.57
C PRO F 971 -37.43 40.43 43.76
N GLU F 972 -38.28 39.72 44.50
CA GLU F 972 -39.09 38.60 44.02
C GLU F 972 -40.51 39.06 43.70
N LEU F 973 -41.13 38.40 42.71
CA LEU F 973 -42.46 38.75 42.21
C LEU F 973 -43.62 38.21 43.07
N GLN F 974 -43.33 37.73 44.29
CA GLN F 974 -44.29 37.23 45.31
C GLN F 974 -45.36 36.29 44.72
N LYS F 975 -44.91 35.23 44.08
CA LYS F 975 -45.85 34.29 43.47
C LYS F 975 -46.45 33.37 44.53
N VAL F 976 -47.44 32.58 44.11
CA VAL F 976 -48.12 31.64 45.00
C VAL F 976 -47.24 30.45 45.32
N LYS F 1355 -10.72 64.85 38.39
CA LYS F 1355 -9.63 65.38 37.59
C LYS F 1355 -9.85 65.11 36.11
N GLU F 1356 -9.12 65.82 35.26
CA GLU F 1356 -9.25 65.70 33.82
C GLU F 1356 -7.90 65.32 33.20
N LEU F 1357 -7.94 64.90 31.94
CA LEU F 1357 -6.75 64.47 31.24
C LEU F 1357 -5.90 65.67 30.86
N ILE F 1358 -4.76 65.83 31.51
CA ILE F 1358 -3.85 66.94 31.21
C ILE F 1358 -2.88 66.47 30.13
N LEU F 1359 -3.01 67.08 28.95
CA LEU F 1359 -2.15 66.77 27.82
C LEU F 1359 -2.11 67.99 26.92
N THR F 1360 -0.98 68.65 26.87
CA THR F 1360 -0.84 69.83 26.04
C THR F 1360 -0.66 69.43 24.58
N PRO F 1361 -1.15 70.24 23.64
CA PRO F 1361 -0.93 69.94 22.21
C PRO F 1361 0.52 70.03 21.77
N GLU F 1362 1.39 70.69 22.54
CA GLU F 1362 2.82 70.63 22.28
C GLU F 1362 3.36 69.22 22.46
N GLN F 1363 2.82 68.48 23.44
CA GLN F 1363 3.21 67.08 23.63
C GLN F 1363 2.74 66.21 22.48
N ILE F 1364 1.52 66.45 21.99
CA ILE F 1364 0.98 65.69 20.87
C ILE F 1364 1.78 65.97 19.60
N LYS F 1365 2.16 67.23 19.38
CA LYS F 1365 2.98 67.56 18.22
C LYS F 1365 4.39 66.99 18.34
N LYS F 1366 4.93 66.91 19.57
CA LYS F 1366 6.25 66.31 19.74
C LYS F 1366 6.21 64.81 19.50
N VAL F 1367 5.15 64.13 19.95
CA VAL F 1367 4.97 62.71 19.69
C VAL F 1367 4.79 62.46 18.19
N SER F 1368 4.05 63.32 17.50
CA SER F 1368 3.85 63.19 16.07
C SER F 1368 5.15 63.37 15.30
N ALA F 1369 5.91 64.41 15.65
CA ALA F 1369 7.16 64.70 14.97
C ALA F 1369 8.19 63.60 15.23
N CYS F 1370 8.23 63.06 16.45
CA CYS F 1370 9.22 62.02 16.73
C CYS F 1370 8.83 60.67 16.14
N LEU F 1371 7.51 60.38 16.04
CA LEU F 1371 7.08 59.17 15.33
C LEU F 1371 7.42 59.23 13.85
N ILE F 1372 7.08 60.34 13.18
CA ILE F 1372 7.37 60.42 11.75
C ILE F 1372 8.84 60.70 11.48
N GLU F 1373 9.61 61.13 12.49
CA GLU F 1373 11.04 61.27 12.34
C GLU F 1373 11.75 59.92 12.45
N HIS F 1374 11.31 59.07 13.39
CA HIS F 1374 11.93 57.76 13.51
C HIS F 1374 11.57 56.86 12.33
N CYS F 1375 10.35 56.99 11.82
CA CYS F 1375 9.87 56.10 10.77
C CYS F 1375 10.11 56.67 9.37
N GLN F 1376 11.37 57.01 9.08
CA GLN F 1376 11.75 57.47 7.76
C GLN F 1376 12.22 56.29 6.93
N ASN F 1377 11.68 56.19 5.70
CA ASN F 1377 12.00 55.13 4.73
C ASN F 1377 11.71 53.73 5.28
N PHE F 1378 10.60 53.59 5.98
CA PHE F 1378 10.22 52.32 6.57
C PHE F 1378 9.16 51.63 5.74
N THR F 1379 9.12 50.30 5.86
CA THR F 1379 8.14 49.47 5.18
C THR F 1379 6.92 49.29 6.07
N VAL F 1380 6.01 48.40 5.69
CA VAL F 1380 4.79 48.21 6.47
C VAL F 1380 5.07 47.41 7.74
N SER F 1381 6.01 46.47 7.69
CA SER F 1381 6.32 45.65 8.86
C SER F 1381 7.03 46.46 9.94
N GLN F 1382 7.92 47.36 9.53
CA GLN F 1382 8.62 48.20 10.51
C GLN F 1382 7.68 49.23 11.13
N LEU F 1383 6.75 49.76 10.34
CA LEU F 1383 5.74 50.67 10.87
C LEU F 1383 4.78 49.94 11.80
N GLU F 1384 4.46 48.68 11.50
CA GLU F 1384 3.65 47.88 12.41
C GLU F 1384 4.40 47.56 13.70
N ASP F 1385 5.72 47.42 13.63
CA ASP F 1385 6.51 47.18 14.83
C ASP F 1385 6.52 48.40 15.74
N VAL F 1386 6.74 49.58 15.16
CA VAL F 1386 6.69 50.83 15.92
C VAL F 1386 5.30 51.07 16.48
N HIS F 1387 4.26 50.74 15.70
CA HIS F 1387 2.89 50.93 16.14
C HIS F 1387 2.53 49.99 17.28
N SER F 1388 3.01 48.74 17.23
CA SER F 1388 2.74 47.79 18.30
C SER F 1388 3.45 48.16 19.58
N SER F 1389 4.69 48.66 19.46
CA SER F 1389 5.44 49.06 20.65
C SER F 1389 4.82 50.29 21.32
N VAL F 1390 4.46 51.30 20.52
CA VAL F 1390 3.87 52.50 21.11
C VAL F 1390 2.45 52.22 21.63
N ALA F 1391 1.74 51.28 21.02
CA ALA F 1391 0.43 50.90 21.55
C ALA F 1391 0.55 50.13 22.85
N LYS F 1392 1.61 49.32 23.00
CA LYS F 1392 1.86 48.66 24.28
C LYS F 1392 2.20 49.68 25.37
N ILE F 1393 3.00 50.69 25.02
CA ILE F 1393 3.34 51.74 25.97
C ILE F 1393 2.10 52.54 26.36
N ILE F 1394 1.20 52.78 25.42
CA ILE F 1394 0.01 53.56 25.70
C ILE F 1394 -1.00 52.77 26.54
N TRP F 1395 -1.21 51.49 26.22
CA TRP F 1395 -2.08 50.67 27.05
C TRP F 1395 -1.47 50.29 28.39
N LYS F 1396 -0.16 50.48 28.58
CA LYS F 1396 0.42 50.33 29.91
C LYS F 1396 -0.12 51.38 30.86
N SER F 1397 -0.07 52.65 30.47
CA SER F 1397 -0.64 53.74 31.25
C SER F 1397 -2.07 54.03 30.80
N LYS F 1398 -2.93 53.05 31.06
CA LYS F 1398 -4.32 53.15 30.61
C LYS F 1398 -5.10 54.17 31.43
N SER F 1399 -5.04 54.07 32.76
CA SER F 1399 -5.87 54.88 33.64
C SER F 1399 -5.11 56.05 34.26
N ALA F 1400 -3.92 56.38 33.76
CA ALA F 1400 -3.20 57.53 34.26
C ALA F 1400 -3.82 58.80 33.69
N TRP F 1401 -4.41 59.62 34.57
CA TRP F 1401 -5.04 60.86 34.13
C TRP F 1401 -4.03 61.94 33.81
N ASP F 1402 -2.80 61.81 34.28
CA ASP F 1402 -1.71 62.69 33.90
C ASP F 1402 -0.88 61.88 32.92
N LYS F 1403 -1.10 62.11 31.62
CA LYS F 1403 -0.45 61.36 30.56
C LYS F 1403 0.88 61.97 30.16
N THR F 1404 1.54 62.71 31.05
CA THR F 1404 2.84 63.29 30.75
C THR F 1404 3.95 62.24 30.78
N GLY F 1405 3.81 61.20 31.59
CA GLY F 1405 4.83 60.17 31.71
C GLY F 1405 4.92 59.26 30.50
N THR F 1406 3.77 58.87 29.95
CA THR F 1406 3.76 58.02 28.77
C THR F 1406 4.29 58.75 27.54
N VAL F 1407 4.20 60.08 27.51
CA VAL F 1407 4.75 60.85 26.40
C VAL F 1407 6.27 60.75 26.37
N ASP F 1408 6.94 60.99 27.50
CA ASP F 1408 8.39 60.87 27.46
C ASP F 1408 8.84 59.41 27.44
N GLU F 1409 8.00 58.46 27.86
CA GLU F 1409 8.31 57.06 27.61
C GLU F 1409 8.32 56.75 26.11
N ILE F 1410 7.35 57.31 25.38
CA ILE F 1410 7.28 57.14 23.92
C ILE F 1410 8.48 57.80 23.24
N ILE F 1411 8.86 59.00 23.70
CA ILE F 1411 10.02 59.68 23.12
C ILE F 1411 11.32 58.96 23.46
N LYS F 1412 11.42 58.37 24.66
CA LYS F 1412 12.61 57.59 24.99
C LYS F 1412 12.67 56.27 24.23
N PHE F 1413 11.52 55.73 23.82
CA PHE F 1413 11.58 54.52 22.99
C PHE F 1413 12.08 54.83 21.59
N LEU F 1414 11.64 55.94 21.01
CA LEU F 1414 11.98 56.30 19.63
C LEU F 1414 13.29 57.09 19.57
N SER F 1415 14.33 56.54 20.18
CA SER F 1415 15.65 57.17 20.16
C SER F 1415 16.73 56.10 20.27
N GLY G 357 -63.02 -33.30 12.15
CA GLY G 357 -62.90 -33.19 10.72
C GLY G 357 -61.56 -32.63 10.27
N PRO G 358 -61.57 -31.44 9.67
CA PRO G 358 -60.32 -30.82 9.23
C PRO G 358 -59.52 -30.28 10.41
N THR G 359 -58.25 -29.99 10.14
CA THR G 359 -57.38 -29.47 11.17
C THR G 359 -57.69 -28.00 11.47
N ARG G 360 -57.63 -27.65 12.75
CA ARG G 360 -58.04 -26.32 13.22
C ARG G 360 -56.83 -25.36 13.26
N ARG G 361 -56.18 -25.23 12.12
CA ARG G 361 -54.92 -24.49 12.01
C ARG G 361 -55.18 -23.09 11.49
N LEU G 362 -54.61 -22.10 12.17
CA LEU G 362 -54.77 -20.70 11.81
C LEU G 362 -53.64 -20.15 10.96
N PHE G 363 -52.54 -20.87 10.83
CA PHE G 363 -51.38 -20.39 10.08
C PHE G 363 -51.50 -20.77 8.60
N PRO G 364 -51.01 -19.89 7.66
CA PRO G 364 -51.21 -20.11 6.22
C PRO G 364 -50.20 -21.06 5.59
N THR G 365 -50.11 -22.27 6.13
CA THR G 365 -49.21 -23.28 5.58
C THR G 365 -49.90 -24.07 4.48
N GLY G 366 -49.32 -24.08 3.29
CA GLY G 366 -49.90 -24.80 2.17
C GLY G 366 -49.11 -24.69 0.89
N GLY G 367 -48.95 -25.80 0.17
CA GLY G 367 -48.20 -25.82 -1.06
C GLY G 367 -48.48 -27.03 -1.93
N PRO G 368 -47.54 -27.36 -2.82
CA PRO G 368 -47.80 -28.47 -3.76
C PRO G 368 -47.75 -29.85 -3.14
N PHE G 369 -46.97 -30.03 -2.08
CA PHE G 369 -46.82 -31.37 -1.51
C PHE G 369 -48.02 -31.77 -0.68
N GLY G 370 -48.48 -30.88 0.19
CA GLY G 370 -49.64 -31.18 1.02
C GLY G 370 -50.15 -29.98 1.78
N GLY G 371 -50.75 -30.24 2.94
CA GLY G 371 -51.17 -29.21 3.87
C GLY G 371 -52.28 -28.29 3.38
N ASN G 372 -53.00 -28.70 2.33
CA ASN G 372 -54.03 -27.83 1.77
C ASN G 372 -55.39 -28.11 2.39
N ASP G 373 -55.55 -29.23 3.08
CA ASP G 373 -56.83 -29.53 3.72
C ASP G 373 -56.95 -28.82 5.07
N VAL G 374 -57.04 -27.49 5.04
CA VAL G 374 -57.01 -26.67 6.25
C VAL G 374 -58.04 -25.56 6.09
N THR G 375 -58.24 -24.80 7.17
CA THR G 375 -59.11 -23.61 7.16
C THR G 375 -58.66 -22.66 8.28
N THR G 376 -58.24 -21.46 7.88
CA THR G 376 -57.74 -20.47 8.83
C THR G 376 -58.62 -19.22 8.87
N ILE G 377 -58.26 -18.33 9.80
CA ILE G 377 -59.02 -17.09 9.98
C ILE G 377 -58.67 -16.07 8.89
N PHE G 378 -57.39 -15.78 8.70
CA PHE G 378 -56.97 -14.82 7.68
C PHE G 378 -56.65 -15.53 6.37
N GLY G 379 -55.94 -14.85 5.46
CA GLY G 379 -55.57 -15.38 4.14
C GLY G 379 -54.90 -16.74 4.12
N LYS G 380 -55.20 -17.53 3.09
CA LYS G 380 -54.81 -18.93 3.00
C LYS G 380 -54.36 -19.27 1.59
N ASN G 381 -53.22 -19.96 1.50
CA ASN G 381 -52.73 -20.50 0.23
C ASN G 381 -53.03 -22.00 0.16
N THR G 382 -54.31 -22.32 -0.07
CA THR G 382 -54.68 -23.65 -0.53
C THR G 382 -54.36 -23.73 -2.02
N ASN G 383 -53.63 -24.77 -2.44
CA ASN G 383 -53.26 -24.85 -3.85
C ASN G 383 -52.95 -26.29 -4.24
N PHE G 384 -53.82 -26.83 -5.10
CA PHE G 384 -53.41 -27.84 -6.07
C PHE G 384 -53.84 -27.36 -7.45
N TYR G 385 -55.07 -26.83 -7.54
CA TYR G 385 -55.50 -26.10 -8.74
C TYR G 385 -56.30 -24.86 -8.36
N ASN G 386 -57.03 -24.93 -7.24
CA ASN G 386 -57.85 -23.83 -6.74
C ASN G 386 -57.62 -23.62 -5.24
N PRO G 991 -58.06 -14.46 -23.03
CA PRO G 991 -58.88 -15.55 -23.57
C PRO G 991 -58.51 -16.92 -22.98
N LEU G 992 -58.23 -17.88 -23.84
CA LEU G 992 -57.96 -19.25 -23.41
C LEU G 992 -56.56 -19.74 -23.76
N SER G 993 -55.96 -19.26 -24.86
CA SER G 993 -54.65 -19.74 -25.27
C SER G 993 -53.56 -19.25 -24.33
N GLU G 994 -53.63 -17.99 -23.90
CA GLU G 994 -52.69 -17.47 -22.91
C GLU G 994 -52.87 -18.16 -21.57
N LYS G 995 -54.11 -18.54 -21.23
CA LYS G 995 -54.36 -19.26 -19.99
C LYS G 995 -53.80 -20.68 -20.03
N VAL G 996 -53.89 -21.35 -21.19
CA VAL G 996 -53.40 -22.73 -21.23
C VAL G 996 -51.87 -22.78 -21.35
N VAL G 997 -51.25 -21.81 -22.04
CA VAL G 997 -49.79 -21.78 -22.02
C VAL G 997 -49.29 -21.28 -20.65
N LEU G 998 -50.12 -20.49 -19.96
CA LEU G 998 -49.84 -20.12 -18.58
C LEU G 998 -49.84 -21.34 -17.68
N ARG G 999 -50.86 -22.20 -17.82
CA ARG G 999 -50.94 -23.42 -17.03
C ARG G 999 -49.77 -24.36 -17.34
N ARG G 1000 -49.33 -24.40 -18.61
CA ARG G 1000 -48.18 -25.24 -18.99
C ARG G 1000 -46.89 -24.77 -18.30
N LYS G 1001 -46.60 -23.46 -18.37
CA LYS G 1001 -45.39 -22.99 -17.68
C LYS G 1001 -45.57 -23.03 -16.17
N LEU G 1002 -46.82 -22.97 -15.67
CA LEU G 1002 -47.08 -23.15 -14.25
C LEU G 1002 -46.69 -24.55 -13.80
N LYS G 1003 -47.13 -25.58 -14.52
CA LYS G 1003 -46.78 -26.96 -14.15
C LYS G 1003 -45.27 -27.18 -14.22
N SER G 1004 -44.64 -26.73 -15.31
CA SER G 1004 -43.21 -26.97 -15.49
C SER G 1004 -42.36 -26.26 -14.44
N PHE G 1005 -42.47 -24.93 -14.36
CA PHE G 1005 -41.64 -24.18 -13.43
C PHE G 1005 -42.09 -24.37 -11.98
N GLN G 1006 -43.34 -24.80 -11.74
CA GLN G 1006 -43.75 -25.15 -10.38
C GLN G 1006 -43.09 -26.44 -9.93
N HIS G 1007 -42.93 -27.41 -10.84
CA HIS G 1007 -42.18 -28.62 -10.49
C HIS G 1007 -40.71 -28.31 -10.22
N GLN G 1008 -40.08 -27.48 -11.06
CA GLN G 1008 -38.67 -27.15 -10.85
C GLN G 1008 -38.48 -26.36 -9.55
N ASP G 1009 -39.32 -25.36 -9.32
CA ASP G 1009 -39.18 -24.55 -8.11
C ASP G 1009 -39.62 -25.31 -6.87
N MET G 1010 -40.48 -26.32 -7.01
CA MET G 1010 -40.82 -27.20 -5.89
C MET G 1010 -39.63 -28.08 -5.49
N ARG G 1011 -38.90 -28.58 -6.49
CA ARG G 1011 -37.64 -29.28 -6.19
C ARG G 1011 -36.64 -28.34 -5.53
N LEU G 1012 -36.64 -27.06 -5.93
CA LEU G 1012 -35.78 -26.09 -5.27
C LEU G 1012 -36.23 -25.81 -3.83
N LYS G 1013 -37.55 -25.84 -3.57
CA LYS G 1013 -38.03 -25.70 -2.19
C LYS G 1013 -37.62 -26.90 -1.34
N ASN G 1014 -37.64 -28.10 -1.92
CA ASN G 1014 -37.23 -29.28 -1.15
C ASN G 1014 -35.73 -29.25 -0.89
N VAL G 1015 -34.94 -28.73 -1.83
CA VAL G 1015 -33.51 -28.53 -1.59
C VAL G 1015 -33.29 -27.48 -0.49
N LEU G 1016 -34.16 -26.46 -0.45
CA LEU G 1016 -34.08 -25.46 0.61
C LEU G 1016 -34.44 -26.07 1.97
N LYS G 1017 -35.39 -27.02 1.98
CA LYS G 1017 -35.71 -27.76 3.19
C LYS G 1017 -34.53 -28.60 3.65
N ILE G 1018 -33.81 -29.20 2.70
CA ILE G 1018 -32.61 -30.00 3.01
C ILE G 1018 -31.54 -29.13 3.64
N LYS G 1019 -31.29 -27.94 3.08
CA LYS G 1019 -30.26 -27.10 3.66
C LYS G 1019 -30.75 -26.26 4.84
N LEU G 1020 -32.04 -26.32 5.17
CA LEU G 1020 -32.56 -25.65 6.36
C LEU G 1020 -32.62 -26.59 7.56
N SER G 1021 -32.79 -27.89 7.30
CA SER G 1021 -32.99 -28.87 8.39
C SER G 1021 -31.74 -28.98 9.28
N GLY G 1022 -30.56 -28.74 8.71
CA GLY G 1022 -29.31 -28.82 9.43
C GLY G 1022 -29.13 -27.86 10.59
N LEU G 1023 -29.88 -26.76 10.58
CA LEU G 1023 -29.91 -25.85 11.72
C LEU G 1023 -31.25 -25.95 12.42
N MET G 1024 -32.28 -26.36 11.67
CA MET G 1024 -33.62 -26.48 12.24
C MET G 1024 -33.70 -27.57 13.30
N ASP G 1025 -32.94 -28.66 13.15
CA ASP G 1025 -32.97 -29.73 14.13
C ASP G 1025 -32.39 -29.29 15.47
N LEU G 1026 -31.23 -28.61 15.42
CA LEU G 1026 -30.59 -28.11 16.63
C LEU G 1026 -31.43 -27.02 17.29
N PHE G 1027 -32.03 -26.15 16.49
CA PHE G 1027 -32.78 -25.05 17.07
C PHE G 1027 -34.19 -25.47 17.50
N LYS G 1028 -34.65 -26.65 17.09
CA LYS G 1028 -35.91 -27.16 17.60
C LYS G 1028 -35.74 -28.08 18.80
N ASN G 1029 -34.61 -28.80 18.94
CA ASN G 1029 -34.46 -29.62 20.14
C ASN G 1029 -33.68 -28.92 21.24
N ARG G 1030 -33.07 -27.77 20.96
CA ARG G 1030 -32.43 -27.01 22.03
C ARG G 1030 -33.47 -26.38 22.95
N TYR G 1031 -34.40 -25.61 22.39
CA TYR G 1031 -35.44 -24.95 23.15
C TYR G 1031 -36.81 -25.53 22.78
N LYS G 1032 -37.71 -25.55 23.77
CA LYS G 1032 -39.02 -26.18 23.63
C LYS G 1032 -40.11 -25.22 24.11
N ARG G 1033 -39.74 -24.28 24.97
CA ARG G 1033 -40.70 -23.35 25.57
C ARG G 1033 -41.29 -22.39 24.54
N PHE G 1034 -40.57 -22.10 23.46
CA PHE G 1034 -41.12 -21.32 22.36
C PHE G 1034 -41.68 -22.19 21.24
N ARG G 1035 -41.75 -23.50 21.44
CA ARG G 1035 -42.46 -24.36 20.50
C ARG G 1035 -43.92 -24.53 20.85
N LYS G 1036 -44.50 -23.57 21.59
CA LYS G 1036 -45.89 -23.57 22.01
C LYS G 1036 -46.26 -22.13 22.34
N PRO G 1037 -47.40 -21.64 21.85
CA PRO G 1037 -47.80 -20.28 22.21
C PRO G 1037 -48.21 -20.21 23.67
N PRO G 1038 -48.03 -19.03 24.30
CA PRO G 1038 -48.41 -18.90 25.72
C PRO G 1038 -49.91 -18.92 25.95
N ILE G 1039 -50.66 -18.49 24.93
CA ILE G 1039 -52.12 -18.58 24.94
C ILE G 1039 -52.50 -19.85 24.18
N ASP G 1040 -53.22 -20.76 24.85
CA ASP G 1040 -53.47 -22.06 24.28
C ASP G 1040 -54.53 -21.98 23.18
N ASP G 1041 -54.69 -23.09 22.45
CA ASP G 1041 -55.36 -23.06 21.16
C ASP G 1041 -56.88 -22.90 21.29
N ALA G 1042 -57.46 -23.42 22.38
CA ALA G 1042 -58.92 -23.48 22.51
C ALA G 1042 -59.56 -22.11 22.64
N PHE G 1043 -58.81 -21.08 23.04
CA PHE G 1043 -59.34 -19.73 23.06
C PHE G 1043 -59.47 -19.18 21.64
N LEU G 1044 -58.63 -19.66 20.72
CA LEU G 1044 -58.76 -19.27 19.33
C LEU G 1044 -59.64 -20.22 18.54
N VAL G 1045 -59.96 -21.39 19.11
CA VAL G 1045 -60.81 -22.36 18.42
C VAL G 1045 -62.24 -21.85 18.28
N HIS G 1046 -62.79 -21.23 19.33
CA HIS G 1046 -64.16 -20.75 19.28
C HIS G 1046 -64.32 -19.46 18.48
N LEU G 1047 -63.23 -18.89 17.97
CA LEU G 1047 -63.31 -17.79 17.02
C LEU G 1047 -63.41 -18.27 15.58
N PHE G 1048 -63.25 -19.57 15.34
CA PHE G 1048 -63.37 -20.09 13.98
C PHE G 1048 -64.81 -20.06 13.49
N GLU G 1049 -65.72 -20.66 14.26
CA GLU G 1049 -67.12 -20.70 13.88
C GLU G 1049 -67.86 -19.48 14.44
N ALA G 1061 -63.36 -11.99 25.18
CA ALA G 1061 -62.10 -12.56 25.62
C ALA G 1061 -61.00 -12.32 24.59
N TYR G 1062 -61.19 -12.88 23.40
CA TYR G 1062 -60.24 -12.75 22.30
C TYR G 1062 -61.01 -12.38 21.04
N ILE G 1063 -60.53 -11.35 20.33
CA ILE G 1063 -61.25 -10.80 19.18
C ILE G 1063 -60.27 -10.62 18.03
N LYS G 1064 -60.70 -11.02 16.82
CA LYS G 1064 -59.84 -11.09 15.64
C LYS G 1064 -60.00 -9.79 14.83
N ASP G 1065 -58.89 -9.07 14.69
CA ASP G 1065 -58.91 -7.81 13.90
C ASP G 1065 -58.56 -8.14 12.45
N GLU G 1066 -57.53 -7.50 11.88
CA GLU G 1066 -57.07 -7.85 10.51
C GLU G 1066 -56.46 -9.26 10.55
N ASN G 1067 -55.52 -9.49 11.46
CA ASN G 1067 -54.87 -10.82 11.62
C ASN G 1067 -54.38 -10.96 13.06
N MET G 1068 -54.16 -9.82 13.75
CA MET G 1068 -53.67 -9.84 15.15
C MET G 1068 -54.85 -10.14 16.09
N ILE G 1069 -54.66 -11.09 17.02
CA ILE G 1069 -55.73 -11.42 18.01
C ILE G 1069 -55.58 -10.48 19.21
N LEU G 1070 -56.70 -9.92 19.70
CA LEU G 1070 -56.66 -9.01 20.83
C LEU G 1070 -57.25 -9.69 22.05
N GLU G 1071 -56.60 -9.50 23.20
CA GLU G 1071 -57.11 -9.96 24.48
C GLU G 1071 -57.68 -8.77 25.25
N VAL G 1072 -58.81 -9.00 25.93
CA VAL G 1072 -59.53 -7.91 26.59
C VAL G 1072 -58.89 -7.53 27.92
N SER G 1073 -58.35 -8.50 28.65
CA SER G 1073 -57.94 -8.28 30.04
C SER G 1073 -56.67 -7.43 30.15
N THR G 1074 -55.76 -7.54 29.19
CA THR G 1074 -54.55 -6.74 29.20
C THR G 1074 -54.39 -5.84 27.99
N GLY G 1075 -54.78 -6.30 26.80
CA GLY G 1075 -54.67 -5.49 25.61
C GLY G 1075 -53.39 -5.69 24.82
N ARG G 1076 -52.84 -6.88 24.83
CA ARG G 1076 -51.56 -7.14 24.19
C ARG G 1076 -51.76 -7.92 22.90
N LYS G 1077 -50.80 -7.78 21.99
CA LYS G 1077 -50.97 -8.13 20.58
C LYS G 1077 -49.93 -9.17 20.21
N PHE G 1078 -50.37 -10.38 19.83
CA PHE G 1078 -49.45 -11.50 19.61
C PHE G 1078 -49.55 -12.05 18.20
N PHE G 1079 -48.40 -12.12 17.52
CA PHE G 1079 -48.18 -12.84 16.26
C PHE G 1079 -47.50 -14.19 16.50
N ASN G 1080 -48.04 -15.07 17.33
CA ASN G 1080 -47.24 -16.17 17.88
C ASN G 1080 -47.37 -17.46 17.08
N MET G 1081 -46.25 -18.14 16.89
CA MET G 1081 -46.15 -19.45 16.27
C MET G 1081 -45.64 -20.45 17.29
N ASP G 1082 -45.52 -21.71 16.88
CA ASP G 1082 -45.03 -22.74 17.81
C ASP G 1082 -43.59 -23.13 17.49
N LEU G 1083 -42.83 -22.19 16.96
CA LEU G 1083 -41.43 -22.41 16.62
C LEU G 1083 -41.21 -23.67 15.79
N ASP G 1084 -42.01 -23.84 14.75
CA ASP G 1084 -41.94 -25.01 13.86
C ASP G 1084 -42.66 -24.73 12.55
N ILE G 1085 -43.39 -23.63 12.50
CA ILE G 1085 -44.15 -23.26 11.31
C ILE G 1085 -43.25 -23.01 10.10
N VAL G 1086 -41.99 -23.44 10.19
CA VAL G 1086 -41.06 -23.25 9.08
C VAL G 1086 -40.80 -24.59 8.37
N GLU G 1087 -40.56 -25.64 9.16
CA GLU G 1087 -40.30 -26.96 8.62
C GLU G 1087 -41.53 -27.54 7.93
N GLU G 1088 -42.70 -27.31 8.51
CA GLU G 1088 -43.92 -27.83 7.89
C GLU G 1088 -44.45 -26.94 6.78
N ARG G 1089 -44.01 -25.69 6.72
CA ARG G 1089 -44.20 -24.89 5.51
C ARG G 1089 -43.32 -25.39 4.37
N LEU G 1090 -42.08 -25.78 4.67
CA LEU G 1090 -41.22 -26.34 3.64
C LEU G 1090 -41.44 -27.83 3.41
N TRP G 1091 -42.25 -28.47 4.25
CA TRP G 1091 -42.82 -29.77 3.90
C TRP G 1091 -43.62 -29.64 2.60
N ASN G 1092 -44.53 -28.67 2.56
CA ASN G 1092 -45.25 -28.39 1.33
C ASN G 1092 -44.40 -27.55 0.38
N GLY G 1093 -43.97 -26.38 0.82
CA GLY G 1093 -43.02 -25.58 0.07
C GLY G 1093 -43.64 -24.44 -0.70
N TYR G 1094 -43.53 -23.22 -0.15
CA TYR G 1094 -43.76 -22.02 -0.93
C TYR G 1094 -42.69 -20.98 -0.63
N TYR G 1095 -41.50 -21.43 -0.24
CA TYR G 1095 -40.39 -20.54 0.13
C TYR G 1095 -39.60 -20.21 -1.15
N SER G 1096 -40.18 -19.32 -1.95
CA SER G 1096 -39.57 -18.95 -3.22
C SER G 1096 -38.33 -18.09 -3.01
N GLU G 1097 -38.26 -17.38 -1.89
CA GLU G 1097 -37.14 -16.51 -1.55
C GLU G 1097 -36.66 -16.82 -0.13
N PRO G 1098 -35.41 -16.50 0.20
CA PRO G 1098 -34.97 -16.58 1.59
C PRO G 1098 -35.53 -15.49 2.47
N LYS G 1099 -36.21 -14.49 1.89
CA LYS G 1099 -36.91 -13.51 2.69
C LYS G 1099 -38.12 -14.09 3.40
N GLN G 1100 -38.63 -15.25 2.94
CA GLN G 1100 -39.66 -15.95 3.70
C GLN G 1100 -39.08 -16.51 5.00
N PHE G 1101 -37.89 -17.12 4.94
CA PHE G 1101 -37.23 -17.58 6.16
C PHE G 1101 -36.80 -16.40 7.03
N LEU G 1102 -36.42 -15.28 6.40
CA LEU G 1102 -36.18 -14.04 7.12
C LEU G 1102 -37.42 -13.60 7.89
N LYS G 1103 -38.60 -13.70 7.26
CA LYS G 1103 -39.83 -13.29 7.89
C LYS G 1103 -40.24 -14.26 9.00
N ASP G 1104 -39.93 -15.54 8.86
CA ASP G 1104 -40.23 -16.48 9.94
C ASP G 1104 -39.31 -16.27 11.14
N ILE G 1105 -38.04 -15.98 10.91
CA ILE G 1105 -37.15 -15.66 12.02
C ILE G 1105 -37.51 -14.30 12.64
N GLU G 1106 -38.03 -13.37 11.83
CA GLU G 1106 -38.53 -12.12 12.38
C GLU G 1106 -39.83 -12.33 13.17
N LEU G 1107 -40.64 -13.30 12.79
CA LEU G 1107 -41.77 -13.68 13.62
C LEU G 1107 -41.34 -14.40 14.89
N ILE G 1108 -40.19 -15.08 14.88
CA ILE G 1108 -39.61 -15.61 16.11
C ILE G 1108 -39.23 -14.44 17.03
N TYR G 1109 -38.66 -13.38 16.46
CA TYR G 1109 -38.42 -12.15 17.21
C TYR G 1109 -39.72 -11.51 17.69
N ARG G 1110 -40.80 -11.62 16.92
CA ARG G 1110 -42.08 -11.04 17.33
C ARG G 1110 -42.67 -11.82 18.50
N ASP G 1111 -42.51 -13.15 18.50
CA ASP G 1111 -42.90 -13.97 19.64
C ASP G 1111 -42.05 -13.67 20.87
N ALA G 1112 -40.79 -13.30 20.66
CA ALA G 1112 -39.99 -12.77 21.76
C ALA G 1112 -40.57 -11.45 22.28
N ASN G 1113 -40.89 -10.55 21.36
CA ASN G 1113 -41.20 -9.16 21.68
C ASN G 1113 -42.56 -9.03 22.40
N THR G 1114 -43.56 -9.80 21.97
CA THR G 1114 -44.93 -9.47 22.35
C THR G 1114 -45.28 -9.83 23.79
N ILE G 1115 -44.64 -10.85 24.36
CA ILE G 1115 -45.08 -11.43 25.63
C ILE G 1115 -43.87 -11.68 26.51
N GLY G 1116 -43.90 -11.15 27.73
CA GLY G 1116 -42.97 -11.55 28.77
C GLY G 1116 -42.13 -10.39 29.27
N ASP G 1117 -41.28 -10.72 30.24
CA ASP G 1117 -40.38 -9.78 30.87
C ASP G 1117 -39.04 -9.79 30.13
N ARG G 1118 -38.03 -9.14 30.72
CA ARG G 1118 -36.78 -8.82 30.02
C ARG G 1118 -35.95 -10.06 29.68
N GLU G 1119 -35.89 -11.04 30.60
CA GLU G 1119 -35.00 -12.19 30.43
C GLU G 1119 -35.45 -13.08 29.27
N ARG G 1120 -36.75 -13.34 29.18
CA ARG G 1120 -37.27 -14.17 28.08
C ARG G 1120 -37.13 -13.46 26.74
N VAL G 1121 -37.29 -12.13 26.73
CA VAL G 1121 -37.12 -11.36 25.50
C VAL G 1121 -35.68 -11.41 25.02
N ILE G 1122 -34.71 -11.23 25.93
CA ILE G 1122 -33.32 -11.20 25.47
C ILE G 1122 -32.82 -12.60 25.13
N LYS G 1123 -33.32 -13.65 25.80
CA LYS G 1123 -32.88 -14.99 25.47
C LYS G 1123 -33.49 -15.46 24.15
N ALA G 1124 -34.75 -15.14 23.90
CA ALA G 1124 -35.33 -15.49 22.61
C ALA G 1124 -34.81 -14.58 21.51
N SER G 1125 -34.34 -13.37 21.82
CA SER G 1125 -33.65 -12.58 20.81
C SER G 1125 -32.27 -13.16 20.51
N GLU G 1126 -31.65 -13.80 21.51
CA GLU G 1126 -30.40 -14.53 21.28
C GLU G 1126 -30.62 -15.70 20.32
N MET G 1127 -31.68 -16.49 20.55
CA MET G 1127 -31.98 -17.60 19.63
C MET G 1127 -32.45 -17.09 18.27
N PHE G 1128 -33.21 -15.99 18.26
CA PHE G 1128 -33.56 -15.25 17.05
C PHE G 1128 -32.33 -14.88 16.24
N ALA G 1129 -31.33 -14.29 16.88
CA ALA G 1129 -30.15 -13.89 16.13
C ALA G 1129 -29.22 -15.05 15.83
N ASN G 1130 -29.37 -16.18 16.52
CA ASN G 1130 -28.73 -17.43 16.08
C ASN G 1130 -29.31 -17.87 14.75
N ALA G 1131 -30.63 -17.88 14.63
CA ALA G 1131 -31.25 -18.19 13.34
C ALA G 1131 -30.97 -17.11 12.30
N GLN G 1132 -30.76 -15.87 12.75
CA GLN G 1132 -30.35 -14.81 11.83
C GLN G 1132 -28.93 -15.05 11.31
N MET G 1133 -28.02 -15.46 12.18
CA MET G 1133 -26.68 -15.84 11.76
C MET G 1133 -26.68 -17.08 10.88
N GLY G 1134 -27.71 -17.92 10.97
CA GLY G 1134 -27.88 -19.01 10.03
C GLY G 1134 -28.39 -18.59 8.66
N ILE G 1135 -29.40 -17.72 8.64
CA ILE G 1135 -29.97 -17.27 7.36
C ILE G 1135 -29.02 -16.30 6.66
N GLU G 1136 -28.07 -15.68 7.37
CA GLU G 1136 -26.98 -14.99 6.68
C GLU G 1136 -26.08 -15.96 5.91
N GLU G 1137 -26.04 -17.23 6.32
CA GLU G 1137 -25.32 -18.26 5.58
C GLU G 1137 -26.16 -18.91 4.49
N ILE G 1138 -27.48 -19.02 4.69
CA ILE G 1138 -28.32 -19.58 3.63
C ILE G 1138 -28.51 -18.57 2.49
N SER G 1139 -28.62 -17.29 2.81
CA SER G 1139 -28.83 -16.26 1.79
C SER G 1139 -27.48 -15.88 1.18
N THR G 1140 -27.19 -16.46 0.03
CA THR G 1140 -25.99 -16.20 -0.75
C THR G 1140 -26.36 -15.68 -2.14
N PRO G 1141 -25.61 -14.71 -2.69
CA PRO G 1141 -26.10 -13.92 -3.84
C PRO G 1141 -26.43 -14.70 -5.11
N ASP G 1142 -25.85 -15.88 -5.33
CA ASP G 1142 -26.30 -16.72 -6.44
C ASP G 1142 -27.70 -17.26 -6.18
N PHE G 1143 -27.93 -17.79 -4.97
CA PHE G 1143 -29.27 -18.19 -4.58
C PHE G 1143 -30.19 -16.99 -4.44
N ILE G 1144 -29.66 -15.81 -4.10
CA ILE G 1144 -30.48 -14.61 -4.06
C ILE G 1144 -30.97 -14.22 -5.45
N GLN G 1145 -30.11 -14.29 -6.47
CA GLN G 1145 -30.56 -13.91 -7.81
C GLN G 1145 -31.49 -14.97 -8.41
N GLU G 1146 -31.27 -16.26 -8.08
CA GLU G 1146 -32.22 -17.29 -8.48
C GLU G 1146 -33.56 -17.09 -7.79
N CYS G 1147 -33.53 -16.64 -6.53
CA CYS G 1147 -34.77 -16.40 -5.80
C CYS G 1147 -35.45 -15.10 -6.20
N LYS G 1148 -34.74 -14.12 -6.75
CA LYS G 1148 -35.46 -12.99 -7.35
C LYS G 1148 -36.10 -13.37 -8.68
N ALA G 1149 -35.45 -14.26 -9.45
CA ALA G 1149 -36.08 -14.79 -10.66
C ALA G 1149 -37.37 -15.55 -10.33
N THR G 1150 -37.30 -16.51 -9.40
CA THR G 1150 -38.54 -17.18 -9.03
C THR G 1150 -39.41 -16.33 -8.10
N ARG G 1151 -38.91 -15.20 -7.61
CA ARG G 1151 -39.76 -14.29 -6.86
C ARG G 1151 -40.67 -13.50 -7.77
N GLN G 1152 -40.15 -13.02 -8.90
CA GLN G 1152 -41.06 -12.39 -9.86
C GLN G 1152 -41.97 -13.44 -10.49
N ARG G 1153 -41.46 -14.67 -10.69
CA ARG G 1153 -42.31 -15.76 -11.16
C ARG G 1153 -43.44 -16.07 -10.18
N ASP G 1154 -43.14 -16.09 -8.88
CA ASP G 1154 -44.16 -16.45 -7.90
C ASP G 1154 -45.03 -15.29 -7.47
N LEU G 1155 -44.61 -14.07 -7.81
CA LEU G 1155 -45.43 -12.90 -7.58
C LEU G 1155 -46.52 -13.00 -8.65
N GLU G 1156 -46.10 -13.26 -9.89
CA GLU G 1156 -47.02 -13.46 -11.01
C GLU G 1156 -47.93 -14.68 -10.75
N ARG G 1157 -47.38 -15.73 -10.13
CA ARG G 1157 -48.16 -16.91 -9.77
C ARG G 1157 -49.23 -16.60 -8.72
N GLN G 1158 -48.89 -15.83 -7.68
CA GLN G 1158 -49.92 -15.54 -6.67
C GLN G 1158 -50.96 -14.57 -7.21
N GLU G 1159 -50.57 -13.67 -8.12
CA GLU G 1159 -51.55 -12.77 -8.74
C GLU G 1159 -52.54 -13.54 -9.61
N LEU G 1160 -52.03 -14.45 -10.46
CA LEU G 1160 -52.91 -15.25 -11.31
C LEU G 1160 -53.76 -16.20 -10.46
N PHE G 1161 -53.24 -16.65 -9.32
CA PHE G 1161 -54.01 -17.58 -8.51
C PHE G 1161 -55.11 -16.88 -7.72
N LEU G 1162 -54.88 -15.64 -7.27
CA LEU G 1162 -55.96 -14.88 -6.66
C LEU G 1162 -57.05 -14.54 -7.68
N GLU G 1163 -56.67 -14.13 -8.90
CA GLU G 1163 -57.74 -13.86 -9.87
C GLU G 1163 -58.42 -15.16 -10.32
N ASP G 1164 -57.72 -16.29 -10.27
CA ASP G 1164 -58.34 -17.58 -10.58
C ASP G 1164 -59.34 -18.00 -9.52
N GLU G 1165 -59.01 -17.82 -8.23
CA GLU G 1165 -59.95 -18.20 -7.20
C GLU G 1165 -61.10 -17.21 -7.08
N GLU G 1166 -60.95 -15.99 -7.61
CA GLU G 1166 -62.11 -15.10 -7.69
C GLU G 1166 -62.99 -15.42 -8.90
N LYS G 1167 -62.40 -15.86 -10.01
CA LYS G 1167 -63.23 -16.10 -11.18
C LYS G 1167 -63.91 -17.48 -11.16
N ARG G 1168 -63.29 -18.48 -10.55
CA ARG G 1168 -63.91 -19.81 -10.48
C ARG G 1168 -64.80 -19.95 -9.26
PB ADP H . -19.34 7.88 -23.35
O1B ADP H . -19.73 6.45 -23.63
O2B ADP H . -18.22 8.40 -24.20
O3B ADP H . -19.20 8.21 -21.89
PA ADP H . -22.09 8.27 -23.40
O1A ADP H . -22.12 8.12 -21.90
O2A ADP H . -22.49 7.12 -24.27
O3A ADP H . -20.61 8.74 -23.81
O5' ADP H . -23.04 9.50 -23.79
C5' ADP H . -24.06 9.26 -24.74
C4' ADP H . -25.01 10.44 -24.84
O4' ADP H . -24.43 11.42 -25.68
C3' ADP H . -26.32 10.00 -25.47
O3' ADP H . -27.42 10.48 -24.69
C2' ADP H . -26.34 10.64 -26.84
O2' ADP H . -27.53 11.42 -26.98
C1' ADP H . -25.13 11.54 -26.92
N9 ADP H . -24.20 11.09 -27.98
C8 ADP H . -22.92 10.78 -27.76
N7 ADP H . -22.30 10.39 -28.90
C5 ADP H . -23.19 10.46 -29.88
C6 ADP H . -23.18 10.20 -31.33
N6 ADP H . -22.06 9.77 -31.95
N1 ADP H . -24.33 10.38 -32.01
C2 ADP H . -25.44 10.81 -31.39
N3 ADP H . -25.52 11.07 -30.08
C4 ADP H . -24.45 10.93 -29.28
PB ADP I . -4.49 -20.05 -24.76
O1B ADP I . -5.40 -20.45 -23.62
O2B ADP I . -3.08 -20.53 -24.63
O3B ADP I . -4.62 -18.59 -25.14
PA ADP I . -6.61 -20.85 -26.43
O1A ADP I . -7.28 -22.04 -25.80
O2A ADP I . -7.16 -19.47 -26.19
O3A ADP I . -5.06 -20.86 -26.03
O5' ADP I . -6.62 -21.09 -28.02
C5' ADP I . -7.67 -20.51 -28.77
C4' ADP I . -7.89 -21.18 -30.12
O4' ADP I . -6.69 -21.19 -30.90
C3' ADP I . -8.35 -22.61 -30.00
O3' ADP I . -9.76 -22.69 -30.20
C2' ADP I . -7.63 -23.34 -31.11
O2' ADP I . -8.56 -23.71 -32.14
C1' ADP I . -6.61 -22.37 -31.67
N9 ADP I . -5.28 -22.95 -31.46
C8 ADP I . -4.37 -22.48 -30.60
N7 ADP I . -3.24 -23.21 -30.61
C5 ADP I . -3.42 -24.20 -31.50
C6 ADP I . -2.62 -25.33 -32.01
N6 ADP I . -1.38 -25.54 -31.54
N1 ADP I . -3.18 -26.12 -32.93
C2 ADP I . -4.42 -25.90 -33.40
N3 ADP I . -5.20 -24.89 -32.98
C4 ADP I . -4.76 -24.02 -32.06
PB ADP J . 6.89 -33.28 1.63
O1B ADP J . 5.50 -33.40 2.19
O2B ADP J . 7.93 -32.82 2.62
O3B ADP J . 6.95 -32.56 0.30
PA ADP J . 6.42 -35.74 0.35
O1A ADP J . 5.39 -36.40 1.20
O2A ADP J . 5.99 -35.01 -0.89
O3A ADP J . 7.31 -34.80 1.30
O5' ADP J . 7.41 -36.91 -0.11
C5' ADP J . 6.80 -38.19 -0.29
C4' ADP J . 7.31 -38.88 -1.54
O4' ADP J . 8.69 -38.60 -1.72
C3' ADP J . 7.14 -40.38 -1.38
O3' ADP J . 6.50 -40.92 -2.54
C2' ADP J . 8.54 -40.92 -1.23
O2' ADP J . 8.73 -42.01 -2.12
C1' ADP J . 9.47 -39.78 -1.61
N9 ADP J . 10.41 -39.50 -0.50
C8 ADP J . 10.47 -38.31 0.11
N7 ADP J . 11.41 -38.31 1.07
C5 ADP J . 11.96 -39.53 1.09
C6 ADP J . 13.01 -40.19 1.88
N6 ADP J . 13.66 -39.52 2.86
N1 ADP J . 13.29 -41.47 1.59
C2 ADP J . 12.65 -42.14 0.61
N3 ADP J . 11.69 -41.60 -0.14
C4 ADP J . 11.30 -40.32 0.05
PB ADP K . 2.86 -19.73 30.06
O1B ADP K . 3.82 -20.29 29.04
O2B ADP K . 3.46 -18.65 30.93
O3B ADP K . 1.48 -19.41 29.52
PA ADP K . 3.69 -21.22 32.23
O1A ADP K . 5.05 -21.12 31.58
O2A ADP K . 3.38 -20.35 33.41
O3A ADP K . 2.61 -20.94 31.09
O5' ADP K . 3.47 -22.75 32.64
C5' ADP K . 4.15 -23.77 31.91
C4' ADP K . 5.18 -24.50 32.77
O4' ADP K . 6.35 -23.70 32.95
C3' ADP K . 4.67 -24.84 34.16
O3' ADP K . 4.29 -26.22 34.22
C2' ADP K . 5.86 -24.61 35.06
O2' ADP K . 6.33 -25.87 35.57
C1' ADP K . 6.94 -23.98 34.21
N9 ADP K . 7.38 -22.71 34.83
C8 ADP K . 7.17 -21.49 34.30
N7 ADP K . 7.69 -20.52 35.08
C5 ADP K . 8.24 -21.11 36.14
C6 ADP K . 8.96 -20.66 37.35
N6 ADP K . 9.18 -19.35 37.58
N1 ADP K . 9.38 -21.61 38.22
C2 ADP K . 9.16 -22.92 38.00
N3 ADP K . 8.52 -23.40 36.92
C4 ADP K . 8.05 -22.55 35.97
PB ADP L . -15.55 7.32 32.71
O1B ADP L . -16.02 5.94 32.29
O2B ADP L . -16.61 8.39 32.62
O3B ADP L . -14.22 7.72 32.13
PA ADP L . -15.07 8.41 35.28
O1A ADP L . -16.38 9.14 35.42
O2A ADP L . -13.83 9.17 34.87
O3A ADP L . -15.27 7.15 34.29
O5' ADP L . -14.78 7.68 36.69
C5' ADP L . -15.50 8.08 37.85
C4' ADP L . -14.67 7.82 39.11
O4' ADP L . -13.38 8.37 38.94
C3' ADP L . -15.32 8.49 40.31
O3' ADP L . -15.52 7.52 41.35
C2' ADP L . -14.34 9.54 40.77
O2' ADP L . -13.97 9.31 42.13
C1' ADP L . -13.12 9.42 39.88
N9 ADP L . -12.93 10.66 39.10
C8 ADP L . -13.01 10.74 37.77
N7 ADP L . -12.79 12.01 37.34
C5 ADP L . -12.54 12.76 38.42
C6 ADP L . -12.22 14.19 38.66
N6 ADP L . -12.13 15.07 37.63
N1 ADP L . -12.04 14.58 39.94
C2 ADP L . -12.13 13.71 40.95
N3 ADP L . -12.41 12.40 40.81
C4 ADP L . -12.63 11.87 39.58
#